data_9DSM
#
_entry.id   9DSM
#
_cell.length_a   1.00
_cell.length_b   1.00
_cell.length_c   1.00
_cell.angle_alpha   90.00
_cell.angle_beta   90.00
_cell.angle_gamma   90.00
#
_symmetry.space_group_name_H-M   'P 1'
#
_entity_poly.entity_id   1
_entity_poly.type   'polypeptide(L)'
_entity_poly.pdbx_seq_one_letter_code
;MGKHHHHHHGSLEVLFQGPMSSRSTGSFDEISQYIQELEEERRLTESSIRKMEKEKSDLNEKIDELTTRKCSVDARLQAE
NERAERQDRGLKEAETTYAKLVESQKTLVDFVRKEYEDTKHQKY
;
_entity_poly.pdbx_strand_id   A,B,C,D,E,F,G,H,I,J,K,L,M,N,O,P,Q,R,S,T,U,V,W,X,Y,Z,a,b,c,d,e,f
#
# COMPACT_ATOMS: atom_id res chain seq x y z
N GLY A 26 16.00 -18.49 -1.92
CA GLY A 26 17.08 -19.47 -1.92
C GLY A 26 16.83 -20.64 -2.86
N SER A 27 17.36 -21.81 -2.49
CA SER A 27 17.14 -22.99 -3.32
C SER A 27 15.94 -23.80 -2.84
N PHE A 28 15.84 -24.02 -1.52
CA PHE A 28 14.81 -24.90 -0.99
C PHE A 28 13.41 -24.43 -1.38
N ASP A 29 13.20 -23.11 -1.43
CA ASP A 29 11.92 -22.60 -1.93
C ASP A 29 11.73 -22.98 -3.40
N GLU A 30 12.78 -22.84 -4.21
CA GLU A 30 12.73 -23.34 -5.59
C GLU A 30 12.58 -24.85 -5.60
N ILE A 31 13.29 -25.54 -4.71
CA ILE A 31 13.18 -27.00 -4.62
C ILE A 31 11.75 -27.40 -4.30
N SER A 32 11.16 -26.74 -3.30
CA SER A 32 9.79 -27.07 -2.89
C SER A 32 8.78 -26.75 -3.98
N GLN A 33 8.93 -25.60 -4.64
CA GLN A 33 7.98 -25.20 -5.68
C GLN A 33 8.14 -26.07 -6.93
N TYR A 34 9.37 -26.33 -7.35
CA TYR A 34 9.60 -27.10 -8.57
C TYR A 34 9.09 -28.53 -8.43
N ILE A 35 9.29 -29.15 -7.27
CA ILE A 35 8.83 -30.52 -7.07
C ILE A 35 7.29 -30.56 -7.11
N GLN A 36 6.64 -29.52 -6.61
CA GLN A 36 5.18 -29.42 -6.77
C GLN A 36 4.80 -29.29 -8.24
N GLU A 37 5.54 -28.47 -8.99
CA GLU A 37 5.31 -28.38 -10.43
C GLU A 37 5.58 -29.72 -11.11
N LEU A 38 6.63 -30.42 -10.68
CA LEU A 38 6.86 -31.78 -11.18
C LEU A 38 5.69 -32.68 -10.81
N GLU A 39 5.21 -32.59 -9.57
CA GLU A 39 4.06 -33.38 -9.14
C GLU A 39 2.80 -32.95 -9.89
N GLU A 40 2.61 -31.64 -10.05
CA GLU A 40 1.39 -31.16 -10.71
C GLU A 40 1.37 -31.52 -12.18
N GLU A 41 2.51 -31.42 -12.87
CA GLU A 41 2.56 -31.88 -14.26
C GLU A 41 2.46 -33.39 -14.32
N ARG A 42 3.04 -34.10 -13.34
CA ARG A 42 2.79 -35.53 -13.20
C ARG A 42 1.32 -35.85 -13.14
N ARG A 43 0.56 -35.13 -12.33
CA ARG A 43 -0.84 -35.47 -12.12
C ARG A 43 -1.65 -35.23 -13.40
N LEU A 44 -1.24 -34.24 -14.20
CA LEU A 44 -1.84 -34.08 -15.52
C LEU A 44 -1.48 -35.23 -16.45
N THR A 45 -0.19 -35.63 -16.47
CA THR A 45 0.20 -36.73 -17.34
C THR A 45 -0.45 -38.04 -16.92
N GLU A 46 -0.49 -38.32 -15.62
CA GLU A 46 -1.10 -39.55 -15.15
C GLU A 46 -2.60 -39.57 -15.44
N SER A 47 -3.28 -38.44 -15.24
CA SER A 47 -4.70 -38.34 -15.58
C SER A 47 -4.92 -38.48 -17.07
N SER A 48 -4.05 -37.86 -17.87
CA SER A 48 -4.18 -37.92 -19.32
C SER A 48 -4.10 -39.36 -19.83
N ILE A 49 -3.29 -40.19 -19.18
CA ILE A 49 -3.18 -41.59 -19.56
C ILE A 49 -4.51 -42.30 -19.31
N ARG A 50 -5.15 -42.01 -18.17
CA ARG A 50 -6.41 -42.66 -17.83
C ARG A 50 -7.48 -42.38 -18.87
N LYS A 51 -7.64 -41.11 -19.27
CA LYS A 51 -8.61 -40.78 -20.30
C LYS A 51 -8.17 -41.31 -21.66
N MET A 52 -6.86 -41.41 -21.90
CA MET A 52 -6.37 -42.09 -23.09
C MET A 52 -6.72 -43.58 -23.04
N GLU A 53 -6.60 -44.19 -21.87
CA GLU A 53 -7.03 -45.58 -21.70
C GLU A 53 -8.53 -45.70 -21.89
N LYS A 54 -9.29 -44.69 -21.47
CA LYS A 54 -10.73 -44.68 -21.71
C LYS A 54 -11.03 -44.69 -23.20
N GLU A 55 -10.27 -43.93 -23.98
CA GLU A 55 -10.42 -43.95 -25.42
C GLU A 55 -10.13 -45.34 -25.98
N LYS A 56 -9.15 -46.03 -25.41
CA LYS A 56 -8.85 -47.40 -25.82
C LYS A 56 -10.05 -48.31 -25.59
N SER A 57 -10.72 -48.16 -24.44
CA SER A 57 -11.94 -48.93 -24.18
C SER A 57 -13.02 -48.61 -25.19
N ASP A 58 -13.16 -47.32 -25.54
CA ASP A 58 -14.15 -46.90 -26.52
C ASP A 58 -13.93 -47.60 -27.86
N LEU A 59 -12.67 -47.73 -28.27
CA LEU A 59 -12.35 -48.48 -29.48
C LEU A 59 -12.74 -49.94 -29.35
N ASN A 60 -12.67 -50.49 -28.13
CA ASN A 60 -13.02 -51.88 -27.92
C ASN A 60 -14.49 -52.15 -28.22
N GLU A 61 -15.39 -51.28 -27.74
CA GLU A 61 -16.79 -51.41 -28.10
C GLU A 61 -17.00 -51.18 -29.58
N LYS A 62 -16.32 -50.17 -30.15
CA LYS A 62 -16.44 -49.93 -31.58
C LYS A 62 -15.96 -51.12 -32.38
N ILE A 63 -14.87 -51.76 -31.95
CA ILE A 63 -14.43 -53.00 -32.59
C ILE A 63 -15.47 -54.09 -32.40
N ASP A 64 -15.93 -54.29 -31.16
CA ASP A 64 -16.87 -55.36 -30.87
C ASP A 64 -18.22 -55.10 -31.52
N GLU A 65 -18.70 -53.86 -31.51
CA GLU A 65 -19.97 -53.54 -32.15
C GLU A 65 -19.90 -53.76 -33.66
N LEU A 66 -18.77 -53.42 -34.27
CA LEU A 66 -18.65 -53.57 -35.72
C LEU A 66 -18.43 -55.02 -36.13
N THR A 67 -17.77 -55.82 -35.29
CA THR A 67 -17.57 -57.23 -35.61
C THR A 67 -18.88 -57.99 -35.67
N THR A 68 -19.75 -57.79 -34.67
CA THR A 68 -21.03 -58.52 -34.66
C THR A 68 -21.92 -58.07 -35.81
N ARG A 69 -21.74 -56.83 -36.29
CA ARG A 69 -22.41 -56.42 -37.51
C ARG A 69 -21.92 -57.24 -38.70
N LYS A 70 -20.62 -57.48 -38.79
CA LYS A 70 -20.08 -58.30 -39.87
C LYS A 70 -20.58 -59.73 -39.77
N CYS A 71 -20.59 -60.30 -38.56
CA CYS A 71 -21.04 -61.67 -38.39
C CYS A 71 -22.53 -61.80 -38.71
N SER A 72 -23.34 -60.83 -38.29
CA SER A 72 -24.78 -60.91 -38.53
C SER A 72 -25.11 -60.85 -40.01
N VAL A 73 -24.48 -59.93 -40.75
CA VAL A 73 -24.76 -59.82 -42.17
C VAL A 73 -24.23 -61.04 -42.93
N ASP A 74 -23.10 -61.60 -42.50
CA ASP A 74 -22.59 -62.80 -43.13
C ASP A 74 -23.56 -63.97 -42.95
N ALA A 75 -24.11 -64.12 -41.74
CA ALA A 75 -25.13 -65.14 -41.52
C ALA A 75 -26.38 -64.87 -42.33
N ARG A 76 -26.81 -63.60 -42.37
CA ARG A 76 -28.00 -63.25 -43.16
C ARG A 76 -27.73 -63.39 -44.65
N LEU A 77 -26.51 -63.09 -45.10
CA LEU A 77 -26.19 -63.26 -46.52
C LEU A 77 -26.29 -64.73 -46.92
N GLN A 78 -25.92 -65.64 -46.02
CA GLN A 78 -26.10 -67.06 -46.30
C GLN A 78 -27.57 -67.40 -46.50
N ALA A 79 -28.46 -66.80 -45.70
CA ALA A 79 -29.88 -66.98 -45.91
C ALA A 79 -30.30 -66.41 -47.26
N GLU A 80 -29.79 -65.24 -47.62
CA GLU A 80 -30.05 -64.68 -48.95
C GLU A 80 -29.42 -65.53 -50.05
N ASN A 81 -28.27 -66.14 -49.76
CA ASN A 81 -27.58 -66.94 -50.77
C ASN A 81 -28.44 -68.12 -51.22
N GLU A 82 -29.05 -68.83 -50.27
CA GLU A 82 -29.89 -69.97 -50.63
C GLU A 82 -31.17 -69.53 -51.31
N ARG A 83 -31.68 -68.34 -50.99
CA ARG A 83 -32.91 -67.86 -51.60
C ARG A 83 -32.76 -67.73 -53.11
N ALA A 84 -31.64 -67.16 -53.56
CA ALA A 84 -31.37 -67.12 -55.00
C ALA A 84 -31.06 -68.51 -55.54
N GLU A 85 -30.42 -69.36 -54.74
CA GLU A 85 -30.15 -70.73 -55.16
C GLU A 85 -31.46 -71.50 -55.38
N ARG A 86 -32.43 -71.31 -54.48
CA ARG A 86 -33.75 -71.89 -54.71
C ARG A 86 -34.39 -71.31 -55.97
N GLN A 87 -34.23 -70.02 -56.19
CA GLN A 87 -34.72 -69.40 -57.42
C GLN A 87 -34.00 -69.97 -58.64
N ASP A 88 -32.68 -70.13 -58.55
CA ASP A 88 -31.90 -70.64 -59.67
C ASP A 88 -32.28 -72.09 -59.98
N ARG A 89 -32.28 -72.96 -58.96
CA ARG A 89 -32.61 -74.35 -59.19
C ARG A 89 -34.04 -74.52 -59.67
N GLY A 90 -34.97 -73.75 -59.10
CA GLY A 90 -36.33 -73.77 -59.59
C GLY A 90 -36.46 -73.26 -61.01
N LEU A 91 -35.67 -72.24 -61.35
CA LEU A 91 -35.68 -71.68 -62.71
C LEU A 91 -35.22 -72.72 -63.73
N LYS A 92 -34.14 -73.44 -63.42
CA LYS A 92 -33.61 -74.43 -64.35
C LYS A 92 -34.62 -75.53 -64.60
N GLU A 93 -35.30 -76.01 -63.56
CA GLU A 93 -36.37 -76.98 -63.73
C GLU A 93 -37.53 -76.38 -64.51
N ALA A 94 -37.91 -75.15 -64.18
CA ALA A 94 -39.06 -74.52 -64.83
C ALA A 94 -38.75 -74.18 -66.29
N GLU A 95 -37.58 -73.60 -66.55
CA GLU A 95 -37.23 -73.22 -67.91
C GLU A 95 -37.13 -74.44 -68.81
N THR A 96 -36.50 -75.52 -68.32
CA THR A 96 -36.39 -76.73 -69.11
C THR A 96 -37.76 -77.40 -69.31
N THR A 97 -38.60 -77.37 -68.27
CA THR A 97 -39.92 -78.00 -68.38
C THR A 97 -40.77 -77.32 -69.45
N TYR A 98 -40.77 -75.98 -69.48
CA TYR A 98 -41.58 -75.27 -70.47
C TYR A 98 -41.11 -75.56 -71.89
N ALA A 99 -39.83 -75.85 -72.08
CA ALA A 99 -39.34 -76.20 -73.41
C ALA A 99 -40.01 -77.45 -73.95
N LYS A 100 -40.21 -78.45 -73.07
CA LYS A 100 -40.96 -79.64 -73.49
C LYS A 100 -42.41 -79.31 -73.78
N LEU A 101 -43.02 -78.43 -72.97
CA LEU A 101 -44.43 -78.09 -73.16
C LEU A 101 -44.65 -77.38 -74.49
N VAL A 102 -43.82 -76.39 -74.80
CA VAL A 102 -44.00 -75.64 -76.05
C VAL A 102 -43.72 -76.53 -77.25
N GLU A 103 -42.73 -77.42 -77.14
CA GLU A 103 -42.49 -78.39 -78.21
C GLU A 103 -43.69 -79.31 -78.37
N SER A 104 -44.25 -79.79 -77.25
CA SER A 104 -45.48 -80.57 -77.31
C SER A 104 -46.66 -79.72 -77.75
N GLN A 105 -46.67 -78.44 -77.38
CA GLN A 105 -47.74 -77.54 -77.82
C GLN A 105 -47.76 -77.43 -79.35
N LYS A 106 -46.60 -77.24 -79.96
CA LYS A 106 -46.53 -77.20 -81.41
C LYS A 106 -46.84 -78.57 -82.02
N THR A 107 -46.43 -79.65 -81.34
CA THR A 107 -46.72 -80.98 -81.83
C THR A 107 -48.22 -81.25 -81.83
N LEU A 108 -48.92 -80.85 -80.76
CA LEU A 108 -50.34 -81.12 -80.67
C LEU A 108 -51.15 -80.31 -81.68
N VAL A 109 -50.82 -79.01 -81.83
CA VAL A 109 -51.52 -78.20 -82.83
C VAL A 109 -51.19 -78.68 -84.23
N ASP A 110 -50.00 -79.25 -84.44
CA ASP A 110 -49.71 -79.90 -85.71
C ASP A 110 -50.60 -81.12 -85.91
N PHE A 111 -50.84 -81.88 -84.84
CA PHE A 111 -51.80 -82.98 -84.91
C PHE A 111 -53.21 -82.45 -85.18
N VAL A 112 -53.57 -81.33 -84.54
CA VAL A 112 -54.85 -80.69 -84.83
C VAL A 112 -54.90 -80.23 -86.27
N ARG A 113 -53.80 -79.67 -86.78
CA ARG A 113 -53.72 -79.33 -88.19
C ARG A 113 -53.91 -80.57 -89.06
N LYS A 114 -53.27 -81.68 -88.67
CA LYS A 114 -53.51 -82.95 -89.35
C LYS A 114 -54.93 -83.45 -89.09
N GLU A 115 -55.46 -83.21 -87.89
CA GLU A 115 -56.83 -83.62 -87.58
C GLU A 115 -57.84 -82.92 -88.48
N TYR A 116 -57.63 -81.62 -88.74
CA TYR A 116 -58.50 -80.91 -89.67
C TYR A 116 -58.41 -81.52 -91.07
N GLU A 117 -57.21 -81.86 -91.51
CA GLU A 117 -57.05 -82.55 -92.79
C GLU A 117 -57.69 -83.93 -92.73
N ASP A 118 -57.52 -84.64 -91.61
CA ASP A 118 -58.07 -85.99 -91.48
C ASP A 118 -59.60 -85.97 -91.53
N THR A 119 -60.22 -84.97 -90.92
CA THR A 119 -61.68 -84.93 -90.85
C THR A 119 -62.29 -84.85 -92.25
N LYS A 120 -61.79 -83.93 -93.08
CA LYS A 120 -62.31 -83.80 -94.43
C LYS A 120 -61.76 -84.84 -95.39
N HIS A 121 -60.63 -85.47 -95.06
CA HIS A 121 -60.10 -86.53 -95.90
C HIS A 121 -61.05 -87.73 -95.91
N GLN A 122 -61.62 -88.07 -94.76
CA GLN A 122 -62.63 -89.12 -94.72
C GLN A 122 -63.88 -88.70 -95.49
N LYS A 123 -64.20 -87.40 -95.46
CA LYS A 123 -65.34 -86.91 -96.23
C LYS A 123 -65.10 -87.09 -97.72
N TYR A 124 -63.88 -86.84 -98.19
CA TYR A 124 -63.53 -87.03 -99.59
C TYR A 124 -63.66 -88.50 -99.99
N GLY B 26 -54.26 -71.70 -73.93
CA GLY B 26 -53.74 -70.48 -73.33
C GLY B 26 -52.99 -70.74 -72.03
N SER B 27 -53.15 -71.94 -71.49
CA SER B 27 -52.46 -72.30 -70.26
C SER B 27 -50.95 -72.35 -70.44
N PHE B 28 -50.48 -72.63 -71.66
CA PHE B 28 -49.05 -72.69 -71.91
C PHE B 28 -48.39 -71.33 -71.69
N ASP B 29 -49.04 -70.25 -72.12
CA ASP B 29 -48.47 -68.92 -71.93
C ASP B 29 -48.61 -68.44 -70.50
N GLU B 30 -49.64 -68.89 -69.79
CA GLU B 30 -49.83 -68.47 -68.40
C GLU B 30 -48.68 -68.96 -67.52
N ILE B 31 -48.30 -70.24 -67.67
CA ILE B 31 -47.16 -70.76 -66.93
C ILE B 31 -45.87 -70.14 -67.42
N SER B 32 -45.78 -69.83 -68.72
CA SER B 32 -44.58 -69.23 -69.28
C SER B 32 -44.27 -67.90 -68.60
N GLN B 33 -45.26 -67.03 -68.48
CA GLN B 33 -45.06 -65.78 -67.74
C GLN B 33 -44.79 -66.04 -66.27
N TYR B 34 -45.45 -67.04 -65.69
CA TYR B 34 -45.17 -67.42 -64.31
C TYR B 34 -43.74 -67.88 -64.14
N ILE B 35 -43.24 -68.67 -65.09
CA ILE B 35 -41.82 -69.02 -65.09
C ILE B 35 -40.96 -67.79 -65.31
N GLN B 36 -41.38 -66.92 -66.26
CA GLN B 36 -40.69 -65.65 -66.45
C GLN B 36 -40.85 -64.73 -65.24
N GLU B 37 -41.92 -64.90 -64.46
CA GLU B 37 -42.02 -64.18 -63.20
C GLU B 37 -40.94 -64.66 -62.23
N LEU B 38 -40.69 -65.97 -62.20
CA LEU B 38 -39.60 -66.49 -61.38
C LEU B 38 -38.24 -66.09 -61.95
N GLU B 39 -38.19 -65.81 -63.25
CA GLU B 39 -36.99 -65.21 -63.84
C GLU B 39 -36.69 -63.86 -63.20
N GLU B 40 -37.72 -63.04 -62.99
CA GLU B 40 -37.51 -61.71 -62.42
C GLU B 40 -37.13 -61.79 -60.95
N GLU B 41 -37.72 -62.73 -60.21
CA GLU B 41 -37.44 -62.81 -58.77
C GLU B 41 -35.98 -63.15 -58.51
N ARG B 42 -35.38 -64.01 -59.33
CA ARG B 42 -33.98 -64.37 -59.13
C ARG B 42 -33.07 -63.17 -59.32
N ARG B 43 -33.35 -62.34 -60.33
CA ARG B 43 -32.47 -61.21 -60.62
C ARG B 43 -32.49 -60.18 -59.49
N LEU B 44 -33.67 -59.88 -58.94
CA LEU B 44 -33.74 -58.96 -57.82
C LEU B 44 -33.10 -59.57 -56.58
N THR B 45 -33.26 -60.88 -56.38
CA THR B 45 -32.59 -61.55 -55.28
C THR B 45 -31.07 -61.54 -55.47
N GLU B 46 -30.61 -61.80 -56.69
CA GLU B 46 -29.17 -61.77 -56.96
C GLU B 46 -28.61 -60.36 -56.79
N SER B 47 -29.36 -59.34 -57.22
CA SER B 47 -28.95 -57.97 -57.00
C SER B 47 -28.87 -57.65 -55.52
N SER B 48 -29.82 -58.18 -54.73
CA SER B 48 -29.76 -57.99 -53.28
C SER B 48 -28.52 -58.64 -52.69
N ILE B 49 -28.15 -59.83 -53.18
CA ILE B 49 -26.94 -60.48 -52.72
C ILE B 49 -25.71 -59.66 -53.12
N ARG B 50 -25.67 -59.19 -54.36
CA ARG B 50 -24.51 -58.43 -54.82
C ARG B 50 -24.32 -57.15 -54.03
N LYS B 51 -25.42 -56.44 -53.76
CA LYS B 51 -25.31 -55.23 -52.95
C LYS B 51 -24.92 -55.56 -51.51
N MET B 52 -25.41 -56.69 -50.98
CA MET B 52 -25.10 -57.05 -49.61
C MET B 52 -23.71 -57.66 -49.50
N GLU B 53 -23.27 -58.40 -50.54
CA GLU B 53 -21.90 -58.90 -50.56
C GLU B 53 -20.91 -57.76 -50.60
N LYS B 54 -21.22 -56.70 -51.34
CA LYS B 54 -20.35 -55.52 -51.36
C LYS B 54 -20.24 -54.90 -49.97
N GLU B 55 -21.36 -54.80 -49.26
CA GLU B 55 -21.32 -54.33 -47.88
C GLU B 55 -20.61 -55.31 -46.96
N LYS B 56 -20.67 -56.61 -47.28
CA LYS B 56 -19.95 -57.60 -46.48
C LYS B 56 -18.44 -57.32 -46.52
N SER B 57 -17.92 -57.00 -47.71
CA SER B 57 -16.53 -56.53 -47.79
C SER B 57 -16.39 -55.15 -47.15
N ASP B 58 -17.40 -54.30 -47.30
CA ASP B 58 -17.37 -52.99 -46.66
C ASP B 58 -17.39 -53.12 -45.14
N LEU B 59 -18.17 -54.05 -44.61
CA LEU B 59 -18.17 -54.30 -43.17
C LEU B 59 -16.80 -54.80 -42.71
N ASN B 60 -16.19 -55.69 -43.48
CA ASN B 60 -14.88 -56.24 -43.12
C ASN B 60 -13.75 -55.24 -43.31
N GLU B 61 -13.82 -54.38 -44.33
CA GLU B 61 -12.79 -53.36 -44.50
C GLU B 61 -12.90 -52.27 -43.44
N LYS B 62 -14.10 -52.00 -42.95
CA LYS B 62 -14.24 -51.12 -41.79
C LYS B 62 -13.64 -51.75 -40.54
N ILE B 63 -13.73 -53.08 -40.42
CA ILE B 63 -13.00 -53.78 -39.36
C ILE B 63 -11.50 -53.53 -39.52
N ASP B 64 -10.99 -53.65 -40.74
CA ASP B 64 -9.59 -53.34 -41.00
C ASP B 64 -9.30 -51.87 -40.75
N GLU B 65 -10.21 -50.99 -41.17
CA GLU B 65 -10.02 -49.56 -40.91
C GLU B 65 -10.02 -49.27 -39.41
N LEU B 66 -10.93 -49.90 -38.67
CA LEU B 66 -10.90 -49.79 -37.22
C LEU B 66 -9.74 -50.57 -36.61
N THR B 67 -9.27 -51.62 -37.30
CA THR B 67 -8.08 -52.33 -36.83
C THR B 67 -6.86 -51.42 -36.84
N THR B 68 -6.74 -50.58 -37.87
CA THR B 68 -5.67 -49.59 -37.88
C THR B 68 -5.80 -48.65 -36.69
N ARG B 69 -7.01 -48.21 -36.39
CA ARG B 69 -7.25 -47.47 -35.15
C ARG B 69 -6.99 -48.35 -33.94
N LYS B 70 -7.44 -49.62 -34.01
CA LYS B 70 -7.20 -50.54 -32.89
C LYS B 70 -5.70 -50.80 -32.72
N CYS B 71 -4.98 -51.04 -33.82
CA CYS B 71 -3.54 -51.23 -33.72
C CYS B 71 -2.84 -49.98 -33.22
N SER B 72 -3.27 -48.81 -33.69
CA SER B 72 -2.68 -47.56 -33.22
C SER B 72 -2.96 -47.34 -31.74
N VAL B 73 -4.22 -47.53 -31.33
CA VAL B 73 -4.57 -47.28 -29.93
C VAL B 73 -3.94 -48.32 -29.02
N ASP B 74 -3.85 -49.57 -29.48
CA ASP B 74 -3.19 -50.59 -28.67
C ASP B 74 -1.70 -50.30 -28.53
N ALA B 75 -1.04 -49.95 -29.63
CA ALA B 75 0.40 -49.67 -29.58
C ALA B 75 0.71 -48.45 -28.73
N ARG B 76 -0.10 -47.39 -28.86
CA ARG B 76 0.18 -46.18 -28.10
C ARG B 76 -0.12 -46.37 -26.62
N LEU B 77 -1.18 -47.12 -26.28
CA LEU B 77 -1.50 -47.35 -24.88
C LEU B 77 -0.54 -48.34 -24.23
N GLN B 78 -0.14 -49.40 -24.94
CA GLN B 78 0.85 -50.31 -24.38
C GLN B 78 2.19 -49.60 -24.19
N ALA B 79 2.49 -48.63 -25.05
CA ALA B 79 3.61 -47.72 -24.81
C ALA B 79 3.28 -46.66 -23.78
N GLU B 80 2.00 -46.28 -23.65
CA GLU B 80 1.61 -45.32 -22.62
C GLU B 80 1.72 -45.93 -21.24
N ASN B 81 1.46 -47.24 -21.12
CA ASN B 81 1.75 -47.95 -19.88
C ASN B 81 3.25 -47.90 -19.59
N GLU B 82 4.07 -48.04 -20.63
CA GLU B 82 5.50 -47.80 -20.47
C GLU B 82 5.77 -46.34 -20.08
N ARG B 83 5.04 -45.40 -20.69
CA ARG B 83 5.15 -44.01 -20.26
C ARG B 83 4.71 -43.85 -18.81
N ALA B 84 3.62 -44.52 -18.42
CA ALA B 84 3.13 -44.42 -17.05
C ALA B 84 4.16 -44.92 -16.05
N GLU B 85 4.76 -46.08 -16.32
CA GLU B 85 5.78 -46.61 -15.43
C GLU B 85 7.06 -45.79 -15.50
N ARG B 86 7.40 -45.26 -16.68
CA ARG B 86 8.53 -44.35 -16.80
C ARG B 86 8.29 -43.10 -15.95
N GLN B 87 7.05 -42.62 -15.93
CA GLN B 87 6.71 -41.54 -15.01
C GLN B 87 6.83 -42.00 -13.57
N ASP B 88 6.42 -43.23 -13.29
CA ASP B 88 6.50 -43.74 -11.91
C ASP B 88 7.94 -43.79 -11.43
N ARG B 89 8.85 -44.27 -12.27
CA ARG B 89 10.26 -44.20 -11.93
C ARG B 89 10.75 -42.76 -11.94
N GLY B 90 10.09 -41.89 -12.70
CA GLY B 90 10.45 -40.47 -12.69
C GLY B 90 10.19 -39.81 -11.35
N LEU B 91 9.01 -40.06 -10.77
CA LEU B 91 8.73 -39.50 -9.45
C LEU B 91 9.48 -40.25 -8.37
N LYS B 92 9.72 -41.55 -8.57
CA LYS B 92 10.40 -42.36 -7.57
C LYS B 92 11.74 -41.72 -7.20
N GLU B 93 12.53 -41.34 -8.20
CA GLU B 93 13.73 -40.56 -7.94
C GLU B 93 13.38 -39.17 -7.41
N ALA B 94 12.37 -38.53 -8.00
CA ALA B 94 12.00 -37.18 -7.58
C ALA B 94 11.50 -37.17 -6.15
N GLU B 95 10.62 -38.12 -5.80
CA GLU B 95 10.15 -38.21 -4.42
C GLU B 95 11.29 -38.57 -3.47
N THR B 96 12.15 -39.51 -3.87
CA THR B 96 13.28 -39.88 -3.03
C THR B 96 14.25 -38.72 -2.85
N THR B 97 14.62 -38.05 -3.96
CA THR B 97 15.57 -36.96 -3.88
C THR B 97 15.01 -35.79 -3.06
N TYR B 98 13.73 -35.47 -3.26
CA TYR B 98 13.10 -34.45 -2.42
C TYR B 98 13.05 -34.91 -0.97
N ALA B 99 12.69 -36.18 -0.74
CA ALA B 99 12.74 -36.73 0.60
C ALA B 99 14.17 -36.76 1.13
N LYS B 100 15.13 -37.12 0.27
CA LYS B 100 16.53 -37.10 0.67
C LYS B 100 16.99 -35.69 0.99
N LEU B 101 16.50 -34.69 0.27
CA LEU B 101 16.90 -33.31 0.54
C LEU B 101 16.28 -32.81 1.83
N VAL B 102 14.96 -32.99 2.00
CA VAL B 102 14.27 -32.37 3.14
C VAL B 102 14.82 -32.92 4.46
N GLU B 103 15.15 -34.21 4.50
CA GLU B 103 15.82 -34.74 5.68
C GLU B 103 17.21 -34.15 5.82
N SER B 104 17.94 -34.04 4.70
CA SER B 104 19.26 -33.43 4.72
C SER B 104 19.18 -31.93 4.95
N GLN B 105 18.22 -31.27 4.31
CA GLN B 105 18.08 -29.82 4.47
C GLN B 105 17.82 -29.46 5.93
N LYS B 106 16.80 -30.07 6.54
CA LYS B 106 16.45 -29.73 7.91
C LYS B 106 17.58 -30.07 8.88
N THR B 107 18.20 -31.24 8.74
CA THR B 107 19.25 -31.63 9.69
C THR B 107 20.47 -30.74 9.54
N LEU B 108 20.81 -30.34 8.32
CA LEU B 108 22.01 -29.53 8.13
C LEU B 108 21.78 -28.09 8.56
N VAL B 109 20.56 -27.58 8.41
CA VAL B 109 20.25 -26.24 8.90
C VAL B 109 20.41 -26.18 10.42
N ASP B 110 19.81 -27.14 11.13
CA ASP B 110 19.97 -27.16 12.58
C ASP B 110 21.39 -27.53 12.99
N PHE B 111 22.10 -28.26 12.13
CA PHE B 111 23.53 -28.46 12.35
C PHE B 111 24.27 -27.13 12.32
N VAL B 112 23.92 -26.27 11.36
CA VAL B 112 24.49 -24.92 11.32
C VAL B 112 24.04 -24.12 12.53
N ARG B 113 22.75 -24.20 12.89
CA ARG B 113 22.29 -23.53 14.11
C ARG B 113 23.07 -24.03 15.32
N LYS B 114 23.30 -25.34 15.40
CA LYS B 114 24.10 -25.89 16.48
C LYS B 114 25.49 -25.25 16.49
N GLU B 115 26.13 -25.17 15.33
CA GLU B 115 27.35 -24.40 15.22
C GLU B 115 27.10 -22.93 15.49
N TYR B 116 26.00 -22.39 14.97
CA TYR B 116 25.68 -20.98 15.19
C TYR B 116 25.43 -20.69 16.66
N GLU B 117 24.73 -21.59 17.36
CA GLU B 117 24.47 -21.38 18.78
C GLU B 117 25.77 -21.35 19.58
N ASP B 118 26.62 -22.35 19.40
CA ASP B 118 27.90 -22.39 20.12
C ASP B 118 28.78 -21.20 19.73
N THR B 119 28.76 -20.80 18.47
CA THR B 119 29.49 -19.60 18.06
C THR B 119 28.93 -18.37 18.75
N LYS B 120 27.60 -18.26 18.83
CA LYS B 120 26.99 -17.18 19.60
C LYS B 120 27.28 -17.33 21.09
N HIS B 121 27.26 -18.57 21.60
CA HIS B 121 27.53 -18.79 23.02
C HIS B 121 28.94 -18.36 23.40
N GLN B 122 29.92 -18.68 22.55
CA GLN B 122 31.30 -18.32 22.85
C GLN B 122 31.52 -16.81 22.81
N LYS B 123 30.74 -16.09 22.00
CA LYS B 123 30.89 -14.65 21.88
C LYS B 123 29.89 -13.88 22.74
N TYR B 124 28.89 -14.55 23.29
CA TYR B 124 27.89 -13.89 24.14
C TYR B 124 27.73 -14.62 25.46
N GLY C 26 87.12 26.87 72.04
CA GLY C 26 86.22 27.38 71.03
C GLY C 26 85.84 26.34 69.98
N SER C 27 86.82 25.52 69.59
CA SER C 27 86.56 24.48 68.61
C SER C 27 85.66 23.39 69.17
N PHE C 28 85.55 23.29 70.49
CA PHE C 28 84.71 22.24 71.09
C PHE C 28 83.24 22.45 70.74
N ASP C 29 82.79 23.70 70.71
CA ASP C 29 81.38 23.98 70.46
C ASP C 29 81.06 24.02 68.97
N GLU C 30 81.96 24.61 68.17
CA GLU C 30 81.70 24.74 66.73
C GLU C 30 81.61 23.36 66.07
N ILE C 31 82.51 22.45 66.41
CA ILE C 31 82.46 21.10 65.84
C ILE C 31 81.22 20.36 66.33
N SER C 32 80.91 20.48 67.62
CA SER C 32 79.74 19.77 68.16
C SER C 32 78.45 20.30 67.56
N GLN C 33 78.36 21.60 67.33
CA GLN C 33 77.16 22.18 66.73
C GLN C 33 76.93 21.64 65.32
N TYR C 34 78.00 21.51 64.53
CA TYR C 34 77.87 20.95 63.20
C TYR C 34 77.52 19.46 63.24
N ILE C 35 77.93 18.77 64.31
CA ILE C 35 77.56 17.36 64.47
C ILE C 35 76.04 17.23 64.62
N GLN C 36 75.43 18.11 65.42
CA GLN C 36 73.98 18.07 65.57
C GLN C 36 73.28 18.37 64.26
N GLU C 37 73.78 19.33 63.50
CA GLU C 37 73.21 19.62 62.19
C GLU C 37 73.34 18.43 61.25
N LEU C 38 74.50 17.77 61.26
CA LEU C 38 74.67 16.55 60.48
C LEU C 38 73.76 15.44 61.01
N GLU C 39 73.64 15.33 62.34
CA GLU C 39 72.72 14.36 62.91
C GLU C 39 71.26 14.68 62.54
N GLU C 40 70.93 15.97 62.44
CA GLU C 40 69.61 16.35 61.95
C GLU C 40 69.42 15.90 60.51
N GLU C 41 70.46 16.01 59.69
CA GLU C 41 70.38 15.51 58.31
C GLU C 41 70.26 13.99 58.28
N ARG C 42 70.84 13.30 59.27
CA ARG C 42 70.72 11.85 59.32
C ARG C 42 69.27 11.41 59.48
N ARG C 43 68.52 12.10 60.35
CA ARG C 43 67.10 11.81 60.49
C ARG C 43 66.34 12.16 59.20
N LEU C 44 66.73 13.26 58.55
CA LEU C 44 66.08 13.64 57.29
C LEU C 44 66.32 12.59 56.22
N THR C 45 67.54 12.05 56.14
CA THR C 45 67.81 10.98 55.19
C THR C 45 66.98 9.74 55.48
N GLU C 46 66.82 9.40 56.76
CA GLU C 46 66.00 8.26 57.12
C GLU C 46 64.55 8.48 56.70
N SER C 47 64.03 9.70 56.87
CA SER C 47 62.65 9.98 56.46
C SER C 47 62.48 9.77 54.95
N SER C 48 63.45 10.20 54.15
CA SER C 48 63.39 9.95 52.72
C SER C 48 63.51 8.46 52.43
N ILE C 49 64.34 7.76 53.18
CA ILE C 49 64.50 6.32 52.99
C ILE C 49 63.20 5.59 53.28
N ARG C 50 62.54 5.93 54.39
CA ARG C 50 61.28 5.29 54.73
C ARG C 50 60.19 5.65 53.71
N LYS C 51 60.18 6.90 53.23
CA LYS C 51 59.23 7.28 52.19
C LYS C 51 59.52 6.53 50.90
N MET C 52 60.79 6.29 50.58
CA MET C 52 61.13 5.55 49.37
C MET C 52 60.60 4.12 49.44
N GLU C 53 60.63 3.51 50.64
CA GLU C 53 60.03 2.19 50.80
C GLU C 53 58.53 2.24 50.57
N LYS C 54 57.87 3.29 51.08
CA LYS C 54 56.44 3.46 50.83
C LYS C 54 56.17 3.69 49.34
N GLU C 55 57.02 4.48 48.69
CA GLU C 55 56.91 4.66 47.24
C GLU C 55 57.15 3.34 46.52
N LYS C 56 58.11 2.54 47.00
CA LYS C 56 58.33 1.21 46.44
C LYS C 56 57.10 0.34 46.63
N SER C 57 56.48 0.41 47.82
CA SER C 57 55.28 -0.37 48.06
C SER C 57 54.13 0.06 47.15
N ASP C 58 54.04 1.36 46.87
CA ASP C 58 53.04 1.85 45.93
C ASP C 58 53.27 1.27 44.54
N LEU C 59 54.54 1.21 44.11
CA LEU C 59 54.86 0.60 42.82
C LEU C 59 54.55 -0.89 42.83
N ASN C 60 54.83 -1.56 43.94
CA ASN C 60 54.55 -3.00 44.02
C ASN C 60 53.06 -3.29 43.89
N GLU C 61 52.22 -2.51 44.57
CA GLU C 61 50.79 -2.73 44.51
C GLU C 61 50.25 -2.53 43.09
N LYS C 62 50.73 -1.48 42.41
CA LYS C 62 50.27 -1.21 41.05
C LYS C 62 50.78 -2.27 40.08
N ILE C 63 52.05 -2.68 40.23
CA ILE C 63 52.60 -3.68 39.30
C ILE C 63 52.00 -5.05 39.57
N ASP C 64 51.62 -5.34 40.82
CA ASP C 64 50.96 -6.61 41.11
C ASP C 64 49.50 -6.58 40.68
N GLU C 65 48.85 -5.41 40.75
CA GLU C 65 47.52 -5.29 40.16
C GLU C 65 47.55 -5.52 38.66
N LEU C 66 48.64 -5.10 38.02
CA LEU C 66 48.83 -5.39 36.60
C LEU C 66 48.92 -6.90 36.37
N THR C 67 49.65 -7.60 37.23
CA THR C 67 49.77 -9.05 37.09
C THR C 67 48.42 -9.74 37.18
N THR C 68 47.57 -9.28 38.12
CA THR C 68 46.20 -9.79 38.19
C THR C 68 45.43 -9.44 36.92
N ARG C 69 45.59 -8.22 36.43
CA ARG C 69 44.92 -7.82 35.19
C ARG C 69 45.53 -8.54 33.99
N LYS C 70 46.85 -8.65 33.93
CA LYS C 70 47.49 -9.32 32.80
C LYS C 70 47.12 -10.80 32.75
N CYS C 71 47.10 -11.46 33.91
CA CYS C 71 46.70 -12.86 33.94
C CYS C 71 45.22 -13.03 33.60
N SER C 72 44.38 -12.06 33.96
CA SER C 72 42.96 -12.13 33.65
C SER C 72 42.73 -12.07 32.14
N VAL C 73 43.34 -11.08 31.48
CA VAL C 73 43.18 -10.97 30.02
C VAL C 73 43.90 -12.12 29.31
N ASP C 74 45.06 -12.55 29.82
CA ASP C 74 45.77 -13.66 29.21
C ASP C 74 44.94 -14.94 29.29
N ALA C 75 44.31 -15.20 30.44
CA ALA C 75 43.41 -16.35 30.54
C ALA C 75 42.20 -16.18 29.64
N ARG C 76 41.76 -14.93 29.43
CA ARG C 76 40.67 -14.68 28.50
C ARG C 76 41.16 -14.73 27.04
N LEU C 77 42.39 -14.28 26.79
CA LEU C 77 42.91 -14.30 25.42
C LEU C 77 43.14 -15.73 24.93
N GLN C 78 43.68 -16.60 25.79
CA GLN C 78 43.83 -17.99 25.39
C GLN C 78 42.47 -18.65 25.19
N ALA C 79 41.48 -18.27 26.01
CA ALA C 79 40.11 -18.70 25.76
C ALA C 79 39.59 -18.12 24.46
N GLU C 80 39.97 -16.87 24.16
CA GLU C 80 39.59 -16.27 22.89
C GLU C 80 40.21 -17.02 21.72
N ASN C 81 41.47 -17.43 21.86
CA ASN C 81 42.13 -18.22 20.81
C ASN C 81 41.43 -19.56 20.62
N GLU C 82 41.04 -20.21 21.72
CA GLU C 82 40.37 -21.50 21.61
C GLU C 82 39.01 -21.37 20.94
N ARG C 83 38.22 -20.37 21.36
CA ARG C 83 36.88 -20.24 20.81
C ARG C 83 36.91 -19.77 19.35
N ALA C 84 37.84 -18.87 19.01
CA ALA C 84 37.91 -18.38 17.64
C ALA C 84 38.26 -19.52 16.68
N GLU C 85 39.23 -20.36 17.04
CA GLU C 85 39.57 -21.50 16.20
C GLU C 85 38.40 -22.46 16.08
N ARG C 86 37.66 -22.68 17.17
CA ARG C 86 36.52 -23.57 17.11
C ARG C 86 35.48 -23.01 16.15
N GLN C 87 35.22 -21.70 16.22
CA GLN C 87 34.38 -21.05 15.22
C GLN C 87 34.97 -21.22 13.82
N ASP C 88 36.30 -21.02 13.70
CA ASP C 88 36.96 -21.26 12.42
C ASP C 88 36.79 -22.71 11.97
N ARG C 89 36.89 -23.65 12.91
CA ARG C 89 36.73 -25.06 12.58
C ARG C 89 35.32 -25.34 12.06
N GLY C 90 34.30 -24.83 12.75
CA GLY C 90 32.93 -25.07 12.33
C GLY C 90 32.53 -24.28 11.10
N LEU C 91 33.05 -23.06 10.96
CA LEU C 91 32.70 -22.24 9.80
C LEU C 91 33.16 -22.90 8.52
N LYS C 92 34.35 -23.50 8.52
CA LYS C 92 34.81 -24.25 7.36
C LYS C 92 33.93 -25.46 7.11
N GLU C 93 33.67 -26.25 8.15
CA GLU C 93 32.83 -27.44 7.98
C GLU C 93 31.42 -27.07 7.57
N ALA C 94 30.89 -25.97 8.10
CA ALA C 94 29.60 -25.47 7.64
C ALA C 94 29.65 -25.09 6.17
N GLU C 95 30.73 -24.45 5.74
CA GLU C 95 30.85 -24.05 4.34
C GLU C 95 31.04 -25.25 3.42
N THR C 96 31.82 -26.25 3.85
CA THR C 96 31.93 -27.47 3.05
C THR C 96 30.59 -28.21 2.97
N THR C 97 29.87 -28.28 4.09
CA THR C 97 28.52 -28.84 4.03
C THR C 97 27.57 -27.92 3.29
N TYR C 98 27.82 -26.61 3.32
CA TYR C 98 27.10 -25.69 2.46
C TYR C 98 27.34 -26.01 0.99
N ALA C 99 28.60 -26.25 0.62
CA ALA C 99 28.92 -26.64 -0.75
C ALA C 99 28.27 -27.98 -1.10
N LYS C 100 28.12 -28.86 -0.11
CA LYS C 100 27.39 -30.09 -0.33
C LYS C 100 25.93 -29.80 -0.67
N LEU C 101 25.34 -28.81 0.00
CA LEU C 101 23.98 -28.39 -0.36
C LEU C 101 23.96 -27.66 -1.70
N VAL C 102 25.00 -26.88 -1.99
CA VAL C 102 25.05 -26.16 -3.26
C VAL C 102 25.06 -27.14 -4.43
N GLU C 103 25.86 -28.20 -4.33
CA GLU C 103 25.83 -29.23 -5.37
C GLU C 103 24.59 -30.09 -5.26
N SER C 104 23.94 -30.10 -4.10
CA SER C 104 22.77 -30.96 -3.90
C SER C 104 21.63 -30.57 -4.84
N GLN C 105 21.28 -29.29 -4.90
CA GLN C 105 20.22 -28.89 -5.81
C GLN C 105 20.67 -29.03 -7.27
N LYS C 106 21.95 -28.75 -7.55
CA LYS C 106 22.44 -28.80 -8.91
C LYS C 106 22.21 -30.17 -9.55
N THR C 107 22.32 -31.23 -8.76
CA THR C 107 21.99 -32.56 -9.26
C THR C 107 20.51 -32.64 -9.64
N LEU C 108 19.62 -32.37 -8.68
CA LEU C 108 18.20 -32.58 -8.92
C LEU C 108 17.62 -31.49 -9.82
N VAL C 109 18.17 -30.28 -9.77
CA VAL C 109 17.75 -29.25 -10.72
C VAL C 109 17.95 -29.73 -12.14
N ASP C 110 19.09 -30.37 -12.40
CA ASP C 110 19.28 -31.07 -13.67
C ASP C 110 18.28 -32.22 -13.80
N PHE C 111 17.94 -32.87 -12.69
CA PHE C 111 17.05 -34.02 -12.72
C PHE C 111 15.58 -33.64 -12.69
N VAL C 112 15.21 -32.52 -12.08
CA VAL C 112 13.81 -32.09 -12.08
C VAL C 112 13.40 -31.62 -13.46
N ARG C 113 14.32 -30.99 -14.19
CA ARG C 113 14.01 -30.48 -15.53
C ARG C 113 14.25 -31.52 -16.61
N LYS C 114 15.01 -32.59 -16.33
CA LYS C 114 15.06 -33.71 -17.26
C LYS C 114 13.79 -34.55 -17.17
N GLU C 115 13.25 -34.69 -15.96
CA GLU C 115 11.94 -35.32 -15.80
C GLU C 115 10.83 -34.37 -16.24
N TYR C 116 11.07 -33.06 -16.09
CA TYR C 116 10.14 -32.07 -16.63
C TYR C 116 10.03 -32.21 -18.15
N GLU C 117 11.13 -32.56 -18.82
CA GLU C 117 11.12 -32.71 -20.27
C GLU C 117 10.72 -34.12 -20.69
N ASP C 118 11.01 -35.13 -19.86
CA ASP C 118 10.66 -36.50 -20.23
C ASP C 118 9.15 -36.72 -20.28
N THR C 119 8.39 -35.97 -19.46
CA THR C 119 6.94 -36.09 -19.51
C THR C 119 6.34 -35.37 -20.70
N LYS C 120 7.11 -34.49 -21.35
CA LYS C 120 6.62 -33.79 -22.53
C LYS C 120 6.35 -34.76 -23.68
N HIS C 121 7.27 -35.70 -23.91
CA HIS C 121 7.03 -36.76 -24.89
C HIS C 121 5.87 -37.65 -24.46
N GLN C 122 5.80 -37.98 -23.18
CA GLN C 122 4.68 -38.78 -22.68
C GLN C 122 3.38 -37.99 -22.67
N LYS C 123 3.45 -36.66 -22.75
CA LYS C 123 2.25 -35.85 -22.94
C LYS C 123 1.77 -35.90 -24.39
N TYR C 124 2.61 -35.42 -25.31
CA TYR C 124 2.26 -35.38 -26.73
C TYR C 124 3.16 -36.28 -27.54
N GLY D 26 15.55 -16.87 3.60
CA GLY D 26 14.85 -18.12 3.40
C GLY D 26 15.55 -19.06 2.43
N SER D 27 15.49 -20.36 2.73
CA SER D 27 16.09 -21.42 1.91
C SER D 27 17.60 -21.16 1.86
N PHE D 28 18.22 -21.11 0.68
CA PHE D 28 19.65 -20.87 0.60
C PHE D 28 20.00 -19.45 1.05
N ASP D 29 19.05 -18.51 0.98
CA ASP D 29 19.31 -17.17 1.47
C ASP D 29 19.53 -17.15 2.98
N GLU D 30 18.67 -17.84 3.74
CA GLU D 30 18.79 -17.80 5.20
C GLU D 30 20.04 -18.55 5.68
N ILE D 31 20.38 -19.67 5.03
CA ILE D 31 21.60 -20.36 5.40
C ILE D 31 22.81 -19.54 5.00
N SER D 32 22.70 -18.76 3.92
CA SER D 32 23.72 -17.78 3.59
C SER D 32 23.82 -16.74 4.70
N GLN D 33 22.67 -16.24 5.18
CA GLN D 33 22.67 -15.37 6.35
C GLN D 33 23.18 -16.10 7.58
N TYR D 34 22.88 -17.40 7.69
CA TYR D 34 23.43 -18.20 8.78
C TYR D 34 24.96 -18.20 8.74
N ILE D 35 25.52 -18.43 7.55
CA ILE D 35 26.97 -18.31 7.38
C ILE D 35 27.42 -16.86 7.51
N GLN D 36 26.60 -15.93 7.00
CA GLN D 36 26.94 -14.51 7.07
C GLN D 36 27.10 -14.06 8.53
N GLU D 37 26.10 -14.34 9.36
CA GLU D 37 26.21 -13.98 10.77
C GLU D 37 27.26 -14.83 11.47
N LEU D 38 27.46 -16.07 11.01
CA LEU D 38 28.58 -16.86 11.49
C LEU D 38 29.91 -16.18 11.18
N GLU D 39 29.98 -15.50 10.03
CA GLU D 39 31.19 -14.77 9.67
C GLU D 39 31.33 -13.47 10.47
N GLU D 40 30.22 -12.77 10.72
CA GLU D 40 30.28 -11.56 11.53
C GLU D 40 30.72 -11.88 12.95
N GLU D 41 30.24 -12.99 13.51
CA GLU D 41 30.74 -13.44 14.80
C GLU D 41 32.23 -13.72 14.74
N ARG D 42 32.69 -14.33 13.64
CA ARG D 42 34.12 -14.49 13.42
C ARG D 42 34.80 -13.14 13.28
N ARG D 43 34.18 -12.21 12.55
CA ARG D 43 34.78 -10.90 12.36
C ARG D 43 34.91 -10.14 13.68
N LEU D 44 33.84 -10.16 14.49
CA LEU D 44 33.90 -9.47 15.78
C LEU D 44 34.88 -10.17 16.72
N THR D 45 34.99 -11.50 16.61
CA THR D 45 35.99 -12.23 17.38
C THR D 45 37.40 -11.80 16.99
N GLU D 46 37.64 -11.60 15.69
CA GLU D 46 38.95 -11.11 15.24
C GLU D 46 39.24 -9.73 15.81
N SER D 47 38.22 -8.87 15.86
CA SER D 47 38.40 -7.56 16.48
C SER D 47 38.75 -7.69 17.96
N SER D 48 38.08 -8.60 18.67
CA SER D 48 38.38 -8.78 20.08
C SER D 48 39.75 -9.40 20.30
N ILE D 49 40.19 -10.27 19.40
CA ILE D 49 41.51 -10.88 19.52
C ILE D 49 42.60 -9.81 19.39
N ARG D 50 42.53 -9.01 18.33
CA ARG D 50 43.50 -7.94 18.16
C ARG D 50 43.37 -6.90 19.26
N LYS D 51 42.15 -6.66 19.75
CA LYS D 51 41.95 -5.72 20.83
C LYS D 51 42.74 -6.12 22.07
N MET D 52 42.71 -7.41 22.41
CA MET D 52 43.43 -7.88 23.60
C MET D 52 44.94 -7.86 23.38
N GLU D 53 45.40 -7.92 22.13
CA GLU D 53 46.83 -7.89 21.85
C GLU D 53 47.43 -6.54 22.26
N LYS D 54 46.77 -5.44 21.91
CA LYS D 54 47.23 -4.14 22.37
C LYS D 54 47.00 -3.95 23.87
N GLU D 55 45.96 -4.57 24.42
CA GLU D 55 45.73 -4.50 25.86
C GLU D 55 46.90 -5.13 26.62
N LYS D 56 47.27 -6.35 26.25
CA LYS D 56 48.43 -6.99 26.87
C LYS D 56 49.71 -6.23 26.53
N SER D 57 49.82 -5.72 25.31
CA SER D 57 50.97 -4.90 24.97
C SER D 57 51.02 -3.64 25.83
N ASP D 58 49.86 -3.00 26.04
CA ASP D 58 49.81 -1.86 26.95
C ASP D 58 50.16 -2.27 28.38
N LEU D 59 49.64 -3.42 28.82
CA LEU D 59 50.02 -3.95 30.12
C LEU D 59 51.51 -4.27 30.17
N ASN D 60 52.04 -4.88 29.10
CA ASN D 60 53.47 -5.14 29.03
C ASN D 60 54.26 -3.86 28.87
N GLU D 61 53.63 -2.79 28.35
CA GLU D 61 54.33 -1.53 28.20
C GLU D 61 54.59 -0.87 29.56
N LYS D 62 53.57 -0.80 30.41
CA LYS D 62 53.71 -0.06 31.66
C LYS D 62 54.36 -0.88 32.76
N ILE D 63 54.41 -2.21 32.60
CA ILE D 63 55.13 -3.02 33.59
C ILE D 63 56.62 -2.73 33.51
N ASP D 64 57.14 -2.46 32.31
CA ASP D 64 58.52 -2.02 32.18
C ASP D 64 58.71 -0.64 32.80
N GLU D 65 57.73 0.25 32.64
CA GLU D 65 57.79 1.56 33.26
C GLU D 65 57.79 1.44 34.78
N LEU D 66 56.94 0.56 35.31
CA LEU D 66 56.93 0.34 36.76
C LEU D 66 58.19 -0.38 37.23
N THR D 67 58.67 -1.36 36.46
CA THR D 67 59.92 -2.03 36.83
C THR D 67 61.09 -1.06 36.82
N THR D 68 61.14 -0.17 35.83
CA THR D 68 62.15 0.88 35.83
C THR D 68 61.96 1.81 37.02
N ARG D 69 60.71 2.14 37.35
CA ARG D 69 60.44 2.93 38.54
C ARG D 69 60.87 2.18 39.80
N LYS D 70 60.59 0.88 39.86
CA LYS D 70 61.03 0.08 41.00
C LYS D 70 62.55 0.04 41.10
N CYS D 71 63.22 -0.15 39.97
CA CYS D 71 64.69 -0.15 39.98
C CYS D 71 65.23 1.23 40.34
N SER D 72 64.61 2.29 39.83
CA SER D 72 65.05 3.63 40.17
C SER D 72 64.86 3.92 41.66
N VAL D 73 63.72 3.51 42.21
CA VAL D 73 63.48 3.72 43.64
C VAL D 73 64.40 2.85 44.48
N ASP D 74 64.54 1.57 44.12
CA ASP D 74 65.36 0.66 44.90
C ASP D 74 66.84 1.04 44.85
N ALA D 75 67.32 1.50 43.70
CA ALA D 75 68.72 1.92 43.60
C ALA D 75 69.01 3.10 44.53
N ARG D 76 68.10 4.08 44.55
CA ARG D 76 68.28 5.20 45.47
C ARG D 76 68.02 4.76 46.91
N LEU D 77 67.09 3.83 47.13
CA LEU D 77 66.75 3.39 48.47
C LEU D 77 67.96 2.77 49.17
N GLN D 78 68.64 1.85 48.50
CA GLN D 78 69.79 1.19 49.11
C GLN D 78 70.99 2.13 49.16
N ALA D 79 71.18 2.96 48.13
CA ALA D 79 72.31 3.89 48.12
C ALA D 79 72.18 4.91 49.23
N GLU D 80 70.97 5.43 49.47
CA GLU D 80 70.77 6.39 50.55
C GLU D 80 71.02 5.75 51.90
N ASN D 81 70.64 4.48 52.06
CA ASN D 81 70.89 3.78 53.33
C ASN D 81 72.38 3.70 53.63
N GLU D 82 73.18 3.34 52.62
CA GLU D 82 74.63 3.30 52.81
C GLU D 82 75.20 4.70 53.02
N ARG D 83 74.69 5.68 52.27
CA ARG D 83 75.15 7.06 52.43
C ARG D 83 74.78 7.61 53.80
N ALA D 84 73.60 7.25 54.31
CA ALA D 84 73.19 7.75 55.62
C ALA D 84 73.94 7.05 56.74
N GLU D 85 74.15 5.73 56.63
CA GLU D 85 74.78 4.99 57.71
C GLU D 85 76.26 5.31 57.82
N ARG D 86 76.93 5.65 56.71
CA ARG D 86 78.33 6.02 56.78
C ARG D 86 78.51 7.35 57.51
N GLN D 87 77.57 8.28 57.33
CA GLN D 87 77.59 9.52 58.09
C GLN D 87 77.10 9.30 59.52
N ASP D 88 76.10 8.43 59.69
CA ASP D 88 75.56 8.17 61.02
C ASP D 88 76.61 7.55 61.93
N ARG D 89 77.27 6.49 61.46
CA ARG D 89 78.31 5.86 62.24
C ARG D 89 79.51 6.79 62.43
N GLY D 90 79.79 7.63 61.45
CA GLY D 90 80.82 8.64 61.63
C GLY D 90 80.45 9.66 62.68
N LEU D 91 79.17 10.01 62.76
CA LEU D 91 78.72 10.94 63.80
C LEU D 91 78.71 10.29 65.17
N LYS D 92 78.56 8.97 65.23
CA LYS D 92 78.66 8.28 66.52
C LYS D 92 80.04 8.44 67.12
N GLU D 93 81.09 8.40 66.27
CA GLU D 93 82.42 8.74 66.74
C GLU D 93 82.57 10.24 66.96
N ALA D 94 81.81 11.04 66.20
CA ALA D 94 81.88 12.49 66.35
C ALA D 94 81.22 12.94 67.65
N GLU D 95 80.09 12.34 68.01
CA GLU D 95 79.47 12.66 69.29
C GLU D 95 80.32 12.15 70.45
N THR D 96 81.05 11.05 70.23
CA THR D 96 82.05 10.64 71.22
C THR D 96 83.22 11.61 71.24
N THR D 97 83.56 12.17 70.07
CA THR D 97 84.61 13.19 70.02
C THR D 97 84.18 14.45 70.77
N TYR D 98 82.88 14.69 70.91
CA TYR D 98 82.41 15.80 71.71
C TYR D 98 82.85 15.64 73.17
N ALA D 99 82.77 14.41 73.69
CA ALA D 99 83.30 14.15 75.01
C ALA D 99 84.81 14.42 75.06
N LYS D 100 85.53 14.04 73.99
CA LYS D 100 86.93 14.40 73.89
C LYS D 100 87.10 15.91 73.81
N LEU D 101 86.22 16.59 73.07
CA LEU D 101 86.27 18.05 73.00
C LEU D 101 85.93 18.67 74.35
N VAL D 102 85.06 18.03 75.13
CA VAL D 102 84.80 18.48 76.49
C VAL D 102 86.07 18.40 77.33
N GLU D 103 86.79 17.29 77.23
CA GLU D 103 88.09 17.19 77.87
C GLU D 103 89.10 18.14 77.22
N SER D 104 89.01 18.34 75.91
CA SER D 104 89.89 19.28 75.24
C SER D 104 89.67 20.70 75.76
N GLN D 105 88.41 21.11 75.91
CA GLN D 105 88.12 22.40 76.52
C GLN D 105 88.64 22.46 77.95
N LYS D 106 88.47 21.35 78.70
CA LYS D 106 89.03 21.29 80.04
C LYS D 106 90.56 21.40 80.00
N THR D 107 91.20 20.72 79.06
CA THR D 107 92.66 20.71 78.99
C THR D 107 93.20 22.06 78.55
N LEU D 108 92.60 22.65 77.51
CA LEU D 108 93.12 23.92 76.99
C LEU D 108 93.03 25.04 78.02
N VAL D 109 91.90 25.12 78.73
CA VAL D 109 91.76 26.16 79.75
C VAL D 109 92.64 25.86 80.95
N ASP D 110 93.00 24.58 81.17
CA ASP D 110 93.80 24.21 82.33
C ASP D 110 95.17 24.88 82.29
N PHE D 111 95.90 24.74 81.18
CA PHE D 111 97.21 25.37 81.11
C PHE D 111 97.12 26.86 80.82
N VAL D 112 95.97 27.36 80.38
CA VAL D 112 95.78 28.81 80.30
C VAL D 112 95.78 29.40 81.71
N ARG D 113 95.08 28.75 82.64
CA ARG D 113 95.15 29.17 84.03
C ARG D 113 96.51 28.84 84.65
N LYS D 114 97.15 27.77 84.18
CA LYS D 114 98.53 27.51 84.61
C LYS D 114 99.46 28.62 84.16
N GLU D 115 99.29 29.11 82.93
CA GLU D 115 100.03 30.30 82.49
C GLU D 115 99.69 31.49 83.37
N TYR D 116 98.41 31.64 83.72
CA TYR D 116 98.05 32.64 84.73
C TYR D 116 98.70 32.32 86.06
N GLU D 117 98.64 31.06 86.48
CA GLU D 117 99.31 30.65 87.72
C GLU D 117 100.82 30.76 87.60
N ASP D 118 101.36 30.58 86.39
CA ASP D 118 102.79 30.83 86.18
C ASP D 118 103.14 32.28 86.48
N THR D 119 102.18 33.19 86.28
CA THR D 119 102.36 34.58 86.66
C THR D 119 101.83 34.87 88.05
N LYS D 120 100.80 34.14 88.49
CA LYS D 120 100.16 34.45 89.77
C LYS D 120 101.05 34.15 90.96
N HIS D 121 101.72 32.99 90.99
CA HIS D 121 102.55 32.69 92.15
C HIS D 121 103.79 33.57 92.18
N GLN D 122 104.17 34.13 91.03
CA GLN D 122 105.24 35.12 91.00
C GLN D 122 104.85 36.38 91.77
N LYS D 123 103.55 36.71 91.75
CA LYS D 123 103.07 37.81 92.57
C LYS D 123 103.12 37.46 94.05
N TYR D 124 102.76 36.22 94.40
CA TYR D 124 102.63 35.71 95.77
C TYR D 124 102.14 36.75 96.78
N GLY E 26 19.05 -4.88 -14.71
CA GLY E 26 20.29 -5.08 -15.43
C GLY E 26 20.09 -5.77 -16.77
N SER E 27 21.11 -6.53 -17.20
CA SER E 27 20.99 -7.25 -18.47
C SER E 27 20.50 -8.68 -18.25
N PHE E 28 21.05 -9.38 -17.26
CA PHE E 28 20.74 -10.80 -17.07
C PHE E 28 19.25 -11.02 -16.87
N ASP E 29 18.58 -10.10 -16.17
CA ASP E 29 17.13 -10.17 -16.06
C ASP E 29 16.47 -10.04 -17.44
N GLU E 30 16.94 -9.09 -18.24
CA GLU E 30 16.49 -9.00 -19.62
C GLU E 30 16.89 -10.23 -20.41
N ILE E 31 18.12 -10.72 -20.18
CA ILE E 31 18.58 -11.94 -20.86
C ILE E 31 17.67 -13.11 -20.51
N SER E 32 17.37 -13.28 -19.22
CA SER E 32 16.54 -14.39 -18.79
C SER E 32 15.11 -14.27 -19.31
N GLN E 33 14.55 -13.06 -19.27
CA GLN E 33 13.17 -12.87 -19.74
C GLN E 33 13.07 -13.01 -21.26
N TYR E 34 14.01 -12.41 -21.99
CA TYR E 34 13.95 -12.43 -23.45
C TYR E 34 14.10 -13.85 -23.98
N ILE E 35 14.98 -14.65 -23.39
CA ILE E 35 15.16 -16.02 -23.86
C ILE E 35 13.90 -16.84 -23.61
N GLN E 36 13.19 -16.56 -22.52
CA GLN E 36 11.89 -17.19 -22.30
C GLN E 36 10.90 -16.74 -23.36
N GLU E 37 10.89 -15.45 -23.71
CA GLU E 37 10.05 -14.98 -24.80
C GLU E 37 10.46 -15.62 -26.11
N LEU E 38 11.76 -15.77 -26.35
CA LEU E 38 12.22 -16.52 -27.51
C LEU E 38 11.73 -17.96 -27.46
N GLU E 39 11.84 -18.59 -26.28
CA GLU E 39 11.35 -19.96 -26.13
C GLU E 39 9.84 -20.01 -26.26
N GLU E 40 9.14 -19.03 -25.67
CA GLU E 40 7.68 -19.06 -25.70
C GLU E 40 7.15 -18.81 -27.12
N GLU E 41 7.76 -17.88 -27.85
CA GLU E 41 7.37 -17.71 -29.25
C GLU E 41 7.80 -18.91 -30.08
N ARG E 42 8.95 -19.50 -29.76
CA ARG E 42 9.33 -20.78 -30.35
C ARG E 42 8.25 -21.82 -30.18
N ARG E 43 7.70 -21.96 -28.96
CA ARG E 43 6.75 -23.03 -28.70
C ARG E 43 5.45 -22.80 -29.47
N LEU E 44 5.09 -21.53 -29.69
CA LEU E 44 3.96 -21.23 -30.57
C LEU E 44 4.28 -21.58 -32.02
N THR E 45 5.47 -21.22 -32.51
CA THR E 45 5.82 -21.55 -33.89
C THR E 45 5.92 -23.05 -34.10
N GLU E 46 6.55 -23.77 -33.16
CA GLU E 46 6.70 -25.21 -33.30
C GLU E 46 5.33 -25.90 -33.25
N SER E 47 4.45 -25.44 -32.36
CA SER E 47 3.10 -25.98 -32.29
C SER E 47 2.31 -25.66 -33.55
N SER E 48 2.48 -24.43 -34.07
CA SER E 48 1.76 -24.03 -35.27
C SER E 48 2.13 -24.90 -36.46
N ILE E 49 3.38 -25.35 -36.53
CA ILE E 49 3.79 -26.25 -37.60
C ILE E 49 3.07 -27.58 -37.50
N ARG E 50 2.91 -28.10 -36.29
CA ARG E 50 2.25 -29.39 -36.10
C ARG E 50 0.80 -29.35 -36.58
N LYS E 51 0.06 -28.30 -36.22
CA LYS E 51 -1.31 -28.17 -36.70
C LYS E 51 -1.35 -27.87 -38.19
N MET E 52 -0.32 -27.17 -38.70
CA MET E 52 -0.18 -27.01 -40.14
C MET E 52 0.07 -28.35 -40.82
N GLU E 53 0.90 -29.19 -40.20
CA GLU E 53 1.11 -30.54 -40.71
C GLU E 53 -0.17 -31.36 -40.62
N LYS E 54 -0.98 -31.11 -39.59
CA LYS E 54 -2.27 -31.78 -39.48
C LYS E 54 -3.17 -31.39 -40.66
N GLU E 55 -3.15 -30.13 -41.05
CA GLU E 55 -3.89 -29.69 -42.24
C GLU E 55 -3.38 -30.41 -43.49
N LYS E 56 -2.08 -30.64 -43.56
CA LYS E 56 -1.52 -31.39 -44.70
C LYS E 56 -2.10 -32.80 -44.74
N SER E 57 -2.21 -33.46 -43.59
CA SER E 57 -2.83 -34.78 -43.53
C SER E 57 -4.28 -34.72 -43.98
N ASP E 58 -5.00 -33.68 -43.55
CA ASP E 58 -6.39 -33.50 -43.96
C ASP E 58 -6.53 -33.44 -45.47
N LEU E 59 -5.62 -32.73 -46.12
CA LEU E 59 -5.61 -32.70 -47.59
C LEU E 59 -5.35 -34.09 -48.17
N ASN E 60 -4.57 -34.91 -47.46
CA ASN E 60 -4.28 -36.25 -47.96
C ASN E 60 -5.54 -37.10 -48.05
N GLU E 61 -6.39 -37.07 -47.02
CA GLU E 61 -7.66 -37.78 -47.10
C GLU E 61 -8.55 -37.18 -48.17
N LYS E 62 -8.59 -35.85 -48.23
CA LYS E 62 -9.38 -35.18 -49.27
C LYS E 62 -8.90 -35.56 -50.66
N ILE E 63 -7.58 -35.64 -50.85
CA ILE E 63 -7.05 -36.13 -52.11
C ILE E 63 -7.45 -37.58 -52.33
N ASP E 64 -7.22 -38.43 -51.32
CA ASP E 64 -7.50 -39.85 -51.45
C ASP E 64 -9.00 -40.13 -51.58
N GLU E 65 -9.83 -39.40 -50.83
CA GLU E 65 -11.27 -39.60 -50.93
C GLU E 65 -11.78 -39.18 -52.30
N LEU E 66 -11.23 -38.11 -52.87
CA LEU E 66 -11.70 -37.63 -54.16
C LEU E 66 -11.17 -38.48 -55.31
N THR E 67 -9.98 -39.06 -55.16
CA THR E 67 -9.44 -39.92 -56.22
C THR E 67 -10.29 -41.18 -56.41
N THR E 68 -10.66 -41.84 -55.31
CA THR E 68 -11.44 -43.07 -55.42
C THR E 68 -12.84 -42.77 -55.95
N ARG E 69 -13.33 -41.54 -55.73
CA ARG E 69 -14.56 -41.12 -56.38
C ARG E 69 -14.39 -41.08 -57.89
N LYS E 70 -13.25 -40.54 -58.36
CA LYS E 70 -12.98 -40.50 -59.79
C LYS E 70 -12.84 -41.90 -60.37
N CYS E 71 -12.12 -42.79 -59.67
CA CYS E 71 -11.94 -44.15 -60.16
C CYS E 71 -13.27 -44.90 -60.20
N SER E 72 -14.10 -44.73 -59.17
CA SER E 72 -15.37 -45.45 -59.12
C SER E 72 -16.30 -45.03 -60.24
N VAL E 73 -16.42 -43.72 -60.49
CA VAL E 73 -17.31 -43.27 -61.56
C VAL E 73 -16.76 -43.65 -62.93
N ASP E 74 -15.43 -43.65 -63.09
CA ASP E 74 -14.85 -44.09 -64.36
C ASP E 74 -15.16 -45.56 -64.62
N ALA E 75 -15.05 -46.41 -63.60
CA ALA E 75 -15.42 -47.81 -63.75
C ALA E 75 -16.92 -47.96 -64.02
N ARG E 76 -17.75 -47.19 -63.31
CA ARG E 76 -19.18 -47.23 -63.53
C ARG E 76 -19.57 -46.67 -64.89
N LEU E 77 -18.85 -45.64 -65.35
CA LEU E 77 -19.12 -45.08 -66.68
C LEU E 77 -18.87 -46.11 -67.76
N GLN E 78 -17.85 -46.96 -67.57
CA GLN E 78 -17.60 -48.04 -68.52
C GLN E 78 -18.79 -49.00 -68.57
N ALA E 79 -19.40 -49.29 -67.41
CA ALA E 79 -20.61 -50.10 -67.40
C ALA E 79 -21.75 -49.38 -68.12
N GLU E 80 -21.88 -48.08 -67.92
CA GLU E 80 -22.87 -47.30 -68.66
C GLU E 80 -22.52 -47.21 -70.13
N ASN E 81 -21.21 -47.19 -70.45
CA ASN E 81 -20.79 -47.08 -71.84
C ASN E 81 -21.29 -48.28 -72.66
N GLU E 82 -21.12 -49.49 -72.14
CA GLU E 82 -21.56 -50.68 -72.87
C GLU E 82 -23.08 -50.76 -72.94
N ARG E 83 -23.79 -50.21 -71.93
CA ARG E 83 -25.25 -50.26 -71.94
C ARG E 83 -25.82 -49.53 -73.16
N ALA E 84 -25.28 -48.35 -73.47
CA ALA E 84 -25.70 -47.66 -74.67
C ALA E 84 -25.17 -48.36 -75.92
N GLU E 85 -23.98 -48.97 -75.83
CA GLU E 85 -23.47 -49.74 -76.96
C GLU E 85 -24.37 -50.93 -77.28
N ARG E 86 -24.86 -51.62 -76.25
CA ARG E 86 -25.84 -52.67 -76.47
C ARG E 86 -27.12 -52.11 -77.09
N GLN E 87 -27.55 -50.93 -76.61
CA GLN E 87 -28.69 -50.27 -77.21
C GLN E 87 -28.42 -49.88 -78.65
N ASP E 88 -27.23 -49.35 -78.92
CA ASP E 88 -26.88 -48.94 -80.28
C ASP E 88 -26.82 -50.13 -81.22
N ARG E 89 -26.07 -51.17 -80.84
CA ARG E 89 -25.93 -52.33 -81.70
C ARG E 89 -27.28 -53.03 -81.89
N GLY E 90 -28.07 -53.13 -80.84
CA GLY E 90 -29.41 -53.68 -80.97
C GLY E 90 -30.31 -52.84 -81.86
N LEU E 91 -30.16 -51.51 -81.76
CA LEU E 91 -30.96 -50.60 -82.58
C LEU E 91 -30.64 -50.78 -84.06
N LYS E 92 -29.35 -50.88 -84.39
CA LYS E 92 -28.97 -51.03 -85.80
C LYS E 92 -29.52 -52.32 -86.39
N GLU E 93 -29.45 -53.42 -85.64
CA GLU E 93 -30.07 -54.66 -86.09
C GLU E 93 -31.58 -54.52 -86.17
N ALA E 94 -32.21 -53.90 -85.17
CA ALA E 94 -33.66 -53.76 -85.16
C ALA E 94 -34.15 -52.81 -86.23
N GLU E 95 -33.50 -51.66 -86.38
CA GLU E 95 -33.93 -50.68 -87.38
C GLU E 95 -33.79 -51.24 -88.79
N THR E 96 -32.68 -51.92 -89.07
CA THR E 96 -32.49 -52.52 -90.39
C THR E 96 -33.47 -53.67 -90.62
N THR E 97 -33.74 -54.47 -89.59
CA THR E 97 -34.65 -55.59 -89.74
C THR E 97 -36.06 -55.13 -90.09
N TYR E 98 -36.55 -54.08 -89.43
CA TYR E 98 -37.90 -53.60 -89.70
C TYR E 98 -38.02 -53.05 -91.12
N ALA E 99 -36.93 -52.54 -91.68
CA ALA E 99 -36.97 -52.06 -93.06
C ALA E 99 -37.31 -53.19 -94.03
N LYS E 100 -36.76 -54.38 -93.79
CA LYS E 100 -37.12 -55.53 -94.61
C LYS E 100 -38.57 -55.94 -94.39
N LEU E 101 -39.04 -55.87 -93.14
CA LEU E 101 -40.41 -56.27 -92.84
C LEU E 101 -41.42 -55.35 -93.51
N VAL E 102 -41.22 -54.03 -93.40
CA VAL E 102 -42.17 -53.10 -94.01
C VAL E 102 -42.13 -53.20 -95.53
N GLU E 103 -40.95 -53.41 -96.11
CA GLU E 103 -40.87 -53.64 -97.55
C GLU E 103 -41.60 -54.93 -97.93
N SER E 104 -41.41 -55.99 -97.14
CA SER E 104 -42.17 -57.21 -97.36
C SER E 104 -43.65 -57.00 -97.04
N GLN E 105 -43.96 -56.15 -96.05
CA GLN E 105 -45.36 -55.86 -95.73
C GLN E 105 -46.06 -55.23 -96.92
N LYS E 106 -45.44 -54.25 -97.56
CA LYS E 106 -46.03 -53.66 -98.76
C LYS E 106 -46.05 -54.65 -99.91
N THR E 107 -45.03 -55.51 -100.01
CA THR E 107 -45.01 -56.52 -101.06
C THR E 107 -46.16 -57.51 -100.89
N LEU E 108 -46.41 -57.95 -99.66
CA LEU E 108 -47.47 -58.94 -99.44
C LEU E 108 -48.85 -58.35 -99.68
N VAL E 109 -49.11 -57.14 -99.20
CA VAL E 109 -50.41 -56.51 -99.45
C VAL E 109 -50.57 -56.19 -100.92
N ASP E 110 -49.47 -55.93 -101.63
CA ASP E 110 -49.53 -55.82 -103.08
C ASP E 110 -49.93 -57.16 -103.72
N PHE E 111 -49.40 -58.26 -103.18
CA PHE E 111 -49.83 -59.58 -103.64
C PHE E 111 -51.31 -59.80 -103.30
N VAL E 112 -51.73 -59.36 -102.11
CA VAL E 112 -53.14 -59.44 -101.75
C VAL E 112 -53.97 -58.58 -102.68
N ARG E 113 -53.47 -57.38 -103.03
CA ARG E 113 -54.13 -56.57 -104.04
C ARG E 113 -54.21 -57.30 -105.36
N LYS E 114 -53.13 -57.97 -105.76
CA LYS E 114 -53.17 -58.82 -106.93
C LYS E 114 -54.05 -60.05 -106.71
N GLU E 115 -54.07 -60.57 -105.48
CA GLU E 115 -54.92 -61.72 -105.17
C GLU E 115 -56.39 -61.37 -105.34
N TYR E 116 -56.80 -60.17 -104.91
CA TYR E 116 -58.17 -59.73 -105.13
C TYR E 116 -58.48 -59.64 -106.61
N GLU E 117 -57.55 -59.11 -107.40
CA GLU E 117 -57.73 -59.11 -108.86
C GLU E 117 -57.74 -60.52 -109.41
N ASP E 118 -56.86 -61.39 -108.89
CA ASP E 118 -56.78 -62.76 -109.39
C ASP E 118 -58.07 -63.53 -109.12
N THR E 119 -58.68 -63.31 -107.96
CA THR E 119 -59.87 -64.06 -107.58
C THR E 119 -61.01 -63.80 -108.57
N LYS E 120 -61.29 -62.53 -108.88
CA LYS E 120 -62.35 -62.20 -109.81
C LYS E 120 -61.92 -62.37 -111.27
N HIS E 121 -60.62 -62.38 -111.55
CA HIS E 121 -60.17 -62.63 -112.92
C HIS E 121 -60.54 -64.03 -113.36
N GLN E 122 -60.38 -65.02 -112.48
CA GLN E 122 -60.84 -66.37 -112.79
C GLN E 122 -62.35 -66.42 -112.95
N LYS E 123 -63.07 -65.60 -112.19
CA LYS E 123 -64.52 -65.52 -112.34
C LYS E 123 -64.90 -64.99 -113.72
N TYR E 124 -64.17 -64.00 -114.21
CA TYR E 124 -64.42 -63.45 -115.54
C TYR E 124 -64.17 -64.50 -116.62
N GLY F 26 -51.19 -56.18 -88.13
CA GLY F 26 -50.92 -55.20 -87.09
C GLY F 26 -49.65 -55.48 -86.31
N SER F 27 -49.12 -56.69 -86.47
CA SER F 27 -47.89 -57.05 -85.77
C SER F 27 -46.70 -56.23 -86.25
N PHE F 28 -46.74 -55.76 -87.50
CA PHE F 28 -45.64 -54.96 -88.03
C PHE F 28 -45.47 -53.66 -87.26
N ASP F 29 -46.58 -53.01 -86.91
CA ASP F 29 -46.51 -51.76 -86.17
C ASP F 29 -46.18 -51.98 -84.70
N GLU F 30 -46.57 -53.12 -84.15
CA GLU F 30 -46.27 -53.41 -82.74
C GLU F 30 -44.77 -53.51 -82.51
N ILE F 31 -44.06 -54.24 -83.38
CA ILE F 31 -42.62 -54.32 -83.27
C ILE F 31 -41.98 -52.98 -83.61
N SER F 32 -42.58 -52.23 -84.54
CA SER F 32 -42.03 -50.93 -84.93
C SER F 32 -41.95 -50.00 -83.73
N GLN F 33 -43.04 -49.89 -82.96
CA GLN F 33 -43.01 -49.08 -81.74
C GLN F 33 -42.05 -49.69 -80.72
N TYR F 34 -42.00 -51.02 -80.63
CA TYR F 34 -41.04 -51.67 -79.75
C TYR F 34 -39.61 -51.34 -80.14
N ILE F 35 -39.32 -51.34 -81.44
CA ILE F 35 -38.02 -50.87 -81.91
C ILE F 35 -37.84 -49.39 -81.61
N GLN F 36 -38.90 -48.59 -81.85
CA GLN F 36 -38.86 -47.18 -81.48
C GLN F 36 -38.81 -47.00 -79.97
N GLU F 37 -39.30 -47.97 -79.20
CA GLU F 37 -39.10 -47.94 -77.76
C GLU F 37 -37.63 -48.10 -77.42
N LEU F 38 -36.92 -48.98 -78.13
CA LEU F 38 -35.48 -49.12 -77.95
C LEU F 38 -34.75 -47.89 -78.48
N GLU F 39 -35.36 -47.18 -79.43
CA GLU F 39 -34.84 -45.87 -79.83
C GLU F 39 -34.79 -44.91 -78.65
N GLU F 40 -35.85 -44.89 -77.84
CA GLU F 40 -35.91 -43.96 -76.71
C GLU F 40 -34.93 -44.36 -75.62
N GLU F 41 -34.76 -45.66 -75.37
CA GLU F 41 -33.89 -46.11 -74.30
C GLU F 41 -32.45 -45.71 -74.54
N ARG F 42 -32.00 -45.76 -75.80
CA ARG F 42 -30.62 -45.38 -76.10
C ARG F 42 -30.37 -43.90 -75.81
N ARG F 43 -31.33 -43.04 -76.15
CA ARG F 43 -31.13 -41.61 -75.97
C ARG F 43 -31.03 -41.24 -74.50
N LEU F 44 -31.89 -41.82 -73.65
CA LEU F 44 -31.79 -41.56 -72.22
C LEU F 44 -30.50 -42.16 -71.64
N THR F 45 -30.08 -43.32 -72.15
CA THR F 45 -28.80 -43.89 -71.72
C THR F 45 -27.64 -43.02 -72.17
N GLU F 46 -27.69 -42.53 -73.41
CA GLU F 46 -26.62 -41.66 -73.91
C GLU F 46 -26.58 -40.35 -73.14
N SER F 47 -27.76 -39.80 -72.81
CA SER F 47 -27.82 -38.60 -71.99
C SER F 47 -27.22 -38.85 -70.60
N SER F 48 -27.49 -40.04 -70.05
CA SER F 48 -26.88 -40.40 -68.76
C SER F 48 -25.37 -40.46 -68.87
N ILE F 49 -24.85 -41.01 -69.96
CA ILE F 49 -23.41 -41.05 -70.17
C ILE F 49 -22.85 -39.64 -70.31
N ARG F 50 -23.52 -38.80 -71.10
CA ARG F 50 -23.03 -37.44 -71.33
C ARG F 50 -22.99 -36.64 -70.03
N LYS F 51 -24.03 -36.77 -69.20
CA LYS F 51 -24.02 -36.07 -67.92
C LYS F 51 -22.97 -36.65 -66.98
N MET F 52 -22.75 -37.97 -67.05
CA MET F 52 -21.76 -38.59 -66.17
C MET F 52 -20.35 -38.37 -66.69
N GLU F 53 -20.17 -38.34 -68.01
CA GLU F 53 -18.88 -38.01 -68.57
C GLU F 53 -18.46 -36.59 -68.19
N LYS F 54 -19.42 -35.66 -68.18
CA LYS F 54 -19.13 -34.30 -67.76
C LYS F 54 -18.66 -34.27 -66.31
N GLU F 55 -19.33 -35.04 -65.44
CA GLU F 55 -18.87 -35.15 -64.06
C GLU F 55 -17.53 -35.88 -63.97
N LYS F 56 -17.25 -36.80 -64.90
CA LYS F 56 -15.96 -37.46 -64.91
C LYS F 56 -14.82 -36.46 -65.09
N SER F 57 -15.01 -35.50 -66.02
CA SER F 57 -14.07 -34.39 -66.11
C SER F 57 -14.17 -33.48 -64.89
N ASP F 58 -15.38 -33.31 -64.35
CA ASP F 58 -15.54 -32.52 -63.14
C ASP F 58 -14.86 -33.17 -61.95
N LEU F 59 -14.94 -34.50 -61.85
CA LEU F 59 -14.24 -35.21 -60.79
C LEU F 59 -12.73 -35.06 -60.95
N ASN F 60 -12.23 -35.13 -62.18
CA ASN F 60 -10.81 -35.01 -62.43
C ASN F 60 -10.30 -33.58 -62.29
N GLU F 61 -11.11 -32.58 -62.66
CA GLU F 61 -10.68 -31.20 -62.47
C GLU F 61 -10.70 -30.80 -61.00
N LYS F 62 -11.59 -31.40 -60.20
CA LYS F 62 -11.53 -31.22 -58.76
C LYS F 62 -10.26 -31.85 -58.19
N ILE F 63 -9.82 -32.97 -58.77
CA ILE F 63 -8.50 -33.51 -58.41
C ILE F 63 -7.42 -32.48 -58.71
N ASP F 64 -7.47 -31.86 -59.90
CA ASP F 64 -6.53 -30.80 -60.22
C ASP F 64 -6.71 -29.60 -59.29
N GLU F 65 -7.96 -29.24 -58.99
CA GLU F 65 -8.21 -28.14 -58.06
C GLU F 65 -7.66 -28.47 -56.67
N LEU F 66 -7.87 -29.70 -56.20
CA LEU F 66 -7.26 -30.12 -54.96
C LEU F 66 -5.76 -30.35 -55.10
N THR F 67 -5.29 -30.65 -56.32
CA THR F 67 -3.86 -30.76 -56.54
C THR F 67 -3.17 -29.42 -56.31
N THR F 68 -3.80 -28.32 -56.74
CA THR F 68 -3.28 -27.00 -56.45
C THR F 68 -3.21 -26.77 -54.94
N ARG F 69 -4.25 -27.18 -54.22
CA ARG F 69 -4.18 -27.19 -52.76
C ARG F 69 -3.13 -28.18 -52.29
N LYS F 70 -3.07 -29.36 -52.90
CA LYS F 70 -2.06 -30.36 -52.53
C LYS F 70 -0.65 -29.84 -52.82
N CYS F 71 -0.45 -29.24 -53.99
CA CYS F 71 0.86 -28.68 -54.31
C CYS F 71 1.21 -27.54 -53.37
N SER F 72 0.22 -26.69 -53.06
CA SER F 72 0.47 -25.59 -52.13
C SER F 72 0.80 -26.11 -50.74
N VAL F 73 0.00 -27.05 -50.24
CA VAL F 73 0.23 -27.55 -48.88
C VAL F 73 1.51 -28.36 -48.81
N ASP F 74 1.84 -29.11 -49.86
CA ASP F 74 3.09 -29.85 -49.87
C ASP F 74 4.29 -28.91 -49.90
N ALA F 75 4.23 -27.88 -50.75
CA ALA F 75 5.34 -26.95 -50.86
C ALA F 75 5.53 -26.15 -49.58
N ARG F 76 4.44 -25.71 -48.95
CA ARG F 76 4.56 -24.91 -47.74
C ARG F 76 5.00 -25.75 -46.56
N LEU F 77 4.54 -27.00 -46.47
CA LEU F 77 4.97 -27.86 -45.37
C LEU F 77 6.39 -28.36 -45.55
N GLN F 78 6.79 -28.71 -46.77
CA GLN F 78 8.18 -29.10 -46.99
C GLN F 78 9.12 -27.92 -46.73
N ALA F 79 8.66 -26.70 -46.99
CA ALA F 79 9.37 -25.52 -46.53
C ALA F 79 9.15 -25.24 -45.06
N GLU F 80 8.02 -25.67 -44.49
CA GLU F 80 7.79 -25.50 -43.06
C GLU F 80 8.70 -26.43 -42.25
N ASN F 81 9.00 -27.61 -42.80
CA ASN F 81 10.03 -28.45 -42.21
C ASN F 81 11.37 -27.74 -42.24
N GLU F 82 11.66 -27.04 -43.34
CA GLU F 82 12.83 -26.16 -43.37
C GLU F 82 12.70 -25.05 -42.34
N ARG F 83 11.49 -24.49 -42.20
CA ARG F 83 11.27 -23.51 -41.13
C ARG F 83 11.47 -24.15 -39.76
N ALA F 84 10.98 -25.37 -39.57
CA ALA F 84 11.12 -26.05 -38.29
C ALA F 84 12.59 -26.27 -37.94
N GLU F 85 13.38 -26.76 -38.89
CA GLU F 85 14.80 -26.96 -38.64
C GLU F 85 15.54 -25.63 -38.52
N ARG F 86 15.13 -24.61 -39.29
CA ARG F 86 15.70 -23.28 -39.12
C ARG F 86 15.41 -22.75 -37.73
N GLN F 87 14.21 -23.04 -37.20
CA GLN F 87 13.94 -22.71 -35.80
C GLN F 87 14.83 -23.53 -34.88
N ASP F 88 15.06 -24.80 -35.21
CA ASP F 88 15.88 -25.65 -34.37
C ASP F 88 17.30 -25.12 -34.28
N ARG F 89 17.87 -24.71 -35.41
CA ARG F 89 19.16 -24.04 -35.38
C ARG F 89 19.05 -22.67 -34.72
N GLY F 90 17.87 -22.07 -34.76
CA GLY F 90 17.66 -20.80 -34.08
C GLY F 90 17.78 -20.91 -32.57
N LEU F 91 17.14 -21.92 -31.98
CA LEU F 91 17.27 -22.13 -30.54
C LEU F 91 18.64 -22.71 -30.20
N LYS F 92 19.20 -23.51 -31.10
CA LYS F 92 20.50 -24.14 -30.83
C LYS F 92 21.54 -23.09 -30.46
N GLU F 93 21.63 -22.02 -31.25
CA GLU F 93 22.46 -20.89 -30.86
C GLU F 93 21.90 -20.20 -29.61
N ALA F 94 20.57 -20.01 -29.56
CA ALA F 94 19.96 -19.31 -28.43
C ALA F 94 20.15 -20.10 -27.14
N GLU F 95 19.92 -21.41 -27.18
CA GLU F 95 20.16 -22.24 -26.00
C GLU F 95 21.64 -22.25 -25.63
N THR F 96 22.52 -22.38 -26.63
CA THR F 96 23.95 -22.39 -26.35
C THR F 96 24.40 -21.06 -25.79
N THR F 97 24.01 -19.96 -26.44
CA THR F 97 24.44 -18.64 -25.97
C THR F 97 23.91 -18.33 -24.58
N TYR F 98 22.64 -18.67 -24.31
CA TYR F 98 22.12 -18.53 -22.95
C TYR F 98 22.86 -19.44 -21.99
N ALA F 99 23.12 -20.69 -22.40
CA ALA F 99 23.94 -21.57 -21.58
C ALA F 99 25.36 -21.04 -21.46
N LYS F 100 25.91 -20.51 -22.55
CA LYS F 100 27.24 -19.91 -22.49
C LYS F 100 27.25 -18.70 -21.56
N LEU F 101 26.17 -17.92 -21.55
CA LEU F 101 26.13 -16.76 -20.67
C LEU F 101 26.00 -17.16 -19.21
N VAL F 102 25.04 -18.04 -18.90
CA VAL F 102 24.74 -18.35 -17.51
C VAL F 102 25.95 -18.97 -16.81
N GLU F 103 26.71 -19.80 -17.52
CA GLU F 103 27.96 -20.30 -16.96
C GLU F 103 28.97 -19.17 -16.82
N SER F 104 29.05 -18.29 -17.83
CA SER F 104 29.95 -17.15 -17.76
C SER F 104 29.43 -16.11 -16.76
N GLN F 105 28.12 -15.87 -16.74
CA GLN F 105 27.56 -14.88 -15.82
C GLN F 105 27.84 -15.28 -14.37
N LYS F 106 27.48 -16.50 -13.99
CA LYS F 106 27.65 -16.92 -12.60
C LYS F 106 29.13 -16.95 -12.20
N THR F 107 30.00 -17.47 -13.07
CA THR F 107 31.42 -17.57 -12.70
C THR F 107 32.05 -16.20 -12.60
N LEU F 108 31.66 -15.27 -13.47
CA LEU F 108 32.29 -13.94 -13.44
C LEU F 108 31.77 -13.11 -12.28
N VAL F 109 30.51 -13.31 -11.89
CA VAL F 109 29.98 -12.61 -10.71
C VAL F 109 30.75 -13.04 -9.46
N ASP F 110 30.91 -14.35 -9.27
CA ASP F 110 31.66 -14.81 -8.10
C ASP F 110 33.15 -14.50 -8.25
N PHE F 111 33.63 -14.39 -9.49
CA PHE F 111 34.99 -13.88 -9.69
C PHE F 111 35.11 -12.46 -9.17
N VAL F 112 34.09 -11.63 -9.43
CA VAL F 112 34.07 -10.28 -8.87
C VAL F 112 33.93 -10.33 -7.35
N ARG F 113 33.05 -11.20 -6.83
CA ARG F 113 32.96 -11.36 -5.39
C ARG F 113 34.29 -11.79 -4.80
N LYS F 114 34.99 -12.71 -5.48
CA LYS F 114 36.31 -13.11 -5.04
C LYS F 114 37.24 -11.90 -4.97
N GLU F 115 37.24 -11.08 -6.02
CA GLU F 115 37.94 -9.80 -5.94
C GLU F 115 37.31 -8.89 -4.89
N TYR F 116 35.98 -8.87 -4.82
CA TYR F 116 35.32 -8.03 -3.84
C TYR F 116 35.64 -8.47 -2.42
N GLU F 117 35.68 -9.78 -2.17
CA GLU F 117 35.99 -10.28 -0.84
C GLU F 117 37.41 -9.87 -0.42
N ASP F 118 38.40 -10.13 -1.28
CA ASP F 118 39.77 -9.75 -0.95
C ASP F 118 39.92 -8.25 -0.83
N THR F 119 39.21 -7.47 -1.65
CA THR F 119 39.21 -6.03 -1.50
C THR F 119 38.60 -5.62 -0.16
N LYS F 120 37.50 -6.27 0.23
CA LYS F 120 36.94 -6.03 1.56
C LYS F 120 37.87 -6.54 2.65
N HIS F 121 38.52 -7.69 2.41
CA HIS F 121 39.43 -8.24 3.41
C HIS F 121 40.61 -7.32 3.67
N GLN F 122 41.17 -6.74 2.61
CA GLN F 122 42.31 -5.85 2.77
C GLN F 122 41.94 -4.56 3.49
N LYS F 123 40.69 -4.11 3.35
CA LYS F 123 40.25 -2.87 3.99
C LYS F 123 39.52 -3.12 5.30
N TYR F 124 39.16 -4.36 5.61
CA TYR F 124 38.47 -4.68 6.85
C TYR F 124 39.15 -5.83 7.60
N GLY G 26 93.71 39.83 56.13
CA GLY G 26 92.34 40.13 55.75
C GLY G 26 91.95 39.51 54.41
N SER G 27 92.89 39.53 53.46
CA SER G 27 92.62 38.96 52.15
C SER G 27 92.50 37.44 52.21
N PHE G 28 93.01 36.81 53.27
CA PHE G 28 92.94 35.37 53.38
C PHE G 28 91.50 34.88 53.50
N ASP G 29 90.67 35.62 54.23
CA ASP G 29 89.29 35.19 54.45
C ASP G 29 88.38 35.61 53.31
N GLU G 30 88.57 36.82 52.77
CA GLU G 30 87.69 37.31 51.71
C GLU G 30 87.81 36.46 50.46
N ILE G 31 89.04 36.09 50.08
CA ILE G 31 89.23 35.23 48.91
C ILE G 31 88.66 33.84 49.16
N SER G 32 88.92 33.28 50.35
CA SER G 32 88.44 31.94 50.66
C SER G 32 86.92 31.89 50.70
N GLN G 33 86.28 32.94 51.22
CA GLN G 33 84.83 32.98 51.27
C GLN G 33 84.23 32.96 49.87
N TYR G 34 84.82 33.71 48.94
CA TYR G 34 84.33 33.69 47.56
C TYR G 34 84.59 32.34 46.89
N ILE G 35 85.64 31.64 47.32
CA ILE G 35 85.90 30.30 46.78
C ILE G 35 84.76 29.36 47.13
N GLN G 36 84.29 29.42 48.38
CA GLN G 36 83.16 28.58 48.79
C GLN G 36 81.89 28.92 48.00
N GLU G 37 81.65 30.21 47.78
CA GLU G 37 80.50 30.62 46.96
C GLU G 37 80.64 30.11 45.54
N LEU G 38 81.84 30.20 44.96
CA LEU G 38 82.08 29.63 43.64
C LEU G 38 81.95 28.12 43.68
N GLU G 39 82.45 27.48 44.73
CA GLU G 39 82.28 26.03 44.88
C GLU G 39 80.81 25.67 45.04
N GLU G 40 80.03 26.53 45.70
CA GLU G 40 78.59 26.31 45.76
C GLU G 40 77.96 26.39 44.37
N GLU G 41 78.43 27.32 43.54
CA GLU G 41 77.96 27.40 42.16
C GLU G 41 78.38 26.17 41.36
N ARG G 42 79.53 25.59 41.69
CA ARG G 42 79.98 24.37 40.99
C ARG G 42 78.99 23.23 41.19
N ARG G 43 78.50 23.05 42.41
CA ARG G 43 77.48 22.04 42.66
C ARG G 43 76.18 22.39 41.94
N LEU G 44 75.83 23.68 41.91
CA LEU G 44 74.62 24.10 41.20
C LEU G 44 74.72 23.81 39.71
N THR G 45 75.90 24.04 39.12
CA THR G 45 76.09 23.72 37.71
C THR G 45 75.96 22.23 37.46
N GLU G 46 76.51 21.40 38.37
CA GLU G 46 76.39 19.96 38.23
C GLU G 46 74.93 19.53 38.29
N SER G 47 74.13 20.14 39.17
CA SER G 47 72.72 19.79 39.26
C SER G 47 72.00 20.09 37.95
N SER G 48 72.30 21.23 37.33
CA SER G 48 71.73 21.53 36.02
C SER G 48 72.23 20.55 34.96
N ILE G 49 73.50 20.16 35.05
CA ILE G 49 74.07 19.20 34.10
C ILE G 49 73.36 17.86 34.21
N ARG G 50 73.18 17.38 35.43
CA ARG G 50 72.49 16.10 35.64
C ARG G 50 71.03 16.19 35.20
N LYS G 51 70.37 17.32 35.48
CA LYS G 51 69.00 17.50 35.01
C LYS G 51 68.94 17.55 33.48
N MET G 52 69.95 18.14 32.84
CA MET G 52 69.98 18.19 31.39
C MET G 52 70.08 16.78 30.79
N GLU G 53 70.84 15.90 31.44
CA GLU G 53 70.88 14.51 31.01
C GLU G 53 69.51 13.85 31.15
N LYS G 54 68.82 14.12 32.26
CA LYS G 54 67.46 13.60 32.41
C LYS G 54 66.52 14.19 31.37
N GLU G 55 66.66 15.48 31.08
CA GLU G 55 65.87 16.08 30.00
C GLU G 55 66.23 15.46 28.66
N LYS G 56 67.52 15.17 28.45
CA LYS G 56 67.93 14.46 27.24
C LYS G 56 67.32 13.08 27.18
N SER G 57 67.28 12.37 28.32
CA SER G 57 66.66 11.05 28.36
C SER G 57 65.17 11.13 28.05
N ASP G 58 64.51 12.19 28.54
CA ASP G 58 63.10 12.39 28.21
C ASP G 58 62.90 12.57 26.72
N LEU G 59 63.79 13.34 26.07
CA LEU G 59 63.72 13.51 24.63
C LEU G 59 63.99 12.20 23.90
N ASN G 60 64.94 11.41 24.41
CA ASN G 60 65.26 10.13 23.78
C ASN G 60 64.07 9.18 23.80
N GLU G 61 63.39 9.10 24.95
CA GLU G 61 62.25 8.21 25.07
C GLU G 61 61.13 8.61 24.12
N LYS G 62 60.85 9.91 24.01
CA LYS G 62 59.80 10.37 23.13
C LYS G 62 60.17 10.19 21.66
N ILE G 63 61.43 10.47 21.31
CA ILE G 63 61.84 10.33 19.92
C ILE G 63 61.96 8.86 19.53
N ASP G 64 62.29 7.99 20.48
CA ASP G 64 62.30 6.56 20.18
C ASP G 64 60.90 5.98 20.13
N GLU G 65 59.98 6.51 20.94
CA GLU G 65 58.57 6.13 20.80
C GLU G 65 58.04 6.52 19.43
N LEU G 66 58.52 7.65 18.90
CA LEU G 66 58.17 8.04 17.53
C LEU G 66 58.68 7.02 16.53
N THR G 67 59.91 6.52 16.73
CA THR G 67 60.47 5.53 15.81
C THR G 67 59.62 4.26 15.81
N THR G 68 59.16 3.82 16.99
CA THR G 68 58.24 2.69 17.04
C THR G 68 56.93 3.03 16.34
N ARG G 69 56.42 4.24 16.55
CA ARG G 69 55.19 4.66 15.87
C ARG G 69 55.42 4.85 14.39
N LYS G 70 56.54 5.48 14.01
CA LYS G 70 56.82 5.71 12.60
C LYS G 70 57.01 4.40 11.85
N CYS G 71 57.74 3.45 12.46
CA CYS G 71 57.91 2.15 11.82
C CYS G 71 56.60 1.38 11.75
N SER G 72 55.72 1.56 12.74
CA SER G 72 54.43 0.87 12.71
C SER G 72 53.57 1.36 11.55
N VAL G 73 53.44 2.68 11.39
CA VAL G 73 52.65 3.21 10.30
C VAL G 73 53.33 2.97 8.96
N ASP G 74 54.68 3.05 8.92
CA ASP G 74 55.39 2.78 7.68
C ASP G 74 55.19 1.35 7.23
N ALA G 75 55.27 0.39 8.17
CA ALA G 75 54.97 -0.99 7.83
C ALA G 75 53.51 -1.17 7.42
N ARG G 76 52.62 -0.36 8.00
CA ARG G 76 51.21 -0.39 7.58
C ARG G 76 51.02 0.35 6.26
N LEU G 77 51.77 1.43 6.03
CA LEU G 77 51.62 2.19 4.80
C LEU G 77 52.10 1.40 3.60
N GLN G 78 53.23 0.70 3.74
CA GLN G 78 53.69 -0.17 2.64
C GLN G 78 52.70 -1.30 2.40
N ALA G 79 52.11 -1.82 3.48
CA ALA G 79 51.01 -2.78 3.31
C ALA G 79 49.81 -2.11 2.65
N GLU G 80 49.54 -0.85 2.98
CA GLU G 80 48.47 -0.12 2.32
C GLU G 80 48.76 0.05 0.84
N ASN G 81 50.02 0.34 0.49
CA ASN G 81 50.38 0.46 -0.91
C ASN G 81 50.20 -0.87 -1.65
N GLU G 82 50.58 -1.98 -1.01
CA GLU G 82 50.44 -3.27 -1.64
C GLU G 82 48.97 -3.64 -1.85
N ARG G 83 48.14 -3.44 -0.83
CA ARG G 83 46.73 -3.83 -0.94
C ARG G 83 45.98 -2.92 -1.90
N ALA G 84 46.27 -1.62 -1.89
CA ALA G 84 45.57 -0.69 -2.77
C ALA G 84 45.85 -1.03 -4.24
N GLU G 85 47.11 -1.32 -4.57
CA GLU G 85 47.44 -1.70 -5.94
C GLU G 85 46.76 -3.01 -6.33
N ARG G 86 46.70 -3.96 -5.39
CA ARG G 86 46.04 -5.23 -5.67
C ARG G 86 44.56 -4.99 -5.97
N GLN G 87 43.91 -4.13 -5.17
CA GLN G 87 42.55 -3.71 -5.48
C GLN G 87 42.50 -3.00 -6.82
N ASP G 88 43.48 -2.13 -7.10
CA ASP G 88 43.56 -1.49 -8.41
C ASP G 88 43.75 -2.53 -9.51
N ARG G 89 44.56 -3.55 -9.25
CA ARG G 89 44.80 -4.61 -10.23
C ARG G 89 43.50 -5.36 -10.54
N GLY G 90 42.77 -5.74 -9.49
CA GLY G 90 41.54 -6.49 -9.69
C GLY G 90 40.40 -5.65 -10.20
N LEU G 91 40.33 -4.38 -9.77
CA LEU G 91 39.25 -3.50 -10.23
C LEU G 91 39.31 -3.30 -11.74
N LYS G 92 40.52 -3.14 -12.28
CA LYS G 92 40.67 -3.05 -13.73
C LYS G 92 40.26 -4.36 -14.41
N GLU G 93 40.78 -5.48 -13.91
CA GLU G 93 40.43 -6.77 -14.50
C GLU G 93 38.95 -7.07 -14.37
N ALA G 94 38.35 -6.69 -13.24
CA ALA G 94 36.90 -6.82 -13.10
C ALA G 94 36.18 -5.96 -14.12
N GLU G 95 36.67 -4.74 -14.36
CA GLU G 95 36.01 -3.85 -15.32
C GLU G 95 36.21 -4.34 -16.75
N THR G 96 37.39 -4.86 -17.08
CA THR G 96 37.57 -5.46 -18.41
C THR G 96 36.69 -6.69 -18.60
N THR G 97 36.60 -7.54 -17.57
CA THR G 97 35.65 -8.65 -17.64
C THR G 97 34.22 -8.16 -17.58
N TYR G 98 33.98 -7.03 -16.91
CA TYR G 98 32.67 -6.39 -16.98
C TYR G 98 32.36 -5.97 -18.42
N ALA G 99 33.33 -5.35 -19.10
CA ALA G 99 33.13 -4.99 -20.49
C ALA G 99 32.94 -6.22 -21.36
N LYS G 100 33.55 -7.35 -20.99
CA LYS G 100 33.28 -8.60 -21.67
C LYS G 100 31.82 -9.00 -21.51
N LEU G 101 31.26 -8.81 -20.31
CA LEU G 101 29.84 -9.05 -20.11
C LEU G 101 28.99 -8.01 -20.83
N VAL G 102 29.45 -6.76 -20.87
CA VAL G 102 28.69 -5.71 -21.55
C VAL G 102 28.54 -6.04 -23.03
N GLU G 103 29.62 -6.47 -23.66
CA GLU G 103 29.53 -6.89 -25.06
C GLU G 103 28.84 -8.25 -25.17
N SER G 104 28.80 -9.02 -24.09
CA SER G 104 28.23 -10.36 -24.15
C SER G 104 26.74 -10.32 -24.49
N GLN G 105 25.97 -9.48 -23.80
CA GLN G 105 24.55 -9.40 -24.11
C GLN G 105 24.34 -8.73 -25.48
N LYS G 106 25.19 -7.75 -25.81
CA LYS G 106 25.02 -7.02 -27.08
C LYS G 106 25.04 -7.97 -28.27
N THR G 107 25.86 -9.02 -28.21
CA THR G 107 25.84 -10.03 -29.26
C THR G 107 24.48 -10.73 -29.32
N LEU G 108 24.05 -11.33 -28.20
CA LEU G 108 22.84 -12.15 -28.24
C LEU G 108 21.59 -11.29 -28.28
N VAL G 109 21.64 -10.08 -27.71
CA VAL G 109 20.51 -9.15 -27.85
C VAL G 109 20.24 -8.89 -29.32
N ASP G 110 21.30 -8.71 -30.11
CA ASP G 110 21.16 -8.68 -31.55
C ASP G 110 20.69 -10.03 -32.08
N PHE G 111 21.11 -11.12 -31.44
CA PHE G 111 20.78 -12.46 -31.89
C PHE G 111 19.42 -12.95 -31.38
N VAL G 112 18.99 -12.50 -30.20
CA VAL G 112 17.67 -12.90 -29.69
C VAL G 112 16.56 -12.23 -30.50
N ARG G 113 16.79 -11.00 -30.95
CA ARG G 113 15.79 -10.29 -31.73
C ARG G 113 15.89 -10.57 -33.22
N LYS G 114 17.02 -11.09 -33.70
CA LYS G 114 17.05 -11.58 -35.07
C LYS G 114 16.34 -12.93 -35.18
N GLU G 115 16.48 -13.77 -34.16
CA GLU G 115 15.67 -14.99 -34.09
C GLU G 115 14.22 -14.67 -33.73
N TYR G 116 14.01 -13.60 -32.96
CA TYR G 116 12.66 -13.12 -32.71
C TYR G 116 11.97 -12.73 -34.00
N GLU G 117 12.71 -12.18 -34.95
CA GLU G 117 12.14 -11.77 -36.23
C GLU G 117 12.13 -12.90 -37.24
N ASP G 118 13.08 -13.84 -37.16
CA ASP G 118 13.12 -14.94 -38.11
C ASP G 118 11.92 -15.87 -37.96
N THR G 119 11.38 -15.99 -36.75
CA THR G 119 10.20 -16.83 -36.55
C THR G 119 8.93 -16.15 -37.04
N LYS G 120 8.98 -14.83 -37.27
CA LYS G 120 7.81 -14.11 -37.77
C LYS G 120 7.44 -14.57 -39.17
N HIS G 121 8.44 -14.74 -40.04
CA HIS G 121 8.20 -15.31 -41.36
C HIS G 121 7.73 -16.76 -41.26
N GLN G 122 8.35 -17.53 -40.35
CA GLN G 122 7.92 -18.91 -40.13
C GLN G 122 6.56 -18.98 -39.45
N LYS G 123 6.11 -17.89 -38.83
CA LYS G 123 4.75 -17.83 -38.31
C LYS G 123 3.75 -17.58 -39.44
N TYR G 124 3.87 -16.43 -40.11
CA TYR G 124 2.95 -16.08 -41.18
C TYR G 124 3.68 -15.99 -42.53
N GLY H 26 20.44 -6.03 -9.07
CA GLY H 26 20.22 -7.28 -9.75
C GLY H 26 20.73 -7.28 -11.18
N SER H 27 21.26 -8.43 -11.61
CA SER H 27 21.79 -8.61 -12.97
C SER H 27 22.93 -7.62 -13.18
N PHE H 28 22.91 -6.83 -14.25
CA PHE H 28 23.99 -5.86 -14.46
C PHE H 28 23.96 -4.75 -13.42
N ASP H 29 22.81 -4.50 -12.80
CA ASP H 29 22.76 -3.51 -11.73
C ASP H 29 23.58 -3.94 -10.52
N GLU H 30 23.44 -5.19 -10.08
CA GLU H 30 24.16 -5.62 -8.89
C GLU H 30 25.66 -5.74 -9.13
N ILE H 31 26.06 -6.18 -10.33
CA ILE H 31 27.48 -6.22 -10.65
C ILE H 31 28.03 -4.81 -10.78
N SER H 32 27.18 -3.88 -11.24
CA SER H 32 27.54 -2.46 -11.19
C SER H 32 27.74 -2.02 -9.74
N GLN H 33 26.81 -2.41 -8.86
CA GLN H 33 27.00 -2.16 -7.44
C GLN H 33 28.22 -2.91 -6.91
N TYR H 34 28.48 -4.10 -7.44
CA TYR H 34 29.69 -4.84 -7.08
C TYR H 34 30.92 -4.03 -7.42
N ILE H 35 30.97 -3.46 -8.63
CA ILE H 35 32.06 -2.57 -9.00
C ILE H 35 31.97 -1.27 -8.23
N GLN H 36 30.74 -0.78 -7.99
CA GLN H 36 30.55 0.45 -7.24
C GLN H 36 31.15 0.35 -5.84
N GLU H 37 30.77 -0.68 -5.09
CA GLU H 37 31.35 -0.88 -3.76
C GLU H 37 32.83 -1.24 -3.85
N LEU H 38 33.23 -1.91 -4.92
CA LEU H 38 34.65 -2.12 -5.17
C LEU H 38 35.37 -0.79 -5.33
N GLU H 39 34.70 0.19 -5.94
CA GLU H 39 35.29 1.52 -6.09
C GLU H 39 35.28 2.30 -4.78
N GLU H 40 34.21 2.17 -3.98
CA GLU H 40 34.19 2.83 -2.67
C GLU H 40 35.28 2.30 -1.76
N GLU H 41 35.52 0.98 -1.79
CA GLU H 41 36.64 0.41 -1.06
C GLU H 41 37.96 1.00 -1.56
N ARG H 42 38.07 1.17 -2.88
CA ARG H 42 39.23 1.88 -3.44
C ARG H 42 39.26 3.33 -2.98
N ARG H 43 38.09 3.99 -2.96
CA ARG H 43 38.04 5.39 -2.54
C ARG H 43 38.45 5.54 -1.08
N LEU H 44 37.93 4.68 -0.20
CA LEU H 44 38.28 4.77 1.21
C LEU H 44 39.75 4.40 1.42
N THR H 45 40.26 3.47 0.60
CA THR H 45 41.68 3.15 0.64
C THR H 45 42.52 4.36 0.27
N GLU H 46 42.10 5.12 -0.75
CA GLU H 46 42.82 6.32 -1.11
C GLU H 46 42.81 7.33 0.02
N SER H 47 41.69 7.45 0.73
CA SER H 47 41.62 8.32 1.89
C SER H 47 42.60 7.87 2.97
N SER H 48 42.68 6.56 3.21
CA SER H 48 43.60 6.05 4.23
C SER H 48 45.05 6.21 3.80
N ILE H 49 45.34 6.09 2.51
CA ILE H 49 46.70 6.28 2.02
C ILE H 49 47.16 7.70 2.26
N ARG H 50 46.37 8.68 1.83
CA ARG H 50 46.72 10.08 2.06
C ARG H 50 46.71 10.41 3.55
N LYS H 51 45.84 9.77 4.31
CA LYS H 51 45.79 9.99 5.76
C LYS H 51 47.13 9.64 6.39
N MET H 52 47.71 8.51 6.00
CA MET H 52 48.98 8.09 6.58
C MET H 52 50.14 8.96 6.10
N GLU H 53 49.99 9.62 4.95
CA GLU H 53 51.06 10.50 4.46
C GLU H 53 51.26 11.69 5.38
N LYS H 54 50.16 12.32 5.81
CA LYS H 54 50.29 13.40 6.79
C LYS H 54 50.65 12.88 8.17
N GLU H 55 50.25 11.65 8.50
CA GLU H 55 50.66 11.06 9.77
C GLU H 55 52.17 10.90 9.83
N LYS H 56 52.76 10.29 8.80
CA LYS H 56 54.22 10.18 8.75
C LYS H 56 54.87 11.54 8.61
N SER H 57 54.25 12.45 7.86
CA SER H 57 54.76 13.81 7.77
C SER H 57 54.73 14.49 9.14
N ASP H 58 53.64 14.30 9.88
CA ASP H 58 53.58 14.82 11.25
C ASP H 58 54.63 14.16 12.13
N LEU H 59 54.80 12.84 12.00
CA LEU H 59 55.85 12.15 12.72
C LEU H 59 57.23 12.65 12.29
N ASN H 60 57.42 12.86 10.98
CA ASN H 60 58.67 13.42 10.50
C ASN H 60 58.80 14.90 10.88
N GLU H 61 57.69 15.57 11.15
CA GLU H 61 57.75 16.97 11.55
C GLU H 61 58.31 17.11 12.96
N LYS H 62 57.81 16.31 13.91
CA LYS H 62 58.19 16.51 15.30
C LYS H 62 59.50 15.80 15.64
N ILE H 63 59.96 14.87 14.80
CA ILE H 63 61.26 14.26 15.04
C ILE H 63 62.37 15.29 14.84
N ASP H 64 62.18 16.20 13.88
CA ASP H 64 63.11 17.31 13.73
C ASP H 64 63.05 18.25 14.93
N GLU H 65 61.84 18.47 15.46
CA GLU H 65 61.69 19.29 16.66
C GLU H 65 62.39 18.64 17.84
N LEU H 66 62.24 17.32 17.99
CA LEU H 66 62.92 16.61 19.07
C LEU H 66 64.42 16.54 18.83
N THR H 67 64.85 16.32 17.58
CA THR H 67 66.27 16.32 17.28
C THR H 67 66.90 17.69 17.56
N THR H 68 66.20 18.76 17.18
CA THR H 68 66.66 20.09 17.53
C THR H 68 66.69 20.28 19.05
N ARG H 69 65.67 19.75 19.74
CA ARG H 69 65.68 19.78 21.20
C ARG H 69 66.84 18.97 21.76
N LYS H 70 67.10 17.80 21.17
CA LYS H 70 68.24 16.99 21.60
C LYS H 70 69.55 17.72 21.36
N CYS H 71 69.70 18.33 20.19
CA CYS H 71 70.91 19.09 19.90
C CYS H 71 71.03 20.30 20.83
N SER H 72 69.93 21.00 21.09
CA SER H 72 69.96 22.14 22.00
C SER H 72 70.34 21.70 23.41
N VAL H 73 69.78 20.59 23.88
CA VAL H 73 70.11 20.10 25.22
C VAL H 73 71.55 19.61 25.27
N ASP H 74 71.96 18.82 24.26
CA ASP H 74 73.31 18.27 24.26
C ASP H 74 74.37 19.34 24.13
N ALA H 75 74.12 20.37 23.31
CA ALA H 75 75.08 21.47 23.18
C ALA H 75 75.31 22.17 24.51
N ARG H 76 74.21 22.46 25.22
CA ARG H 76 74.36 23.07 26.55
C ARG H 76 74.92 22.08 27.56
N LEU H 77 74.57 20.79 27.42
CA LEU H 77 75.02 19.78 28.36
C LEU H 77 76.54 19.68 28.38
N GLN H 78 77.15 19.56 27.19
CA GLN H 78 78.60 19.44 27.13
C GLN H 78 79.29 20.76 27.42
N ALA H 79 78.70 21.88 26.97
CA ALA H 79 79.30 23.19 27.23
C ALA H 79 79.31 23.50 28.71
N GLU H 80 78.22 23.18 29.42
CA GLU H 80 78.18 23.42 30.86
C GLU H 80 79.20 22.56 31.60
N ASN H 81 79.41 21.33 31.12
CA ASN H 81 80.40 20.46 31.75
C ASN H 81 81.80 21.06 31.65
N GLU H 82 82.16 21.57 30.47
CA GLU H 82 83.45 22.22 30.33
C GLU H 82 83.52 23.51 31.11
N ARG H 83 82.42 24.29 31.13
CA ARG H 83 82.39 25.53 31.89
C ARG H 83 82.48 25.26 33.39
N ALA H 84 81.84 24.18 33.85
CA ALA H 84 81.89 23.86 35.27
C ALA H 84 83.25 23.31 35.69
N GLU H 85 83.83 22.44 34.85
CA GLU H 85 85.09 21.80 35.22
C GLU H 85 86.26 22.79 35.19
N ARG H 86 86.21 23.79 34.32
CA ARG H 86 87.27 24.79 34.29
C ARG H 86 87.26 25.64 35.56
N GLN H 87 86.07 25.92 36.09
CA GLN H 87 85.98 26.62 37.37
C GLN H 87 86.27 25.67 38.53
N ASP H 88 85.82 24.42 38.41
CA ASP H 88 86.03 23.45 39.48
C ASP H 88 87.51 23.18 39.69
N ARG H 89 88.23 22.88 38.60
CA ARG H 89 89.67 22.64 38.72
C ARG H 89 90.41 23.91 39.12
N GLY H 90 89.91 25.08 38.69
CA GLY H 90 90.49 26.32 39.17
C GLY H 90 90.28 26.53 40.66
N LEU H 91 89.12 26.11 41.16
CA LEU H 91 88.86 26.22 42.60
C LEU H 91 89.68 25.20 43.39
N LYS H 92 90.05 24.07 42.77
CA LYS H 92 90.93 23.13 43.44
C LYS H 92 92.28 23.76 43.74
N GLU H 93 92.80 24.57 42.83
CA GLU H 93 93.98 25.35 43.12
C GLU H 93 93.65 26.51 44.06
N ALA H 94 92.42 27.02 44.01
CA ALA H 94 92.03 28.12 44.89
C ALA H 94 91.88 27.63 46.33
N GLU H 95 91.30 26.45 46.53
CA GLU H 95 91.23 25.90 47.88
C GLU H 95 92.61 25.52 48.40
N THR H 96 93.52 25.13 47.50
CA THR H 96 94.92 24.98 47.89
C THR H 96 95.55 26.34 48.18
N THR H 97 95.14 27.38 47.45
CA THR H 97 95.62 28.72 47.74
C THR H 97 95.15 29.19 49.10
N TYR H 98 94.03 28.65 49.60
CA TYR H 98 93.59 28.96 50.96
C TYR H 98 94.64 28.53 51.98
N ALA H 99 95.24 27.35 51.77
CA ALA H 99 96.36 26.94 52.62
C ALA H 99 97.52 27.92 52.49
N LYS H 100 97.79 28.39 51.28
CA LYS H 100 98.78 29.44 51.09
C LYS H 100 98.35 30.72 51.80
N LEU H 101 97.06 31.06 51.72
CA LEU H 101 96.56 32.23 52.42
C LEU H 101 96.63 32.04 53.94
N VAL H 102 96.49 30.80 54.42
CA VAL H 102 96.68 30.52 55.84
C VAL H 102 98.12 30.82 56.23
N GLU H 103 99.08 30.36 55.41
CA GLU H 103 100.47 30.74 55.63
C GLU H 103 100.69 32.23 55.40
N SER H 104 99.97 32.82 54.43
CA SER H 104 100.08 34.26 54.20
C SER H 104 99.63 35.04 55.42
N GLN H 105 98.49 34.63 56.01
CA GLN H 105 98.05 35.26 57.25
C GLN H 105 99.08 35.04 58.36
N LYS H 106 99.65 33.84 58.42
CA LYS H 106 100.72 33.58 59.39
C LYS H 106 101.92 34.48 59.12
N THR H 107 102.29 34.63 57.84
CA THR H 107 103.48 35.41 57.50
C THR H 107 103.27 36.90 57.74
N LEU H 108 102.12 37.43 57.31
CA LEU H 108 101.87 38.87 57.44
C LEU H 108 101.84 39.30 58.90
N VAL H 109 101.17 38.52 59.76
CA VAL H 109 101.13 38.87 61.18
C VAL H 109 102.49 38.65 61.84
N ASP H 110 103.32 37.77 61.27
CA ASP H 110 104.62 37.48 61.87
C ASP H 110 105.51 38.73 61.91
N PHE H 111 105.68 39.40 60.77
CA PHE H 111 106.52 40.59 60.79
C PHE H 111 105.79 41.81 61.35
N VAL H 112 104.46 41.76 61.48
CA VAL H 112 103.76 42.79 62.23
C VAL H 112 104.16 42.74 63.69
N ARG H 113 104.21 41.53 64.27
CA ARG H 113 104.71 41.37 65.62
C ARG H 113 106.22 41.61 65.69
N LYS H 114 106.94 41.30 64.60
CA LYS H 114 108.36 41.64 64.54
C LYS H 114 108.55 43.16 64.57
N GLU H 115 107.68 43.90 63.85
CA GLU H 115 107.70 45.35 63.97
C GLU H 115 107.36 45.78 65.39
N TYR H 116 106.41 45.10 66.02
CA TYR H 116 106.17 45.30 67.44
C TYR H 116 107.41 44.92 68.24
N GLU H 117 107.99 43.75 67.94
CA GLU H 117 109.22 43.33 68.61
C GLU H 117 110.38 44.25 68.26
N ASP H 118 110.38 44.83 67.06
CA ASP H 118 111.38 45.84 66.74
C ASP H 118 111.28 47.03 67.69
N THR H 119 110.09 47.31 68.20
CA THR H 119 109.91 48.34 69.20
C THR H 119 109.95 47.78 70.61
N LYS H 120 109.55 46.52 70.80
CA LYS H 120 109.46 45.95 72.14
C LYS H 120 110.82 45.75 72.79
N HIS H 121 111.79 45.19 72.07
CA HIS H 121 113.09 44.96 72.69
C HIS H 121 113.82 46.28 72.94
N GLN H 122 113.45 47.33 72.20
CA GLN H 122 113.97 48.66 72.49
C GLN H 122 113.52 49.13 73.86
N LYS H 123 112.32 48.73 74.28
CA LYS H 123 111.88 49.02 75.65
C LYS H 123 112.68 48.23 76.67
N TYR H 124 112.97 46.97 76.37
CA TYR H 124 113.63 46.00 77.26
C TYR H 124 113.29 46.18 78.74
N GLY I 26 11.20 11.59 -18.49
CA GLY I 26 11.98 12.37 -19.44
C GLY I 26 11.48 12.24 -20.87
N SER I 27 12.40 12.35 -21.83
CA SER I 27 12.02 12.22 -23.24
C SER I 27 12.21 10.79 -23.72
N PHE I 28 13.36 10.18 -23.41
CA PHE I 28 13.69 8.86 -23.95
C PHE I 28 12.62 7.83 -23.61
N ASP I 29 12.06 7.91 -22.41
CA ASP I 29 10.93 7.04 -22.07
C ASP I 29 9.74 7.32 -22.98
N GLU I 30 9.44 8.59 -23.23
CA GLU I 30 8.43 8.94 -24.22
C GLU I 30 8.86 8.50 -25.61
N ILE I 31 10.14 8.69 -25.94
CA ILE I 31 10.66 8.26 -27.23
C ILE I 31 10.49 6.75 -27.40
N SER I 32 10.86 5.99 -26.38
CA SER I 32 10.77 4.54 -26.45
C SER I 32 9.32 4.07 -26.53
N GLN I 33 8.43 4.68 -25.74
CA GLN I 33 7.03 4.27 -25.75
C GLN I 33 6.33 4.68 -27.03
N TYR I 34 6.57 5.91 -27.50
CA TYR I 34 5.89 6.40 -28.70
C TYR I 34 6.29 5.59 -29.93
N ILE I 35 7.57 5.23 -30.05
CA ILE I 35 8.00 4.46 -31.22
C ILE I 35 7.37 3.07 -31.19
N GLN I 36 7.17 2.50 -30.00
CA GLN I 36 6.40 1.25 -29.91
C GLN I 36 4.96 1.47 -30.35
N GLU I 37 4.35 2.58 -29.92
CA GLU I 37 3.00 2.90 -30.40
C GLU I 37 2.99 3.11 -31.91
N LEU I 38 4.03 3.77 -32.44
CA LEU I 38 4.16 3.88 -33.89
C LEU I 38 4.29 2.50 -34.51
N GLU I 39 5.13 1.64 -33.93
CA GLU I 39 5.28 0.28 -34.43
C GLU I 39 3.99 -0.51 -34.26
N GLU I 40 3.33 -0.36 -33.11
CA GLU I 40 2.11 -1.14 -32.87
C GLU I 40 0.98 -0.70 -33.78
N GLU I 41 0.83 0.60 -34.01
CA GLU I 41 -0.17 1.05 -34.98
C GLU I 41 0.25 0.67 -36.40
N ARG I 42 1.56 0.72 -36.68
CA ARG I 42 2.06 0.16 -37.93
C ARG I 42 1.62 -1.28 -38.13
N ARG I 43 1.76 -2.12 -37.10
CA ARG I 43 1.47 -3.54 -37.27
C ARG I 43 -0.02 -3.77 -37.52
N LEU I 44 -0.87 -2.90 -36.95
CA LEU I 44 -2.29 -2.95 -37.28
C LEU I 44 -2.54 -2.51 -38.72
N THR I 45 -1.90 -1.42 -39.16
CA THR I 45 -2.09 -0.96 -40.54
C THR I 45 -1.56 -1.98 -41.54
N GLU I 46 -0.38 -2.54 -41.28
CA GLU I 46 0.20 -3.52 -42.20
C GLU I 46 -0.66 -4.78 -42.26
N SER I 47 -1.16 -5.23 -41.11
CA SER I 47 -2.05 -6.38 -41.07
C SER I 47 -3.36 -6.08 -41.78
N SER I 48 -3.90 -4.88 -41.57
CA SER I 48 -5.16 -4.49 -42.19
C SER I 48 -5.07 -4.52 -43.71
N ILE I 49 -3.90 -4.18 -44.26
CA ILE I 49 -3.70 -4.24 -45.70
C ILE I 49 -3.78 -5.68 -46.20
N ARG I 50 -3.19 -6.61 -45.44
CA ARG I 50 -3.20 -8.01 -45.86
C ARG I 50 -4.61 -8.57 -45.95
N LYS I 51 -5.44 -8.30 -44.93
CA LYS I 51 -6.82 -8.75 -44.99
C LYS I 51 -7.61 -7.98 -46.03
N MET I 52 -7.24 -6.71 -46.28
CA MET I 52 -7.82 -5.99 -47.40
C MET I 52 -7.42 -6.62 -48.72
N GLU I 53 -6.15 -7.05 -48.83
CA GLU I 53 -5.72 -7.78 -50.02
C GLU I 53 -6.46 -9.11 -50.14
N LYS I 54 -6.76 -9.74 -49.00
CA LYS I 54 -7.55 -10.96 -49.01
C LYS I 54 -8.93 -10.71 -49.60
N GLU I 55 -9.54 -9.58 -49.24
CA GLU I 55 -10.82 -9.20 -49.82
C GLU I 55 -10.70 -9.02 -51.33
N LYS I 56 -9.57 -8.48 -51.79
CA LYS I 56 -9.33 -8.34 -53.22
C LYS I 56 -9.32 -9.69 -53.91
N SER I 57 -8.69 -10.69 -53.29
CA SER I 57 -8.68 -12.04 -53.84
C SER I 57 -10.10 -12.60 -53.88
N ASP I 58 -10.88 -12.35 -52.82
CA ASP I 58 -12.27 -12.80 -52.78
C ASP I 58 -13.07 -12.27 -53.96
N LEU I 59 -12.86 -11.00 -54.30
CA LEU I 59 -13.50 -10.42 -55.48
C LEU I 59 -13.04 -11.13 -56.76
N ASN I 60 -11.80 -11.60 -56.78
CA ASN I 60 -11.28 -12.28 -57.96
C ASN I 60 -12.06 -13.57 -58.25
N GLU I 61 -12.31 -14.38 -57.22
CA GLU I 61 -13.14 -15.56 -57.41
C GLU I 61 -14.57 -15.17 -57.78
N LYS I 62 -15.12 -14.15 -57.11
CA LYS I 62 -16.45 -13.68 -57.44
C LYS I 62 -16.53 -13.20 -58.87
N ILE I 63 -15.49 -12.49 -59.34
CA ILE I 63 -15.44 -12.11 -60.75
C ILE I 63 -15.33 -13.35 -61.63
N ASP I 64 -14.40 -14.26 -61.30
CA ASP I 64 -14.17 -15.43 -62.12
C ASP I 64 -15.37 -16.39 -62.07
N GLU I 65 -15.99 -16.56 -60.91
CA GLU I 65 -17.15 -17.43 -60.80
C GLU I 65 -18.32 -16.88 -61.61
N LEU I 66 -18.49 -15.56 -61.59
CA LEU I 66 -19.61 -14.95 -62.30
C LEU I 66 -19.38 -14.89 -63.81
N THR I 67 -18.13 -14.76 -64.24
CA THR I 67 -17.83 -14.74 -65.67
C THR I 67 -18.17 -16.08 -66.32
N THR I 68 -17.74 -17.18 -65.72
CA THR I 68 -18.01 -18.49 -66.31
C THR I 68 -19.50 -18.80 -66.31
N ARG I 69 -20.25 -18.22 -65.37
CA ARG I 69 -21.70 -18.31 -65.44
C ARG I 69 -22.23 -17.62 -66.69
N LYS I 70 -21.68 -16.44 -67.00
CA LYS I 70 -22.10 -15.72 -68.20
C LYS I 70 -21.75 -16.50 -69.46
N CYS I 71 -20.52 -17.05 -69.50
CA CYS I 71 -20.11 -17.82 -70.68
C CYS I 71 -20.94 -19.08 -70.85
N SER I 72 -21.24 -19.77 -69.75
CA SER I 72 -22.00 -21.01 -69.85
C SER I 72 -23.41 -20.77 -70.35
N VAL I 73 -24.09 -19.75 -69.83
CA VAL I 73 -25.45 -19.46 -70.28
C VAL I 73 -25.46 -18.96 -71.71
N ASP I 74 -24.44 -18.20 -72.12
CA ASP I 74 -24.36 -17.75 -73.51
C ASP I 74 -24.20 -18.93 -74.46
N ALA I 75 -23.36 -19.91 -74.09
CA ALA I 75 -23.23 -21.12 -74.89
C ALA I 75 -24.53 -21.92 -74.89
N ARG I 76 -25.17 -22.03 -73.73
CA ARG I 76 -26.44 -22.76 -73.66
C ARG I 76 -27.55 -22.02 -74.39
N LEU I 77 -27.53 -20.68 -74.35
CA LEU I 77 -28.53 -19.90 -75.08
C LEU I 77 -28.43 -20.16 -76.58
N GLN I 78 -27.20 -20.33 -77.08
CA GLN I 78 -27.02 -20.68 -78.49
C GLN I 78 -27.69 -22.01 -78.81
N ALA I 79 -27.57 -22.98 -77.90
CA ALA I 79 -28.27 -24.25 -78.07
C ALA I 79 -29.79 -24.04 -78.06
N GLU I 80 -30.28 -23.18 -77.15
CA GLU I 80 -31.70 -22.85 -77.15
C GLU I 80 -32.08 -22.04 -78.38
N ASN I 81 -31.16 -21.21 -78.89
CA ASN I 81 -31.46 -20.40 -80.06
C ASN I 81 -31.78 -21.25 -81.27
N GLU I 82 -30.99 -22.29 -81.52
CA GLU I 82 -31.24 -23.16 -82.67
C GLU I 82 -32.50 -23.99 -82.48
N ARG I 83 -32.84 -24.32 -81.23
CA ARG I 83 -34.02 -25.14 -80.97
C ARG I 83 -35.28 -24.43 -81.46
N ALA I 84 -35.41 -23.13 -81.17
CA ALA I 84 -36.52 -22.37 -81.71
C ALA I 84 -36.39 -22.16 -83.21
N GLU I 85 -35.15 -22.03 -83.71
CA GLU I 85 -34.94 -21.92 -85.15
C GLU I 85 -35.40 -23.19 -85.87
N ARG I 86 -35.10 -24.37 -85.30
CA ARG I 86 -35.63 -25.60 -85.85
C ARG I 86 -37.15 -25.61 -85.79
N GLN I 87 -37.71 -25.13 -84.69
CA GLN I 87 -39.17 -25.02 -84.59
C GLN I 87 -39.71 -24.03 -85.62
N ASP I 88 -39.04 -22.89 -85.80
CA ASP I 88 -39.50 -21.89 -86.75
C ASP I 88 -39.42 -22.40 -88.18
N ARG I 89 -38.27 -22.95 -88.57
CA ARG I 89 -38.11 -23.44 -89.93
C ARG I 89 -39.05 -24.62 -90.21
N GLY I 90 -39.20 -25.51 -89.23
CA GLY I 90 -40.17 -26.59 -89.37
C GLY I 90 -41.61 -26.08 -89.46
N LEU I 91 -41.92 -25.04 -88.69
CA LEU I 91 -43.26 -24.45 -88.72
C LEU I 91 -43.58 -23.88 -90.09
N LYS I 92 -42.63 -23.14 -90.67
CA LYS I 92 -42.87 -22.52 -91.98
C LYS I 92 -43.12 -23.59 -93.04
N GLU I 93 -42.33 -24.67 -93.04
CA GLU I 93 -42.60 -25.77 -93.95
C GLU I 93 -43.94 -26.44 -93.65
N ALA I 94 -44.23 -26.66 -92.36
CA ALA I 94 -45.47 -27.34 -92.00
C ALA I 94 -46.70 -26.47 -92.27
N GLU I 95 -46.63 -25.19 -91.88
CA GLU I 95 -47.77 -24.29 -92.10
C GLU I 95 -48.08 -24.14 -93.59
N THR I 96 -47.04 -23.96 -94.39
CA THR I 96 -47.25 -23.83 -95.84
C THR I 96 -47.74 -25.13 -96.45
N THR I 97 -47.23 -26.26 -95.98
CA THR I 97 -47.64 -27.55 -96.54
C THR I 97 -49.12 -27.81 -96.29
N TYR I 98 -49.60 -27.52 -95.08
CA TYR I 98 -51.02 -27.76 -94.77
C TYR I 98 -51.94 -26.89 -95.62
N ALA I 99 -51.46 -25.71 -96.03
CA ALA I 99 -52.27 -24.85 -96.89
C ALA I 99 -52.57 -25.54 -98.22
N LYS I 100 -51.59 -26.23 -98.79
CA LYS I 100 -51.84 -27.00 -100.00
C LYS I 100 -52.78 -28.16 -99.74
N LEU I 101 -52.65 -28.82 -98.58
CA LEU I 101 -53.50 -29.97 -98.29
C LEU I 101 -54.96 -29.55 -98.14
N VAL I 102 -55.22 -28.48 -97.39
CA VAL I 102 -56.60 -28.04 -97.18
C VAL I 102 -57.20 -27.53 -98.49
N GLU I 103 -56.40 -26.85 -99.32
CA GLU I 103 -56.88 -26.45 -100.64
C GLU I 103 -57.19 -27.67 -101.50
N SER I 104 -56.31 -28.67 -101.45
CA SER I 104 -56.59 -29.93 -102.14
C SER I 104 -57.74 -30.68 -101.47
N GLN I 105 -57.87 -30.56 -100.15
CA GLN I 105 -58.99 -31.18 -99.45
C GLN I 105 -60.33 -30.65 -99.95
N LYS I 106 -60.44 -29.33 -100.06
CA LYS I 106 -61.65 -28.74 -100.61
C LYS I 106 -61.82 -29.07 -102.08
N THR I 107 -60.71 -29.16 -102.82
CA THR I 107 -60.80 -29.53 -104.23
C THR I 107 -61.31 -30.95 -104.41
N LEU I 108 -60.83 -31.89 -103.58
CA LEU I 108 -61.24 -33.28 -103.72
C LEU I 108 -62.70 -33.47 -103.34
N VAL I 109 -63.14 -32.86 -102.23
CA VAL I 109 -64.54 -32.98 -101.84
C VAL I 109 -65.44 -32.27 -102.85
N ASP I 110 -64.93 -31.22 -103.50
CA ASP I 110 -65.66 -30.63 -104.62
C ASP I 110 -65.78 -31.63 -105.77
N PHE I 111 -64.72 -32.38 -106.04
CA PHE I 111 -64.80 -33.45 -107.03
C PHE I 111 -65.78 -34.53 -106.58
N VAL I 112 -65.77 -34.86 -105.29
CA VAL I 112 -66.75 -35.81 -104.75
C VAL I 112 -68.16 -35.24 -104.89
N ARG I 113 -68.32 -33.93 -104.63
CA ARG I 113 -69.59 -33.28 -104.88
C ARG I 113 -69.98 -33.39 -106.35
N LYS I 114 -69.02 -33.18 -107.24
CA LYS I 114 -69.26 -33.42 -108.66
C LYS I 114 -69.45 -34.90 -108.96
N GLU I 115 -68.74 -35.78 -108.23
CA GLU I 115 -68.89 -37.21 -108.43
C GLU I 115 -70.31 -37.66 -108.08
N TYR I 116 -70.88 -37.12 -107.00
CA TYR I 116 -72.27 -37.43 -106.67
C TYR I 116 -73.21 -36.97 -107.78
N GLU I 117 -72.98 -35.78 -108.33
CA GLU I 117 -73.75 -35.32 -109.48
C GLU I 117 -73.51 -36.21 -110.70
N ASP I 118 -72.24 -36.60 -110.91
CA ASP I 118 -71.90 -37.41 -112.07
C ASP I 118 -72.56 -38.78 -112.01
N THR I 119 -72.64 -39.37 -110.82
CA THR I 119 -73.20 -40.72 -110.68
C THR I 119 -74.66 -40.76 -111.12
N LYS I 120 -75.47 -39.82 -110.63
CA LYS I 120 -76.88 -39.79 -111.01
C LYS I 120 -77.10 -39.14 -112.37
N HIS I 121 -76.15 -38.36 -112.87
CA HIS I 121 -76.28 -37.80 -114.21
C HIS I 121 -76.27 -38.89 -115.27
N GLN I 122 -75.40 -39.89 -115.10
CA GLN I 122 -75.43 -41.05 -115.99
C GLN I 122 -76.73 -41.82 -115.85
N LYS I 123 -77.28 -41.87 -114.64
CA LYS I 123 -78.58 -42.52 -114.43
C LYS I 123 -79.68 -41.81 -115.20
N TYR I 124 -79.66 -40.47 -115.21
CA TYR I 124 -80.64 -39.70 -115.96
C TYR I 124 -80.52 -39.96 -117.45
N GLY J 26 -60.36 -37.35 -92.24
CA GLY J 26 -60.04 -36.85 -90.90
C GLY J 26 -58.56 -36.69 -90.67
N SER J 27 -57.74 -37.27 -91.56
CA SER J 27 -56.30 -37.16 -91.42
C SER J 27 -55.83 -35.72 -91.62
N PHE J 28 -56.57 -34.91 -92.38
CA PHE J 28 -56.17 -33.53 -92.60
C PHE J 28 -56.17 -32.73 -91.30
N ASP J 29 -57.17 -32.95 -90.45
CA ASP J 29 -57.23 -32.23 -89.18
C ASP J 29 -56.25 -32.78 -88.17
N GLU J 30 -55.90 -34.07 -88.25
CA GLU J 30 -54.95 -34.65 -87.31
C GLU J 30 -53.57 -34.02 -87.47
N ILE J 31 -53.10 -33.88 -88.72
CA ILE J 31 -51.83 -33.21 -88.96
C ILE J 31 -51.94 -31.72 -88.65
N SER J 32 -53.12 -31.13 -88.88
CA SER J 32 -53.30 -29.70 -88.61
C SER J 32 -53.04 -29.39 -87.14
N GLN J 33 -53.63 -30.17 -86.24
CA GLN J 33 -53.37 -29.99 -84.82
C GLN J 33 -51.92 -30.32 -84.49
N TYR J 34 -51.36 -31.35 -85.15
CA TYR J 34 -49.96 -31.67 -84.97
C TYR J 34 -49.06 -30.50 -85.40
N ILE J 35 -49.39 -29.87 -86.52
CA ILE J 35 -48.69 -28.65 -86.91
C ILE J 35 -48.96 -27.53 -85.90
N GLN J 36 -50.21 -27.41 -85.47
CA GLN J 36 -50.52 -26.44 -84.40
C GLN J 36 -49.88 -26.84 -83.08
N GLU J 37 -49.61 -28.13 -82.88
CA GLU J 37 -48.82 -28.53 -81.72
C GLU J 37 -47.40 -28.00 -81.82
N LEU J 38 -46.82 -28.04 -83.03
CA LEU J 38 -45.50 -27.45 -83.23
C LEU J 38 -45.56 -25.93 -83.15
N GLU J 39 -46.74 -25.34 -83.42
CA GLU J 39 -46.96 -23.93 -83.15
C GLU J 39 -46.74 -23.61 -81.68
N GLU J 40 -47.28 -24.46 -80.79
CA GLU J 40 -47.16 -24.20 -79.36
C GLU J 40 -45.74 -24.40 -78.86
N GLU J 41 -45.02 -25.39 -79.40
CA GLU J 41 -43.67 -25.67 -78.94
C GLU J 41 -42.73 -24.50 -79.21
N ARG J 42 -42.89 -23.84 -80.35
CA ARG J 42 -42.03 -22.71 -80.67
C ARG J 42 -42.22 -21.56 -79.69
N ARG J 43 -43.47 -21.28 -79.31
CA ARG J 43 -43.74 -20.15 -78.43
C ARG J 43 -43.15 -20.37 -77.04
N LEU J 44 -43.28 -21.58 -76.49
CA LEU J 44 -42.66 -21.87 -75.21
C LEU J 44 -41.14 -21.86 -75.30
N THR J 45 -40.59 -22.33 -76.43
CA THR J 45 -39.15 -22.24 -76.64
C THR J 45 -38.70 -20.79 -76.78
N GLU J 46 -39.46 -19.98 -77.52
CA GLU J 46 -39.11 -18.57 -77.66
C GLU J 46 -39.21 -17.84 -76.34
N SER J 47 -40.24 -18.17 -75.53
CA SER J 47 -40.35 -17.58 -74.21
C SER J 47 -39.17 -17.98 -73.34
N SER J 48 -38.71 -19.23 -73.46
CA SER J 48 -37.53 -19.67 -72.72
C SER J 48 -36.30 -18.88 -73.15
N ILE J 49 -36.15 -18.61 -74.45
CA ILE J 49 -35.04 -17.79 -74.93
C ILE J 49 -35.15 -16.38 -74.39
N ARG J 50 -36.35 -15.80 -74.45
CA ARG J 50 -36.54 -14.41 -74.00
C ARG J 50 -36.22 -14.27 -72.51
N LYS J 51 -36.67 -15.23 -71.70
CA LYS J 51 -36.36 -15.17 -70.28
C LYS J 51 -34.87 -15.41 -70.03
N MET J 52 -34.24 -16.27 -70.84
CA MET J 52 -32.82 -16.54 -70.64
C MET J 52 -31.96 -15.44 -71.24
N GLU J 53 -32.40 -14.83 -72.34
CA GLU J 53 -31.70 -13.67 -72.88
C GLU J 53 -31.71 -12.51 -71.89
N LYS J 54 -32.83 -12.32 -71.19
CA LYS J 54 -32.88 -11.28 -70.16
C LYS J 54 -31.88 -11.56 -69.06
N GLU J 55 -31.76 -12.82 -68.63
CA GLU J 55 -30.75 -13.17 -67.65
C GLU J 55 -29.34 -13.05 -68.23
N LYS J 56 -29.19 -13.27 -69.54
CA LYS J 56 -27.89 -13.08 -70.16
C LYS J 56 -27.40 -11.65 -70.00
N SER J 57 -28.29 -10.68 -70.20
CA SER J 57 -27.97 -9.30 -69.88
C SER J 57 -27.84 -9.11 -68.37
N ASP J 58 -28.66 -9.81 -67.59
CA ASP J 58 -28.55 -9.74 -66.14
C ASP J 58 -27.23 -10.34 -65.65
N LEU J 59 -26.79 -11.43 -66.27
CA LEU J 59 -25.48 -11.99 -65.92
C LEU J 59 -24.36 -11.02 -66.27
N ASN J 60 -24.47 -10.35 -67.42
CA ASN J 60 -23.43 -9.41 -67.84
C ASN J 60 -23.48 -8.10 -67.06
N GLU J 61 -24.66 -7.63 -66.67
CA GLU J 61 -24.72 -6.42 -65.85
C GLU J 61 -24.24 -6.67 -64.43
N LYS J 62 -24.41 -7.90 -63.93
CA LYS J 62 -23.79 -8.27 -62.65
C LYS J 62 -22.27 -8.29 -62.78
N ILE J 63 -21.75 -8.69 -63.94
CA ILE J 63 -20.33 -8.53 -64.21
C ILE J 63 -19.93 -7.06 -64.11
N ASP J 64 -20.71 -6.18 -64.73
CA ASP J 64 -20.46 -4.76 -64.61
C ASP J 64 -20.64 -4.28 -63.18
N GLU J 65 -21.66 -4.78 -62.49
CA GLU J 65 -21.86 -4.43 -61.09
C GLU J 65 -20.69 -4.90 -60.24
N LEU J 66 -20.21 -6.12 -60.47
CA LEU J 66 -19.01 -6.59 -59.80
C LEU J 66 -17.76 -5.91 -60.34
N THR J 67 -17.78 -5.44 -61.59
CA THR J 67 -16.66 -4.67 -62.11
C THR J 67 -16.48 -3.37 -61.34
N THR J 68 -17.59 -2.72 -60.99
CA THR J 68 -17.50 -1.54 -60.12
C THR J 68 -16.87 -1.89 -58.79
N ARG J 69 -17.26 -3.03 -58.21
CA ARG J 69 -16.56 -3.54 -57.04
C ARG J 69 -15.12 -3.92 -57.38
N LYS J 70 -14.92 -4.56 -58.54
CA LYS J 70 -13.58 -4.91 -58.97
C LYS J 70 -12.73 -3.68 -59.20
N CYS J 71 -13.28 -2.67 -59.90
CA CYS J 71 -12.55 -1.43 -60.11
C CYS J 71 -12.26 -0.73 -58.80
N SER J 72 -13.24 -0.71 -57.88
CA SER J 72 -13.03 -0.08 -56.58
C SER J 72 -11.96 -0.83 -55.78
N VAL J 73 -12.06 -2.16 -55.73
CA VAL J 73 -11.11 -2.92 -54.93
C VAL J 73 -9.72 -2.89 -55.56
N ASP J 74 -9.64 -2.90 -56.89
CA ASP J 74 -8.35 -2.79 -57.56
C ASP J 74 -7.71 -1.43 -57.30
N ALA J 75 -8.50 -0.36 -57.44
CA ALA J 75 -7.96 0.99 -57.24
C ALA J 75 -7.53 1.21 -55.80
N ARG J 76 -8.32 0.73 -54.84
CA ARG J 76 -7.98 0.96 -53.43
C ARG J 76 -6.79 0.12 -53.01
N LEU J 77 -6.69 -1.12 -53.52
CA LEU J 77 -5.54 -1.95 -53.17
C LEU J 77 -4.27 -1.51 -53.87
N GLN J 78 -4.36 -1.11 -55.14
CA GLN J 78 -3.16 -0.60 -55.80
C GLN J 78 -2.70 0.69 -55.14
N ALA J 79 -3.63 1.49 -54.60
CA ALA J 79 -3.27 2.59 -53.73
C ALA J 79 -2.90 2.14 -52.33
N GLU J 80 -3.44 1.00 -51.87
CA GLU J 80 -3.06 0.47 -50.57
C GLU J 80 -1.63 -0.05 -50.58
N ASN J 81 -1.19 -0.59 -51.73
CA ASN J 81 0.22 -0.90 -51.91
C ASN J 81 1.06 0.35 -51.82
N GLU J 82 0.56 1.46 -52.39
CA GLU J 82 1.20 2.75 -52.18
C GLU J 82 1.14 3.15 -50.71
N ARG J 83 0.01 2.89 -50.05
CA ARG J 83 -0.06 3.11 -48.61
C ARG J 83 0.93 2.22 -47.87
N ALA J 84 1.05 0.96 -48.27
CA ALA J 84 1.97 0.04 -47.62
C ALA J 84 3.41 0.53 -47.74
N GLU J 85 3.83 0.93 -48.94
CA GLU J 85 5.17 1.44 -49.13
C GLU J 85 5.36 2.79 -48.47
N ARG J 86 4.32 3.63 -48.47
CA ARG J 86 4.38 4.89 -47.73
C ARG J 86 4.56 4.61 -46.23
N GLN J 87 3.91 3.58 -45.72
CA GLN J 87 4.18 3.15 -44.35
C GLN J 87 5.61 2.66 -44.20
N ASP J 88 6.10 1.94 -45.21
CA ASP J 88 7.46 1.40 -45.14
C ASP J 88 8.49 2.53 -45.06
N ARG J 89 8.31 3.57 -45.89
CA ARG J 89 9.14 4.75 -45.76
C ARG J 89 8.85 5.49 -44.45
N GLY J 90 7.63 5.33 -43.93
CA GLY J 90 7.31 5.94 -42.65
C GLY J 90 8.11 5.36 -41.50
N LEU J 91 8.21 4.03 -41.44
CA LEU J 91 9.02 3.41 -40.40
C LEU J 91 10.50 3.55 -40.69
N LYS J 92 10.86 3.58 -41.98
CA LYS J 92 12.27 3.69 -42.36
C LYS J 92 12.92 4.90 -41.69
N GLU J 93 12.26 6.05 -41.78
CA GLU J 93 12.71 7.22 -41.01
C GLU J 93 12.54 6.98 -39.52
N ALA J 94 11.41 6.40 -39.10
CA ALA J 94 11.15 6.18 -37.69
C ALA J 94 12.16 5.22 -37.08
N GLU J 95 12.41 4.10 -37.78
CA GLU J 95 13.42 3.16 -37.30
C GLU J 95 14.80 3.79 -37.30
N THR J 96 15.14 4.53 -38.36
CA THR J 96 16.45 5.18 -38.43
C THR J 96 16.60 6.23 -37.35
N THR J 97 15.60 7.10 -37.20
CA THR J 97 15.67 8.16 -36.19
C THR J 97 15.73 7.58 -34.79
N TYR J 98 14.92 6.56 -34.50
CA TYR J 98 15.04 5.89 -33.20
C TYR J 98 16.40 5.24 -33.06
N ALA J 99 16.88 4.57 -34.11
CA ALA J 99 18.22 4.02 -34.08
C ALA J 99 19.27 5.13 -33.98
N LYS J 100 19.05 6.24 -34.69
CA LYS J 100 19.95 7.38 -34.59
C LYS J 100 19.94 7.96 -33.19
N LEU J 101 18.78 7.98 -32.54
CA LEU J 101 18.70 8.52 -31.18
C LEU J 101 19.38 7.59 -30.18
N VAL J 102 19.04 6.30 -30.22
CA VAL J 102 19.52 5.38 -29.17
C VAL J 102 21.04 5.30 -29.18
N GLU J 103 21.66 5.32 -30.35
CA GLU J 103 23.11 5.40 -30.41
C GLU J 103 23.60 6.75 -29.88
N SER J 104 22.91 7.83 -30.26
CA SER J 104 23.26 9.15 -29.76
C SER J 104 22.91 9.30 -28.29
N GLN J 105 21.74 8.78 -27.88
CA GLN J 105 21.33 8.89 -26.48
C GLN J 105 22.33 8.20 -25.56
N LYS J 106 22.63 6.93 -25.84
CA LYS J 106 23.55 6.19 -24.97
C LYS J 106 24.94 6.80 -24.95
N THR J 107 25.48 7.19 -26.12
CA THR J 107 26.83 7.72 -26.15
C THR J 107 26.92 9.07 -25.45
N LEU J 108 25.88 9.90 -25.58
CA LEU J 108 25.93 11.23 -24.97
C LEU J 108 25.71 11.16 -23.47
N VAL J 109 24.91 10.19 -23.00
CA VAL J 109 24.74 10.01 -21.56
C VAL J 109 26.07 9.62 -20.92
N ASP J 110 26.76 8.63 -21.50
CA ASP J 110 28.06 8.24 -20.94
C ASP J 110 29.10 9.32 -21.19
N PHE J 111 28.93 10.13 -22.25
CA PHE J 111 29.77 11.31 -22.41
C PHE J 111 29.58 12.26 -21.23
N VAL J 112 28.34 12.46 -20.80
CA VAL J 112 28.08 13.26 -19.61
C VAL J 112 28.64 12.58 -18.37
N ARG J 113 28.45 11.26 -18.24
CA ARG J 113 29.07 10.55 -17.12
C ARG J 113 30.58 10.71 -17.14
N LYS J 114 31.19 10.63 -18.33
CA LYS J 114 32.62 10.87 -18.45
C LYS J 114 32.97 12.25 -17.92
N GLU J 115 32.23 13.28 -18.34
CA GLU J 115 32.37 14.58 -17.73
C GLU J 115 32.00 14.55 -16.26
N TYR J 116 30.92 13.84 -15.92
CA TYR J 116 30.49 13.77 -14.53
C TYR J 116 31.55 13.07 -13.67
N GLU J 117 32.15 11.99 -14.18
CA GLU J 117 33.18 11.29 -13.42
C GLU J 117 34.38 12.18 -13.14
N ASP J 118 34.91 12.84 -14.18
CA ASP J 118 36.05 13.72 -13.98
C ASP J 118 35.69 14.91 -13.09
N THR J 119 34.46 15.43 -13.22
CA THR J 119 34.02 16.48 -12.31
C THR J 119 33.95 15.97 -10.87
N LYS J 120 33.45 14.75 -10.69
CA LYS J 120 33.48 14.14 -9.37
C LYS J 120 34.90 13.83 -8.93
N HIS J 121 35.75 13.39 -9.86
CA HIS J 121 37.14 13.08 -9.53
C HIS J 121 37.89 14.32 -9.06
N GLN J 122 37.67 15.44 -9.73
CA GLN J 122 38.37 16.66 -9.35
C GLN J 122 37.91 17.19 -7.99
N LYS J 123 36.67 16.93 -7.60
CA LYS J 123 36.14 17.39 -6.32
C LYS J 123 36.19 16.32 -5.24
N TYR J 124 36.48 15.08 -5.60
CA TYR J 124 36.57 14.00 -4.61
C TYR J 124 37.86 13.22 -4.75
N GLY K 26 87.55 58.95 48.78
CA GLY K 26 86.15 58.59 48.89
C GLY K 26 85.46 58.42 47.55
N SER K 27 85.81 59.28 46.59
CA SER K 27 85.22 59.18 45.25
C SER K 27 85.70 57.95 44.51
N PHE K 28 86.80 57.34 44.95
CA PHE K 28 87.31 56.16 44.27
C PHE K 28 86.36 54.98 44.40
N ASP K 29 85.71 54.83 45.56
CA ASP K 29 84.83 53.69 45.78
C ASP K 29 83.42 53.96 45.26
N GLU K 30 82.92 55.18 45.43
CA GLU K 30 81.56 55.49 44.99
C GLU K 30 81.42 55.36 43.48
N ILE K 31 82.40 55.87 42.73
CA ILE K 31 82.35 55.75 41.27
C ILE K 31 82.50 54.30 40.84
N SER K 32 83.43 53.57 41.47
CA SER K 32 83.64 52.18 41.10
C SER K 32 82.42 51.32 41.40
N GLN K 33 81.75 51.59 42.52
CA GLN K 33 80.56 50.83 42.88
C GLN K 33 79.46 51.02 41.83
N TYR K 34 79.27 52.25 41.35
CA TYR K 34 78.27 52.49 40.31
C TYR K 34 78.68 51.86 38.99
N ILE K 35 79.98 51.71 38.75
CA ILE K 35 80.45 51.03 37.54
C ILE K 35 79.99 49.57 37.55
N GLN K 36 80.13 48.90 38.70
CA GLN K 36 79.68 47.52 38.81
C GLN K 36 78.17 47.40 38.60
N GLU K 37 77.40 48.34 39.15
CA GLU K 37 75.97 48.34 38.94
C GLU K 37 75.63 48.56 37.47
N LEU K 38 76.34 49.48 36.80
CA LEU K 38 76.16 49.66 35.37
C LEU K 38 76.62 48.42 34.60
N GLU K 39 77.72 47.81 35.03
CA GLU K 39 78.16 46.57 34.40
C GLU K 39 77.15 45.45 34.64
N GLU K 40 76.49 45.45 35.79
CA GLU K 40 75.39 44.50 36.02
C GLU K 40 74.25 44.74 35.03
N GLU K 41 73.94 46.01 34.77
CA GLU K 41 72.92 46.33 33.77
C GLU K 41 73.36 45.92 32.37
N ARG K 42 74.67 45.95 32.10
CA ARG K 42 75.16 45.54 30.79
C ARG K 42 74.85 44.07 30.53
N ARG K 43 75.04 43.21 31.54
CA ARG K 43 74.67 41.81 31.40
C ARG K 43 73.16 41.65 31.26
N LEU K 44 72.39 42.46 31.99
CA LEU K 44 70.94 42.41 31.87
C LEU K 44 70.47 42.80 30.47
N THR K 45 71.10 43.82 29.89
CA THR K 45 70.76 44.20 28.52
C THR K 45 71.09 43.08 27.54
N GLU K 46 72.23 42.41 27.73
CA GLU K 46 72.59 41.29 26.87
C GLU K 46 71.56 40.17 26.98
N SER K 47 71.07 39.89 28.18
CA SER K 47 70.07 38.85 28.36
C SER K 47 68.80 39.18 27.57
N SER K 48 68.36 40.44 27.62
CA SER K 48 67.21 40.85 26.82
C SER K 48 67.52 40.76 25.33
N ILE K 49 68.75 41.11 24.94
CA ILE K 49 69.13 41.03 23.53
C ILE K 49 69.09 39.58 23.05
N ARG K 50 69.64 38.66 23.82
CA ARG K 50 69.63 37.25 23.44
C ARG K 50 68.20 36.71 23.42
N LYS K 51 67.38 37.12 24.38
CA LYS K 51 65.97 36.71 24.37
C LYS K 51 65.24 37.28 23.15
N MET K 52 65.58 38.50 22.75
CA MET K 52 64.95 39.10 21.57
C MET K 52 65.27 38.30 20.31
N GLU K 53 66.51 37.78 20.22
CA GLU K 53 66.86 36.91 19.10
C GLU K 53 66.02 35.63 19.14
N LYS K 54 65.83 35.06 20.32
CA LYS K 54 64.97 33.88 20.46
C LYS K 54 63.53 34.22 20.11
N GLU K 55 63.05 35.39 20.54
CA GLU K 55 61.73 35.84 20.14
C GLU K 55 61.66 36.05 18.63
N LYS K 56 62.73 36.59 18.03
CA LYS K 56 62.79 36.72 16.59
C LYS K 56 62.76 35.35 15.91
N SER K 57 63.47 34.38 16.47
CA SER K 57 63.46 33.03 15.92
C SER K 57 62.07 32.41 16.01
N ASP K 58 61.35 32.69 17.10
CA ASP K 58 59.97 32.22 17.23
C ASP K 58 59.09 32.81 16.14
N LEU K 59 59.28 34.11 15.85
CA LEU K 59 58.52 34.74 14.77
C LEU K 59 58.90 34.15 13.42
N ASN K 60 60.19 33.86 13.21
CA ASN K 60 60.63 33.29 11.95
C ASN K 60 60.00 31.92 11.70
N GLU K 61 59.97 31.08 12.73
CA GLU K 61 59.40 29.74 12.56
C GLU K 61 57.92 29.81 12.22
N LYS K 62 57.18 30.70 12.90
CA LYS K 62 55.76 30.83 12.63
C LYS K 62 55.49 31.43 11.26
N ILE K 63 56.27 32.44 10.87
CA ILE K 63 56.07 33.08 9.58
C ILE K 63 56.52 32.16 8.44
N ASP K 64 57.52 31.31 8.69
CA ASP K 64 57.91 30.34 7.67
C ASP K 64 56.94 29.17 7.59
N GLU K 65 56.34 28.80 8.73
CA GLU K 65 55.26 27.81 8.69
C GLU K 65 54.08 28.34 7.88
N LEU K 66 53.84 29.65 7.95
CA LEU K 66 52.81 30.26 7.11
C LEU K 66 53.17 30.14 5.64
N THR K 67 54.45 30.34 5.30
CA THR K 67 54.86 30.21 3.90
C THR K 67 54.62 28.81 3.38
N THR K 68 54.91 27.78 4.20
CA THR K 68 54.58 26.41 3.82
C THR K 68 53.07 26.23 3.69
N ARG K 69 52.30 26.81 4.62
CA ARG K 69 50.85 26.73 4.53
C ARG K 69 50.31 27.56 3.37
N LYS K 70 50.86 28.77 3.18
CA LYS K 70 50.38 29.61 2.09
C LYS K 70 50.69 28.99 0.73
N CYS K 71 51.89 28.43 0.57
CA CYS K 71 52.23 27.77 -0.67
C CYS K 71 51.39 26.52 -0.89
N SER K 72 51.03 25.82 0.18
CA SER K 72 50.21 24.63 0.06
C SER K 72 48.82 24.97 -0.46
N VAL K 73 48.16 25.96 0.15
CA VAL K 73 46.84 26.36 -0.31
C VAL K 73 46.92 27.04 -1.68
N ASP K 74 47.97 27.82 -1.92
CA ASP K 74 48.12 28.46 -3.23
C ASP K 74 48.28 27.42 -4.33
N ALA K 75 49.08 26.39 -4.09
CA ALA K 75 49.19 25.30 -5.05
C ALA K 75 47.88 24.55 -5.19
N ARG K 76 47.09 24.47 -4.11
CA ARG K 76 45.77 23.87 -4.19
C ARG K 76 44.76 24.82 -4.83
N LEU K 77 44.89 26.13 -4.58
CA LEU K 77 43.96 27.08 -5.16
C LEU K 77 44.12 27.19 -6.68
N GLN K 78 45.37 27.20 -7.16
CA GLN K 78 45.57 27.19 -8.61
C GLN K 78 45.06 25.89 -9.22
N ALA K 79 45.23 24.77 -8.50
CA ALA K 79 44.60 23.53 -8.93
C ALA K 79 43.08 23.64 -8.88
N GLU K 80 42.55 24.34 -7.87
CA GLU K 80 41.12 24.58 -7.80
C GLU K 80 40.65 25.41 -8.99
N ASN K 81 41.42 26.43 -9.37
CA ASN K 81 41.07 27.24 -10.53
C ASN K 81 41.08 26.41 -11.81
N GLU K 82 42.06 25.52 -11.95
CA GLU K 82 42.14 24.69 -13.14
C GLU K 82 40.97 23.71 -13.22
N ARG K 83 40.66 23.04 -12.11
CA ARG K 83 39.59 22.05 -12.12
C ARG K 83 38.22 22.70 -12.28
N ALA K 84 38.00 23.84 -11.63
CA ALA K 84 36.71 24.51 -11.72
C ALA K 84 36.42 24.94 -13.15
N GLU K 85 37.41 25.51 -13.83
CA GLU K 85 37.23 25.91 -15.22
C GLU K 85 36.98 24.69 -16.10
N ARG K 86 37.66 23.59 -15.84
CA ARG K 86 37.46 22.37 -16.62
C ARG K 86 36.02 21.89 -16.43
N GLN K 87 35.53 21.89 -15.20
CA GLN K 87 34.12 21.62 -14.95
C GLN K 87 33.24 22.63 -15.67
N ASP K 88 33.62 23.91 -15.62
CA ASP K 88 32.89 24.93 -16.37
C ASP K 88 32.92 24.64 -17.86
N ARG K 89 34.08 24.21 -18.36
CA ARG K 89 34.22 23.89 -19.78
C ARG K 89 33.30 22.74 -20.18
N GLY K 90 33.29 21.67 -19.38
CA GLY K 90 32.45 20.53 -19.70
C GLY K 90 30.98 20.76 -19.43
N LEU K 91 30.66 21.53 -18.39
CA LEU K 91 29.25 21.80 -18.08
C LEU K 91 28.57 22.55 -19.22
N LYS K 92 29.27 23.50 -19.82
CA LYS K 92 28.73 24.19 -20.99
C LYS K 92 28.58 23.23 -22.16
N GLU K 93 29.62 22.46 -22.47
CA GLU K 93 29.55 21.52 -23.58
C GLU K 93 28.48 20.46 -23.34
N ALA K 94 28.34 20.01 -22.08
CA ALA K 94 27.25 19.09 -21.75
C ALA K 94 25.89 19.74 -21.98
N GLU K 95 25.77 21.02 -21.62
CA GLU K 95 24.49 21.71 -21.80
C GLU K 95 24.20 21.98 -23.27
N THR K 96 25.22 22.32 -24.06
CA THR K 96 25.01 22.46 -25.49
C THR K 96 24.64 21.12 -26.14
N THR K 97 25.31 20.05 -25.74
CA THR K 97 24.90 18.72 -26.21
C THR K 97 23.56 18.31 -25.61
N TYR K 98 23.26 18.80 -24.40
CA TYR K 98 21.91 18.63 -23.86
C TYR K 98 20.88 19.31 -24.75
N ALA K 99 21.16 20.56 -25.16
CA ALA K 99 20.27 21.25 -26.09
C ALA K 99 20.17 20.53 -27.42
N LYS K 100 21.24 19.85 -27.83
CA LYS K 100 21.17 19.00 -29.01
C LYS K 100 20.18 17.87 -28.80
N LEU K 101 20.17 17.28 -27.61
CA LEU K 101 19.18 16.27 -27.29
C LEU K 101 17.79 16.87 -27.15
N VAL K 102 17.70 18.09 -26.61
CA VAL K 102 16.39 18.75 -26.44
C VAL K 102 15.74 18.96 -27.80
N GLU K 103 16.51 19.45 -28.78
CA GLU K 103 15.98 19.59 -30.12
C GLU K 103 15.85 18.23 -30.81
N SER K 104 16.57 17.22 -30.32
CA SER K 104 16.55 15.91 -30.98
C SER K 104 15.16 15.29 -30.94
N GLN K 105 14.53 15.26 -29.77
CA GLN K 105 13.18 14.70 -29.71
C GLN K 105 12.18 15.60 -30.42
N LYS K 106 12.38 16.92 -30.34
CA LYS K 106 11.44 17.87 -30.95
C LYS K 106 11.27 17.59 -32.45
N THR K 107 12.35 17.20 -33.12
CA THR K 107 12.24 16.81 -34.52
C THR K 107 11.34 15.58 -34.68
N LEU K 108 11.69 14.48 -34.00
CA LEU K 108 10.98 13.23 -34.22
C LEU K 108 9.61 13.24 -33.54
N VAL K 109 9.47 13.98 -32.44
CA VAL K 109 8.14 14.14 -31.84
C VAL K 109 7.18 14.74 -32.85
N ASP K 110 7.66 15.73 -33.60
CA ASP K 110 6.89 16.22 -34.75
C ASP K 110 6.75 15.13 -35.81
N PHE K 111 7.78 14.29 -35.95
CA PHE K 111 7.78 13.26 -36.97
C PHE K 111 7.07 11.98 -36.55
N VAL K 112 7.06 11.66 -35.26
CA VAL K 112 6.34 10.47 -34.79
C VAL K 112 4.84 10.69 -34.88
N ARG K 113 4.38 11.91 -34.62
CA ARG K 113 2.96 12.22 -34.68
C ARG K 113 2.49 12.62 -36.07
N LYS K 114 3.40 12.99 -36.98
CA LYS K 114 3.01 13.14 -38.38
C LYS K 114 2.86 11.78 -39.04
N GLU K 115 3.72 10.83 -38.68
CA GLU K 115 3.52 9.45 -39.12
C GLU K 115 2.37 8.79 -38.38
N TYR K 116 2.15 9.21 -37.12
CA TYR K 116 0.97 8.77 -36.38
C TYR K 116 -0.31 9.19 -37.10
N GLU K 117 -0.31 10.35 -37.73
CA GLU K 117 -1.48 10.84 -38.45
C GLU K 117 -1.53 10.34 -39.88
N ASP K 118 -0.37 10.10 -40.50
CA ASP K 118 -0.36 9.64 -41.88
C ASP K 118 -0.94 8.23 -42.02
N THR K 119 -0.81 7.40 -40.99
CA THR K 119 -1.41 6.07 -41.04
C THR K 119 -2.91 6.10 -40.82
N LYS K 120 -3.45 7.22 -40.31
CA LYS K 120 -4.88 7.33 -40.10
C LYS K 120 -5.63 7.31 -41.44
N HIS K 121 -5.12 8.03 -42.43
CA HIS K 121 -5.70 7.95 -43.77
C HIS K 121 -5.52 6.57 -44.38
N GLN K 122 -4.33 5.97 -44.16
CA GLN K 122 -4.10 4.61 -44.64
C GLN K 122 -4.90 3.58 -43.86
N LYS K 123 -5.39 3.94 -42.66
CA LYS K 123 -6.32 3.08 -41.94
C LYS K 123 -7.72 3.16 -42.52
N TYR K 124 -8.32 4.35 -42.48
CA TYR K 124 -9.68 4.54 -42.99
C TYR K 124 -9.69 5.48 -44.19
N GLY L 26 15.14 9.50 -14.74
CA GLY L 26 15.12 8.67 -15.93
C GLY L 26 14.91 9.48 -17.22
N SER L 27 15.58 9.05 -18.28
CA SER L 27 15.48 9.68 -19.61
C SER L 27 15.97 11.12 -19.47
N PHE L 28 15.21 12.12 -19.92
CA PHE L 28 15.65 13.50 -19.78
C PHE L 28 15.69 13.96 -18.33
N ASP L 29 14.93 13.30 -17.46
CA ASP L 29 14.99 13.64 -16.03
C ASP L 29 16.35 13.29 -15.43
N GLU L 30 16.87 12.10 -15.72
CA GLU L 30 18.14 11.69 -15.12
C GLU L 30 19.32 12.50 -15.68
N ILE L 31 19.29 12.81 -16.98
CA ILE L 31 20.33 13.65 -17.54
C ILE L 31 20.22 15.08 -17.00
N SER L 32 18.98 15.51 -16.71
CA SER L 32 18.80 16.77 -15.98
C SER L 32 19.42 16.67 -14.60
N GLN L 33 19.18 15.54 -13.90
CA GLN L 33 19.87 15.30 -12.64
C GLN L 33 21.38 15.18 -12.85
N TYR L 34 21.80 14.61 -13.98
CA TYR L 34 23.21 14.56 -14.32
C TYR L 34 23.80 15.95 -14.41
N ILE L 35 23.11 16.85 -15.10
CA ILE L 35 23.52 18.25 -15.15
C ILE L 35 23.31 18.91 -13.79
N GLN L 36 22.23 18.53 -13.09
CA GLN L 36 21.95 19.10 -11.77
C GLN L 36 23.09 18.82 -10.80
N GLU L 37 23.48 17.55 -10.67
CA GLU L 37 24.61 17.22 -9.80
C GLU L 37 25.92 17.75 -10.35
N LEU L 38 26.03 17.85 -11.68
CA LEU L 38 27.17 18.54 -12.27
C LEU L 38 27.21 20.00 -11.84
N GLU L 39 26.04 20.62 -11.68
CA GLU L 39 25.99 21.99 -11.20
C GLU L 39 26.27 22.09 -9.70
N GLU L 40 25.78 21.13 -8.91
CA GLU L 40 26.09 21.14 -7.48
C GLU L 40 27.59 20.97 -7.24
N GLU L 41 28.24 20.10 -8.02
CA GLU L 41 29.69 19.99 -7.94
C GLU L 41 30.34 21.33 -8.30
N ARG L 42 29.81 22.00 -9.31
CA ARG L 42 30.27 23.36 -9.61
C ARG L 42 29.97 24.31 -8.47
N ARG L 43 28.78 24.20 -7.86
CA ARG L 43 28.41 25.08 -6.76
C ARG L 43 29.33 24.87 -5.57
N LEU L 44 29.58 23.61 -5.19
CA LEU L 44 30.46 23.33 -4.07
C LEU L 44 31.89 23.75 -4.39
N THR L 45 32.30 23.62 -5.66
CA THR L 45 33.60 24.11 -6.08
C THR L 45 33.71 25.61 -5.90
N GLU L 46 32.65 26.35 -6.24
CA GLU L 46 32.64 27.79 -6.04
C GLU L 46 32.77 28.14 -4.56
N SER L 47 32.10 27.36 -3.70
CA SER L 47 32.24 27.57 -2.26
C SER L 47 33.68 27.33 -1.81
N SER L 48 34.32 26.28 -2.34
CA SER L 48 35.71 26.01 -1.96
C SER L 48 36.66 27.05 -2.51
N ILE L 49 36.38 27.59 -3.70
CA ILE L 49 37.22 28.64 -4.27
C ILE L 49 37.20 29.89 -3.39
N ARG L 50 36.00 30.37 -3.06
CA ARG L 50 35.89 31.54 -2.20
C ARG L 50 36.41 31.23 -0.81
N LYS L 51 36.25 29.99 -0.34
CA LYS L 51 36.77 29.60 0.97
C LYS L 51 38.28 29.81 1.04
N MET L 52 38.99 29.39 -0.01
CA MET L 52 40.44 29.53 -0.01
C MET L 52 40.88 30.99 -0.16
N GLU L 53 40.02 31.84 -0.73
CA GLU L 53 40.37 33.25 -0.87
C GLU L 53 40.51 33.92 0.49
N LYS L 54 39.55 33.67 1.41
CA LYS L 54 39.70 34.20 2.76
C LYS L 54 40.79 33.48 3.54
N GLU L 55 41.05 32.20 3.23
CA GLU L 55 42.15 31.50 3.87
C GLU L 55 43.49 32.14 3.54
N LYS L 56 43.74 32.38 2.25
CA LYS L 56 44.96 33.07 1.85
C LYS L 56 44.95 34.52 2.34
N SER L 57 43.78 35.16 2.33
CA SER L 57 43.67 36.51 2.90
C SER L 57 44.00 36.50 4.38
N ASP L 58 43.49 35.50 5.12
CA ASP L 58 43.84 35.35 6.53
C ASP L 58 45.34 35.07 6.68
N LEU L 59 45.89 34.21 5.83
CA LEU L 59 47.33 33.97 5.84
C LEU L 59 48.10 35.24 5.49
N ASN L 60 47.61 36.00 4.49
CA ASN L 60 48.24 37.26 4.15
C ASN L 60 47.98 38.32 5.22
N GLU L 61 46.93 38.13 6.03
CA GLU L 61 46.65 39.09 7.10
C GLU L 61 47.68 38.97 8.22
N LYS L 62 47.97 37.74 8.67
CA LYS L 62 48.82 37.57 9.83
C LYS L 62 50.30 37.60 9.48
N ILE L 63 50.64 37.44 8.19
CA ILE L 63 52.05 37.57 7.80
C ILE L 63 52.50 39.02 7.97
N ASP L 64 51.61 39.97 7.71
CA ASP L 64 51.90 41.37 8.00
C ASP L 64 52.04 41.60 9.50
N GLU L 65 51.20 40.95 10.29
CA GLU L 65 51.31 41.04 11.75
C GLU L 65 52.63 40.47 12.22
N LEU L 66 53.04 39.33 11.68
CA LEU L 66 54.33 38.75 12.04
C LEU L 66 55.49 39.59 11.50
N THR L 67 55.37 40.10 10.28
CA THR L 67 56.42 40.97 9.74
C THR L 67 56.56 42.23 10.58
N THR L 68 55.44 42.83 11.00
CA THR L 68 55.49 43.95 11.91
C THR L 68 56.10 43.55 13.24
N ARG L 69 55.76 42.35 13.74
CA ARG L 69 56.39 41.84 14.95
C ARG L 69 57.89 41.62 14.73
N LYS L 70 58.27 41.08 13.58
CA LYS L 70 59.68 40.90 13.27
C LYS L 70 60.40 42.25 13.19
N CYS L 71 59.78 43.24 12.53
CA CYS L 71 60.39 44.56 12.47
C CYS L 71 60.47 45.20 13.85
N SER L 72 59.41 45.04 14.66
CA SER L 72 59.42 45.59 16.01
C SER L 72 60.50 44.94 16.86
N VAL L 73 60.65 43.62 16.76
CA VAL L 73 61.69 42.92 17.53
C VAL L 73 63.07 43.30 17.01
N ASP L 74 63.25 43.28 15.69
CA ASP L 74 64.56 43.57 15.12
C ASP L 74 65.00 45.01 15.38
N ALA L 75 64.06 45.96 15.33
CA ALA L 75 64.41 47.35 15.60
C ALA L 75 64.91 47.51 17.02
N ARG L 76 64.23 46.89 17.98
CA ARG L 76 64.70 46.94 19.36
C ARG L 76 65.96 46.10 19.55
N LEU L 77 66.07 44.99 18.81
CA LEU L 77 67.23 44.10 18.95
C LEU L 77 68.53 44.83 18.61
N GLN L 78 68.55 45.50 17.46
CA GLN L 78 69.76 46.20 17.04
C GLN L 78 69.98 47.47 17.86
N ALA L 79 68.90 48.17 18.20
CA ALA L 79 69.04 49.39 19.00
C ALA L 79 69.58 49.08 20.39
N GLU L 80 69.10 48.00 21.01
CA GLU L 80 69.61 47.62 22.33
C GLU L 80 71.09 47.24 22.26
N ASN L 81 71.50 46.58 21.18
CA ASN L 81 72.89 46.21 21.02
C ASN L 81 73.79 47.43 20.99
N GLU L 82 73.39 48.46 20.22
CA GLU L 82 74.16 49.70 20.19
C GLU L 82 74.09 50.43 21.53
N ARG L 83 72.92 50.43 22.17
CA ARG L 83 72.78 51.07 23.46
C ARG L 83 73.59 50.35 24.54
N ALA L 84 73.66 49.03 24.47
CA ALA L 84 74.43 48.28 25.45
C ALA L 84 75.93 48.42 25.21
N GLU L 85 76.36 48.38 23.95
CA GLU L 85 77.80 48.42 23.66
C GLU L 85 78.39 49.80 23.94
N ARG L 86 77.60 50.87 23.77
CA ARG L 86 78.12 52.19 24.07
C ARG L 86 78.35 52.36 25.56
N GLN L 87 77.50 51.75 26.39
CA GLN L 87 77.74 51.77 27.83
C GLN L 87 78.80 50.75 28.21
N ASP L 88 78.84 49.61 27.53
CA ASP L 88 79.83 48.59 27.85
C ASP L 88 81.25 49.08 27.57
N ARG L 89 81.47 49.64 26.39
CA ARG L 89 82.79 50.18 26.07
C ARG L 89 83.12 51.39 26.93
N GLY L 90 82.11 52.18 27.31
CA GLY L 90 82.34 53.25 28.25
C GLY L 90 82.75 52.74 29.62
N LEU L 91 82.16 51.62 30.05
CA LEU L 91 82.54 51.02 31.32
C LEU L 91 83.92 50.39 31.27
N LYS L 92 84.36 49.96 30.09
CA LYS L 92 85.72 49.45 29.95
C LYS L 92 86.75 50.54 30.26
N GLU L 93 86.47 51.77 29.84
CA GLU L 93 87.29 52.89 30.28
C GLU L 93 87.03 53.25 31.73
N ALA L 94 85.80 53.00 32.21
CA ALA L 94 85.47 53.30 33.60
C ALA L 94 86.14 52.32 34.55
N GLU L 95 86.18 51.04 34.19
CA GLU L 95 86.91 50.07 35.01
C GLU L 95 88.41 50.33 34.96
N THR L 96 88.91 50.85 33.84
CA THR L 96 90.29 51.32 33.79
C THR L 96 90.45 52.58 34.64
N THR L 97 89.42 53.42 34.68
CA THR L 97 89.45 54.60 35.54
C THR L 97 89.49 54.21 37.02
N TYR L 98 88.98 53.02 37.35
CA TYR L 98 89.10 52.52 38.72
C TYR L 98 90.56 52.36 39.11
N ALA L 99 91.39 51.86 38.19
CA ALA L 99 92.83 51.82 38.45
C ALA L 99 93.38 53.22 38.64
N LYS L 100 92.91 54.18 37.83
CA LYS L 100 93.27 55.58 38.05
C LYS L 100 92.76 56.07 39.41
N LEU L 101 91.53 55.67 39.78
CA LEU L 101 91.01 56.04 41.09
C LEU L 101 91.80 55.36 42.21
N VAL L 102 92.33 54.16 41.97
CA VAL L 102 93.21 53.52 42.94
C VAL L 102 94.46 54.37 43.14
N GLU L 103 95.05 54.83 42.03
CA GLU L 103 96.17 55.77 42.14
C GLU L 103 95.72 57.11 42.69
N SER L 104 94.49 57.53 42.36
CA SER L 104 93.96 58.78 42.93
C SER L 104 93.83 58.68 44.44
N GLN L 105 93.30 57.55 44.93
CA GLN L 105 93.26 57.33 46.38
C GLN L 105 94.66 57.30 46.96
N LYS L 106 95.60 56.67 46.25
CA LYS L 106 96.99 56.68 46.69
C LYS L 106 97.55 58.09 46.71
N THR L 107 97.24 58.88 45.68
CA THR L 107 97.79 60.23 45.58
C THR L 107 97.18 61.16 46.61
N LEU L 108 95.86 61.12 46.78
CA LEU L 108 95.19 62.03 47.71
C LEU L 108 95.65 61.80 49.15
N VAL L 109 95.76 60.54 49.56
CA VAL L 109 96.21 60.25 50.92
C VAL L 109 97.70 60.56 51.07
N ASP L 110 98.45 60.54 49.96
CA ASP L 110 99.89 60.78 50.04
C ASP L 110 100.19 62.19 50.57
N PHE L 111 99.59 63.22 49.97
CA PHE L 111 99.86 64.56 50.46
C PHE L 111 99.08 64.89 51.72
N VAL L 112 98.06 64.11 52.06
CA VAL L 112 97.43 64.25 53.37
C VAL L 112 98.42 63.87 54.46
N ARG L 113 99.13 62.76 54.27
CA ARG L 113 100.20 62.41 55.21
C ARG L 113 101.39 63.36 55.08
N LYS L 114 101.62 63.90 53.87
CA LYS L 114 102.64 64.93 53.73
C LYS L 114 102.26 66.18 54.53
N GLU L 115 100.99 66.56 54.51
CA GLU L 115 100.52 67.63 55.38
C GLU L 115 100.71 67.26 56.85
N TYR L 116 100.43 65.99 57.19
CA TYR L 116 100.80 65.49 58.51
C TYR L 116 102.31 65.57 58.71
N GLU L 117 103.06 65.09 57.72
CA GLU L 117 104.52 65.17 57.81
C GLU L 117 105.00 66.62 57.78
N ASP L 118 104.27 67.51 57.11
CA ASP L 118 104.59 68.93 57.19
C ASP L 118 104.50 69.43 58.62
N THR L 119 103.63 68.81 59.42
CA THR L 119 103.54 69.14 60.84
C THR L 119 104.40 68.21 61.68
N LYS L 120 104.60 66.96 61.24
CA LYS L 120 105.31 65.98 62.06
C LYS L 120 106.79 66.30 62.20
N HIS L 121 107.48 66.66 61.12
CA HIS L 121 108.91 66.95 61.26
C HIS L 121 109.14 68.25 62.01
N GLN L 122 108.14 69.12 62.05
CA GLN L 122 108.22 70.31 62.89
C GLN L 122 108.27 69.92 64.37
N LYS L 123 107.61 68.82 64.73
CA LYS L 123 107.73 68.30 66.09
C LYS L 123 109.13 67.75 66.35
N TYR L 124 109.70 67.04 65.36
CA TYR L 124 110.98 66.32 65.45
C TYR L 124 111.28 65.73 66.83
N GLY M 26 -2.96 21.68 -11.24
CA GLY M 26 -3.00 23.03 -11.77
C GLY M 26 -3.98 23.19 -12.91
N SER M 27 -3.68 24.12 -13.82
CA SER M 27 -4.55 24.34 -14.97
C SER M 27 -4.09 23.51 -16.18
N PHE M 28 -2.78 23.53 -16.47
CA PHE M 28 -2.27 22.90 -17.68
C PHE M 28 -2.64 21.42 -17.73
N ASP M 29 -2.63 20.74 -16.58
CA ASP M 29 -3.09 19.36 -16.54
C ASP M 29 -4.58 19.28 -16.92
N GLU M 30 -5.39 20.19 -16.37
CA GLU M 30 -6.78 20.29 -16.81
C GLU M 30 -6.86 20.69 -18.28
N ILE M 31 -6.00 21.63 -18.69
CA ILE M 31 -5.99 22.05 -20.09
C ILE M 31 -5.66 20.87 -21.00
N SER M 32 -4.63 20.10 -20.63
CA SER M 32 -4.23 18.96 -21.44
C SER M 32 -5.29 17.88 -21.47
N GLN M 33 -5.90 17.58 -20.32
CA GLN M 33 -6.92 16.54 -20.27
C GLN M 33 -8.20 16.97 -20.97
N TYR M 34 -8.64 18.20 -20.74
CA TYR M 34 -9.89 18.66 -21.34
C TYR M 34 -9.81 18.71 -22.87
N ILE M 35 -8.67 19.14 -23.40
CA ILE M 35 -8.54 19.21 -24.86
C ILE M 35 -8.57 17.80 -25.45
N GLN M 36 -8.02 16.82 -24.73
CA GLN M 36 -8.15 15.43 -25.17
C GLN M 36 -9.61 14.99 -25.14
N GLU M 37 -10.34 15.37 -24.08
CA GLU M 37 -11.77 15.09 -24.02
C GLU M 37 -12.50 15.80 -25.15
N LEU M 38 -12.11 17.04 -25.44
CA LEU M 38 -12.66 17.74 -26.61
C LEU M 38 -12.33 16.98 -27.88
N GLU M 39 -11.07 16.53 -28.01
CA GLU M 39 -10.68 15.76 -29.18
C GLU M 39 -11.40 14.41 -29.21
N GLU M 40 -11.51 13.75 -28.06
CA GLU M 40 -12.12 12.43 -28.02
C GLU M 40 -13.62 12.50 -28.32
N GLU M 41 -14.31 13.51 -27.78
CA GLU M 41 -15.71 13.69 -28.15
C GLU M 41 -15.84 14.15 -29.59
N ARG M 42 -14.90 14.97 -30.06
CA ARG M 42 -14.82 15.26 -31.49
C ARG M 42 -14.76 14.00 -32.33
N ARG M 43 -13.90 13.05 -31.96
CA ARG M 43 -13.71 11.88 -32.79
C ARG M 43 -14.96 11.01 -32.81
N LEU M 44 -15.73 11.01 -31.72
CA LEU M 44 -17.03 10.36 -31.74
C LEU M 44 -18.01 11.09 -32.64
N THR M 45 -18.06 12.43 -32.55
CA THR M 45 -18.98 13.18 -33.41
C THR M 45 -18.61 13.05 -34.88
N GLU M 46 -17.32 13.15 -35.19
CA GLU M 46 -16.89 13.03 -36.59
C GLU M 46 -17.18 11.63 -37.13
N SER M 47 -16.92 10.61 -36.32
CA SER M 47 -17.23 9.24 -36.74
C SER M 47 -18.74 9.04 -36.89
N SER M 48 -19.52 9.61 -35.98
CA SER M 48 -20.97 9.47 -36.03
C SER M 48 -21.54 10.06 -37.32
N ILE M 49 -20.93 11.14 -37.82
CA ILE M 49 -21.37 11.73 -39.07
C ILE M 49 -21.13 10.76 -40.23
N ARG M 50 -19.99 10.08 -40.23
CA ARG M 50 -19.66 9.15 -41.31
C ARG M 50 -20.67 8.02 -41.39
N LYS M 51 -21.02 7.42 -40.25
CA LYS M 51 -22.03 6.36 -40.26
C LYS M 51 -23.41 6.93 -40.55
N MET M 52 -23.67 8.18 -40.15
CA MET M 52 -24.88 8.86 -40.57
C MET M 52 -24.90 9.06 -42.08
N GLU M 53 -23.74 9.43 -42.66
CA GLU M 53 -23.64 9.54 -44.11
C GLU M 53 -23.82 8.17 -44.77
N LYS M 54 -23.35 7.11 -44.11
CA LYS M 54 -23.57 5.77 -44.61
C LYS M 54 -25.06 5.44 -44.68
N GLU M 55 -25.82 5.87 -43.66
CA GLU M 55 -27.26 5.70 -43.68
C GLU M 55 -27.88 6.46 -44.86
N LYS M 56 -27.34 7.63 -45.16
CA LYS M 56 -27.82 8.40 -46.32
C LYS M 56 -27.62 7.61 -47.61
N SER M 57 -26.46 6.96 -47.75
CA SER M 57 -26.22 6.12 -48.92
C SER M 57 -27.20 4.96 -48.97
N ASP M 58 -27.49 4.36 -47.82
CA ASP M 58 -28.45 3.26 -47.74
C ASP M 58 -29.81 3.69 -48.27
N LEU M 59 -30.24 4.90 -47.92
CA LEU M 59 -31.49 5.44 -48.45
C LEU M 59 -31.40 5.61 -49.97
N ASN M 60 -30.22 5.91 -50.49
CA ASN M 60 -30.06 6.09 -51.94
C ASN M 60 -30.36 4.80 -52.69
N GLU M 61 -29.83 3.67 -52.23
CA GLU M 61 -30.19 2.39 -52.84
C GLU M 61 -31.67 2.08 -52.66
N LYS M 62 -32.19 2.33 -51.46
CA LYS M 62 -33.61 2.11 -51.20
C LYS M 62 -34.47 2.97 -52.13
N ILE M 63 -34.07 4.22 -52.33
CA ILE M 63 -34.76 5.07 -53.30
C ILE M 63 -34.60 4.49 -54.71
N ASP M 64 -33.37 4.17 -55.10
CA ASP M 64 -33.12 3.68 -56.45
C ASP M 64 -33.74 2.31 -56.69
N GLU M 65 -33.69 1.43 -55.69
CA GLU M 65 -34.30 0.11 -55.83
C GLU M 65 -35.81 0.21 -55.96
N LEU M 66 -36.43 1.13 -55.22
CA LEU M 66 -37.88 1.26 -55.26
C LEU M 66 -38.35 1.99 -56.51
N THR M 67 -37.54 2.91 -57.05
CA THR M 67 -37.93 3.61 -58.28
C THR M 67 -38.01 2.64 -59.47
N THR M 68 -37.00 1.79 -59.63
CA THR M 68 -37.00 0.87 -60.76
C THR M 68 -38.12 -0.15 -60.63
N ARG M 69 -38.55 -0.44 -59.39
CA ARG M 69 -39.75 -1.25 -59.21
C ARG M 69 -40.98 -0.54 -59.75
N LYS M 70 -41.09 0.77 -59.50
CA LYS M 70 -42.20 1.55 -60.03
C LYS M 70 -42.17 1.60 -61.55
N CYS M 71 -40.98 1.83 -62.13
CA CYS M 71 -40.87 1.90 -63.57
C CYS M 71 -41.18 0.55 -64.23
N SER M 72 -40.71 -0.54 -63.62
CA SER M 72 -40.93 -1.86 -64.21
C SER M 72 -42.41 -2.22 -64.21
N VAL M 73 -43.11 -1.99 -63.10
CA VAL M 73 -44.54 -2.32 -63.06
C VAL M 73 -45.34 -1.41 -63.98
N ASP M 74 -44.94 -0.14 -64.10
CA ASP M 74 -45.64 0.76 -65.03
C ASP M 74 -45.48 0.29 -66.46
N ALA M 75 -44.29 -0.15 -66.84
CA ALA M 75 -44.09 -0.73 -68.18
C ALA M 75 -44.88 -2.01 -68.34
N ARG M 76 -44.87 -2.87 -67.32
CA ARG M 76 -45.63 -4.11 -67.39
C ARG M 76 -47.13 -3.86 -67.37
N LEU M 77 -47.58 -2.85 -66.64
CA LEU M 77 -49.00 -2.50 -66.63
C LEU M 77 -49.47 -2.09 -68.02
N GLN M 78 -48.61 -1.39 -68.77
CA GLN M 78 -48.94 -1.05 -70.14
C GLN M 78 -49.15 -2.30 -70.99
N ALA M 79 -48.31 -3.32 -70.78
CA ALA M 79 -48.52 -4.61 -71.45
C ALA M 79 -49.84 -5.23 -71.03
N GLU M 80 -50.16 -5.18 -69.74
CA GLU M 80 -51.46 -5.66 -69.27
C GLU M 80 -52.60 -4.79 -69.78
N ASN M 81 -52.35 -3.48 -69.94
CA ASN M 81 -53.39 -2.58 -70.41
C ASN M 81 -53.89 -2.97 -71.80
N GLU M 82 -52.96 -3.25 -72.71
CA GLU M 82 -53.36 -3.63 -74.07
C GLU M 82 -54.01 -5.00 -74.10
N ARG M 83 -53.64 -5.90 -73.18
CA ARG M 83 -54.21 -7.23 -73.16
C ARG M 83 -55.72 -7.18 -72.94
N ALA M 84 -56.15 -6.35 -71.99
CA ALA M 84 -57.59 -6.14 -71.80
C ALA M 84 -58.19 -5.36 -72.96
N GLU M 85 -57.43 -4.44 -73.54
CA GLU M 85 -57.92 -3.72 -74.72
C GLU M 85 -58.16 -4.66 -75.89
N ARG M 86 -57.25 -5.60 -76.10
CA ARG M 86 -57.48 -6.64 -77.11
C ARG M 86 -58.71 -7.45 -76.77
N GLN M 87 -58.88 -7.80 -75.49
CA GLN M 87 -60.08 -8.50 -75.05
C GLN M 87 -61.32 -7.65 -75.27
N ASP M 88 -61.24 -6.36 -74.94
CA ASP M 88 -62.40 -5.48 -75.11
C ASP M 88 -62.78 -5.32 -76.57
N ARG M 89 -61.79 -4.98 -77.41
CA ARG M 89 -62.07 -4.77 -78.83
C ARG M 89 -62.55 -6.06 -79.48
N GLY M 90 -61.93 -7.20 -79.12
CA GLY M 90 -62.41 -8.48 -79.63
C GLY M 90 -63.81 -8.81 -79.14
N LEU M 91 -64.12 -8.46 -77.90
CA LEU M 91 -65.44 -8.70 -77.34
C LEU M 91 -66.51 -7.92 -78.09
N LYS M 92 -66.24 -6.65 -78.38
CA LYS M 92 -67.22 -5.82 -79.08
C LYS M 92 -67.51 -6.36 -80.47
N GLU M 93 -66.47 -6.79 -81.19
CA GLU M 93 -66.69 -7.44 -82.48
C GLU M 93 -67.43 -8.76 -82.31
N ALA M 94 -67.04 -9.56 -81.32
CA ALA M 94 -67.66 -10.87 -81.12
C ALA M 94 -69.09 -10.74 -80.64
N GLU M 95 -69.35 -9.87 -79.66
CA GLU M 95 -70.70 -9.71 -79.13
C GLU M 95 -71.65 -9.19 -80.21
N THR M 96 -71.21 -8.21 -81.00
CA THR M 96 -72.04 -7.69 -82.06
C THR M 96 -72.26 -8.73 -83.16
N THR M 97 -71.22 -9.50 -83.48
CA THR M 97 -71.34 -10.50 -84.54
C THR M 97 -72.36 -11.57 -84.18
N TYR M 98 -72.35 -12.04 -82.94
CA TYR M 98 -73.30 -13.08 -82.53
C TYR M 98 -74.73 -12.57 -82.58
N ALA M 99 -74.94 -11.27 -82.39
CA ALA M 99 -76.29 -10.72 -82.48
C ALA M 99 -76.87 -10.91 -83.87
N LYS M 100 -76.05 -10.73 -84.91
CA LYS M 100 -76.50 -11.00 -86.26
C LYS M 100 -76.76 -12.48 -86.48
N LEU M 101 -75.92 -13.34 -85.91
CA LEU M 101 -76.08 -14.79 -86.10
C LEU M 101 -77.37 -15.28 -85.47
N VAL M 102 -77.64 -14.87 -84.22
CA VAL M 102 -78.86 -15.34 -83.56
C VAL M 102 -80.10 -14.78 -84.24
N GLU M 103 -80.04 -13.53 -84.71
CA GLU M 103 -81.15 -12.99 -85.49
C GLU M 103 -81.34 -13.77 -86.79
N SER M 104 -80.24 -14.09 -87.46
CA SER M 104 -80.31 -14.96 -88.64
C SER M 104 -80.71 -16.37 -88.26
N GLN M 105 -80.29 -16.84 -87.08
CA GLN M 105 -80.68 -18.18 -86.62
C GLN M 105 -82.20 -18.28 -86.47
N LYS M 106 -82.81 -17.27 -85.84
CA LYS M 106 -84.27 -17.26 -85.73
C LYS M 106 -84.92 -17.07 -87.09
N THR M 107 -84.30 -16.28 -87.97
CA THR M 107 -84.83 -16.08 -89.31
C THR M 107 -84.84 -17.38 -90.10
N LEU M 108 -83.74 -18.15 -90.01
CA LEU M 108 -83.65 -19.38 -90.79
C LEU M 108 -84.62 -20.44 -90.28
N VAL M 109 -84.72 -20.60 -88.96
CA VAL M 109 -85.67 -21.58 -88.42
C VAL M 109 -87.10 -21.13 -88.70
N ASP M 110 -87.34 -19.83 -88.78
CA ASP M 110 -88.64 -19.34 -89.25
C ASP M 110 -88.88 -19.75 -90.69
N PHE M 111 -87.85 -19.67 -91.53
CA PHE M 111 -87.96 -20.16 -92.90
C PHE M 111 -88.18 -21.68 -92.90
N VAL M 112 -87.50 -22.40 -92.02
CA VAL M 112 -87.75 -23.83 -91.88
C VAL M 112 -89.17 -24.09 -91.41
N ARG M 113 -89.66 -23.27 -90.47
CA ARG M 113 -91.06 -23.35 -90.08
C ARG M 113 -91.97 -23.09 -91.27
N LYS M 114 -91.64 -22.09 -92.09
CA LYS M 114 -92.38 -21.88 -93.33
C LYS M 114 -92.11 -23.00 -94.33
N GLU M 115 -90.90 -23.57 -94.33
CA GLU M 115 -90.60 -24.69 -95.23
C GLU M 115 -91.47 -25.90 -94.90
N TYR M 116 -91.67 -26.17 -93.61
CA TYR M 116 -92.56 -27.27 -93.22
C TYR M 116 -93.98 -27.00 -93.70
N GLU M 117 -94.45 -25.76 -93.57
CA GLU M 117 -95.75 -25.40 -94.12
C GLU M 117 -95.75 -25.50 -95.64
N ASP M 118 -94.66 -25.05 -96.27
CA ASP M 118 -94.59 -25.08 -97.73
C ASP M 118 -94.63 -26.50 -98.28
N THR M 119 -93.96 -27.43 -97.59
CA THR M 119 -93.88 -28.80 -98.07
C THR M 119 -95.26 -29.44 -98.18
N LYS M 120 -96.06 -29.32 -97.11
CA LYS M 120 -97.40 -29.90 -97.13
C LYS M 120 -98.40 -29.02 -97.86
N HIS M 121 -98.12 -27.73 -98.05
CA HIS M 121 -99.01 -26.87 -98.83
C HIS M 121 -99.06 -27.33 -100.28
N GLN M 122 -97.92 -27.70 -100.85
CA GLN M 122 -97.90 -28.27 -102.19
C GLN M 122 -98.64 -29.59 -102.22
N LYS M 123 -98.56 -30.37 -101.14
CA LYS M 123 -99.30 -31.63 -101.05
C LYS M 123 -100.81 -31.37 -101.09
N TYR M 124 -101.27 -30.34 -100.40
CA TYR M 124 -102.68 -29.98 -100.40
C TYR M 124 -103.15 -29.57 -101.79
N GLY N 26 -76.48 -26.28 -83.67
CA GLY N 26 -75.84 -26.22 -82.38
C GLY N 26 -74.56 -25.40 -82.39
N SER N 27 -74.07 -25.09 -83.60
CA SER N 27 -72.86 -24.29 -83.71
C SER N 27 -73.06 -22.87 -83.21
N PHE N 28 -74.30 -22.36 -83.25
CA PHE N 28 -74.56 -21.01 -82.78
C PHE N 28 -74.28 -20.87 -81.29
N ASP N 29 -74.66 -21.88 -80.50
CA ASP N 29 -74.43 -21.83 -79.06
C ASP N 29 -72.96 -22.10 -78.71
N GLU N 30 -72.27 -22.89 -79.54
CA GLU N 30 -70.86 -23.18 -79.26
C GLU N 30 -70.01 -21.91 -79.34
N ILE N 31 -70.22 -21.10 -80.38
CA ILE N 31 -69.51 -19.83 -80.48
C ILE N 31 -69.99 -18.86 -79.41
N SER N 32 -71.29 -18.93 -79.05
CA SER N 32 -71.83 -18.04 -78.04
C SER N 32 -71.08 -18.20 -76.71
N GLN N 33 -70.91 -19.45 -76.26
CA GLN N 33 -70.15 -19.70 -75.05
C GLN N 33 -68.68 -19.31 -75.24
N TYR N 34 -68.14 -19.56 -76.45
CA TYR N 34 -66.77 -19.13 -76.74
C TYR N 34 -66.65 -17.61 -76.66
N ILE N 35 -67.63 -16.89 -77.18
CA ILE N 35 -67.66 -15.44 -76.99
C ILE N 35 -67.84 -15.10 -75.51
N GLN N 36 -68.74 -15.81 -74.84
CA GLN N 36 -68.87 -15.63 -73.39
C GLN N 36 -67.64 -16.08 -72.64
N GLU N 37 -66.86 -17.01 -73.21
CA GLU N 37 -65.56 -17.33 -72.63
C GLU N 37 -64.62 -16.13 -72.71
N LEU N 38 -64.65 -15.41 -73.83
CA LEU N 38 -63.86 -14.19 -73.96
C LEU N 38 -64.42 -13.09 -73.07
N GLU N 39 -65.73 -13.17 -72.76
CA GLU N 39 -66.29 -12.29 -71.74
C GLU N 39 -65.59 -12.48 -70.40
N GLU N 40 -65.35 -13.73 -70.00
CA GLU N 40 -64.72 -14.01 -68.72
C GLU N 40 -63.26 -13.58 -68.70
N GLU N 41 -62.55 -13.78 -69.81
CA GLU N 41 -61.13 -13.45 -69.85
C GLU N 41 -60.88 -11.96 -69.64
N ARG N 42 -61.75 -11.12 -70.19
CA ARG N 42 -61.58 -9.67 -70.03
C ARG N 42 -61.73 -9.26 -68.57
N ARG N 43 -62.70 -9.84 -67.87
CA ARG N 43 -62.94 -9.45 -66.48
C ARG N 43 -61.78 -9.81 -65.58
N LEU N 44 -61.21 -11.00 -65.75
CA LEU N 44 -60.04 -11.38 -64.95
C LEU N 44 -58.83 -10.53 -65.34
N THR N 45 -58.69 -10.20 -66.62
CA THR N 45 -57.62 -9.29 -67.04
C THR N 45 -57.82 -7.90 -66.47
N GLU N 46 -59.07 -7.40 -66.50
CA GLU N 46 -59.35 -6.08 -65.94
C GLU N 46 -59.12 -6.06 -64.44
N SER N 47 -59.50 -7.15 -63.75
CA SER N 47 -59.23 -7.25 -62.32
C SER N 47 -57.73 -7.26 -62.05
N SER N 48 -56.96 -7.93 -62.91
CA SER N 48 -55.51 -7.91 -62.77
C SER N 48 -54.96 -6.50 -62.95
N ILE N 49 -55.50 -5.75 -63.90
CA ILE N 49 -55.07 -4.36 -64.09
C ILE N 49 -55.45 -3.52 -62.87
N ARG N 50 -56.67 -3.69 -62.36
CA ARG N 50 -57.12 -2.89 -61.23
C ARG N 50 -56.28 -3.16 -59.99
N LYS N 51 -55.95 -4.44 -59.74
CA LYS N 51 -55.09 -4.75 -58.60
C LYS N 51 -53.68 -4.24 -58.81
N MET N 52 -53.19 -4.27 -60.07
CA MET N 52 -51.84 -3.81 -60.34
C MET N 52 -51.77 -2.29 -60.41
N GLU N 53 -52.84 -1.65 -60.90
CA GLU N 53 -52.90 -0.20 -60.87
C GLU N 53 -52.89 0.33 -59.44
N LYS N 54 -53.58 -0.37 -58.54
CA LYS N 54 -53.57 0.02 -57.12
C LYS N 54 -52.16 -0.07 -56.57
N GLU N 55 -51.43 -1.14 -56.91
CA GLU N 55 -50.03 -1.24 -56.50
C GLU N 55 -49.17 -0.20 -57.19
N LYS N 56 -49.53 0.20 -58.41
CA LYS N 56 -48.78 1.26 -59.09
C LYS N 56 -48.83 2.55 -58.29
N SER N 57 -50.01 2.90 -57.76
CA SER N 57 -50.08 4.02 -56.82
C SER N 57 -49.39 3.68 -55.51
N ASP N 58 -49.49 2.41 -55.08
CA ASP N 58 -48.79 1.99 -53.86
C ASP N 58 -47.28 2.05 -54.04
N LEU N 59 -46.79 1.67 -55.21
CA LEU N 59 -45.36 1.80 -55.50
C LEU N 59 -44.92 3.26 -55.48
N ASN N 60 -45.75 4.14 -56.06
CA ASN N 60 -45.42 5.56 -56.11
C ASN N 60 -45.58 6.25 -54.76
N GLU N 61 -46.56 5.85 -53.95
CA GLU N 61 -46.69 6.45 -52.62
C GLU N 61 -45.58 5.98 -51.69
N LYS N 62 -45.07 4.77 -51.89
CA LYS N 62 -43.87 4.34 -51.16
C LYS N 62 -42.67 5.16 -51.57
N ILE N 63 -42.60 5.56 -52.85
CA ILE N 63 -41.58 6.53 -53.27
C ILE N 63 -41.74 7.82 -52.49
N ASP N 64 -42.98 8.32 -52.38
CA ASP N 64 -43.22 9.50 -51.57
C ASP N 64 -42.92 9.25 -50.10
N GLU N 65 -43.29 8.06 -49.60
CA GLU N 65 -42.98 7.73 -48.22
C GLU N 65 -41.47 7.66 -48.00
N LEU N 66 -40.74 7.05 -48.94
CA LEU N 66 -39.28 7.09 -48.88
C LEU N 66 -38.73 8.46 -49.21
N THR N 67 -39.46 9.27 -49.99
CA THR N 67 -39.03 10.64 -50.24
C THR N 67 -39.01 11.44 -48.94
N THR N 68 -40.00 11.24 -48.07
CA THR N 68 -39.99 11.87 -46.77
C THR N 68 -38.76 11.44 -45.97
N ARG N 69 -38.44 10.15 -46.02
CA ARG N 69 -37.16 9.70 -45.47
C ARG N 69 -35.99 10.28 -46.24
N LYS N 70 -36.09 10.32 -47.57
CA LYS N 70 -35.04 10.91 -48.39
C LYS N 70 -34.88 12.40 -48.09
N CYS N 71 -36.00 13.13 -48.01
CA CYS N 71 -35.93 14.54 -47.68
C CYS N 71 -35.37 14.75 -46.27
N SER N 72 -35.79 13.91 -45.33
CA SER N 72 -35.28 14.03 -43.97
C SER N 72 -33.78 13.73 -43.91
N VAL N 73 -33.36 12.63 -44.55
CA VAL N 73 -31.95 12.25 -44.50
C VAL N 73 -31.09 13.23 -45.27
N ASP N 74 -31.60 13.77 -46.39
CA ASP N 74 -30.86 14.77 -47.14
C ASP N 74 -30.71 16.05 -46.33
N ALA N 75 -31.81 16.51 -45.72
CA ALA N 75 -31.76 17.75 -44.94
C ALA N 75 -30.85 17.62 -43.73
N ARG N 76 -30.93 16.49 -43.03
CA ARG N 76 -30.12 16.32 -41.82
C ARG N 76 -28.64 16.13 -42.16
N LEU N 77 -28.33 15.44 -43.25
CA LEU N 77 -26.94 15.26 -43.64
C LEU N 77 -26.35 16.53 -44.24
N GLN N 78 -27.11 17.26 -45.06
CA GLN N 78 -26.59 18.52 -45.56
C GLN N 78 -26.38 19.52 -44.43
N ALA N 79 -27.21 19.43 -43.37
CA ALA N 79 -26.93 20.16 -42.14
C ALA N 79 -25.86 19.48 -41.31
N GLU N 80 -25.70 18.16 -41.42
CA GLU N 80 -24.64 17.47 -40.70
C GLU N 80 -23.27 17.83 -41.29
N ASN N 81 -23.21 18.07 -42.60
CA ASN N 81 -22.00 18.62 -43.19
C ASN N 81 -21.72 20.01 -42.62
N GLU N 82 -22.77 20.80 -42.41
CA GLU N 82 -22.62 22.05 -41.67
C GLU N 82 -22.18 21.78 -40.24
N ARG N 83 -22.73 20.75 -39.60
CA ARG N 83 -22.25 20.35 -38.29
C ARG N 83 -20.79 19.92 -38.34
N ALA N 84 -20.42 19.16 -39.38
CA ALA N 84 -19.03 18.70 -39.51
C ALA N 84 -18.07 19.86 -39.64
N GLU N 85 -18.39 20.83 -40.50
CA GLU N 85 -17.54 22.00 -40.64
C GLU N 85 -17.58 22.89 -39.42
N ARG N 86 -18.75 22.99 -38.77
CA ARG N 86 -18.83 23.71 -37.50
C ARG N 86 -17.93 23.06 -36.45
N GLN N 87 -17.88 21.73 -36.45
CA GLN N 87 -16.92 21.04 -35.61
C GLN N 87 -15.49 21.35 -36.03
N ASP N 88 -15.26 21.43 -37.35
CA ASP N 88 -13.91 21.71 -37.84
C ASP N 88 -13.44 23.09 -37.38
N ARG N 89 -14.32 24.09 -37.48
CA ARG N 89 -13.99 25.39 -36.91
C ARG N 89 -13.93 25.31 -35.38
N GLY N 90 -14.66 24.37 -34.79
CA GLY N 90 -14.59 24.20 -33.35
C GLY N 90 -13.22 23.74 -32.87
N LEU N 91 -12.63 22.75 -33.55
CA LEU N 91 -11.29 22.32 -33.18
C LEU N 91 -10.25 23.31 -33.64
N LYS N 92 -10.51 24.00 -34.76
CA LYS N 92 -9.55 24.96 -35.30
C LYS N 92 -9.16 25.98 -34.23
N GLU N 93 -10.15 26.56 -33.56
CA GLU N 93 -9.87 27.40 -32.40
C GLU N 93 -9.28 26.58 -31.26
N ALA N 94 -9.84 25.39 -31.00
CA ALA N 94 -9.36 24.57 -29.89
C ALA N 94 -7.91 24.12 -30.12
N GLU N 95 -7.60 23.66 -31.33
CA GLU N 95 -6.22 23.30 -31.65
C GLU N 95 -5.31 24.51 -31.58
N THR N 96 -5.75 25.64 -32.14
CA THR N 96 -4.93 26.85 -32.11
C THR N 96 -4.71 27.33 -30.68
N THR N 97 -5.79 27.42 -29.90
CA THR N 97 -5.68 27.90 -28.53
C THR N 97 -4.81 26.98 -27.68
N TYR N 98 -4.98 25.67 -27.83
CA TYR N 98 -4.10 24.74 -27.14
C TYR N 98 -2.67 24.88 -27.64
N ALA N 99 -2.48 25.01 -28.95
CA ALA N 99 -1.16 25.29 -29.50
C ALA N 99 -0.66 26.65 -29.03
N LYS N 100 -1.54 27.65 -28.99
CA LYS N 100 -1.16 28.96 -28.48
C LYS N 100 -0.77 28.89 -27.00
N LEU N 101 -1.46 28.05 -26.23
CA LEU N 101 -1.13 27.93 -24.81
C LEU N 101 0.20 27.20 -24.61
N VAL N 102 0.37 26.04 -25.27
CA VAL N 102 1.54 25.21 -24.98
C VAL N 102 2.82 25.94 -25.34
N GLU N 103 2.81 26.72 -26.42
CA GLU N 103 3.97 27.55 -26.71
C GLU N 103 4.11 28.65 -25.66
N SER N 104 2.99 29.26 -25.26
CA SER N 104 3.03 30.28 -24.22
C SER N 104 3.33 29.67 -22.86
N GLN N 105 2.72 28.51 -22.56
CA GLN N 105 2.95 27.86 -21.27
C GLN N 105 4.42 27.51 -21.07
N LYS N 106 5.00 26.80 -22.04
CA LYS N 106 6.39 26.39 -21.90
C LYS N 106 7.34 27.59 -21.84
N THR N 107 7.14 28.59 -22.70
CA THR N 107 8.07 29.73 -22.72
C THR N 107 7.94 30.55 -21.44
N LEU N 108 6.73 30.69 -20.90
CA LEU N 108 6.56 31.51 -19.70
C LEU N 108 7.07 30.78 -18.46
N VAL N 109 6.94 29.46 -18.43
CA VAL N 109 7.49 28.70 -17.30
C VAL N 109 9.01 28.86 -17.25
N ASP N 110 9.68 28.67 -18.39
CA ASP N 110 11.13 28.86 -18.39
C ASP N 110 11.51 30.32 -18.24
N PHE N 111 10.62 31.23 -18.63
CA PHE N 111 10.82 32.64 -18.32
C PHE N 111 10.84 32.85 -16.81
N VAL N 112 9.92 32.18 -16.10
CA VAL N 112 9.92 32.22 -14.64
C VAL N 112 11.17 31.54 -14.09
N ARG N 113 11.55 30.38 -14.65
CA ARG N 113 12.80 29.75 -14.23
C ARG N 113 13.98 30.67 -14.46
N LYS N 114 14.00 31.37 -15.60
CA LYS N 114 15.05 32.34 -15.85
C LYS N 114 15.07 33.40 -14.76
N GLU N 115 13.90 33.94 -14.42
CA GLU N 115 13.82 34.80 -13.25
C GLU N 115 14.16 34.04 -11.97
N TYR N 116 13.66 32.80 -11.86
CA TYR N 116 13.95 32.01 -10.67
C TYR N 116 15.43 31.71 -10.53
N GLU N 117 16.09 31.39 -11.65
CA GLU N 117 17.53 31.11 -11.60
C GLU N 117 18.32 32.32 -11.14
N ASP N 118 18.09 33.48 -11.76
CA ASP N 118 18.79 34.69 -11.34
C ASP N 118 18.45 35.09 -9.91
N THR N 119 17.20 34.89 -9.50
CA THR N 119 16.84 35.13 -8.11
C THR N 119 17.59 34.17 -7.18
N LYS N 120 17.69 32.89 -7.56
CA LYS N 120 18.51 31.95 -6.81
C LYS N 120 19.99 32.31 -6.90
N HIS N 121 20.44 32.76 -8.08
CA HIS N 121 21.85 33.11 -8.24
C HIS N 121 22.23 34.29 -7.35
N GLN N 122 21.36 35.30 -7.25
CA GLN N 122 21.66 36.46 -6.43
C GLN N 122 21.68 36.12 -4.94
N LYS N 123 20.91 35.11 -4.52
CA LYS N 123 20.86 34.73 -3.12
C LYS N 123 21.76 33.54 -2.80
N TYR N 124 22.28 32.86 -3.81
CA TYR N 124 23.17 31.72 -3.59
C TYR N 124 24.47 31.85 -4.38
N GLY O 26 72.29 73.24 54.14
CA GLY O 26 71.31 72.19 54.33
C GLY O 26 70.22 72.19 53.27
N SER O 27 69.79 73.38 52.87
CA SER O 27 68.76 73.48 51.83
C SER O 27 69.28 73.07 50.47
N PHE O 28 70.59 73.02 50.29
CA PHE O 28 71.16 72.64 48.99
C PHE O 28 70.84 71.18 48.66
N ASP O 29 70.86 70.31 49.67
CA ASP O 29 70.63 68.89 49.42
C ASP O 29 69.15 68.55 49.40
N GLU O 30 68.36 69.15 50.30
CA GLU O 30 66.94 68.84 50.37
C GLU O 30 66.21 69.23 49.09
N ILE O 31 66.52 70.41 48.55
CA ILE O 31 65.89 70.83 47.30
C ILE O 31 66.36 69.95 46.14
N SER O 32 67.65 69.65 46.08
CA SER O 32 68.18 68.83 45.00
C SER O 32 67.61 67.42 45.04
N GLN O 33 67.43 66.86 46.23
CA GLN O 33 66.87 65.52 46.35
C GLN O 33 65.44 65.47 45.82
N TYR O 34 64.64 66.49 46.11
CA TYR O 34 63.28 66.54 45.58
C TYR O 34 63.27 66.76 44.07
N ILE O 35 64.30 67.41 43.54
CA ILE O 35 64.40 67.58 42.09
C ILE O 35 64.56 66.22 41.42
N GLN O 36 65.40 65.35 41.98
CA GLN O 36 65.57 64.02 41.41
C GLN O 36 64.28 63.22 41.49
N GLU O 37 63.55 63.33 42.60
CA GLU O 37 62.26 62.65 42.70
C GLU O 37 61.27 63.19 41.67
N LEU O 38 61.25 64.51 41.48
CA LEU O 38 60.42 65.09 40.43
C LEU O 38 60.90 64.66 39.05
N GLU O 39 62.22 64.61 38.85
CA GLU O 39 62.76 64.11 37.59
C GLU O 39 62.43 62.64 37.38
N GLU O 40 62.38 61.86 38.47
CA GLU O 40 61.91 60.48 38.36
C GLU O 40 60.46 60.43 37.92
N GLU O 41 59.63 61.34 38.43
CA GLU O 41 58.25 61.41 37.98
C GLU O 41 58.15 61.85 36.53
N ARG O 42 59.10 62.67 36.06
CA ARG O 42 59.10 63.08 34.66
C ARG O 42 59.25 61.89 33.73
N ARG O 43 60.15 60.96 34.07
CA ARG O 43 60.29 59.74 33.28
C ARG O 43 59.03 58.88 33.37
N LEU O 44 58.42 58.83 34.56
CA LEU O 44 57.19 58.06 34.72
C LEU O 44 56.06 58.65 33.87
N THR O 45 55.96 59.97 33.80
CA THR O 45 54.95 60.59 32.95
C THR O 45 55.20 60.27 31.48
N GLU O 46 56.47 60.27 31.06
CA GLU O 46 56.79 59.92 29.69
C GLU O 46 56.39 58.48 29.38
N SER O 47 56.61 57.57 30.33
CA SER O 47 56.23 56.17 30.12
C SER O 47 54.72 56.05 29.89
N SER O 48 53.92 56.77 30.69
CA SER O 48 52.48 56.77 30.47
C SER O 48 52.13 57.42 29.14
N ILE O 49 52.85 58.47 28.76
CA ILE O 49 52.59 59.14 27.48
C ILE O 49 52.85 58.19 26.32
N ARG O 50 53.99 57.49 26.36
CA ARG O 50 54.31 56.54 25.31
C ARG O 50 53.32 55.38 25.28
N LYS O 51 52.90 54.90 26.45
CA LYS O 51 51.88 53.85 26.50
C LYS O 51 50.55 54.36 25.96
N MET O 52 50.22 55.63 26.21
CA MET O 52 48.98 56.19 25.67
C MET O 52 48.99 56.21 24.15
N GLU O 53 50.15 56.49 23.55
CA GLU O 53 50.27 56.42 22.10
C GLU O 53 50.06 54.98 21.62
N LYS O 54 50.62 54.00 22.33
CA LYS O 54 50.39 52.61 21.97
C LYS O 54 48.92 52.23 22.15
N GLU O 55 48.29 52.73 23.22
CA GLU O 55 46.85 52.52 23.40
C GLU O 55 46.07 53.21 22.28
N LYS O 56 46.51 54.40 21.87
CA LYS O 56 45.89 55.06 20.74
C LYS O 56 46.06 54.25 19.46
N SER O 57 47.25 53.67 19.26
CA SER O 57 47.47 52.83 18.08
C SER O 57 46.59 51.60 18.11
N ASP O 58 46.36 51.03 19.31
CA ASP O 58 45.45 49.89 19.43
C ASP O 58 44.04 50.30 19.02
N LEU O 59 43.60 51.49 19.43
CA LEU O 59 42.29 51.98 19.03
C LEU O 59 42.23 52.22 17.53
N ASN O 60 43.31 52.75 16.96
CA ASN O 60 43.34 53.02 15.52
C ASN O 60 43.20 51.73 14.72
N GLU O 61 43.92 50.68 15.12
CA GLU O 61 43.86 49.42 14.39
C GLU O 61 42.46 48.82 14.44
N LYS O 62 41.82 48.87 15.61
CA LYS O 62 40.48 48.31 15.75
C LYS O 62 39.46 49.15 14.98
N ILE O 63 39.57 50.48 15.05
CA ILE O 63 38.61 51.33 14.36
C ILE O 63 38.82 51.28 12.85
N ASP O 64 40.07 51.07 12.39
CA ASP O 64 40.30 50.90 10.96
C ASP O 64 39.88 49.52 10.48
N GLU O 65 40.00 48.50 11.32
CA GLU O 65 39.44 47.20 10.99
C GLU O 65 37.93 47.28 10.84
N LEU O 66 37.29 48.13 11.64
CA LEU O 66 35.87 48.37 11.49
C LEU O 66 35.57 49.00 10.12
N THR O 67 36.40 49.95 9.70
CA THR O 67 36.19 50.59 8.40
C THR O 67 36.28 49.56 7.27
N THR O 68 37.24 48.65 7.35
CA THR O 68 37.29 47.56 6.37
C THR O 68 36.05 46.68 6.47
N ARG O 69 35.61 46.38 7.69
CA ARG O 69 34.40 45.59 7.87
C ARG O 69 33.16 46.37 7.45
N LYS O 70 33.08 47.65 7.83
CA LYS O 70 31.91 48.46 7.49
C LYS O 70 31.81 48.64 5.97
N CYS O 71 32.94 48.90 5.31
CA CYS O 71 32.92 49.02 3.85
C CYS O 71 32.58 47.70 3.18
N SER O 72 33.00 46.58 3.77
CA SER O 72 32.68 45.28 3.19
C SER O 72 31.19 45.00 3.22
N VAL O 73 30.56 45.19 4.38
CA VAL O 73 29.11 44.98 4.47
C VAL O 73 28.35 46.04 3.69
N ASP O 74 28.84 47.29 3.70
CA ASP O 74 28.17 48.34 2.94
C ASP O 74 28.19 48.03 1.44
N ALA O 75 29.34 47.57 0.94
CA ALA O 75 29.41 47.15 -0.46
C ALA O 75 28.53 45.93 -0.71
N ARG O 76 28.37 45.07 0.30
CA ARG O 76 27.45 43.94 0.17
C ARG O 76 26.01 44.37 0.35
N LEU O 77 25.75 45.35 1.22
CA LEU O 77 24.38 45.81 1.44
C LEU O 77 23.83 46.53 0.21
N GLN O 78 24.64 47.37 -0.42
CA GLN O 78 24.20 48.01 -1.66
C GLN O 78 23.98 46.98 -2.75
N ALA O 79 24.82 45.94 -2.79
CA ALA O 79 24.56 44.82 -3.69
C ALA O 79 23.29 44.08 -3.28
N GLU O 80 23.04 43.97 -1.97
CA GLU O 80 21.79 43.37 -1.49
C GLU O 80 20.59 44.20 -1.94
N ASN O 81 20.71 45.53 -1.88
CA ASN O 81 19.62 46.39 -2.32
C ASN O 81 19.38 46.23 -3.82
N GLU O 82 20.45 46.12 -4.61
CA GLU O 82 20.30 45.97 -6.05
C GLU O 82 19.64 44.63 -6.39
N ARG O 83 20.12 43.54 -5.76
CA ARG O 83 19.57 42.23 -6.11
C ARG O 83 18.14 42.06 -5.61
N ALA O 84 17.83 42.59 -4.43
CA ALA O 84 16.48 42.46 -3.89
C ALA O 84 15.46 43.16 -4.78
N GLU O 85 15.79 44.37 -5.24
CA GLU O 85 14.90 45.09 -6.13
C GLU O 85 14.74 44.35 -7.46
N ARG O 86 15.83 43.77 -7.96
CA ARG O 86 15.75 43.02 -9.21
C ARG O 86 14.81 41.82 -9.03
N GLN O 87 14.94 41.11 -7.91
CA GLN O 87 13.98 40.06 -7.57
C GLN O 87 12.57 40.65 -7.45
N ASP O 88 12.45 41.81 -6.80
CA ASP O 88 11.16 42.48 -6.73
C ASP O 88 10.64 42.84 -8.12
N ARG O 89 11.55 43.29 -9.00
CA ARG O 89 11.17 43.64 -10.36
C ARG O 89 10.64 42.42 -11.11
N GLY O 90 11.36 41.30 -11.03
CA GLY O 90 10.95 40.10 -11.73
C GLY O 90 9.76 39.41 -11.09
N LEU O 91 9.66 39.45 -9.76
CA LEU O 91 8.53 38.81 -9.09
C LEU O 91 7.22 39.44 -9.50
N LYS O 92 7.19 40.77 -9.61
CA LYS O 92 6.00 41.44 -10.11
C LYS O 92 5.70 41.06 -11.55
N GLU O 93 6.71 41.12 -12.42
CA GLU O 93 6.51 40.77 -13.83
C GLU O 93 6.11 39.31 -13.97
N ALA O 94 6.69 38.43 -13.15
CA ALA O 94 6.27 37.04 -13.15
C ALA O 94 4.81 36.90 -12.72
N GLU O 95 4.40 37.68 -11.72
CA GLU O 95 3.03 37.62 -11.25
C GLU O 95 2.05 38.20 -12.26
N THR O 96 2.43 39.29 -12.93
CA THR O 96 1.58 39.82 -14.00
C THR O 96 1.48 38.84 -15.16
N THR O 97 2.60 38.22 -15.54
CA THR O 97 2.54 37.16 -16.56
C THR O 97 1.83 35.93 -16.01
N TYR O 98 1.93 35.69 -14.69
CA TYR O 98 1.10 34.66 -14.07
C TYR O 98 -0.38 34.97 -14.23
N ALA O 99 -0.77 36.22 -13.97
CA ALA O 99 -2.16 36.62 -14.19
C ALA O 99 -2.55 36.50 -15.65
N LYS O 100 -1.60 36.71 -16.56
CA LYS O 100 -1.88 36.45 -17.97
C LYS O 100 -2.20 34.98 -18.20
N LEU O 101 -1.46 34.09 -17.53
CA LEU O 101 -1.79 32.66 -17.62
C LEU O 101 -3.10 32.35 -16.90
N VAL O 102 -3.38 33.04 -15.79
CA VAL O 102 -4.61 32.80 -15.04
C VAL O 102 -5.82 33.12 -15.92
N GLU O 103 -5.77 34.26 -16.61
CA GLU O 103 -6.85 34.58 -17.54
C GLU O 103 -6.76 33.74 -18.81
N SER O 104 -5.60 33.16 -19.09
CA SER O 104 -5.43 32.39 -20.32
C SER O 104 -6.34 31.17 -20.34
N GLN O 105 -6.35 30.37 -19.27
CA GLN O 105 -7.23 29.22 -19.25
C GLN O 105 -8.69 29.65 -19.16
N LYS O 106 -8.97 30.73 -18.43
CA LYS O 106 -10.35 31.18 -18.24
C LYS O 106 -11.03 31.44 -19.58
N THR O 107 -10.29 31.96 -20.56
CA THR O 107 -10.85 32.10 -21.90
C THR O 107 -11.21 30.75 -22.50
N LEU O 108 -10.24 29.84 -22.60
CA LEU O 108 -10.48 28.60 -23.31
C LEU O 108 -11.32 27.63 -22.47
N VAL O 109 -11.23 27.72 -21.14
CA VAL O 109 -12.12 26.92 -20.29
C VAL O 109 -13.57 27.25 -20.62
N ASP O 110 -13.86 28.54 -20.81
CA ASP O 110 -15.16 28.94 -21.34
C ASP O 110 -15.34 28.42 -22.76
N PHE O 111 -14.24 28.36 -23.53
CA PHE O 111 -14.31 27.96 -24.93
C PHE O 111 -14.26 26.44 -25.11
N VAL O 112 -13.60 25.71 -24.22
CA VAL O 112 -13.57 24.25 -24.33
C VAL O 112 -14.93 23.66 -23.99
N ARG O 113 -15.64 24.27 -23.03
CA ARG O 113 -16.95 23.78 -22.64
C ARG O 113 -18.08 24.36 -23.48
N LYS O 114 -17.85 25.45 -24.20
CA LYS O 114 -18.84 25.87 -25.19
C LYS O 114 -18.76 25.00 -26.44
N GLU O 115 -17.55 24.58 -26.82
CA GLU O 115 -17.41 23.58 -27.88
C GLU O 115 -17.80 22.21 -27.37
N TYR O 116 -17.60 21.95 -26.08
CA TYR O 116 -18.09 20.71 -25.48
C TYR O 116 -19.61 20.62 -25.59
N GLU O 117 -20.29 21.77 -25.49
CA GLU O 117 -21.75 21.78 -25.58
C GLU O 117 -22.23 21.89 -27.02
N ASP O 118 -21.46 22.56 -27.89
CA ASP O 118 -21.87 22.72 -29.28
C ASP O 118 -21.91 21.38 -30.03
N THR O 119 -21.07 20.43 -29.63
CA THR O 119 -21.09 19.12 -30.27
C THR O 119 -22.26 18.27 -29.77
N LYS O 120 -22.88 18.66 -28.66
CA LYS O 120 -24.02 17.92 -28.15
C LYS O 120 -25.21 17.99 -29.10
N HIS O 121 -25.48 19.19 -29.64
CA HIS O 121 -26.51 19.32 -30.66
C HIS O 121 -26.11 18.58 -31.94
N GLN O 122 -24.83 18.65 -32.32
CA GLN O 122 -24.36 17.92 -33.48
C GLN O 122 -24.31 16.41 -33.22
N LYS O 123 -24.33 16.00 -31.95
CA LYS O 123 -24.48 14.58 -31.62
C LYS O 123 -25.92 14.12 -31.79
N TYR O 124 -26.83 14.71 -31.01
CA TYR O 124 -28.24 14.32 -31.05
C TYR O 124 -29.10 15.48 -31.54
N GLY P 26 2.71 20.74 -10.08
CA GLY P 26 2.47 20.54 -11.49
C GLY P 26 1.47 21.50 -12.08
N SER P 27 1.71 21.92 -13.31
CA SER P 27 0.83 22.85 -14.06
C SER P 27 0.78 24.15 -13.28
N PHE P 28 -0.40 24.69 -12.96
CA PHE P 28 -0.48 25.93 -12.21
C PHE P 28 0.02 25.76 -10.77
N ASP P 29 -0.01 24.53 -10.25
CA ASP P 29 0.54 24.30 -8.92
C ASP P 29 2.05 24.53 -8.87
N GLU P 30 2.79 24.00 -9.85
CA GLU P 30 4.24 24.13 -9.82
C GLU P 30 4.68 25.57 -10.08
N ILE P 31 3.99 26.28 -10.98
CA ILE P 31 4.31 27.68 -11.21
C ILE P 31 3.94 28.51 -9.98
N SER P 32 2.89 28.09 -9.26
CA SER P 32 2.60 28.68 -7.97
C SER P 32 3.75 28.42 -6.99
N GLN P 33 4.25 27.18 -6.97
CA GLN P 33 5.45 26.89 -6.20
C GLN P 33 6.66 27.67 -6.74
N TYR P 34 6.72 27.86 -8.05
CA TYR P 34 7.77 28.69 -8.65
C TYR P 34 7.70 30.10 -8.09
N ILE P 35 6.50 30.69 -8.05
CA ILE P 35 6.33 31.99 -7.42
C ILE P 35 6.51 31.88 -5.91
N GLN P 36 6.05 30.78 -5.32
CA GLN P 36 6.18 30.58 -3.88
C GLN P 36 7.64 30.61 -3.46
N GLU P 37 8.48 29.78 -4.11
CA GLU P 37 9.91 29.80 -3.78
C GLU P 37 10.56 31.10 -4.21
N LEU P 38 10.04 31.73 -5.28
CA LEU P 38 10.49 33.07 -5.63
C LEU P 38 10.19 34.05 -4.50
N GLU P 39 9.07 33.85 -3.81
CA GLU P 39 8.73 34.69 -2.67
C GLU P 39 9.57 34.38 -1.44
N GLU P 40 9.86 33.09 -1.20
CA GLU P 40 10.73 32.73 -0.08
C GLU P 40 12.13 33.29 -0.27
N GLU P 41 12.64 33.26 -1.51
CA GLU P 41 13.91 33.92 -1.79
C GLU P 41 13.83 35.41 -1.51
N ARG P 42 12.70 36.02 -1.86
CA ARG P 42 12.46 37.41 -1.49
C ARG P 42 12.37 37.56 0.02
N ARG P 43 11.68 36.62 0.69
CA ARG P 43 11.54 36.70 2.14
C ARG P 43 12.90 36.58 2.84
N LEU P 44 13.72 35.61 2.42
CA LEU P 44 15.03 35.45 3.02
C LEU P 44 15.93 36.64 2.69
N THR P 45 15.76 37.22 1.50
CA THR P 45 16.49 38.43 1.16
C THR P 45 16.11 39.58 2.08
N GLU P 46 14.81 39.71 2.41
CA GLU P 46 14.38 40.74 3.34
C GLU P 46 15.00 40.52 4.71
N SER P 47 15.10 39.26 5.15
CA SER P 47 15.76 38.96 6.41
C SER P 47 17.23 39.38 6.37
N SER P 48 17.91 39.10 5.25
CA SER P 48 19.33 39.48 5.14
C SER P 48 19.50 40.99 5.05
N ILE P 49 18.55 41.69 4.43
CA ILE P 49 18.64 43.14 4.34
C ILE P 49 18.54 43.76 5.72
N ARG P 50 17.52 43.37 6.49
CA ARG P 50 17.39 43.90 7.85
C ARG P 50 18.53 43.43 8.73
N LYS P 51 19.04 42.22 8.49
CA LYS P 51 20.16 41.71 9.26
C LYS P 51 21.37 42.63 9.12
N MET P 52 21.66 43.07 7.90
CA MET P 52 22.82 43.94 7.68
C MET P 52 22.59 45.34 8.24
N GLU P 53 21.33 45.76 8.40
CA GLU P 53 21.06 47.07 8.96
C GLU P 53 21.51 47.16 10.42
N LYS P 54 21.21 46.13 11.22
CA LYS P 54 21.72 46.11 12.59
C LYS P 54 23.22 45.86 12.63
N GLU P 55 23.76 45.12 11.65
CA GLU P 55 25.20 44.92 11.59
C GLU P 55 25.92 46.24 11.38
N LYS P 56 25.49 47.03 10.40
CA LYS P 56 26.08 48.35 10.21
C LYS P 56 25.76 49.27 11.38
N SER P 57 24.57 49.16 11.94
CA SER P 57 24.24 49.92 13.14
C SER P 57 25.16 49.53 14.30
N ASP P 58 25.41 48.23 14.47
CA ASP P 58 26.37 47.78 15.48
C ASP P 58 27.77 48.30 15.17
N LEU P 59 28.17 48.24 13.90
CA LEU P 59 29.45 48.81 13.49
C LEU P 59 29.47 50.32 13.72
N ASN P 60 28.37 51.00 13.39
CA ASN P 60 28.28 52.43 13.68
C ASN P 60 28.15 52.71 15.16
N GLU P 61 27.70 51.72 15.94
CA GLU P 61 27.60 51.91 17.38
C GLU P 61 28.97 51.95 18.03
N LYS P 62 29.84 50.99 17.70
CA LYS P 62 31.10 50.88 18.40
C LYS P 62 32.17 51.81 17.82
N ILE P 63 31.96 52.34 16.61
CA ILE P 63 32.90 53.32 16.09
C ILE P 63 32.83 54.61 16.90
N ASP P 64 31.63 54.96 17.37
CA ASP P 64 31.51 56.09 18.30
C ASP P 64 32.19 55.79 19.62
N GLU P 65 32.06 54.54 20.10
CA GLU P 65 32.74 54.14 21.33
C GLU P 65 34.26 54.22 21.16
N LEU P 66 34.76 53.77 20.01
CA LEU P 66 36.19 53.86 19.74
C LEU P 66 36.63 55.30 19.52
N THR P 67 35.82 56.09 18.82
CA THR P 67 36.14 57.51 18.63
C THR P 67 36.17 58.24 19.96
N THR P 68 35.20 57.95 20.84
CA THR P 68 35.24 58.51 22.18
C THR P 68 36.46 58.03 22.94
N ARG P 69 36.82 56.75 22.78
CA ARG P 69 38.05 56.25 23.37
C ARG P 69 39.27 56.94 22.78
N LYS P 70 39.28 57.15 21.46
CA LYS P 70 40.38 57.87 20.84
C LYS P 70 40.46 59.30 21.35
N CYS P 71 39.32 59.98 21.46
CA CYS P 71 39.32 61.34 21.99
C CYS P 71 39.75 61.36 23.45
N SER P 72 39.28 60.39 24.24
CA SER P 72 39.68 60.32 25.65
C SER P 72 41.17 60.07 25.78
N VAL P 73 41.72 59.17 24.96
CA VAL P 73 43.16 58.90 25.02
C VAL P 73 43.95 60.10 24.52
N ASP P 74 43.53 60.67 23.39
CA ASP P 74 44.27 61.80 22.81
C ASP P 74 44.23 63.03 23.71
N ALA P 75 43.09 63.30 24.35
CA ALA P 75 42.99 64.44 25.25
C ALA P 75 43.96 64.31 26.41
N ARG P 76 44.04 63.11 27.01
CA ARG P 76 45.01 62.88 28.07
C ARG P 76 46.43 62.83 27.53
N LEU P 77 46.60 62.32 26.32
CA LEU P 77 47.93 62.18 25.73
C LEU P 77 48.60 63.55 25.57
N GLN P 78 47.88 64.51 24.98
CA GLN P 78 48.46 65.83 24.77
C GLN P 78 48.53 66.62 26.07
N ALA P 79 47.54 66.46 26.94
CA ALA P 79 47.56 67.17 28.22
C ALA P 79 48.71 66.72 29.09
N GLU P 80 48.98 65.40 29.12
CA GLU P 80 50.10 64.89 29.90
C GLU P 80 51.43 65.39 29.35
N ASN P 81 51.54 65.50 28.03
CA ASN P 81 52.76 66.00 27.43
C ASN P 81 53.04 67.44 27.87
N GLU P 82 52.02 68.29 27.86
CA GLU P 82 52.19 69.66 28.35
C GLU P 82 52.46 69.69 29.85
N ARG P 83 51.76 68.84 30.61
CA ARG P 83 51.97 68.78 32.05
C ARG P 83 53.37 68.27 32.38
N ALA P 84 53.87 67.31 31.61
CA ALA P 84 55.20 66.77 31.86
C ALA P 84 56.30 67.76 31.45
N GLU P 85 56.11 68.42 30.30
CA GLU P 85 57.17 69.31 29.80
C GLU P 85 57.27 70.58 30.64
N ARG P 86 56.17 71.05 31.22
CA ARG P 86 56.25 72.22 32.08
C ARG P 86 57.03 71.92 33.35
N GLN P 87 56.89 70.70 33.88
CA GLN P 87 57.71 70.30 35.02
C GLN P 87 59.13 69.96 34.59
N ASP P 88 59.28 69.34 33.41
CA ASP P 88 60.60 68.95 32.93
C ASP P 88 61.47 70.19 32.69
N ARG P 89 60.94 71.17 31.97
CA ARG P 89 61.71 72.39 31.72
C ARG P 89 61.91 73.18 33.01
N GLY P 90 60.96 73.11 33.94
CA GLY P 90 61.17 73.71 35.24
C GLY P 90 62.27 73.03 36.03
N LEU P 91 62.38 71.70 35.89
CA LEU P 91 63.45 70.97 36.56
C LEU P 91 64.80 71.22 35.90
N LYS P 92 64.81 71.57 34.61
CA LYS P 92 66.07 71.94 33.96
C LYS P 92 66.66 73.19 34.58
N GLU P 93 65.81 74.15 34.95
CA GLU P 93 66.28 75.29 35.74
C GLU P 93 66.55 74.87 37.18
N ALA P 94 65.83 73.87 37.69
CA ALA P 94 66.04 73.42 39.06
C ALA P 94 67.37 72.66 39.19
N GLU P 95 67.71 71.84 38.20
CA GLU P 95 69.01 71.17 38.23
C GLU P 95 70.14 72.17 38.01
N THR P 96 69.87 73.25 37.27
CA THR P 96 70.83 74.35 37.21
C THR P 96 70.88 75.09 38.53
N THR P 97 69.74 75.18 39.23
CA THR P 97 69.72 75.79 40.56
C THR P 97 70.52 74.96 41.55
N TYR P 98 70.68 73.65 41.30
CA TYR P 98 71.54 72.83 42.14
C TYR P 98 72.98 73.33 42.09
N ALA P 99 73.45 73.72 40.90
CA ALA P 99 74.76 74.35 40.80
C ALA P 99 74.80 75.65 41.59
N LYS P 100 73.72 76.43 41.53
CA LYS P 100 73.61 77.61 42.39
C LYS P 100 73.59 77.22 43.86
N LEU P 101 72.88 76.14 44.20
CA LEU P 101 72.88 75.65 45.58
C LEU P 101 74.26 75.14 45.99
N VAL P 102 75.03 74.59 45.04
CA VAL P 102 76.40 74.21 45.33
C VAL P 102 77.22 75.44 45.69
N GLU P 103 77.07 76.51 44.91
CA GLU P 103 77.70 77.78 45.27
C GLU P 103 77.08 78.37 46.54
N SER P 104 75.78 78.17 46.74
CA SER P 104 75.14 78.64 47.96
C SER P 104 75.72 77.93 49.18
N GLN P 105 75.89 76.61 49.10
CA GLN P 105 76.56 75.88 50.18
C GLN P 105 77.98 76.38 50.36
N LYS P 106 78.69 76.64 49.25
CA LYS P 106 80.03 77.22 49.34
C LYS P 106 79.98 78.60 50.00
N THR P 107 79.00 79.42 49.63
CA THR P 107 78.92 80.78 50.16
C THR P 107 78.53 80.80 51.63
N LEU P 108 77.52 80.00 52.00
CA LEU P 108 77.05 80.01 53.39
C LEU P 108 78.13 79.55 54.36
N VAL P 109 78.85 78.48 54.01
CA VAL P 109 79.91 77.99 54.88
C VAL P 109 81.10 78.95 54.87
N ASP P 110 81.25 79.75 53.81
CA ASP P 110 82.39 80.66 53.72
C ASP P 110 82.36 81.69 54.83
N PHE P 111 81.25 82.40 55.00
CA PHE P 111 81.20 83.39 56.07
C PHE P 111 80.96 82.77 57.44
N VAL P 112 80.55 81.51 57.50
CA VAL P 112 80.54 80.79 58.78
C VAL P 112 81.97 80.62 59.29
N ARG P 113 82.88 80.22 58.39
CA ARG P 113 84.29 80.17 58.76
C ARG P 113 84.87 81.57 58.93
N LYS P 114 84.36 82.55 58.18
CA LYS P 114 84.77 83.93 58.42
C LYS P 114 84.36 84.39 59.81
N GLU P 115 83.15 84.02 60.24
CA GLU P 115 82.76 84.27 61.63
C GLU P 115 83.68 83.54 62.59
N TYR P 116 84.05 82.30 62.26
CA TYR P 116 85.10 81.63 63.01
C TYR P 116 86.41 82.40 62.91
N GLU P 117 86.79 82.80 61.70
CA GLU P 117 88.00 83.59 61.51
C GLU P 117 87.86 84.96 62.17
N ASP P 118 86.65 85.51 62.24
CA ASP P 118 86.44 86.74 63.00
C ASP P 118 86.80 86.55 64.46
N THR P 119 86.65 85.33 64.97
CA THR P 119 87.07 85.00 66.32
C THR P 119 88.49 84.43 66.35
N LYS P 120 88.91 83.74 65.28
CA LYS P 120 90.20 83.06 65.29
C LYS P 120 91.37 84.03 65.29
N HIS P 121 91.34 85.07 64.45
CA HIS P 121 92.48 85.98 64.43
C HIS P 121 92.54 86.83 65.70
N GLN P 122 91.40 86.95 66.40
CA GLN P 122 91.41 87.59 67.71
C GLN P 122 92.23 86.78 68.70
N LYS P 123 92.24 85.45 68.55
CA LYS P 123 93.11 84.63 69.37
C LYS P 123 94.57 84.83 69.01
N TYR P 124 94.87 84.95 67.71
CA TYR P 124 96.22 85.04 67.14
C TYR P 124 97.28 84.24 67.90
N GLY Q 26 -14.95 19.06 2.93
CA GLY Q 26 -15.70 20.27 3.23
C GLY Q 26 -17.06 20.30 2.58
N SER Q 27 -17.53 21.51 2.27
CA SER Q 27 -18.83 21.64 1.62
C SER Q 27 -18.69 21.71 0.10
N PHE Q 28 -17.74 22.52 -0.39
CA PHE Q 28 -17.61 22.76 -1.83
C PHE Q 28 -17.41 21.46 -2.59
N ASP Q 29 -16.66 20.52 -2.02
CA ASP Q 29 -16.54 19.20 -2.63
C ASP Q 29 -17.89 18.50 -2.69
N GLU Q 30 -18.66 18.56 -1.60
CA GLU Q 30 -20.03 18.06 -1.62
C GLU Q 30 -20.89 18.88 -2.59
N ILE Q 31 -20.69 20.20 -2.60
CA ILE Q 31 -21.43 21.06 -3.52
C ILE Q 31 -21.13 20.66 -4.97
N SER Q 32 -19.85 20.48 -5.29
CA SER Q 32 -19.46 20.13 -6.65
C SER Q 32 -19.97 18.74 -7.04
N GLN Q 33 -19.86 17.77 -6.13
CA GLN Q 33 -20.31 16.42 -6.45
C GLN Q 33 -21.83 16.33 -6.53
N TYR Q 34 -22.53 16.97 -5.61
CA TYR Q 34 -23.99 16.88 -5.59
C TYR Q 34 -24.61 17.52 -6.83
N ILE Q 35 -24.06 18.65 -7.27
CA ILE Q 35 -24.60 19.31 -8.45
C ILE Q 35 -24.38 18.45 -9.69
N GLN Q 36 -23.26 17.72 -9.74
CA GLN Q 36 -23.06 16.75 -10.81
C GLN Q 36 -24.10 15.63 -10.73
N GLU Q 37 -24.37 15.14 -9.51
CA GLU Q 37 -25.43 14.15 -9.35
C GLU Q 37 -26.78 14.73 -9.73
N LEU Q 38 -27.04 15.99 -9.37
CA LEU Q 38 -28.24 16.67 -9.85
C LEU Q 38 -28.25 16.74 -11.37
N GLU Q 39 -27.11 17.11 -11.97
CA GLU Q 39 -27.02 17.17 -13.42
C GLU Q 39 -27.13 15.77 -14.03
N GLU Q 40 -26.48 14.78 -13.42
CA GLU Q 40 -26.51 13.43 -13.98
C GLU Q 40 -27.90 12.81 -13.88
N GLU Q 41 -28.60 13.01 -12.76
CA GLU Q 41 -29.98 12.55 -12.68
C GLU Q 41 -30.88 13.37 -13.60
N ARG Q 42 -30.61 14.67 -13.73
CA ARG Q 42 -31.26 15.46 -14.75
C ARG Q 42 -31.12 14.85 -16.13
N ARG Q 43 -29.91 14.44 -16.51
CA ARG Q 43 -29.70 13.95 -17.87
C ARG Q 43 -30.43 12.64 -18.11
N LEU Q 44 -30.59 11.82 -17.05
CA LEU Q 44 -31.44 10.65 -17.16
C LEU Q 44 -32.92 11.03 -17.31
N THR Q 45 -33.39 11.99 -16.50
CA THR Q 45 -34.78 12.39 -16.61
C THR Q 45 -35.08 13.04 -17.97
N GLU Q 46 -34.18 13.91 -18.43
CA GLU Q 46 -34.39 14.57 -19.72
C GLU Q 46 -34.37 13.56 -20.86
N SER Q 47 -33.44 12.61 -20.81
CA SER Q 47 -33.38 11.55 -21.82
C SER Q 47 -34.62 10.67 -21.75
N SER Q 48 -35.08 10.35 -20.54
CA SER Q 48 -36.25 9.50 -20.37
C SER Q 48 -37.49 10.13 -20.99
N ILE Q 49 -37.59 11.46 -20.94
CA ILE Q 49 -38.71 12.15 -21.57
C ILE Q 49 -38.67 11.96 -23.08
N ARG Q 50 -37.48 12.04 -23.68
CA ARG Q 50 -37.34 11.91 -25.13
C ARG Q 50 -37.82 10.54 -25.60
N LYS Q 51 -37.39 9.47 -24.92
CA LYS Q 51 -37.85 8.15 -25.29
C LYS Q 51 -39.32 7.95 -24.96
N MET Q 52 -39.81 8.63 -23.91
CA MET Q 52 -41.24 8.65 -23.65
C MET Q 52 -41.98 9.38 -24.77
N GLU Q 53 -41.41 10.47 -25.27
CA GLU Q 53 -41.99 11.15 -26.43
C GLU Q 53 -41.94 10.26 -27.66
N LYS Q 54 -40.88 9.45 -27.78
CA LYS Q 54 -40.80 8.49 -28.87
C LYS Q 54 -41.95 7.50 -28.81
N GLU Q 55 -42.28 7.03 -27.60
CA GLU Q 55 -43.43 6.15 -27.42
C GLU Q 55 -44.72 6.84 -27.85
N LYS Q 56 -44.83 8.14 -27.58
CA LYS Q 56 -45.99 8.90 -28.02
C LYS Q 56 -46.11 8.89 -29.53
N SER Q 57 -44.98 9.06 -30.23
CA SER Q 57 -44.99 8.98 -31.69
C SER Q 57 -45.41 7.60 -32.15
N ASP Q 58 -44.93 6.55 -31.48
CA ASP Q 58 -45.30 5.18 -31.82
C ASP Q 58 -46.81 4.99 -31.75
N LEU Q 59 -47.45 5.55 -30.72
CA LEU Q 59 -48.90 5.51 -30.63
C LEU Q 59 -49.55 6.24 -31.80
N ASN Q 60 -48.90 7.29 -32.30
CA ASN Q 60 -49.47 8.05 -33.42
C ASN Q 60 -49.58 7.19 -34.67
N GLU Q 61 -48.54 6.43 -35.00
CA GLU Q 61 -48.64 5.51 -36.13
C GLU Q 61 -49.67 4.42 -35.84
N LYS Q 62 -49.67 3.89 -34.62
CA LYS Q 62 -50.66 2.87 -34.25
C LYS Q 62 -52.07 3.42 -34.37
N ILE Q 63 -52.29 4.66 -33.95
CA ILE Q 63 -53.58 5.31 -34.15
C ILE Q 63 -53.86 5.48 -35.64
N ASP Q 64 -52.89 6.02 -36.38
CA ASP Q 64 -53.10 6.29 -37.79
C ASP Q 64 -53.22 4.99 -38.60
N GLU Q 65 -52.43 3.98 -38.27
CA GLU Q 65 -52.52 2.70 -38.98
C GLU Q 65 -53.87 2.04 -38.74
N LEU Q 66 -54.38 2.14 -37.51
CA LEU Q 66 -55.64 1.49 -37.17
C LEU Q 66 -56.84 2.25 -37.72
N THR Q 67 -56.74 3.59 -37.83
CA THR Q 67 -57.84 4.37 -38.38
C THR Q 67 -58.08 4.04 -39.85
N THR Q 68 -57.01 3.99 -40.64
CA THR Q 68 -57.18 3.70 -42.07
C THR Q 68 -57.68 2.28 -42.29
N ARG Q 69 -57.39 1.38 -41.35
CA ARG Q 69 -58.01 0.06 -41.39
C ARG Q 69 -59.52 0.16 -41.21
N LYS Q 70 -59.97 1.00 -40.29
CA LYS Q 70 -61.39 1.20 -40.08
C LYS Q 70 -62.05 1.82 -41.30
N CYS Q 71 -61.39 2.84 -41.88
CA CYS Q 71 -61.96 3.50 -43.06
C CYS Q 71 -62.02 2.55 -44.25
N SER Q 72 -60.98 1.74 -44.44
CA SER Q 72 -60.95 0.83 -45.58
C SER Q 72 -62.04 -0.22 -45.49
N VAL Q 73 -62.22 -0.83 -44.31
CA VAL Q 73 -63.26 -1.85 -44.17
C VAL Q 73 -64.64 -1.24 -44.27
N ASP Q 74 -64.83 -0.01 -43.77
CA ASP Q 74 -66.12 0.65 -43.91
C ASP Q 74 -66.46 0.91 -45.38
N ALA Q 75 -65.47 1.34 -46.16
CA ALA Q 75 -65.69 1.51 -47.59
C ALA Q 75 -65.95 0.17 -48.27
N ARG Q 76 -65.19 -0.86 -47.90
CA ARG Q 76 -65.40 -2.18 -48.47
C ARG Q 76 -66.73 -2.78 -48.03
N LEU Q 77 -67.14 -2.52 -46.79
CA LEU Q 77 -68.44 -3.01 -46.31
C LEU Q 77 -69.57 -2.42 -47.13
N GLN Q 78 -69.44 -1.16 -47.55
CA GLN Q 78 -70.44 -0.55 -48.42
C GLN Q 78 -70.53 -1.30 -49.75
N ALA Q 79 -69.38 -1.72 -50.29
CA ALA Q 79 -69.39 -2.56 -51.48
C ALA Q 79 -70.07 -3.89 -51.21
N GLU Q 80 -69.78 -4.50 -50.06
CA GLU Q 80 -70.48 -5.72 -49.68
C GLU Q 80 -71.96 -5.47 -49.40
N ASN Q 81 -72.29 -4.28 -48.89
CA ASN Q 81 -73.69 -3.98 -48.57
C ASN Q 81 -74.56 -4.01 -49.82
N GLU Q 82 -74.08 -3.40 -50.92
CA GLU Q 82 -74.86 -3.39 -52.14
C GLU Q 82 -74.93 -4.77 -52.78
N ARG Q 83 -73.90 -5.60 -52.58
CA ARG Q 83 -73.89 -6.93 -53.17
C ARG Q 83 -75.05 -7.76 -52.65
N ALA Q 84 -75.30 -7.71 -51.35
CA ALA Q 84 -76.48 -8.39 -50.80
C ALA Q 84 -77.76 -7.68 -51.21
N GLU Q 85 -77.72 -6.35 -51.34
CA GLU Q 85 -78.89 -5.61 -51.81
C GLU Q 85 -79.26 -6.02 -53.23
N ARG Q 86 -78.26 -6.19 -54.10
CA ARG Q 86 -78.52 -6.73 -55.43
C ARG Q 86 -79.10 -8.14 -55.35
N GLN Q 87 -78.56 -8.95 -54.44
CA GLN Q 87 -79.10 -10.29 -54.24
C GLN Q 87 -80.54 -10.21 -53.71
N ASP Q 88 -80.80 -9.31 -52.76
CA ASP Q 88 -82.13 -9.18 -52.19
C ASP Q 88 -83.14 -8.71 -53.23
N ARG Q 89 -82.81 -7.62 -53.93
CA ARG Q 89 -83.74 -7.08 -54.93
C ARG Q 89 -83.94 -8.08 -56.06
N GLY Q 90 -82.87 -8.75 -56.51
CA GLY Q 90 -83.03 -9.79 -57.50
C GLY Q 90 -83.86 -10.96 -57.01
N LEU Q 91 -83.70 -11.32 -55.73
CA LEU Q 91 -84.46 -12.42 -55.14
C LEU Q 91 -85.95 -12.10 -55.13
N LYS Q 92 -86.31 -10.88 -54.73
CA LYS Q 92 -87.72 -10.50 -54.67
C LYS Q 92 -88.37 -10.56 -56.04
N GLU Q 93 -87.67 -10.07 -57.07
CA GLU Q 93 -88.18 -10.19 -58.44
C GLU Q 93 -88.24 -11.66 -58.87
N ALA Q 94 -87.20 -12.43 -58.55
CA ALA Q 94 -87.17 -13.82 -58.98
C ALA Q 94 -88.19 -14.67 -58.23
N GLU Q 95 -88.27 -14.50 -56.90
CA GLU Q 95 -89.23 -15.29 -56.12
C GLU Q 95 -90.66 -14.99 -56.54
N THR Q 96 -90.99 -13.71 -56.73
CA THR Q 96 -92.34 -13.36 -57.16
C THR Q 96 -92.62 -13.85 -58.58
N THR Q 97 -91.62 -13.77 -59.47
CA THR Q 97 -91.83 -14.21 -60.85
C THR Q 97 -92.14 -15.69 -60.93
N TYR Q 98 -91.41 -16.51 -60.15
CA TYR Q 98 -91.64 -17.96 -60.20
C TYR Q 98 -93.03 -18.32 -59.69
N ALA Q 99 -93.58 -17.50 -58.78
CA ALA Q 99 -94.93 -17.76 -58.29
C ALA Q 99 -95.96 -17.69 -59.42
N LYS Q 100 -95.79 -16.73 -60.33
CA LYS Q 100 -96.66 -16.66 -61.49
C LYS Q 100 -96.44 -17.85 -62.42
N LEU Q 101 -95.18 -18.28 -62.59
CA LEU Q 101 -94.89 -19.39 -63.48
C LEU Q 101 -95.50 -20.70 -62.97
N VAL Q 102 -95.33 -20.98 -61.68
CA VAL Q 102 -95.88 -22.24 -61.14
C VAL Q 102 -97.40 -22.20 -61.16
N GLU Q 103 -98.01 -21.05 -60.88
CA GLU Q 103 -99.46 -20.92 -61.01
C GLU Q 103 -99.89 -21.14 -62.46
N SER Q 104 -99.16 -20.55 -63.40
CA SER Q 104 -99.43 -20.82 -64.81
C SER Q 104 -99.09 -22.25 -65.19
N GLN Q 105 -98.06 -22.82 -64.55
CA GLN Q 105 -97.70 -24.22 -64.81
C GLN Q 105 -98.85 -25.15 -64.44
N LYS Q 106 -99.45 -24.94 -63.27
CA LYS Q 106 -100.60 -25.74 -62.88
C LYS Q 106 -101.81 -25.43 -63.76
N THR Q 107 -101.96 -24.17 -64.19
CA THR Q 107 -103.06 -23.81 -65.07
C THR Q 107 -102.94 -24.51 -66.42
N LEU Q 108 -101.73 -24.54 -66.97
CA LEU Q 108 -101.54 -25.15 -68.30
C LEU Q 108 -101.74 -26.66 -68.24
N VAL Q 109 -101.19 -27.33 -67.23
CA VAL Q 109 -101.39 -28.77 -67.13
C VAL Q 109 -102.86 -29.08 -66.83
N ASP Q 110 -103.56 -28.17 -66.15
CA ASP Q 110 -105.00 -28.32 -66.01
C ASP Q 110 -105.69 -28.22 -67.36
N PHE Q 111 -105.23 -27.30 -68.22
CA PHE Q 111 -105.74 -27.23 -69.59
C PHE Q 111 -105.39 -28.50 -70.36
N VAL Q 112 -104.18 -29.03 -70.15
CA VAL Q 112 -103.80 -30.30 -70.76
C VAL Q 112 -104.69 -31.43 -70.23
N ARG Q 113 -104.97 -31.40 -68.92
CA ARG Q 113 -105.93 -32.35 -68.36
C ARG Q 113 -107.30 -32.19 -69.02
N LYS Q 114 -107.74 -30.94 -69.22
CA LYS Q 114 -108.95 -30.70 -69.99
C LYS Q 114 -108.78 -31.06 -71.46
N GLU Q 115 -107.58 -30.85 -72.00
CA GLU Q 115 -107.32 -31.21 -73.39
C GLU Q 115 -107.45 -32.71 -73.60
N TYR Q 116 -106.95 -33.51 -72.66
CA TYR Q 116 -107.13 -34.96 -72.75
C TYR Q 116 -108.62 -35.33 -72.73
N GLU Q 117 -109.39 -34.68 -71.85
CA GLU Q 117 -110.84 -34.88 -71.85
C GLU Q 117 -111.46 -34.39 -73.15
N ASP Q 118 -111.00 -33.24 -73.64
CA ASP Q 118 -111.56 -32.67 -74.87
C ASP Q 118 -111.32 -33.57 -76.07
N THR Q 119 -110.14 -34.20 -76.14
CA THR Q 119 -109.79 -35.02 -77.30
C THR Q 119 -110.75 -36.19 -77.44
N LYS Q 120 -110.98 -36.92 -76.35
CA LYS Q 120 -111.90 -38.06 -76.41
C LYS Q 120 -113.36 -37.65 -76.34
N HIS Q 121 -113.66 -36.44 -75.85
CA HIS Q 121 -115.04 -35.96 -75.85
C HIS Q 121 -115.56 -35.80 -77.27
N GLN Q 122 -114.73 -35.27 -78.17
CA GLN Q 122 -115.09 -35.19 -79.57
C GLN Q 122 -115.25 -36.59 -80.17
N LYS Q 123 -114.44 -37.54 -79.72
CA LYS Q 123 -114.56 -38.92 -80.17
C LYS Q 123 -115.91 -39.51 -79.76
N TYR Q 124 -116.36 -39.21 -78.55
CA TYR Q 124 -117.65 -39.69 -78.08
C TYR Q 124 -118.79 -39.10 -78.90
N GLY R 26 -90.06 -29.30 -67.59
CA GLY R 26 -88.98 -29.38 -66.62
C GLY R 26 -88.22 -28.09 -66.45
N SER R 27 -88.45 -27.15 -67.36
CA SER R 27 -87.78 -25.85 -67.28
C SER R 27 -88.24 -25.06 -66.06
N PHE R 28 -89.46 -25.30 -65.58
CA PHE R 28 -89.96 -24.59 -64.41
C PHE R 28 -89.13 -24.90 -63.17
N ASP R 29 -88.75 -26.16 -62.99
CA ASP R 29 -87.93 -26.53 -61.83
C ASP R 29 -86.49 -26.11 -61.98
N GLU R 30 -85.98 -26.02 -63.21
CA GLU R 30 -84.60 -25.60 -63.42
C GLU R 30 -84.38 -24.16 -62.98
N ILE R 31 -85.30 -23.27 -63.36
CA ILE R 31 -85.21 -21.89 -62.90
C ILE R 31 -85.50 -21.80 -61.40
N SER R 32 -86.37 -22.66 -60.89
CA SER R 32 -86.70 -22.64 -59.46
C SER R 32 -85.46 -22.88 -58.61
N GLN R 33 -84.67 -23.91 -58.95
CA GLN R 33 -83.41 -24.14 -58.25
C GLN R 33 -82.44 -23.00 -58.49
N TYR R 34 -82.42 -22.46 -59.71
CA TYR R 34 -81.58 -21.30 -60.00
C TYR R 34 -81.97 -20.11 -59.14
N ILE R 35 -83.27 -19.87 -58.98
CA ILE R 35 -83.73 -18.85 -58.04
C ILE R 35 -83.36 -19.24 -56.61
N GLN R 36 -83.55 -20.51 -56.26
CA GLN R 36 -83.11 -20.99 -54.95
C GLN R 36 -81.59 -20.96 -54.83
N GLU R 37 -80.87 -21.04 -55.95
CA GLU R 37 -79.43 -20.82 -55.90
C GLU R 37 -79.11 -19.39 -55.51
N LEU R 38 -79.89 -18.43 -56.04
CA LEU R 38 -79.72 -17.04 -55.65
C LEU R 38 -80.20 -16.82 -54.22
N GLU R 39 -81.10 -17.68 -53.74
CA GLU R 39 -81.44 -17.69 -52.31
C GLU R 39 -80.21 -17.96 -51.46
N GLU R 40 -79.39 -18.94 -51.87
CA GLU R 40 -78.22 -19.30 -51.08
C GLU R 40 -77.15 -18.22 -51.12
N GLU R 41 -76.98 -17.57 -52.29
CA GLU R 41 -75.94 -16.56 -52.42
C GLU R 41 -76.18 -15.37 -51.50
N ARG R 42 -77.44 -14.97 -51.33
CA ARG R 42 -77.74 -13.84 -50.45
C ARG R 42 -77.38 -14.16 -49.00
N ARG R 43 -77.67 -15.37 -48.54
CA ARG R 43 -77.41 -15.72 -47.15
C ARG R 43 -75.92 -15.72 -46.84
N LEU R 44 -75.09 -16.27 -47.73
CA LEU R 44 -73.65 -16.23 -47.51
C LEU R 44 -73.12 -14.81 -47.61
N THR R 45 -73.69 -14.00 -48.51
CA THR R 45 -73.30 -12.58 -48.58
C THR R 45 -73.72 -11.84 -47.33
N GLU R 46 -74.95 -12.10 -46.83
CA GLU R 46 -75.40 -11.44 -45.61
C GLU R 46 -74.58 -11.88 -44.42
N SER R 47 -74.20 -13.16 -44.36
CA SER R 47 -73.32 -13.63 -43.30
C SER R 47 -71.96 -12.95 -43.38
N SER R 48 -71.45 -12.73 -44.60
CA SER R 48 -70.20 -12.01 -44.76
C SER R 48 -70.32 -10.58 -44.26
N ILE R 49 -71.46 -9.92 -44.52
CA ILE R 49 -71.68 -8.57 -44.01
C ILE R 49 -71.75 -8.59 -42.49
N ARG R 50 -72.50 -9.55 -41.92
CA ARG R 50 -72.66 -9.59 -40.48
C ARG R 50 -71.32 -9.83 -39.77
N LYS R 51 -70.49 -10.71 -40.31
CA LYS R 51 -69.18 -10.93 -39.72
C LYS R 51 -68.28 -9.71 -39.91
N MET R 52 -68.41 -9.01 -41.04
CA MET R 52 -67.58 -7.85 -41.29
C MET R 52 -68.09 -6.63 -40.55
N GLU R 53 -69.42 -6.52 -40.40
CA GLU R 53 -69.99 -5.45 -39.57
C GLU R 53 -69.54 -5.58 -38.13
N LYS R 54 -69.47 -6.81 -37.62
CA LYS R 54 -68.98 -7.03 -36.26
C LYS R 54 -67.53 -6.57 -36.13
N GLU R 55 -66.70 -6.87 -37.13
CA GLU R 55 -65.33 -6.37 -37.12
C GLU R 55 -65.29 -4.86 -37.30
N LYS R 56 -66.27 -4.28 -38.01
CA LYS R 56 -66.33 -2.83 -38.15
C LYS R 56 -66.47 -2.17 -36.79
N SER R 57 -67.34 -2.72 -35.93
CA SER R 57 -67.39 -2.26 -34.55
C SER R 57 -66.13 -2.64 -33.79
N ASP R 58 -65.57 -3.82 -34.09
CA ASP R 58 -64.31 -4.22 -33.47
C ASP R 58 -63.16 -3.32 -33.88
N LEU R 59 -63.13 -2.90 -35.16
CA LEU R 59 -62.11 -1.96 -35.59
C LEU R 59 -62.28 -0.61 -34.88
N ASN R 60 -63.52 -0.16 -34.72
CA ASN R 60 -63.79 1.11 -34.07
C ASN R 60 -63.58 1.05 -32.56
N GLU R 61 -63.89 -0.07 -31.92
CA GLU R 61 -63.64 -0.19 -30.48
C GLU R 61 -62.15 -0.31 -30.18
N LYS R 62 -61.38 -0.89 -31.11
CA LYS R 62 -59.92 -0.85 -30.97
C LYS R 62 -59.40 0.57 -31.12
N ILE R 63 -60.04 1.39 -31.96
CA ILE R 63 -59.72 2.81 -31.98
C ILE R 63 -59.98 3.43 -30.62
N ASP R 64 -61.13 3.12 -30.02
CA ASP R 64 -61.41 3.59 -28.66
C ASP R 64 -60.43 3.01 -27.67
N GLU R 65 -60.09 1.72 -27.81
CA GLU R 65 -59.11 1.11 -26.92
C GLU R 65 -57.74 1.78 -27.08
N LEU R 66 -57.34 2.05 -28.31
CA LEU R 66 -56.12 2.81 -28.54
C LEU R 66 -56.29 4.27 -28.18
N THR R 67 -57.52 4.79 -28.24
CA THR R 67 -57.77 6.17 -27.79
C THR R 67 -57.47 6.31 -26.30
N THR R 68 -57.85 5.31 -25.50
CA THR R 68 -57.49 5.31 -24.10
C THR R 68 -55.97 5.33 -23.92
N ARG R 69 -55.26 4.54 -24.72
CA ARG R 69 -53.81 4.65 -24.76
C ARG R 69 -53.39 6.01 -25.31
N LYS R 70 -54.07 6.48 -26.36
CA LYS R 70 -53.76 7.80 -26.92
C LYS R 70 -54.03 8.90 -25.91
N CYS R 71 -55.18 8.83 -25.24
CA CYS R 71 -55.49 9.84 -24.21
C CYS R 71 -54.49 9.76 -23.07
N SER R 72 -54.12 8.55 -22.64
CA SER R 72 -53.15 8.40 -21.58
C SER R 72 -51.78 8.93 -22.00
N VAL R 73 -51.33 8.56 -23.19
CA VAL R 73 -50.00 8.98 -23.63
C VAL R 73 -49.98 10.48 -23.91
N ASP R 74 -51.07 11.03 -24.43
CA ASP R 74 -51.14 12.47 -24.66
C ASP R 74 -51.13 13.23 -23.34
N ALA R 75 -51.94 12.78 -22.37
CA ALA R 75 -52.00 13.46 -21.08
C ALA R 75 -50.68 13.38 -20.33
N ARG R 76 -50.03 12.21 -20.35
CA ARG R 76 -48.78 12.07 -19.61
C ARG R 76 -47.64 12.83 -20.28
N LEU R 77 -47.61 12.86 -21.62
CA LEU R 77 -46.56 13.61 -22.30
C LEU R 77 -46.78 15.11 -22.23
N GLN R 78 -48.03 15.58 -22.36
CA GLN R 78 -48.28 17.01 -22.20
C GLN R 78 -47.97 17.45 -20.77
N ALA R 79 -48.16 16.56 -19.79
CA ALA R 79 -47.65 16.79 -18.46
C ALA R 79 -46.16 16.53 -18.34
N GLU R 80 -45.60 15.65 -19.18
CA GLU R 80 -44.17 15.42 -19.17
C GLU R 80 -43.42 16.63 -19.73
N ASN R 81 -44.02 17.32 -20.69
CA ASN R 81 -43.49 18.61 -21.11
C ASN R 81 -43.51 19.60 -19.95
N GLU R 82 -44.57 19.58 -19.14
CA GLU R 82 -44.57 20.34 -17.90
C GLU R 82 -43.48 19.83 -16.97
N ARG R 83 -43.29 18.51 -16.89
CA ARG R 83 -42.18 17.97 -16.12
C ARG R 83 -40.84 18.43 -16.69
N ALA R 84 -40.71 18.43 -18.02
CA ALA R 84 -39.47 18.85 -18.65
C ALA R 84 -39.14 20.30 -18.32
N GLU R 85 -40.13 21.20 -18.44
CA GLU R 85 -39.90 22.59 -18.10
C GLU R 85 -39.72 22.79 -16.60
N ARG R 86 -40.44 22.02 -15.79
CA ARG R 86 -40.21 22.04 -14.34
C ARG R 86 -38.78 21.63 -14.02
N GLN R 87 -38.26 20.64 -14.75
CA GLN R 87 -36.86 20.30 -14.61
C GLN R 87 -35.97 21.46 -15.08
N ASP R 88 -36.37 22.13 -16.16
CA ASP R 88 -35.58 23.23 -16.68
C ASP R 88 -35.48 24.36 -15.67
N ARG R 89 -36.60 24.71 -15.03
CA ARG R 89 -36.55 25.66 -13.92
C ARG R 89 -35.82 25.06 -12.73
N GLY R 90 -35.81 23.74 -12.60
CA GLY R 90 -35.07 23.10 -11.53
C GLY R 90 -33.57 23.30 -11.65
N LEU R 91 -33.02 23.10 -12.85
CA LEU R 91 -31.60 23.33 -13.06
C LEU R 91 -31.30 24.82 -13.11
N LYS R 92 -32.24 25.63 -13.60
CA LYS R 92 -32.03 27.07 -13.71
C LYS R 92 -31.61 27.65 -12.37
N GLU R 93 -32.35 27.31 -11.31
CA GLU R 93 -31.91 27.68 -9.97
C GLU R 93 -30.63 26.94 -9.59
N ALA R 94 -30.55 25.64 -9.91
CA ALA R 94 -29.39 24.86 -9.54
C ALA R 94 -28.13 25.36 -10.24
N GLU R 95 -28.23 25.63 -11.56
CA GLU R 95 -27.09 26.19 -12.28
C GLU R 95 -26.75 27.58 -11.77
N THR R 96 -27.76 28.41 -11.52
CA THR R 96 -27.51 29.76 -11.00
C THR R 96 -26.88 29.70 -9.62
N THR R 97 -27.46 28.91 -8.71
CA THR R 97 -26.94 28.83 -7.36
C THR R 97 -25.52 28.26 -7.32
N TYR R 98 -25.26 27.22 -8.12
CA TYR R 98 -23.89 26.73 -8.24
C TYR R 98 -22.98 27.78 -8.85
N ALA R 99 -23.46 28.47 -9.89
CA ALA R 99 -22.70 29.58 -10.45
C ALA R 99 -22.56 30.71 -9.43
N LYS R 100 -23.63 30.99 -8.69
CA LYS R 100 -23.56 32.01 -7.64
C LYS R 100 -22.57 31.60 -6.55
N LEU R 101 -22.50 30.31 -6.23
CA LEU R 101 -21.57 29.86 -5.20
C LEU R 101 -20.13 29.92 -5.69
N VAL R 102 -19.86 29.37 -6.88
CA VAL R 102 -18.47 29.25 -7.33
C VAL R 102 -17.83 30.62 -7.49
N GLU R 103 -18.59 31.62 -7.95
CA GLU R 103 -18.06 32.97 -7.97
C GLU R 103 -17.87 33.50 -6.55
N SER R 104 -18.84 33.22 -5.67
CA SER R 104 -18.72 33.63 -4.28
C SER R 104 -17.66 32.81 -3.55
N GLN R 105 -17.62 31.50 -3.80
CA GLN R 105 -16.65 30.64 -3.14
C GLN R 105 -15.22 31.08 -3.46
N LYS R 106 -14.90 31.20 -4.75
CA LYS R 106 -13.55 31.57 -5.14
C LYS R 106 -13.16 32.95 -4.63
N THR R 107 -14.06 33.94 -4.76
CA THR R 107 -13.71 35.30 -4.34
C THR R 107 -13.55 35.40 -2.84
N LEU R 108 -14.36 34.65 -2.07
CA LEU R 108 -14.28 34.74 -0.62
C LEU R 108 -13.06 33.99 -0.10
N VAL R 109 -12.67 32.90 -0.75
CA VAL R 109 -11.46 32.19 -0.35
C VAL R 109 -10.25 33.09 -0.52
N ASP R 110 -10.11 33.73 -1.69
CA ASP R 110 -8.98 34.64 -1.88
C ASP R 110 -9.13 35.90 -1.04
N PHE R 111 -10.37 36.27 -0.70
CA PHE R 111 -10.56 37.34 0.28
C PHE R 111 -9.96 36.93 1.62
N VAL R 112 -10.17 35.68 2.03
CA VAL R 112 -9.55 35.17 3.24
C VAL R 112 -8.04 35.11 3.09
N ARG R 113 -7.55 34.63 1.93
CA ARG R 113 -6.11 34.64 1.68
C ARG R 113 -5.56 36.05 1.75
N LYS R 114 -6.30 37.02 1.19
CA LYS R 114 -5.89 38.42 1.29
C LYS R 114 -5.77 38.83 2.76
N GLU R 115 -6.78 38.50 3.56
CA GLU R 115 -6.65 38.68 5.00
C GLU R 115 -5.54 37.79 5.57
N TYR R 116 -5.45 36.55 5.09
CA TYR R 116 -4.42 35.65 5.59
C TYR R 116 -3.03 36.15 5.23
N GLU R 117 -2.84 36.68 4.02
CA GLU R 117 -1.55 37.19 3.62
C GLU R 117 -1.12 38.36 4.50
N ASP R 118 -2.01 39.36 4.66
CA ASP R 118 -1.68 40.50 5.51
C ASP R 118 -1.47 40.09 6.97
N THR R 119 -2.25 39.13 7.45
CA THR R 119 -2.03 38.59 8.79
C THR R 119 -0.67 37.91 8.89
N LYS R 120 -0.30 37.14 7.86
CA LYS R 120 1.04 36.57 7.81
C LYS R 120 2.10 37.66 7.64
N HIS R 121 1.80 38.68 6.82
CA HIS R 121 2.76 39.76 6.60
C HIS R 121 3.05 40.52 7.89
N GLN R 122 2.01 40.78 8.68
CA GLN R 122 2.20 41.53 9.92
C GLN R 122 2.99 40.73 10.95
N LYS R 123 2.89 39.40 10.91
CA LYS R 123 3.60 38.55 11.86
C LYS R 123 4.90 37.99 11.30
N TYR R 124 5.14 38.14 10.01
CA TYR R 124 6.38 37.64 9.41
C TYR R 124 7.06 38.72 8.56
N GLY S 26 56.99 74.07 69.15
CA GLY S 26 56.63 72.68 68.94
C GLY S 26 55.28 72.51 68.29
N SER S 27 54.32 73.34 68.69
CA SER S 27 52.98 73.26 68.10
C SER S 27 52.97 73.72 66.65
N PHE S 28 53.99 74.44 66.22
CA PHE S 28 54.03 74.93 64.84
C PHE S 28 54.15 73.78 63.85
N ASP S 29 54.91 72.74 64.20
CA ASP S 29 55.13 71.62 63.29
C ASP S 29 54.02 70.59 63.39
N GLU S 30 53.54 70.31 64.60
CA GLU S 30 52.51 69.28 64.78
C GLU S 30 51.21 69.68 64.08
N ILE S 31 50.81 70.94 64.21
CA ILE S 31 49.59 71.39 63.53
C ILE S 31 49.79 71.40 62.02
N SER S 32 50.94 71.87 61.55
CA SER S 32 51.19 71.93 60.11
C SER S 32 51.24 70.54 59.50
N GLN S 33 51.82 69.57 60.23
CA GLN S 33 51.89 68.20 59.71
C GLN S 33 50.50 67.62 59.53
N TYR S 34 49.59 67.87 60.49
CA TYR S 34 48.23 67.37 60.35
C TYR S 34 47.48 68.11 59.23
N ILE S 35 47.86 69.35 58.93
CA ILE S 35 47.27 70.06 57.81
C ILE S 35 47.59 69.35 56.50
N GLN S 36 48.84 68.93 56.33
CA GLN S 36 49.22 68.21 55.12
C GLN S 36 48.46 66.89 55.00
N GLU S 37 48.30 66.17 56.12
CA GLU S 37 47.52 64.93 56.11
C GLU S 37 46.07 65.21 55.74
N LEU S 38 45.49 66.28 56.29
CA LEU S 38 44.14 66.67 55.91
C LEU S 38 44.09 67.11 54.45
N GLU S 39 45.12 67.84 54.01
CA GLU S 39 45.19 68.22 52.59
C GLU S 39 45.35 66.99 51.71
N GLU S 40 46.07 65.97 52.19
CA GLU S 40 46.13 64.70 51.46
C GLU S 40 44.75 64.07 51.34
N GLU S 41 43.96 64.13 52.42
CA GLU S 41 42.60 63.63 52.37
C GLU S 41 41.72 64.45 51.43
N ARG S 42 42.01 65.75 51.29
CA ARG S 42 41.25 66.58 50.36
C ARG S 42 41.40 66.09 48.94
N ARG S 43 42.63 65.74 48.54
CA ARG S 43 42.83 65.17 47.20
C ARG S 43 42.14 63.82 47.08
N LEU S 44 42.17 63.01 48.14
CA LEU S 44 41.51 61.72 48.12
C LEU S 44 40.00 61.87 47.95
N THR S 45 39.40 62.86 48.63
CA THR S 45 37.98 63.13 48.46
C THR S 45 37.67 63.55 47.03
N GLU S 46 38.52 64.38 46.45
CA GLU S 46 38.32 64.79 45.06
C GLU S 46 38.37 63.60 44.11
N SER S 47 39.29 62.67 44.35
CA SER S 47 39.38 61.48 43.51
C SER S 47 38.09 60.67 43.56
N SER S 48 37.52 60.51 44.76
CA SER S 48 36.23 59.83 44.88
C SER S 48 35.13 60.62 44.20
N ILE S 49 35.18 61.96 44.31
CA ILE S 49 34.17 62.80 43.67
C ILE S 49 34.22 62.64 42.16
N ARG S 50 35.43 62.69 41.59
CA ARG S 50 35.58 62.52 40.14
C ARG S 50 35.16 61.13 39.69
N LYS S 51 35.50 60.11 40.49
CA LYS S 51 35.05 58.76 40.18
C LYS S 51 33.53 58.63 40.26
N MET S 52 32.91 59.34 41.21
CA MET S 52 31.46 59.31 41.32
C MET S 52 30.81 59.90 40.08
N GLU S 53 31.39 60.95 39.52
CA GLU S 53 30.90 61.49 38.26
C GLU S 53 31.01 60.47 37.13
N LYS S 54 32.14 59.75 37.09
CA LYS S 54 32.29 58.69 36.09
C LYS S 54 31.29 57.57 36.34
N GLU S 55 31.06 57.21 37.61
CA GLU S 55 30.03 56.23 37.92
C GLU S 55 28.65 56.76 37.53
N LYS S 56 28.41 58.05 37.74
CA LYS S 56 27.16 58.66 37.29
C LYS S 56 27.03 58.59 35.77
N SER S 57 28.14 58.85 35.05
CA SER S 57 28.12 58.77 33.60
C SER S 57 27.84 57.35 33.14
N ASP S 58 28.38 56.36 33.86
CA ASP S 58 28.09 54.96 33.54
C ASP S 58 26.59 54.68 33.70
N LEU S 59 25.99 55.20 34.76
CA LEU S 59 24.54 55.02 34.96
C LEU S 59 23.76 55.74 33.87
N ASN S 60 24.22 56.93 33.46
CA ASN S 60 23.52 57.69 32.42
C ASN S 60 23.51 56.92 31.11
N GLU S 61 24.65 56.35 30.73
CA GLU S 61 24.74 55.62 29.47
C GLU S 61 23.82 54.41 29.47
N LYS S 62 23.79 53.68 30.58
CA LYS S 62 22.94 52.49 30.65
C LYS S 62 21.47 52.88 30.68
N ILE S 63 21.11 53.93 31.43
CA ILE S 63 19.71 54.33 31.51
C ILE S 63 19.25 54.96 30.20
N ASP S 64 20.15 55.62 29.47
CA ASP S 64 19.78 56.16 28.16
C ASP S 64 19.72 55.06 27.10
N GLU S 65 20.55 54.03 27.23
CA GLU S 65 20.42 52.86 26.36
C GLU S 65 19.07 52.19 26.59
N LEU S 66 18.59 52.19 27.83
CA LEU S 66 17.25 51.69 28.12
C LEU S 66 16.19 52.51 27.40
N THR S 67 16.35 53.83 27.39
CA THR S 67 15.39 54.70 26.72
C THR S 67 15.33 54.39 25.22
N THR S 68 16.49 54.15 24.60
CA THR S 68 16.50 53.71 23.20
C THR S 68 15.82 52.36 23.06
N ARG S 69 16.10 51.43 23.99
CA ARG S 69 15.46 50.12 23.95
C ARG S 69 13.98 50.22 24.28
N LYS S 70 13.62 51.02 25.29
CA LYS S 70 12.22 51.15 25.67
C LYS S 70 11.40 51.80 24.55
N CYS S 71 11.95 52.83 23.92
CA CYS S 71 11.27 53.46 22.80
C CYS S 71 11.16 52.52 21.61
N SER S 72 12.17 51.67 21.40
CA SER S 72 12.12 50.73 20.29
C SER S 72 10.99 49.71 20.47
N VAL S 73 10.91 49.09 21.65
CA VAL S 73 9.85 48.13 21.91
C VAL S 73 8.49 48.83 21.99
N ASP S 74 8.45 50.04 22.56
CA ASP S 74 7.19 50.77 22.62
C ASP S 74 6.66 51.11 21.24
N ALA S 75 7.55 51.54 20.34
CA ALA S 75 7.15 51.77 18.95
C ALA S 75 6.76 50.47 18.27
N ARG S 76 7.37 49.36 18.67
CA ARG S 76 6.97 48.06 18.14
C ARG S 76 5.69 47.56 18.81
N LEU S 77 5.52 47.85 20.10
CA LEU S 77 4.32 47.40 20.80
C LEU S 77 3.07 48.11 20.30
N GLN S 78 3.15 49.42 20.05
CA GLN S 78 2.02 50.13 19.47
C GLN S 78 1.73 49.63 18.07
N ALA S 79 2.79 49.30 17.32
CA ALA S 79 2.59 48.63 16.03
C ALA S 79 1.97 47.25 16.23
N GLU S 80 2.38 46.55 17.29
CA GLU S 80 1.76 45.26 17.60
C GLU S 80 0.29 45.42 17.93
N ASN S 81 -0.07 46.47 18.67
CA ASN S 81 -1.47 46.72 18.98
C ASN S 81 -2.26 47.03 17.72
N GLU S 82 -1.68 47.80 16.80
CA GLU S 82 -2.38 48.14 15.56
C GLU S 82 -2.59 46.90 14.69
N ARG S 83 -1.54 46.09 14.53
CA ARG S 83 -1.66 44.93 13.65
C ARG S 83 -2.56 43.86 14.25
N ALA S 84 -2.49 43.66 15.57
CA ALA S 84 -3.33 42.64 16.20
C ALA S 84 -4.81 42.98 16.06
N GLU S 85 -5.17 44.24 16.27
CA GLU S 85 -6.56 44.66 16.10
C GLU S 85 -6.99 44.49 14.65
N ARG S 86 -6.11 44.81 13.70
CA ARG S 86 -6.45 44.66 12.29
C ARG S 86 -6.72 43.19 11.99
N GLN S 87 -5.86 42.29 12.50
CA GLN S 87 -6.15 40.87 12.41
C GLN S 87 -7.46 40.53 13.10
N ASP S 88 -7.69 41.11 14.28
CA ASP S 88 -8.97 40.91 14.96
C ASP S 88 -10.13 41.43 14.11
N ARG S 89 -9.92 42.57 13.45
CA ARG S 89 -10.96 43.14 12.60
C ARG S 89 -11.29 42.22 11.44
N GLY S 90 -10.25 41.71 10.76
CA GLY S 90 -10.48 40.84 9.63
C GLY S 90 -10.93 39.44 10.01
N LEU S 91 -10.45 38.93 11.14
CA LEU S 91 -10.84 37.59 11.57
C LEU S 91 -12.34 37.54 11.85
N LYS S 92 -12.89 38.58 12.46
CA LYS S 92 -14.33 38.64 12.66
C LYS S 92 -15.07 38.73 11.34
N GLU S 93 -14.63 39.64 10.45
CA GLU S 93 -15.29 39.78 9.15
C GLU S 93 -15.16 38.51 8.32
N ALA S 94 -14.00 37.83 8.41
CA ALA S 94 -13.85 36.55 7.75
C ALA S 94 -14.82 35.53 8.32
N GLU S 95 -15.00 35.53 9.64
CA GLU S 95 -15.91 34.58 10.28
C GLU S 95 -17.37 34.89 9.94
N THR S 96 -17.74 36.16 9.90
CA THR S 96 -19.09 36.53 9.48
C THR S 96 -19.33 36.16 8.02
N THR S 97 -18.34 36.40 7.16
CA THR S 97 -18.46 35.94 5.77
C THR S 97 -18.36 34.42 5.69
N TYR S 98 -17.63 33.80 6.63
CA TYR S 98 -17.66 32.35 6.75
C TYR S 98 -19.07 31.87 7.08
N ALA S 99 -19.73 32.52 8.04
CA ALA S 99 -21.10 32.17 8.36
C ALA S 99 -22.03 32.42 7.18
N LYS S 100 -21.72 33.41 6.35
CA LYS S 100 -22.46 33.60 5.11
C LYS S 100 -22.30 32.39 4.20
N LEU S 101 -21.09 31.84 4.12
CA LEU S 101 -20.89 30.62 3.36
C LEU S 101 -21.55 29.43 4.04
N VAL S 102 -21.53 29.39 5.37
CA VAL S 102 -22.14 28.27 6.11
C VAL S 102 -23.64 28.21 5.80
N GLU S 103 -24.31 29.36 5.83
CA GLU S 103 -25.72 29.39 5.45
C GLU S 103 -25.90 29.25 3.95
N SER S 104 -24.85 29.53 3.17
CA SER S 104 -24.97 29.49 1.71
C SER S 104 -25.29 28.08 1.22
N GLN S 105 -24.54 27.07 1.68
CA GLN S 105 -24.85 25.71 1.26
C GLN S 105 -26.18 25.24 1.85
N LYS S 106 -26.47 25.65 3.09
CA LYS S 106 -27.69 25.20 3.76
C LYS S 106 -28.94 25.53 2.94
N THR S 107 -28.93 26.68 2.26
CA THR S 107 -30.03 27.00 1.34
C THR S 107 -30.11 26.00 0.21
N LEU S 108 -29.02 25.85 -0.56
CA LEU S 108 -29.07 25.03 -1.76
C LEU S 108 -29.07 23.55 -1.42
N VAL S 109 -28.44 23.17 -0.30
CA VAL S 109 -28.53 21.78 0.14
C VAL S 109 -29.98 21.38 0.34
N ASP S 110 -30.76 22.28 0.94
CA ASP S 110 -32.21 22.10 0.97
C ASP S 110 -32.80 22.15 -0.43
N PHE S 111 -32.21 22.95 -1.31
CA PHE S 111 -32.72 23.13 -2.66
C PHE S 111 -32.22 22.06 -3.63
N VAL S 112 -31.02 21.52 -3.43
CA VAL S 112 -30.52 20.47 -4.30
C VAL S 112 -31.28 19.16 -4.07
N ARG S 113 -31.67 18.91 -2.81
CA ARG S 113 -32.40 17.70 -2.50
C ARG S 113 -33.91 17.85 -2.65
N LYS S 114 -34.43 19.08 -2.71
CA LYS S 114 -35.82 19.25 -3.09
C LYS S 114 -35.99 19.08 -4.60
N GLU S 115 -35.01 19.55 -5.38
CA GLU S 115 -34.99 19.24 -6.81
C GLU S 115 -34.61 17.80 -7.06
N TYR S 116 -33.78 17.23 -6.17
CA TYR S 116 -33.48 15.80 -6.24
C TYR S 116 -34.75 14.97 -6.08
N GLU S 117 -35.69 15.44 -5.25
CA GLU S 117 -36.94 14.73 -5.03
C GLU S 117 -37.99 15.10 -6.05
N ASP S 118 -37.97 16.34 -6.56
CA ASP S 118 -38.98 16.74 -7.53
C ASP S 118 -38.86 15.99 -8.84
N THR S 119 -37.65 15.56 -9.21
CA THR S 119 -37.48 14.77 -10.43
C THR S 119 -37.92 13.32 -10.24
N LYS S 120 -38.09 12.89 -9.00
CA LYS S 120 -38.54 11.53 -8.74
C LYS S 120 -39.96 11.31 -9.24
N HIS S 121 -40.85 12.29 -9.00
CA HIS S 121 -42.20 12.22 -9.56
C HIS S 121 -42.15 12.33 -11.08
N GLN S 122 -41.29 13.21 -11.61
CA GLN S 122 -41.14 13.33 -13.05
C GLN S 122 -40.44 12.11 -13.66
N LYS S 123 -39.76 11.31 -12.83
CA LYS S 123 -39.24 10.03 -13.30
C LYS S 123 -40.34 8.97 -13.39
N TYR S 124 -40.95 8.64 -12.25
CA TYR S 124 -41.99 7.63 -12.21
C TYR S 124 -43.34 8.24 -11.82
N GLY T 26 -9.61 21.08 2.24
CA GLY T 26 -10.35 21.32 1.02
C GLY T 26 -11.79 21.75 1.27
N SER T 27 -12.28 22.65 0.42
CA SER T 27 -13.65 23.17 0.49
C SER T 27 -13.83 23.86 1.84
N PHE T 28 -14.85 23.52 2.62
CA PHE T 28 -15.03 24.15 3.92
C PHE T 28 -13.94 23.75 4.91
N ASP T 29 -13.29 22.61 4.68
CA ASP T 29 -12.17 22.23 5.54
C ASP T 29 -10.99 23.18 5.39
N GLU T 30 -10.61 23.53 4.17
CA GLU T 30 -9.44 24.39 3.97
C GLU T 30 -9.72 25.81 4.43
N ILE T 31 -10.93 26.32 4.21
CA ILE T 31 -11.27 27.65 4.72
C ILE T 31 -11.34 27.63 6.24
N SER T 32 -11.75 26.49 6.82
CA SER T 32 -11.63 26.30 8.26
C SER T 32 -10.16 26.36 8.68
N GLN T 33 -9.30 25.66 7.95
CA GLN T 33 -7.86 25.79 8.17
C GLN T 33 -7.38 27.21 7.92
N TYR T 34 -7.98 27.88 6.91
CA TYR T 34 -7.66 29.29 6.67
C TYR T 34 -7.98 30.14 7.89
N ILE T 35 -9.16 29.93 8.48
CA ILE T 35 -9.50 30.60 9.73
C ILE T 35 -8.65 30.05 10.88
N GLN T 36 -8.38 28.75 10.86
CA GLN T 36 -7.57 28.14 11.91
C GLN T 36 -6.19 28.76 11.98
N GLU T 37 -5.49 28.82 10.84
CA GLU T 37 -4.18 29.46 10.82
C GLU T 37 -4.29 30.96 11.04
N LEU T 38 -5.40 31.56 10.60
CA LEU T 38 -5.67 32.96 10.95
C LEU T 38 -5.78 33.12 12.46
N GLU T 39 -6.33 32.12 13.15
CA GLU T 39 -6.42 32.17 14.60
C GLU T 39 -5.07 31.92 15.26
N GLU T 40 -4.26 30.99 14.72
CA GLU T 40 -2.94 30.77 15.26
C GLU T 40 -2.06 32.00 15.14
N GLU T 41 -2.16 32.70 14.00
CA GLU T 41 -1.47 33.98 13.87
C GLU T 41 -1.95 34.97 14.92
N ARG T 42 -3.26 34.99 15.17
CA ARG T 42 -3.79 35.78 16.28
C ARG T 42 -3.27 35.28 17.62
N ARG T 43 -3.20 33.96 17.80
CA ARG T 43 -2.72 33.40 19.05
C ARG T 43 -1.25 33.77 19.30
N LEU T 44 -0.41 33.62 18.27
CA LEU T 44 1.00 33.96 18.42
C LEU T 44 1.17 35.46 18.61
N THR T 45 0.30 36.26 17.97
CA THR T 45 0.32 37.70 18.19
C THR T 45 0.00 38.03 19.64
N GLU T 46 -0.97 37.33 20.24
CA GLU T 46 -1.30 37.54 21.64
C GLU T 46 -0.10 37.20 22.53
N SER T 47 0.61 36.12 22.19
CA SER T 47 1.82 35.78 22.92
C SER T 47 2.86 36.88 22.83
N SER T 48 3.04 37.44 21.62
CA SER T 48 4.02 38.51 21.45
C SER T 48 3.58 39.79 22.15
N ILE T 49 2.28 40.07 22.20
CA ILE T 49 1.79 41.25 22.89
C ILE T 49 2.09 41.17 24.39
N ARG T 50 1.72 40.05 25.01
CA ARG T 50 2.02 39.87 26.42
C ARG T 50 3.51 39.78 26.67
N LYS T 51 4.26 39.22 25.72
CA LYS T 51 5.70 39.14 25.85
C LYS T 51 6.31 40.53 26.00
N MET T 52 5.86 41.47 25.17
CA MET T 52 6.40 42.84 25.23
C MET T 52 5.97 43.57 26.49
N GLU T 53 4.85 43.17 27.09
CA GLU T 53 4.38 43.81 28.32
C GLU T 53 5.36 43.58 29.46
N LYS T 54 5.84 42.34 29.63
CA LYS T 54 6.86 42.08 30.64
C LYS T 54 8.21 42.66 30.23
N GLU T 55 8.49 42.75 28.93
CA GLU T 55 9.72 43.38 28.48
C GLU T 55 9.77 44.85 28.88
N LYS T 56 8.70 45.59 28.59
CA LYS T 56 8.62 46.99 29.01
C LYS T 56 8.55 47.09 30.53
N SER T 57 7.84 46.15 31.17
CA SER T 57 7.82 46.12 32.63
C SER T 57 9.22 45.87 33.19
N ASP T 58 9.97 44.96 32.59
CA ASP T 58 11.35 44.74 32.99
C ASP T 58 12.20 45.99 32.71
N LEU T 59 11.99 46.63 31.56
CA LEU T 59 12.68 47.89 31.29
C LEU T 59 12.25 48.97 32.27
N ASN T 60 10.95 49.03 32.60
CA ASN T 60 10.48 49.97 33.60
C ASN T 60 10.93 49.57 35.00
N GLU T 61 11.25 48.28 35.20
CA GLU T 61 11.72 47.83 36.50
C GLU T 61 13.13 48.35 36.79
N LYS T 62 14.04 48.20 35.83
CA LYS T 62 15.44 48.53 36.08
C LYS T 62 15.73 50.01 35.90
N ILE T 63 14.83 50.75 35.23
CA ILE T 63 15.03 52.19 35.14
C ILE T 63 14.87 52.85 36.51
N ASP T 64 13.96 52.30 37.33
CA ASP T 64 13.85 52.76 38.72
C ASP T 64 15.10 52.39 39.50
N GLU T 65 15.65 51.19 39.26
CA GLU T 65 16.89 50.80 39.91
C GLU T 65 18.04 51.71 39.51
N LEU T 66 18.12 52.06 38.23
CA LEU T 66 19.16 52.99 37.77
C LEU T 66 18.90 54.40 38.28
N THR T 67 17.64 54.84 38.27
CA THR T 67 17.32 56.16 38.82
C THR T 67 17.66 56.24 40.30
N THR T 68 17.34 55.18 41.06
CA THR T 68 17.77 55.14 42.45
C THR T 68 19.27 55.14 42.57
N ARG T 69 19.96 54.40 41.68
CA ARG T 69 21.42 54.44 41.65
C ARG T 69 21.92 55.83 41.29
N LYS T 70 21.27 56.50 40.33
CA LYS T 70 21.65 57.86 39.98
C LYS T 70 21.43 58.81 41.15
N CYS T 71 20.29 58.68 41.83
CA CYS T 71 20.03 59.52 43.00
C CYS T 71 21.01 59.22 44.12
N SER T 72 21.32 57.93 44.34
CA SER T 72 22.28 57.57 45.37
C SER T 72 23.67 58.12 45.06
N VAL T 73 24.09 58.03 43.80
CA VAL T 73 25.39 58.55 43.41
C VAL T 73 25.40 60.07 43.48
N ASP T 74 24.36 60.72 42.95
CA ASP T 74 24.31 62.18 42.93
C ASP T 74 24.22 62.76 44.33
N ALA T 75 23.47 62.12 45.22
CA ALA T 75 23.37 62.61 46.60
C ALA T 75 24.73 62.59 47.29
N ARG T 76 25.48 61.50 47.11
CA ARG T 76 26.82 61.44 47.68
C ARG T 76 27.77 62.35 46.92
N LEU T 77 27.58 62.50 45.61
CA LEU T 77 28.47 63.33 44.80
C LEU T 77 28.46 64.77 45.26
N GLN T 78 27.26 65.35 45.43
CA GLN T 78 27.17 66.74 45.85
C GLN T 78 27.52 66.90 47.33
N ALA T 79 27.14 65.93 48.16
CA ALA T 79 27.45 66.02 49.58
C ALA T 79 28.95 65.95 49.82
N GLU T 80 29.66 65.08 49.09
CA GLU T 80 31.11 64.99 49.24
C GLU T 80 31.79 66.27 48.78
N ASN T 81 31.26 66.91 47.74
CA ASN T 81 31.83 68.17 47.27
C ASN T 81 31.74 69.24 48.35
N GLU T 82 30.58 69.35 49.00
CA GLU T 82 30.45 70.31 50.10
C GLU T 82 31.31 69.91 51.30
N ARG T 83 31.37 68.61 51.60
CA ARG T 83 32.19 68.15 52.71
C ARG T 83 33.67 68.37 52.43
N ALA T 84 34.10 68.19 51.17
CA ALA T 84 35.50 68.39 50.84
C ALA T 84 35.87 69.86 50.80
N GLU T 85 34.99 70.71 50.25
CA GLU T 85 35.31 72.12 50.11
C GLU T 85 35.31 72.85 51.45
N ARG T 86 34.49 72.40 52.41
CA ARG T 86 34.50 73.02 53.72
C ARG T 86 35.81 72.73 54.45
N GLN T 87 36.37 71.53 54.26
CA GLN T 87 37.68 71.23 54.81
C GLN T 87 38.79 71.87 53.99
N ASP T 88 38.61 71.92 52.67
CA ASP T 88 39.64 72.50 51.81
C ASP T 88 39.81 73.99 52.09
N ARG T 89 38.71 74.73 52.12
CA ARG T 89 38.79 76.16 52.44
C ARG T 89 39.25 76.39 53.87
N GLY T 90 38.89 75.49 54.79
CA GLY T 90 39.42 75.58 56.13
C GLY T 90 40.92 75.36 56.18
N LEU T 91 41.42 74.45 55.34
CA LEU T 91 42.85 74.21 55.29
C LEU T 91 43.59 75.36 54.61
N LYS T 92 42.91 76.10 53.74
CA LYS T 92 43.53 77.29 53.14
C LYS T 92 43.85 78.33 54.22
N GLU T 93 42.95 78.47 55.20
CA GLU T 93 43.29 79.30 56.36
C GLU T 93 44.28 78.59 57.27
N ALA T 94 44.27 77.25 57.28
CA ALA T 94 45.21 76.52 58.13
C ALA T 94 46.62 76.58 57.57
N GLU T 95 46.77 76.49 56.25
CA GLU T 95 48.09 76.67 55.65
C GLU T 95 48.58 78.11 55.79
N THR T 96 47.65 79.07 55.80
CA THR T 96 48.01 80.44 56.16
C THR T 96 48.37 80.54 57.63
N THR T 97 47.69 79.75 58.48
CA THR T 97 48.04 79.70 59.89
C THR T 97 49.44 79.13 60.11
N TYR T 98 49.91 78.31 59.17
CA TYR T 98 51.29 77.82 59.24
C TYR T 98 52.28 78.98 59.18
N ALA T 99 52.01 79.97 58.32
CA ALA T 99 52.82 81.18 58.32
C ALA T 99 52.73 81.90 59.65
N LYS T 100 51.54 81.94 60.25
CA LYS T 100 51.40 82.47 61.60
C LYS T 100 52.17 81.62 62.60
N LEU T 101 52.11 80.29 62.44
CA LEU T 101 52.89 79.42 63.31
C LEU T 101 54.38 79.59 63.10
N VAL T 102 54.80 79.93 61.87
CA VAL T 102 56.21 80.26 61.63
C VAL T 102 56.60 81.49 62.42
N GLU T 103 55.75 82.52 62.38
CA GLU T 103 55.97 83.69 63.23
C GLU T 103 55.80 83.34 64.71
N SER T 104 54.88 82.43 65.03
CA SER T 104 54.72 81.99 66.41
C SER T 104 55.99 81.31 66.92
N GLN T 105 56.56 80.42 66.10
CA GLN T 105 57.84 79.82 66.47
C GLN T 105 58.93 80.88 66.60
N LYS T 106 58.92 81.87 65.69
CA LYS T 106 59.86 82.98 65.82
C LYS T 106 59.62 83.76 67.09
N THR T 107 58.35 84.00 67.43
CA THR T 107 58.03 84.81 68.60
C THR T 107 58.35 84.07 69.90
N LEU T 108 57.96 82.80 69.99
CA LEU T 108 58.17 82.05 71.22
C LEU T 108 59.65 81.89 71.55
N VAL T 109 60.48 81.59 70.54
CA VAL T 109 61.91 81.45 70.79
C VAL T 109 62.54 82.82 71.06
N ASP T 110 61.91 83.90 70.58
CA ASP T 110 62.49 85.23 70.76
C ASP T 110 62.58 85.59 72.24
N PHE T 111 61.48 85.47 72.98
CA PHE T 111 61.55 85.81 74.40
C PHE T 111 62.18 84.71 75.24
N VAL T 112 62.32 83.50 74.69
CA VAL T 112 63.12 82.48 75.36
C VAL T 112 64.58 82.92 75.40
N ARG T 113 65.08 83.42 74.27
CA ARG T 113 66.43 83.99 74.26
C ARG T 113 66.49 85.30 75.03
N LYS T 114 65.38 86.06 75.05
CA LYS T 114 65.33 87.24 75.90
C LYS T 114 65.43 86.87 77.37
N GLU T 115 64.75 85.77 77.77
CA GLU T 115 64.94 85.25 79.12
C GLU T 115 66.39 84.82 79.34
N TYR T 116 66.99 84.19 78.32
CA TYR T 116 68.43 83.95 78.37
C TYR T 116 69.20 85.27 78.43
N GLU T 117 68.82 86.22 77.58
CA GLU T 117 69.46 87.54 77.61
C GLU T 117 69.15 88.27 78.91
N ASP T 118 67.98 88.02 79.50
CA ASP T 118 67.69 88.57 80.83
C ASP T 118 68.70 88.07 81.86
N THR T 119 69.23 86.87 81.65
CA THR T 119 70.29 86.34 82.49
C THR T 119 71.67 86.64 81.93
N LYS T 120 71.79 86.73 80.60
CA LYS T 120 73.12 86.89 79.99
C LYS T 120 73.74 88.25 80.27
N HIS T 121 72.98 89.34 80.15
CA HIS T 121 73.58 90.65 80.39
C HIS T 121 73.87 90.85 81.87
N GLN T 122 73.20 90.09 82.74
CA GLN T 122 73.55 90.09 84.16
C GLN T 122 74.95 89.54 84.38
N LYS T 123 75.36 88.58 83.53
CA LYS T 123 76.73 88.10 83.59
C LYS T 123 77.70 89.17 83.11
N TYR T 124 77.34 89.90 82.05
CA TYR T 124 78.18 90.90 81.36
C TYR T 124 79.67 90.55 81.35
N GLY U 26 -18.04 5.70 15.62
CA GLY U 26 -18.97 6.11 16.66
C GLY U 26 -20.40 5.66 16.41
N SER U 27 -21.36 6.45 16.89
CA SER U 27 -22.76 6.11 16.69
C SER U 27 -23.32 6.80 15.45
N PHE U 28 -23.04 8.10 15.29
CA PHE U 28 -23.65 8.87 14.20
C PHE U 28 -23.34 8.27 12.84
N ASP U 29 -22.12 7.73 12.67
CA ASP U 29 -21.82 7.02 11.44
C ASP U 29 -22.71 5.79 11.29
N GLU U 30 -22.89 5.03 12.37
CA GLU U 30 -23.86 3.93 12.36
C GLU U 30 -25.27 4.47 12.16
N ILE U 31 -25.60 5.58 12.81
CA ILE U 31 -26.92 6.19 12.66
C ILE U 31 -27.16 6.57 11.21
N SER U 32 -26.17 7.23 10.59
CA SER U 32 -26.30 7.67 9.21
C SER U 32 -26.39 6.49 8.25
N GLN U 33 -25.57 5.47 8.46
CA GLN U 33 -25.58 4.31 7.57
C GLN U 33 -26.84 3.47 7.75
N TYR U 34 -27.25 3.23 8.99
CA TYR U 34 -28.42 2.40 9.23
C TYR U 34 -29.69 3.02 8.69
N ILE U 35 -29.84 4.35 8.82
CA ILE U 35 -31.04 5.00 8.30
C ILE U 35 -31.08 4.92 6.78
N GLN U 36 -29.92 4.97 6.12
CA GLN U 36 -29.87 4.71 4.69
C GLN U 36 -30.28 3.29 4.37
N GLU U 37 -29.80 2.32 5.16
CA GLU U 37 -30.25 0.94 4.98
C GLU U 37 -31.74 0.81 5.24
N LEU U 38 -32.26 1.52 6.25
CA LEU U 38 -33.70 1.58 6.47
C LEU U 38 -34.39 2.18 5.25
N GLU U 39 -33.84 3.29 4.73
CA GLU U 39 -34.41 3.91 3.54
C GLU U 39 -34.27 3.01 2.33
N GLU U 40 -33.11 2.36 2.19
CA GLU U 40 -32.88 1.52 1.01
C GLU U 40 -33.77 0.28 1.02
N GLU U 41 -33.94 -0.34 2.20
CA GLU U 41 -34.87 -1.45 2.29
C GLU U 41 -36.31 -0.96 2.15
N ARG U 42 -36.60 0.23 2.67
CA ARG U 42 -37.88 0.88 2.39
C ARG U 42 -38.14 0.98 0.90
N ARG U 43 -37.16 1.44 0.12
CA ARG U 43 -37.39 1.69 -1.29
C ARG U 43 -37.63 0.38 -2.04
N LEU U 44 -37.01 -0.71 -1.58
CA LEU U 44 -37.33 -2.03 -2.12
C LEU U 44 -38.75 -2.45 -1.75
N THR U 45 -39.15 -2.27 -0.48
CA THR U 45 -40.50 -2.64 -0.08
C THR U 45 -41.56 -1.81 -0.79
N GLU U 46 -41.34 -0.50 -0.89
CA GLU U 46 -42.29 0.37 -1.55
C GLU U 46 -42.40 0.03 -3.04
N SER U 47 -41.27 -0.23 -3.69
CA SER U 47 -41.27 -0.64 -5.09
C SER U 47 -41.96 -1.99 -5.26
N SER U 48 -41.69 -2.92 -4.34
CA SER U 48 -42.28 -4.26 -4.42
C SER U 48 -43.80 -4.19 -4.36
N ILE U 49 -44.34 -3.24 -3.59
CA ILE U 49 -45.79 -3.08 -3.51
C ILE U 49 -46.35 -2.64 -4.87
N ARG U 50 -45.64 -1.73 -5.55
CA ARG U 50 -46.12 -1.23 -6.84
C ARG U 50 -46.21 -2.35 -7.86
N LYS U 51 -45.18 -3.19 -7.96
CA LYS U 51 -45.25 -4.32 -8.88
C LYS U 51 -46.25 -5.36 -8.41
N MET U 52 -46.44 -5.49 -7.10
CA MET U 52 -47.52 -6.32 -6.58
C MET U 52 -48.88 -5.75 -6.98
N GLU U 53 -49.02 -4.42 -6.91
CA GLU U 53 -50.24 -3.78 -7.38
C GLU U 53 -50.41 -3.98 -8.89
N LYS U 54 -49.29 -4.00 -9.63
CA LYS U 54 -49.36 -4.28 -11.06
C LYS U 54 -49.92 -5.68 -11.30
N GLU U 55 -49.50 -6.66 -10.49
CA GLU U 55 -50.06 -8.01 -10.59
C GLU U 55 -51.56 -7.99 -10.31
N LYS U 56 -52.00 -7.15 -9.38
CA LYS U 56 -53.43 -7.02 -9.11
C LYS U 56 -54.18 -6.53 -10.34
N SER U 57 -53.61 -5.55 -11.05
CA SER U 57 -54.21 -5.08 -12.29
C SER U 57 -54.26 -6.19 -13.33
N ASP U 58 -53.20 -6.98 -13.41
CA ASP U 58 -53.15 -8.11 -14.35
C ASP U 58 -54.30 -9.08 -14.10
N LEU U 59 -54.59 -9.35 -12.82
CA LEU U 59 -55.74 -10.20 -12.49
C LEU U 59 -57.04 -9.54 -12.92
N ASN U 60 -57.10 -8.20 -12.91
CA ASN U 60 -58.33 -7.52 -13.31
C ASN U 60 -58.65 -7.77 -14.78
N GLU U 61 -57.66 -7.69 -15.66
CA GLU U 61 -57.89 -8.03 -17.06
C GLU U 61 -58.24 -9.51 -17.20
N LYS U 62 -57.51 -10.37 -16.48
CA LYS U 62 -57.81 -11.80 -16.52
C LYS U 62 -59.23 -12.08 -16.05
N ILE U 63 -59.66 -11.39 -15.00
CA ILE U 63 -61.05 -11.51 -14.56
C ILE U 63 -61.99 -10.98 -15.64
N ASP U 64 -61.71 -9.78 -16.15
CA ASP U 64 -62.58 -9.16 -17.14
C ASP U 64 -62.57 -9.92 -18.46
N GLU U 65 -61.40 -10.40 -18.90
CA GLU U 65 -61.33 -11.16 -20.13
C GLU U 65 -62.09 -12.47 -20.02
N LEU U 66 -62.02 -13.12 -18.86
CA LEU U 66 -62.70 -14.40 -18.68
C LEU U 66 -64.19 -14.24 -18.48
N THR U 67 -64.63 -13.13 -17.88
CA THR U 67 -66.07 -12.90 -17.70
C THR U 67 -66.77 -12.74 -19.04
N THR U 68 -66.22 -11.93 -19.94
CA THR U 68 -66.87 -11.71 -21.23
C THR U 68 -66.87 -12.98 -22.06
N ARG U 69 -65.89 -13.87 -21.83
CA ARG U 69 -65.95 -15.19 -22.44
C ARG U 69 -67.16 -15.97 -21.95
N LYS U 70 -67.43 -15.90 -20.63
CA LYS U 70 -68.59 -16.58 -20.07
C LYS U 70 -69.89 -15.99 -20.63
N CYS U 71 -69.97 -14.66 -20.70
CA CYS U 71 -71.18 -14.02 -21.20
C CYS U 71 -71.41 -14.34 -22.67
N SER U 72 -70.33 -14.34 -23.47
CA SER U 72 -70.47 -14.60 -24.90
C SER U 72 -70.96 -16.01 -25.16
N VAL U 73 -70.38 -17.01 -24.48
CA VAL U 73 -70.81 -18.39 -24.71
C VAL U 73 -72.23 -18.61 -24.18
N ASP U 74 -72.59 -17.95 -23.08
CA ASP U 74 -73.96 -18.08 -22.59
C ASP U 74 -74.96 -17.51 -23.60
N ALA U 75 -74.65 -16.37 -24.21
CA ALA U 75 -75.51 -15.83 -25.25
C ALA U 75 -75.54 -16.74 -26.47
N ARG U 76 -74.37 -17.28 -26.86
CA ARG U 76 -74.32 -18.18 -27.99
C ARG U 76 -75.01 -19.51 -27.68
N LEU U 77 -74.91 -19.98 -26.44
CA LEU U 77 -75.59 -21.22 -26.06
C LEU U 77 -77.10 -21.07 -26.19
N GLN U 78 -77.63 -19.87 -25.89
CA GLN U 78 -79.04 -19.62 -26.09
C GLN U 78 -79.42 -19.75 -27.56
N ALA U 79 -78.56 -19.26 -28.46
CA ALA U 79 -78.78 -19.47 -29.89
C ALA U 79 -78.75 -20.95 -30.24
N GLU U 80 -77.79 -21.68 -29.67
CA GLU U 80 -77.76 -23.13 -29.87
C GLU U 80 -78.95 -23.82 -29.21
N ASN U 81 -79.43 -23.28 -28.10
CA ASN U 81 -80.56 -23.88 -27.39
C ASN U 81 -81.81 -23.91 -28.27
N GLU U 82 -82.11 -22.80 -28.94
CA GLU U 82 -83.29 -22.75 -29.78
C GLU U 82 -83.12 -23.60 -31.04
N ARG U 83 -81.89 -23.76 -31.51
CA ARG U 83 -81.65 -24.56 -32.71
C ARG U 83 -82.10 -26.01 -32.50
N ALA U 84 -81.75 -26.58 -31.34
CA ALA U 84 -82.24 -27.92 -31.02
C ALA U 84 -83.73 -27.90 -30.73
N GLU U 85 -84.24 -26.81 -30.14
CA GLU U 85 -85.67 -26.69 -29.90
C GLU U 85 -86.44 -26.67 -31.22
N ARG U 86 -85.94 -25.95 -32.22
CA ARG U 86 -86.53 -26.01 -33.55
C ARG U 86 -86.47 -27.41 -34.11
N GLN U 87 -85.34 -28.10 -33.92
CA GLN U 87 -85.22 -29.49 -34.34
C GLN U 87 -86.19 -30.38 -33.59
N ASP U 88 -86.33 -30.17 -32.27
CA ASP U 88 -87.23 -30.99 -31.48
C ASP U 88 -88.68 -30.76 -31.88
N ARG U 89 -89.11 -29.50 -31.93
CA ARG U 89 -90.50 -29.21 -32.30
C ARG U 89 -90.80 -29.67 -33.71
N GLY U 90 -89.87 -29.46 -34.64
CA GLY U 90 -90.06 -29.97 -35.99
C GLY U 90 -90.10 -31.49 -36.04
N LEU U 91 -89.28 -32.15 -35.21
CA LEU U 91 -89.28 -33.60 -35.17
C LEU U 91 -90.61 -34.15 -34.69
N LYS U 92 -91.17 -33.54 -33.64
CA LYS U 92 -92.45 -34.02 -33.11
C LYS U 92 -93.56 -33.90 -34.14
N GLU U 93 -93.60 -32.78 -34.87
CA GLU U 93 -94.57 -32.64 -35.95
C GLU U 93 -94.28 -33.64 -37.07
N ALA U 94 -93.00 -33.80 -37.44
CA ALA U 94 -92.66 -34.69 -38.53
C ALA U 94 -92.87 -36.15 -38.16
N GLU U 95 -92.44 -36.56 -36.97
CA GLU U 95 -92.60 -37.95 -36.54
C GLU U 95 -94.07 -38.33 -36.45
N THR U 96 -94.89 -37.45 -35.87
CA THR U 96 -96.32 -37.73 -35.77
C THR U 96 -96.98 -37.73 -37.13
N THR U 97 -96.57 -36.82 -38.02
CA THR U 97 -97.17 -36.74 -39.35
C THR U 97 -96.93 -38.02 -40.14
N TYR U 98 -95.70 -38.55 -40.10
CA TYR U 98 -95.39 -39.76 -40.85
C TYR U 98 -96.19 -40.96 -40.34
N ALA U 99 -96.55 -40.97 -39.06
CA ALA U 99 -97.36 -42.05 -38.51
C ALA U 99 -98.72 -42.12 -39.22
N LYS U 100 -99.32 -40.95 -39.48
CA LYS U 100 -100.57 -40.94 -40.23
C LYS U 100 -100.36 -41.39 -41.67
N LEU U 101 -99.24 -41.00 -42.28
CA LEU U 101 -98.97 -41.36 -43.68
C LEU U 101 -98.79 -42.87 -43.83
N VAL U 102 -97.99 -43.48 -42.95
CA VAL U 102 -97.77 -44.92 -43.06
C VAL U 102 -99.04 -45.70 -42.76
N GLU U 103 -99.83 -45.23 -41.80
CA GLU U 103 -101.13 -45.85 -41.55
C GLU U 103 -102.04 -45.72 -42.77
N SER U 104 -102.06 -44.53 -43.38
CA SER U 104 -102.79 -44.36 -44.63
C SER U 104 -102.15 -45.13 -45.77
N GLN U 105 -100.82 -45.26 -45.75
CA GLN U 105 -100.14 -46.05 -46.78
C GLN U 105 -100.59 -47.50 -46.75
N LYS U 106 -100.65 -48.09 -45.55
CA LYS U 106 -101.16 -49.45 -45.43
C LYS U 106 -102.65 -49.53 -45.75
N THR U 107 -103.41 -48.49 -45.40
CA THR U 107 -104.83 -48.46 -45.71
C THR U 107 -105.06 -48.43 -47.22
N LEU U 108 -104.28 -47.62 -47.93
CA LEU U 108 -104.48 -47.50 -49.38
C LEU U 108 -104.08 -48.77 -50.11
N VAL U 109 -102.95 -49.37 -49.73
CA VAL U 109 -102.55 -50.62 -50.38
C VAL U 109 -103.52 -51.75 -50.02
N ASP U 110 -104.13 -51.67 -48.84
CA ASP U 110 -105.21 -52.59 -48.51
C ASP U 110 -106.41 -52.37 -49.43
N PHE U 111 -106.73 -51.11 -49.73
CA PHE U 111 -107.75 -50.83 -50.72
C PHE U 111 -107.35 -51.33 -52.11
N VAL U 112 -106.07 -51.17 -52.45
CA VAL U 112 -105.56 -51.72 -53.71
C VAL U 112 -105.66 -53.25 -53.69
N ARG U 113 -105.34 -53.87 -52.55
CA ARG U 113 -105.55 -55.30 -52.40
C ARG U 113 -107.03 -55.65 -52.59
N LYS U 114 -107.92 -54.86 -52.00
CA LYS U 114 -109.34 -55.03 -52.26
C LYS U 114 -109.70 -54.67 -53.69
N GLU U 115 -109.02 -53.68 -54.27
CA GLU U 115 -109.28 -53.30 -55.66
C GLU U 115 -108.95 -54.44 -56.61
N TYR U 116 -107.84 -55.14 -56.36
CA TYR U 116 -107.50 -56.31 -57.16
C TYR U 116 -108.59 -57.38 -57.05
N GLU U 117 -109.08 -57.61 -55.83
CA GLU U 117 -110.20 -58.53 -55.65
C GLU U 117 -111.45 -58.01 -56.32
N ASP U 118 -111.70 -56.70 -56.22
CA ASP U 118 -112.90 -56.11 -56.81
C ASP U 118 -112.89 -56.23 -58.34
N THR U 119 -111.72 -56.05 -58.95
CA THR U 119 -111.64 -56.08 -60.41
C THR U 119 -112.07 -57.43 -60.96
N LYS U 120 -111.53 -58.52 -60.41
CA LYS U 120 -111.90 -59.85 -60.89
C LYS U 120 -113.23 -60.33 -60.32
N HIS U 121 -113.70 -59.74 -59.21
CA HIS U 121 -115.01 -60.10 -58.69
C HIS U 121 -116.12 -59.72 -59.67
N GLN U 122 -116.01 -58.55 -60.28
CA GLN U 122 -116.95 -58.17 -61.33
C GLN U 122 -116.83 -59.10 -62.53
N LYS U 123 -115.61 -59.57 -62.82
CA LYS U 123 -115.42 -60.52 -63.90
C LYS U 123 -116.14 -61.83 -63.62
N TYR U 124 -116.10 -62.29 -62.38
CA TYR U 124 -116.80 -63.51 -61.99
C TYR U 124 -118.30 -63.35 -62.13
N GLY V 26 -93.20 -44.89 -53.28
CA GLY V 26 -91.85 -44.75 -52.76
C GLY V 26 -91.62 -43.42 -52.06
N SER V 27 -92.54 -42.48 -52.27
CA SER V 27 -92.41 -41.16 -51.64
C SER V 27 -92.56 -41.25 -50.12
N PHE V 28 -93.27 -42.25 -49.62
CA PHE V 28 -93.44 -42.40 -48.18
C PHE V 28 -92.10 -42.66 -47.49
N ASP V 29 -91.24 -43.49 -48.09
CA ASP V 29 -89.95 -43.78 -47.49
C ASP V 29 -88.96 -42.63 -47.68
N GLU V 30 -89.11 -41.84 -48.75
CA GLU V 30 -88.21 -40.72 -48.98
C GLU V 30 -88.36 -39.68 -47.88
N ILE V 31 -89.60 -39.33 -47.54
CA ILE V 31 -89.83 -38.39 -46.43
C ILE V 31 -89.45 -39.03 -45.11
N SER V 32 -89.64 -40.34 -44.96
CA SER V 32 -89.30 -41.02 -43.72
C SER V 32 -87.83 -40.86 -43.39
N GLN V 33 -86.96 -41.11 -44.37
CA GLN V 33 -85.52 -40.89 -44.16
C GLN V 33 -85.23 -39.41 -43.95
N TYR V 34 -85.94 -38.53 -44.67
CA TYR V 34 -85.78 -37.10 -44.46
C TYR V 34 -86.16 -36.70 -43.04
N ILE V 35 -87.26 -37.27 -42.52
CA ILE V 35 -87.60 -37.07 -41.12
C ILE V 35 -86.55 -37.71 -40.22
N GLN V 36 -86.08 -38.91 -40.58
CA GLN V 36 -84.98 -39.53 -39.84
C GLN V 36 -83.68 -38.75 -40.02
N GLU V 37 -83.54 -38.02 -41.12
CA GLU V 37 -82.40 -37.11 -41.26
C GLU V 37 -82.50 -35.98 -40.24
N LEU V 38 -83.71 -35.46 -40.01
CA LEU V 38 -83.91 -34.45 -38.97
C LEU V 38 -83.76 -35.07 -37.59
N GLU V 39 -83.99 -36.39 -37.47
CA GLU V 39 -83.65 -37.10 -36.24
C GLU V 39 -82.16 -36.97 -35.93
N GLU V 40 -81.31 -37.14 -36.93
CA GLU V 40 -79.87 -37.09 -36.72
C GLU V 40 -79.41 -35.68 -36.39
N GLU V 41 -80.00 -34.67 -37.04
CA GLU V 41 -79.55 -33.29 -36.82
C GLU V 41 -79.78 -32.86 -35.38
N ARG V 42 -80.89 -33.27 -34.77
CA ARG V 42 -81.18 -32.89 -33.39
C ARG V 42 -80.13 -33.46 -32.44
N ARG V 43 -79.73 -34.72 -32.65
CA ARG V 43 -78.80 -35.37 -31.73
C ARG V 43 -77.43 -34.69 -31.77
N LEU V 44 -76.94 -34.35 -32.97
CA LEU V 44 -75.66 -33.65 -33.05
C LEU V 44 -75.78 -32.24 -32.47
N THR V 45 -76.92 -31.58 -32.68
CA THR V 45 -77.14 -30.28 -32.06
C THR V 45 -77.22 -30.39 -30.54
N GLU V 46 -77.92 -31.41 -30.04
CA GLU V 46 -78.02 -31.60 -28.60
C GLU V 46 -76.65 -31.94 -28.00
N SER V 47 -75.86 -32.75 -28.71
CA SER V 47 -74.50 -33.04 -28.26
C SER V 47 -73.65 -31.76 -28.24
N SER V 48 -73.84 -30.89 -29.22
CA SER V 48 -73.13 -29.61 -29.22
C SER V 48 -73.54 -28.76 -28.02
N ILE V 49 -74.83 -28.77 -27.67
CA ILE V 49 -75.28 -28.04 -26.49
C ILE V 49 -74.68 -28.65 -25.23
N ARG V 50 -74.70 -29.98 -25.13
CA ARG V 50 -74.19 -30.64 -23.92
C ARG V 50 -72.70 -30.36 -23.73
N LYS V 51 -71.93 -30.40 -24.82
CA LYS V 51 -70.50 -30.10 -24.71
C LYS V 51 -70.28 -28.63 -24.39
N MET V 52 -71.13 -27.74 -24.93
CA MET V 52 -70.97 -26.31 -24.68
C MET V 52 -71.52 -25.93 -23.30
N GLU V 53 -72.58 -26.60 -22.85
CA GLU V 53 -73.09 -26.38 -21.51
C GLU V 53 -72.04 -26.79 -20.47
N LYS V 54 -71.32 -27.88 -20.72
CA LYS V 54 -70.25 -28.29 -19.82
C LYS V 54 -69.16 -27.22 -19.75
N GLU V 55 -68.80 -26.65 -20.90
CA GLU V 55 -67.85 -25.54 -20.89
C GLU V 55 -68.44 -24.29 -20.25
N LYS V 56 -69.75 -24.11 -20.34
CA LYS V 56 -70.39 -22.98 -19.66
C LYS V 56 -70.16 -23.05 -18.16
N SER V 57 -70.31 -24.24 -17.58
CA SER V 57 -69.92 -24.43 -16.18
C SER V 57 -68.40 -24.34 -16.02
N ASP V 58 -67.66 -24.83 -17.01
CA ASP V 58 -66.20 -24.71 -16.95
C ASP V 58 -65.75 -23.26 -17.04
N LEU V 59 -66.42 -22.46 -17.88
CA LEU V 59 -66.13 -21.03 -17.93
C LEU V 59 -66.43 -20.36 -16.60
N ASN V 60 -67.55 -20.72 -15.98
CA ASN V 60 -67.94 -20.13 -14.71
C ASN V 60 -67.10 -20.62 -13.54
N GLU V 61 -66.68 -21.88 -13.55
CA GLU V 61 -65.81 -22.37 -12.48
C GLU V 61 -64.40 -21.78 -12.59
N LYS V 62 -63.95 -21.48 -13.81
CA LYS V 62 -62.71 -20.74 -13.97
C LYS V 62 -62.84 -19.32 -13.43
N ILE V 63 -64.03 -18.72 -13.57
CA ILE V 63 -64.30 -17.45 -12.89
C ILE V 63 -64.14 -17.62 -11.39
N ASP V 64 -64.72 -18.68 -10.83
CA ASP V 64 -64.53 -18.97 -9.41
C ASP V 64 -63.08 -19.27 -9.09
N GLU V 65 -62.40 -20.02 -9.96
CA GLU V 65 -60.99 -20.30 -9.75
C GLU V 65 -60.17 -19.02 -9.79
N LEU V 66 -60.47 -18.14 -10.76
CA LEU V 66 -59.82 -16.83 -10.77
C LEU V 66 -60.35 -15.93 -9.66
N THR V 67 -61.58 -16.15 -9.19
CA THR V 67 -62.08 -15.40 -8.04
C THR V 67 -61.25 -15.69 -6.80
N THR V 68 -60.85 -16.94 -6.61
CA THR V 68 -59.95 -17.27 -5.52
C THR V 68 -58.63 -16.52 -5.66
N ARG V 69 -58.09 -16.46 -6.88
CA ARG V 69 -56.95 -15.59 -7.14
C ARG V 69 -57.33 -14.13 -6.96
N LYS V 70 -58.52 -13.74 -7.44
CA LYS V 70 -58.98 -12.37 -7.26
C LYS V 70 -59.16 -12.03 -5.78
N CYS V 71 -59.79 -12.94 -5.03
CA CYS V 71 -59.98 -12.71 -3.60
C CYS V 71 -58.63 -12.66 -2.89
N SER V 72 -57.71 -13.56 -3.27
CA SER V 72 -56.38 -13.55 -2.65
C SER V 72 -55.62 -12.27 -2.99
N VAL V 73 -55.63 -11.87 -4.26
CA VAL V 73 -54.87 -10.69 -4.66
C VAL V 73 -55.51 -9.42 -4.10
N ASP V 74 -56.86 -9.39 -4.01
CA ASP V 74 -57.52 -8.23 -3.41
C ASP V 74 -57.21 -8.14 -1.93
N ALA V 75 -57.29 -9.26 -1.21
CA ALA V 75 -57.04 -9.25 0.21
C ALA V 75 -55.60 -8.89 0.53
N ARG V 76 -54.65 -9.44 -0.24
CA ARG V 76 -53.24 -9.17 0.05
C ARG V 76 -52.87 -7.74 -0.32
N LEU V 77 -53.42 -7.20 -1.41
CA LEU V 77 -53.13 -5.83 -1.79
C LEU V 77 -53.82 -4.81 -0.88
N GLN V 78 -55.07 -5.08 -0.49
CA GLN V 78 -55.72 -4.17 0.46
C GLN V 78 -55.01 -4.19 1.79
N ALA V 79 -54.42 -5.33 2.17
CA ALA V 79 -53.51 -5.38 3.30
C ALA V 79 -52.13 -4.83 2.96
N GLU V 80 -51.72 -4.91 1.68
CA GLU V 80 -50.44 -4.33 1.29
C GLU V 80 -50.51 -2.81 1.33
N ASN V 81 -51.67 -2.23 1.02
CA ASN V 81 -51.88 -0.81 1.25
C ASN V 81 -51.74 -0.49 2.73
N GLU V 82 -52.26 -1.37 3.59
CA GLU V 82 -52.00 -1.24 5.02
C GLU V 82 -50.51 -1.41 5.31
N ARG V 83 -49.85 -2.35 4.64
CA ARG V 83 -48.40 -2.46 4.76
C ARG V 83 -47.71 -1.19 4.28
N ALA V 84 -48.17 -0.63 3.15
CA ALA V 84 -47.57 0.58 2.61
C ALA V 84 -47.67 1.75 3.59
N GLU V 85 -48.87 1.95 4.16
CA GLU V 85 -49.05 3.02 5.14
C GLU V 85 -48.32 2.71 6.45
N ARG V 86 -48.27 1.43 6.85
CA ARG V 86 -47.48 1.05 8.00
C ARG V 86 -46.01 1.36 7.77
N GLN V 87 -45.53 1.14 6.54
CA GLN V 87 -44.19 1.59 6.19
C GLN V 87 -44.07 3.10 6.25
N ASP V 88 -45.11 3.80 5.80
CA ASP V 88 -45.09 5.25 5.80
C ASP V 88 -44.97 5.80 7.22
N ARG V 89 -45.75 5.24 8.14
CA ARG V 89 -45.56 5.59 9.54
C ARG V 89 -44.23 5.08 10.07
N GLY V 90 -43.70 4.02 9.47
CA GLY V 90 -42.38 3.53 9.87
C GLY V 90 -41.28 4.52 9.58
N LEU V 91 -41.28 5.09 8.37
CA LEU V 91 -40.27 6.10 8.04
C LEU V 91 -40.57 7.42 8.73
N LYS V 92 -41.86 7.71 8.95
CA LYS V 92 -42.25 8.97 9.58
C LYS V 92 -41.53 9.15 10.91
N GLU V 93 -41.56 8.11 11.74
CA GLU V 93 -40.76 8.12 12.96
C GLU V 93 -39.27 8.09 12.63
N ALA V 94 -38.87 7.26 11.65
CA ALA V 94 -37.46 7.13 11.31
C ALA V 94 -36.92 8.44 10.75
N GLU V 95 -37.66 9.07 9.84
CA GLU V 95 -37.24 10.36 9.31
C GLU V 95 -37.22 11.43 10.41
N THR V 96 -38.25 11.44 11.26
CA THR V 96 -38.31 12.41 12.35
C THR V 96 -37.17 12.18 13.33
N THR V 97 -36.98 10.94 13.76
CA THR V 97 -35.92 10.65 14.74
C THR V 97 -34.55 10.95 14.18
N TYR V 98 -34.30 10.60 12.92
CA TYR V 98 -33.03 10.97 12.29
C TYR V 98 -32.93 12.49 12.17
N ALA V 99 -34.02 13.15 11.77
CA ALA V 99 -34.03 14.60 11.75
C ALA V 99 -33.88 15.17 13.16
N LYS V 100 -34.55 14.54 14.13
CA LYS V 100 -34.40 14.97 15.52
C LYS V 100 -32.97 14.78 16.00
N LEU V 101 -32.31 13.71 15.57
CA LEU V 101 -30.93 13.47 15.99
C LEU V 101 -29.97 14.47 15.34
N VAL V 102 -30.07 14.62 14.02
CA VAL V 102 -29.07 15.43 13.30
C VAL V 102 -29.10 16.88 13.78
N GLU V 103 -30.28 17.41 14.08
CA GLU V 103 -30.35 18.74 14.68
C GLU V 103 -29.76 18.70 16.09
N SER V 104 -30.08 17.67 16.86
CA SER V 104 -29.53 17.52 18.20
C SER V 104 -28.05 17.18 18.15
N GLN V 105 -27.65 16.30 17.23
CA GLN V 105 -26.25 15.91 17.12
C GLN V 105 -25.37 17.11 16.81
N LYS V 106 -25.71 17.85 15.76
CA LYS V 106 -24.88 18.99 15.37
C LYS V 106 -24.85 20.07 16.44
N THR V 107 -26.00 20.39 17.05
CA THR V 107 -26.02 21.46 18.04
C THR V 107 -25.26 21.06 19.30
N LEU V 108 -25.35 19.79 19.69
CA LEU V 108 -24.68 19.36 20.92
C LEU V 108 -23.17 19.24 20.71
N VAL V 109 -22.75 18.85 19.52
CA VAL V 109 -21.31 18.80 19.22
C VAL V 109 -20.70 20.19 19.33
N ASP V 110 -21.33 21.18 18.69
CA ASP V 110 -20.80 22.53 18.78
C ASP V 110 -21.02 23.12 20.17
N PHE V 111 -22.03 22.63 20.89
CA PHE V 111 -22.16 22.98 22.30
C PHE V 111 -20.93 22.48 23.08
N VAL V 112 -20.48 21.27 22.79
CA VAL V 112 -19.25 20.76 23.39
C VAL V 112 -18.05 21.57 22.92
N ARG V 113 -17.98 21.87 21.63
CA ARG V 113 -16.90 22.74 21.14
C ARG V 113 -16.93 24.09 21.84
N LYS V 114 -18.12 24.65 22.04
CA LYS V 114 -18.24 25.89 22.79
C LYS V 114 -17.66 25.73 24.19
N GLU V 115 -18.02 24.65 24.88
CA GLU V 115 -17.36 24.32 26.13
C GLU V 115 -15.88 24.02 25.91
N TYR V 116 -15.57 23.29 24.83
CA TYR V 116 -14.17 22.96 24.56
C TYR V 116 -13.36 24.21 24.26
N GLU V 117 -13.92 25.15 23.50
CA GLU V 117 -13.21 26.39 23.20
C GLU V 117 -12.90 27.18 24.45
N ASP V 118 -13.92 27.42 25.29
CA ASP V 118 -13.68 28.15 26.54
C ASP V 118 -12.75 27.41 27.48
N THR V 119 -12.83 26.08 27.51
CA THR V 119 -11.88 25.30 28.29
C THR V 119 -10.46 25.46 27.74
N LYS V 120 -10.33 25.43 26.40
CA LYS V 120 -9.03 25.72 25.80
C LYS V 120 -8.63 27.18 26.02
N HIS V 121 -9.59 28.10 25.96
CA HIS V 121 -9.29 29.52 26.16
C HIS V 121 -8.76 29.78 27.56
N GLN V 122 -9.38 29.15 28.56
CA GLN V 122 -8.94 29.36 29.95
C GLN V 122 -7.56 28.77 30.21
N LYS V 123 -7.18 27.73 29.49
CA LYS V 123 -5.88 27.09 29.68
C LYS V 123 -4.84 27.55 28.67
N TYR V 124 -5.25 28.28 27.63
CA TYR V 124 -4.32 28.77 26.62
C TYR V 124 -4.51 30.26 26.38
N GLY W 26 50.44 61.11 85.13
CA GLY W 26 50.56 59.93 84.28
C GLY W 26 49.23 59.33 83.92
N SER W 27 48.29 59.32 84.88
CA SER W 27 46.97 58.77 84.63
C SER W 27 46.17 59.65 83.66
N PHE W 28 46.57 60.91 83.50
CA PHE W 28 45.83 61.81 82.61
C PHE W 28 45.93 61.35 81.16
N ASP W 29 47.09 60.82 80.75
CA ASP W 29 47.27 60.43 79.36
C ASP W 29 46.76 59.01 79.11
N GLU W 30 46.99 58.09 80.06
CA GLU W 30 46.57 56.70 79.86
C GLU W 30 45.06 56.58 79.75
N ILE W 31 44.32 57.29 80.60
CA ILE W 31 42.87 57.26 80.53
C ILE W 31 42.38 57.92 79.24
N SER W 32 42.97 59.06 78.88
CA SER W 32 42.54 59.77 77.68
C SER W 32 42.82 58.95 76.42
N GLN W 33 43.95 58.25 76.40
CA GLN W 33 44.28 57.42 75.24
C GLN W 33 43.26 56.30 75.05
N TYR W 34 42.82 55.68 76.15
CA TYR W 34 41.81 54.63 76.04
C TYR W 34 40.46 55.21 75.65
N ILE W 35 40.20 56.48 75.99
CA ILE W 35 38.97 57.13 75.56
C ILE W 35 38.92 57.24 74.05
N GLN W 36 40.04 57.63 73.43
CA GLN W 36 40.09 57.71 71.97
C GLN W 36 39.89 56.35 71.33
N GLU W 37 40.49 55.30 71.90
CA GLU W 37 40.28 53.96 71.39
C GLU W 37 38.83 53.53 71.51
N LEU W 38 38.20 53.85 72.66
CA LEU W 38 36.78 53.58 72.81
C LEU W 38 35.95 54.44 71.85
N GLU W 39 36.35 55.70 71.67
CA GLU W 39 35.67 56.55 70.69
C GLU W 39 35.86 56.02 69.28
N GLU W 40 37.02 55.43 68.98
CA GLU W 40 37.22 54.77 67.70
C GLU W 40 36.26 53.59 67.55
N GLU W 41 36.05 52.84 68.62
CA GLU W 41 35.07 51.75 68.58
C GLU W 41 33.65 52.28 68.41
N ARG W 42 33.36 53.47 68.93
CA ARG W 42 32.03 54.06 68.76
C ARG W 42 31.73 54.29 67.29
N ARG W 43 32.69 54.81 66.53
CA ARG W 43 32.50 54.97 65.09
C ARG W 43 32.37 53.61 64.41
N LEU W 44 33.13 52.61 64.85
CA LEU W 44 33.03 51.28 64.28
C LEU W 44 31.65 50.68 64.52
N THR W 45 31.09 50.87 65.71
CA THR W 45 29.75 50.39 65.99
C THR W 45 28.72 51.09 65.11
N GLU W 46 28.88 52.39 64.89
CA GLU W 46 27.97 53.12 64.00
C GLU W 46 28.04 52.58 62.58
N SER W 47 29.24 52.24 62.10
CA SER W 47 29.38 51.69 60.76
C SER W 47 28.62 50.37 60.64
N SER W 48 28.72 49.51 61.64
CA SER W 48 27.94 48.27 61.64
C SER W 48 26.45 48.55 61.72
N ILE W 49 26.06 49.56 62.50
CA ILE W 49 24.65 49.92 62.62
C ILE W 49 24.11 50.39 61.27
N ARG W 50 24.85 51.27 60.60
CA ARG W 50 24.42 51.75 59.29
C ARG W 50 24.37 50.62 58.27
N LYS W 51 25.36 49.72 58.30
CA LYS W 51 25.34 48.56 57.42
C LYS W 51 24.16 47.65 57.73
N MET W 52 23.80 47.51 59.01
CA MET W 52 22.66 46.68 59.37
C MET W 52 21.37 47.26 58.79
N GLU W 53 21.23 48.58 58.76
CA GLU W 53 20.09 49.20 58.11
C GLU W 53 20.08 48.89 56.62
N LYS W 54 21.24 48.95 55.97
CA LYS W 54 21.33 48.57 54.56
C LYS W 54 21.01 47.10 54.36
N GLU W 55 21.48 46.24 55.26
CA GLU W 55 21.11 44.83 55.21
C GLU W 55 19.61 44.66 55.44
N LYS W 56 19.04 45.45 56.35
CA LYS W 56 17.59 45.43 56.54
C LYS W 56 16.86 45.87 55.28
N SER W 57 17.38 46.91 54.62
CA SER W 57 16.76 47.37 53.37
C SER W 57 16.85 46.30 52.29
N ASP W 58 17.96 45.56 52.24
CA ASP W 58 18.07 44.46 51.30
C ASP W 58 17.02 43.39 51.58
N LEU W 59 16.78 43.08 52.86
CA LEU W 59 15.73 42.12 53.20
C LEU W 59 14.36 42.67 52.84
N ASN W 60 14.14 43.97 53.05
CA ASN W 60 12.83 44.57 52.73
C ASN W 60 12.54 44.47 51.24
N GLU W 61 13.54 44.76 50.39
CA GLU W 61 13.32 44.72 48.95
C GLU W 61 13.00 43.31 48.49
N LYS W 62 13.71 42.31 49.02
CA LYS W 62 13.46 40.94 48.64
C LYS W 62 12.12 40.44 49.15
N ILE W 63 11.77 40.79 50.39
CA ILE W 63 10.49 40.34 50.95
C ILE W 63 9.32 41.06 50.29
N ASP W 64 9.52 42.31 49.86
CA ASP W 64 8.47 43.02 49.13
C ASP W 64 8.36 42.53 47.69
N GLU W 65 9.46 42.13 47.09
CA GLU W 65 9.40 41.48 45.78
C GLU W 65 8.63 40.17 45.87
N LEU W 66 8.75 39.47 47.00
CA LEU W 66 7.95 38.27 47.22
C LEU W 66 6.46 38.62 47.28
N THR W 67 6.11 39.72 47.95
CA THR W 67 4.72 40.13 48.03
C THR W 67 4.15 40.41 46.65
N THR W 68 4.93 41.07 45.78
CA THR W 68 4.50 41.25 44.40
C THR W 68 4.36 39.91 43.69
N ARG W 69 5.32 39.01 43.92
CA ARG W 69 5.24 37.68 43.31
C ARG W 69 4.12 36.86 43.93
N LYS W 70 3.96 36.91 45.25
CA LYS W 70 2.91 36.14 45.91
C LYS W 70 1.53 36.62 45.49
N CYS W 71 1.35 37.94 45.41
CA CYS W 71 0.07 38.48 44.96
C CYS W 71 -0.19 38.15 43.49
N SER W 72 0.86 38.09 42.67
CA SER W 72 0.69 37.75 41.27
C SER W 72 0.20 36.31 41.10
N VAL W 73 0.85 35.36 41.77
CA VAL W 73 0.42 33.96 41.67
C VAL W 73 -0.92 33.77 42.38
N ASP W 74 -1.15 34.45 43.50
CA ASP W 74 -2.42 34.33 44.20
C ASP W 74 -3.57 34.83 43.32
N ALA W 75 -3.37 35.97 42.64
CA ALA W 75 -4.38 36.44 41.70
C ALA W 75 -4.54 35.49 40.53
N ARG W 76 -3.46 34.81 40.14
CA ARG W 76 -3.54 33.79 39.10
C ARG W 76 -4.15 32.49 39.64
N LEU W 77 -3.84 32.15 40.89
CA LEU W 77 -4.37 30.92 41.46
C LEU W 77 -5.88 31.00 41.66
N GLN W 78 -6.38 32.15 42.15
CA GLN W 78 -7.83 32.31 42.27
C GLN W 78 -8.48 32.30 40.90
N ALA W 79 -7.82 32.86 39.89
CA ALA W 79 -8.29 32.73 38.52
C ALA W 79 -8.22 31.28 38.07
N GLU W 80 -7.18 30.55 38.50
CA GLU W 80 -7.09 29.12 38.20
C GLU W 80 -8.24 28.36 38.83
N ASN W 81 -8.59 28.71 40.07
CA ASN W 81 -9.71 28.05 40.74
C ASN W 81 -11.02 28.34 40.01
N GLU W 82 -11.21 29.58 39.55
CA GLU W 82 -12.44 29.92 38.85
C GLU W 82 -12.54 29.18 37.51
N ARG W 83 -11.44 29.16 36.75
CA ARG W 83 -11.51 28.53 35.42
C ARG W 83 -11.62 27.01 35.54
N ALA W 84 -10.92 26.41 36.50
CA ALA W 84 -10.98 24.96 36.66
C ALA W 84 -12.39 24.50 37.01
N GLU W 85 -13.05 25.21 37.92
CA GLU W 85 -14.42 24.86 38.27
C GLU W 85 -15.35 25.04 37.07
N ARG W 86 -15.14 26.10 36.28
CA ARG W 86 -15.96 26.33 35.11
C ARG W 86 -15.79 25.17 34.13
N GLN W 87 -14.55 24.73 33.91
CA GLN W 87 -14.30 23.53 33.13
C GLN W 87 -14.97 22.33 33.78
N ASP W 88 -14.88 22.21 35.11
CA ASP W 88 -15.57 21.14 35.82
C ASP W 88 -17.07 21.25 35.62
N ARG W 89 -17.60 22.47 35.64
CA ARG W 89 -19.03 22.69 35.45
C ARG W 89 -19.47 22.24 34.05
N GLY W 90 -18.72 22.64 33.03
CA GLY W 90 -19.07 22.27 31.67
C GLY W 90 -18.79 20.82 31.35
N LEU W 91 -17.72 20.26 31.91
CA LEU W 91 -17.38 18.86 31.64
C LEU W 91 -18.48 17.93 32.12
N LYS W 92 -19.06 18.22 33.30
CA LYS W 92 -20.19 17.44 33.78
C LYS W 92 -21.39 17.61 32.87
N GLU W 93 -21.74 18.87 32.54
CA GLU W 93 -22.89 19.11 31.67
C GLU W 93 -22.68 18.52 30.29
N ALA W 94 -21.44 18.57 29.77
CA ALA W 94 -21.14 17.90 28.52
C ALA W 94 -21.34 16.40 28.63
N GLU W 95 -20.92 15.82 29.77
CA GLU W 95 -21.06 14.38 29.96
C GLU W 95 -22.53 13.97 30.14
N THR W 96 -23.31 14.78 30.86
CA THR W 96 -24.73 14.51 30.96
C THR W 96 -25.43 14.64 29.61
N THR W 97 -25.07 15.66 28.83
CA THR W 97 -25.59 15.75 27.46
C THR W 97 -24.99 14.67 26.58
N TYR W 98 -23.77 14.23 26.88
CA TYR W 98 -23.22 13.05 26.22
C TYR W 98 -24.08 11.82 26.51
N ALA W 99 -24.45 11.62 27.78
CA ALA W 99 -25.33 10.51 28.13
C ALA W 99 -26.69 10.65 27.47
N LYS W 100 -27.14 11.89 27.24
CA LYS W 100 -28.36 12.11 26.47
C LYS W 100 -28.18 11.61 25.04
N LEU W 101 -27.01 11.84 24.45
CA LEU W 101 -26.73 11.29 23.14
C LEU W 101 -26.56 9.77 23.20
N VAL W 102 -25.96 9.26 24.27
CA VAL W 102 -25.76 7.82 24.40
C VAL W 102 -27.10 7.10 24.42
N GLU W 103 -28.06 7.62 25.18
CA GLU W 103 -29.40 7.04 25.16
C GLU W 103 -30.14 7.40 23.88
N SER W 104 -29.70 8.45 23.18
CA SER W 104 -30.41 8.89 21.98
C SER W 104 -30.38 7.82 20.89
N GLN W 105 -29.20 7.27 20.59
CA GLN W 105 -29.16 6.22 19.57
C GLN W 105 -29.83 4.95 20.08
N LYS W 106 -29.70 4.65 21.37
CA LYS W 106 -30.26 3.42 21.93
C LYS W 106 -31.76 3.33 21.67
N THR W 107 -32.46 4.46 21.72
CA THR W 107 -33.88 4.47 21.36
C THR W 107 -34.07 4.08 19.90
N LEU W 108 -33.44 4.82 18.98
CA LEU W 108 -33.71 4.60 17.56
C LEU W 108 -33.03 3.34 17.05
N VAL W 109 -31.90 2.96 17.65
CA VAL W 109 -31.27 1.68 17.30
C VAL W 109 -32.25 0.54 17.54
N ASP W 110 -32.96 0.60 18.67
CA ASP W 110 -34.09 -0.30 18.88
C ASP W 110 -35.19 -0.06 17.86
N PHE W 111 -35.37 1.20 17.45
CA PHE W 111 -36.43 1.56 16.52
C PHE W 111 -36.05 1.37 15.06
N VAL W 112 -34.77 1.50 14.71
CA VAL W 112 -34.36 1.28 13.33
C VAL W 112 -34.42 -0.20 12.98
N ARG W 113 -34.12 -1.07 13.95
CA ARG W 113 -34.15 -2.51 13.71
C ARG W 113 -35.52 -3.12 13.97
N LYS W 114 -36.41 -2.42 14.67
CA LYS W 114 -37.81 -2.87 14.72
C LYS W 114 -38.52 -2.54 13.42
N GLU W 115 -38.20 -1.39 12.83
CA GLU W 115 -38.70 -1.07 11.50
C GLU W 115 -37.97 -1.89 10.44
N TYR W 116 -36.70 -2.23 10.70
CA TYR W 116 -35.97 -3.14 9.84
C TYR W 116 -36.66 -4.50 9.79
N GLU W 117 -37.24 -4.93 10.90
CA GLU W 117 -37.92 -6.22 10.95
C GLU W 117 -39.38 -6.12 10.51
N ASP W 118 -40.02 -4.96 10.74
CA ASP W 118 -41.42 -4.81 10.35
C ASP W 118 -41.61 -4.85 8.85
N THR W 119 -40.61 -4.41 8.07
CA THR W 119 -40.71 -4.48 6.62
C THR W 119 -40.48 -5.88 6.10
N LYS W 120 -39.92 -6.77 6.93
CA LYS W 120 -39.71 -8.15 6.50
C LYS W 120 -41.02 -8.87 6.26
N HIS W 121 -42.00 -8.69 7.15
CA HIS W 121 -43.33 -9.22 6.91
C HIS W 121 -43.99 -8.55 5.71
N GLN W 122 -43.82 -7.24 5.57
CA GLN W 122 -44.35 -6.53 4.41
C GLN W 122 -43.60 -6.88 3.13
N LYS W 123 -42.39 -7.45 3.25
CA LYS W 123 -41.70 -7.98 2.08
C LYS W 123 -42.26 -9.33 1.68
N TYR W 124 -42.18 -10.33 2.55
CA TYR W 124 -42.66 -11.67 2.26
C TYR W 124 -43.82 -12.04 3.17
N GLY X 26 -14.43 10.27 14.94
CA GLY X 26 -15.65 10.51 14.21
C GLY X 26 -16.90 10.00 14.91
N SER X 27 -17.98 10.76 14.79
CA SER X 27 -19.29 10.41 15.40
C SER X 27 -19.09 10.34 16.92
N PHE X 28 -19.49 9.27 17.58
CA PHE X 28 -19.31 9.17 19.03
C PHE X 28 -17.84 9.07 19.40
N ASP X 29 -16.99 8.62 18.49
CA ASP X 29 -15.55 8.59 18.77
C ASP X 29 -14.98 9.99 18.93
N GLU X 30 -15.32 10.91 18.02
CA GLU X 30 -14.74 12.25 18.09
C GLU X 30 -15.28 13.03 19.28
N ILE X 31 -16.56 12.87 19.60
CA ILE X 31 -17.11 13.53 20.79
C ILE X 31 -16.50 12.91 22.05
N SER X 32 -16.19 11.62 21.99
CA SER X 32 -15.40 11.00 23.07
C SER X 32 -14.03 11.65 23.16
N GLN X 33 -13.37 11.85 22.01
CA GLN X 33 -12.13 12.61 21.99
C GLN X 33 -12.37 14.05 22.43
N TYR X 34 -13.52 14.62 22.08
CA TYR X 34 -13.86 15.95 22.56
C TYR X 34 -13.90 15.99 24.09
N ILE X 35 -14.56 15.00 24.69
CA ILE X 35 -14.55 14.88 26.14
C ILE X 35 -13.16 14.48 26.63
N GLN X 36 -12.48 13.61 25.87
CA GLN X 36 -11.13 13.18 26.25
C GLN X 36 -10.19 14.36 26.37
N GLU X 37 -10.10 15.19 25.33
CA GLU X 37 -9.26 16.38 25.40
C GLU X 37 -9.80 17.39 26.39
N LEU X 38 -11.12 17.43 26.57
CA LEU X 38 -11.70 18.23 27.64
C LEU X 38 -11.20 17.75 28.99
N GLU X 39 -11.01 16.44 29.15
CA GLU X 39 -10.47 15.90 30.39
C GLU X 39 -8.98 16.16 30.53
N GLU X 40 -8.22 16.07 29.43
CA GLU X 40 -6.79 16.39 29.51
C GLU X 40 -6.57 17.84 29.89
N GLU X 41 -7.38 18.75 29.34
CA GLU X 41 -7.33 20.14 29.77
C GLU X 41 -7.64 20.26 31.25
N ARG X 42 -8.62 19.49 31.73
CA ARG X 42 -8.87 19.42 33.17
C ARG X 42 -7.68 18.82 33.90
N ARG X 43 -7.08 17.77 33.34
CA ARG X 43 -5.94 17.13 33.99
C ARG X 43 -4.75 18.09 34.09
N LEU X 44 -4.45 18.79 33.00
CA LEU X 44 -3.33 19.74 33.03
C LEU X 44 -3.65 20.92 33.95
N THR X 45 -4.92 21.31 34.01
CA THR X 45 -5.33 22.33 34.96
C THR X 45 -5.09 21.88 36.39
N GLU X 46 -5.40 20.62 36.69
CA GLU X 46 -5.13 20.10 38.03
C GLU X 46 -3.65 20.12 38.35
N SER X 47 -2.81 19.80 37.36
CA SER X 47 -1.37 19.89 37.55
C SER X 47 -0.94 21.33 37.84
N SER X 48 -1.52 22.30 37.11
CA SER X 48 -1.16 23.70 37.34
C SER X 48 -1.68 24.19 38.69
N ILE X 49 -2.83 23.70 39.13
CA ILE X 49 -3.37 24.11 40.42
C ILE X 49 -2.45 23.65 41.55
N ARG X 50 -2.08 22.36 41.55
CA ARG X 50 -1.17 21.86 42.57
C ARG X 50 0.20 22.48 42.43
N LYS X 51 0.62 22.79 41.20
CA LYS X 51 1.90 23.44 40.98
C LYS X 51 1.97 24.76 41.72
N MET X 52 0.91 25.56 41.62
CA MET X 52 0.89 26.86 42.29
C MET X 52 0.80 26.74 43.79
N GLU X 53 0.27 25.62 44.30
CA GLU X 53 0.19 25.43 45.75
C GLU X 53 1.57 25.34 46.37
N LYS X 54 2.48 24.57 45.77
CA LYS X 54 3.86 24.54 46.26
C LYS X 54 4.59 25.84 45.97
N GLU X 55 4.23 26.53 44.89
CA GLU X 55 4.85 27.83 44.61
C GLU X 55 4.52 28.83 45.71
N LYS X 56 3.23 28.95 46.06
CA LYS X 56 2.87 29.82 47.17
C LYS X 56 3.41 29.30 48.48
N SER X 57 3.43 27.97 48.67
CA SER X 57 4.06 27.40 49.85
C SER X 57 5.54 27.74 49.91
N ASP X 58 6.23 27.65 48.77
CA ASP X 58 7.63 28.06 48.72
C ASP X 58 7.77 29.56 49.00
N LEU X 59 6.87 30.37 48.42
CA LEU X 59 6.86 31.79 48.73
C LEU X 59 6.55 32.04 50.20
N ASN X 60 5.59 31.29 50.75
CA ASN X 60 5.30 31.40 52.17
C ASN X 60 6.41 30.81 53.02
N GLU X 61 7.22 29.91 52.45
CA GLU X 61 8.33 29.33 53.19
C GLU X 61 9.44 30.36 53.42
N LYS X 62 9.84 31.07 52.37
CA LYS X 62 10.99 31.96 52.48
C LYS X 62 10.61 33.32 53.06
N ILE X 63 9.33 33.67 53.08
CA ILE X 63 8.93 34.91 53.73
C ILE X 63 9.16 34.82 55.23
N ASP X 64 8.95 33.63 55.80
CA ASP X 64 9.28 33.41 57.20
C ASP X 64 10.79 33.49 57.41
N GLU X 65 11.57 32.95 56.47
CA GLU X 65 13.02 33.05 56.55
C GLU X 65 13.47 34.51 56.48
N LEU X 66 12.86 35.29 55.59
CA LEU X 66 13.20 36.71 55.51
C LEU X 66 12.68 37.47 56.72
N THR X 67 11.48 37.15 57.20
CA THR X 67 10.98 37.80 58.41
C THR X 67 11.87 37.50 59.61
N THR X 68 12.31 36.24 59.74
CA THR X 68 13.27 35.89 60.78
C THR X 68 14.58 36.65 60.58
N ARG X 69 15.02 36.77 59.32
CA ARG X 69 16.20 37.57 59.03
C ARG X 69 15.97 39.04 59.38
N LYS X 70 14.79 39.56 59.05
CA LYS X 70 14.46 40.94 59.42
C LYS X 70 14.44 41.12 60.93
N CYS X 71 13.83 40.17 61.65
CA CYS X 71 13.81 40.25 63.10
C CYS X 71 15.21 40.12 63.68
N SER X 72 16.03 39.21 63.11
CA SER X 72 17.39 39.06 63.59
C SER X 72 18.21 40.32 63.35
N VAL X 73 18.06 40.93 62.18
CA VAL X 73 18.79 42.17 61.88
C VAL X 73 18.28 43.31 62.75
N ASP X 74 16.95 43.45 62.85
CA ASP X 74 16.39 44.56 63.61
C ASP X 74 16.70 44.45 65.10
N ALA X 75 16.69 43.23 65.64
CA ALA X 75 17.01 43.05 67.05
C ALA X 75 18.44 43.49 67.34
N ARG X 76 19.38 43.10 66.48
CA ARG X 76 20.76 43.55 66.65
C ARG X 76 20.91 45.04 66.32
N LEU X 77 20.12 45.53 65.35
CA LEU X 77 20.21 46.92 64.95
C LEU X 77 19.90 47.87 66.10
N GLN X 78 18.77 47.63 66.78
CA GLN X 78 18.37 48.48 67.88
C GLN X 78 19.24 48.25 69.12
N ALA X 79 19.63 46.99 69.37
CA ALA X 79 20.46 46.69 70.51
C ALA X 79 21.84 47.34 70.39
N GLU X 80 22.42 47.30 69.19
CA GLU X 80 23.71 47.94 68.98
C GLU X 80 23.63 49.45 69.15
N ASN X 81 22.51 50.05 68.73
CA ASN X 81 22.33 51.49 68.89
C ASN X 81 22.33 51.87 70.37
N GLU X 82 21.62 51.11 71.20
CA GLU X 82 21.62 51.38 72.63
C GLU X 82 22.99 51.08 73.24
N ARG X 83 23.63 50.00 72.79
CA ARG X 83 24.96 49.66 73.30
C ARG X 83 25.99 50.71 72.89
N ALA X 84 25.87 51.26 71.68
CA ALA X 84 26.82 52.27 71.23
C ALA X 84 26.58 53.60 71.92
N GLU X 85 25.31 53.99 72.08
CA GLU X 85 25.01 55.30 72.65
C GLU X 85 25.34 55.36 74.14
N ARG X 86 25.22 54.24 74.86
CA ARG X 86 25.56 54.24 76.27
C ARG X 86 27.07 54.43 76.46
N GLN X 87 27.87 53.87 75.55
CA GLN X 87 29.31 54.12 75.60
C GLN X 87 29.64 55.50 75.04
N ASP X 88 28.93 55.93 74.00
CA ASP X 88 29.19 57.24 73.41
C ASP X 88 28.92 58.36 74.39
N ARG X 89 27.75 58.35 75.03
CA ARG X 89 27.45 59.37 76.02
C ARG X 89 28.35 59.25 77.24
N GLY X 90 28.77 58.04 77.58
CA GLY X 90 29.76 57.88 78.64
C GLY X 90 31.10 58.47 78.27
N LEU X 91 31.48 58.35 77.00
CA LEU X 91 32.74 58.94 76.54
C LEU X 91 32.64 60.45 76.45
N LYS X 92 31.44 61.00 76.26
CA LYS X 92 31.28 62.45 76.27
C LYS X 92 31.63 63.02 77.65
N GLU X 93 31.26 62.30 78.71
CA GLU X 93 31.73 62.68 80.04
C GLU X 93 33.19 62.32 80.22
N ALA X 94 33.67 61.28 79.53
CA ALA X 94 35.07 60.89 79.64
C ALA X 94 35.99 61.90 78.94
N GLU X 95 35.57 62.40 77.77
CA GLU X 95 36.36 63.44 77.12
C GLU X 95 36.29 64.74 77.90
N THR X 96 35.19 65.00 78.60
CA THR X 96 35.15 66.10 79.55
C THR X 96 36.05 65.82 80.75
N THR X 97 36.13 64.55 81.16
CA THR X 97 37.05 64.17 82.24
C THR X 97 38.50 64.38 81.84
N TYR X 98 38.79 64.35 80.52
CA TYR X 98 40.13 64.67 80.06
C TYR X 98 40.51 66.10 80.43
N ALA X 99 39.57 67.03 80.30
CA ALA X 99 39.81 68.39 80.78
C ALA X 99 40.04 68.40 82.27
N LYS X 100 39.29 67.59 83.03
CA LYS X 100 39.56 67.43 84.45
C LYS X 100 40.93 66.81 84.67
N LEU X 101 41.30 65.82 83.85
CA LEU X 101 42.63 65.23 83.95
C LEU X 101 43.71 66.22 83.56
N VAL X 102 43.41 67.15 82.65
CA VAL X 102 44.36 68.22 82.36
C VAL X 102 44.57 69.09 83.58
N GLU X 103 43.49 69.45 84.27
CA GLU X 103 43.62 70.15 85.54
C GLU X 103 44.24 69.25 86.60
N SER X 104 43.93 67.95 86.57
CA SER X 104 44.55 67.02 87.51
C SER X 104 46.06 66.97 87.32
N GLN X 105 46.51 66.88 86.07
CA GLN X 105 47.94 66.96 85.80
C GLN X 105 48.51 68.30 86.26
N LYS X 106 47.78 69.38 86.03
CA LYS X 106 48.20 70.69 86.53
C LYS X 106 48.28 70.68 88.05
N THR X 107 47.27 70.09 88.71
CA THR X 107 47.23 70.12 90.17
C THR X 107 48.30 69.23 90.78
N LEU X 108 48.48 68.02 90.25
CA LEU X 108 49.45 67.09 90.83
C LEU X 108 50.87 67.62 90.72
N VAL X 109 51.24 68.19 89.57
CA VAL X 109 52.58 68.75 89.43
C VAL X 109 52.73 70.02 90.25
N ASP X 110 51.62 70.71 90.55
CA ASP X 110 51.70 71.96 91.29
C ASP X 110 52.28 71.74 92.69
N PHE X 111 51.71 70.81 93.45
CA PHE X 111 52.26 70.58 94.78
C PHE X 111 53.54 69.75 94.77
N VAL X 112 53.85 69.09 93.65
CA VAL X 112 55.18 68.48 93.51
C VAL X 112 56.24 69.56 93.48
N ARG X 113 56.00 70.63 92.71
CA ARG X 113 56.91 71.78 92.74
C ARG X 113 56.81 72.53 94.06
N LYS X 114 55.64 72.52 94.69
CA LYS X 114 55.52 73.09 96.03
C LYS X 114 56.38 72.31 97.03
N GLU X 115 56.39 70.98 96.92
CA GLU X 115 57.31 70.18 97.72
C GLU X 115 58.75 70.52 97.38
N TYR X 116 59.04 70.73 96.09
CA TYR X 116 60.34 71.28 95.72
C TYR X 116 60.53 72.66 96.32
N GLU X 117 59.51 73.53 96.19
CA GLU X 117 59.59 74.85 96.80
C GLU X 117 59.62 74.78 98.31
N ASP X 118 58.99 73.75 98.90
CA ASP X 118 59.13 73.54 100.34
C ASP X 118 60.58 73.30 100.73
N THR X 119 61.36 72.72 99.81
CA THR X 119 62.79 72.56 100.03
C THR X 119 63.59 73.72 99.45
N LYS X 120 63.10 74.35 98.37
CA LYS X 120 63.86 75.38 97.69
C LYS X 120 64.02 76.66 98.52
N HIS X 121 62.94 77.14 99.15
CA HIS X 121 63.07 78.37 99.92
C HIS X 121 63.88 78.13 101.19
N GLN X 122 63.96 76.87 101.64
CA GLN X 122 64.86 76.53 102.74
C GLN X 122 66.31 76.76 102.35
N LYS X 123 66.64 76.55 101.08
CA LYS X 123 67.98 76.88 100.60
C LYS X 123 68.19 78.40 100.58
N TYR X 124 67.18 79.15 100.16
CA TYR X 124 67.22 80.61 99.95
C TYR X 124 68.57 81.14 99.46
N GLY Y 26 -10.25 -10.87 19.45
CA GLY Y 26 -10.71 -11.42 20.72
C GLY Y 26 -11.84 -12.43 20.56
N SER Y 27 -12.71 -12.51 21.56
CA SER Y 27 -13.83 -13.43 21.49
C SER Y 27 -15.08 -12.75 20.94
N PHE Y 28 -15.39 -11.55 21.46
CA PHE Y 28 -16.63 -10.87 21.11
C PHE Y 28 -16.75 -10.67 19.60
N ASP Y 29 -15.64 -10.38 18.92
CA ASP Y 29 -15.66 -10.31 17.47
C ASP Y 29 -16.02 -11.66 16.86
N GLU Y 30 -15.43 -12.74 17.39
CA GLU Y 30 -15.84 -14.08 16.98
C GLU Y 30 -17.29 -14.35 17.39
N ILE Y 31 -17.66 -13.91 18.59
CA ILE Y 31 -19.05 -14.09 19.05
C ILE Y 31 -20.00 -13.37 18.11
N SER Y 32 -19.69 -12.13 17.76
CA SER Y 32 -20.57 -11.35 16.89
C SER Y 32 -20.64 -11.94 15.48
N GLN Y 33 -19.50 -12.37 14.94
CA GLN Y 33 -19.48 -12.93 13.60
C GLN Y 33 -20.14 -14.30 13.55
N TYR Y 34 -19.86 -15.16 14.53
CA TYR Y 34 -20.41 -16.50 14.51
C TYR Y 34 -21.93 -16.50 14.65
N ILE Y 35 -22.47 -15.62 15.50
CA ILE Y 35 -23.91 -15.56 15.67
C ILE Y 35 -24.57 -15.08 14.38
N GLN Y 36 -23.91 -14.19 13.64
CA GLN Y 36 -24.41 -13.81 12.31
C GLN Y 36 -24.38 -15.01 11.37
N GLU Y 37 -23.29 -15.79 11.41
CA GLU Y 37 -23.24 -17.01 10.61
C GLU Y 37 -24.33 -18.00 11.05
N LEU Y 38 -24.56 -18.10 12.37
CA LEU Y 38 -25.68 -18.90 12.85
C LEU Y 38 -26.99 -18.35 12.33
N GLU Y 39 -27.16 -17.02 12.38
CA GLU Y 39 -28.37 -16.41 11.86
C GLU Y 39 -28.46 -16.57 10.34
N GLU Y 40 -27.34 -16.40 9.64
CA GLU Y 40 -27.36 -16.49 8.18
C GLU Y 40 -27.63 -17.91 7.71
N GLU Y 41 -27.04 -18.91 8.37
CA GLU Y 41 -27.38 -20.29 8.04
C GLU Y 41 -28.80 -20.62 8.46
N ARG Y 42 -29.24 -20.06 9.60
CA ARG Y 42 -30.65 -20.13 9.96
C ARG Y 42 -31.55 -19.64 8.84
N ARG Y 43 -31.24 -18.48 8.27
CA ARG Y 43 -32.14 -17.89 7.28
C ARG Y 43 -32.18 -18.74 6.02
N LEU Y 44 -31.09 -19.42 5.69
CA LEU Y 44 -31.11 -20.40 4.61
C LEU Y 44 -31.97 -21.61 4.96
N THR Y 45 -31.81 -22.14 6.18
CA THR Y 45 -32.62 -23.30 6.57
C THR Y 45 -34.09 -22.95 6.65
N GLU Y 46 -34.43 -21.79 7.23
CA GLU Y 46 -35.83 -21.39 7.34
C GLU Y 46 -36.44 -21.15 5.96
N SER Y 47 -35.68 -20.52 5.06
CA SER Y 47 -36.16 -20.32 3.70
C SER Y 47 -36.31 -21.65 2.97
N SER Y 48 -35.35 -22.57 3.17
CA SER Y 48 -35.40 -23.86 2.51
C SER Y 48 -36.65 -24.65 2.90
N ILE Y 49 -37.09 -24.49 4.15
CA ILE Y 49 -38.33 -25.14 4.58
C ILE Y 49 -39.53 -24.60 3.82
N ARG Y 50 -39.57 -23.29 3.60
CA ARG Y 50 -40.70 -22.68 2.91
C ARG Y 50 -40.83 -23.21 1.48
N LYS Y 51 -39.71 -23.27 0.74
CA LYS Y 51 -39.76 -23.83 -0.60
C LYS Y 51 -40.01 -25.33 -0.57
N MET Y 52 -39.55 -26.00 0.48
CA MET Y 52 -39.92 -27.41 0.68
C MET Y 52 -41.42 -27.53 0.93
N GLU Y 53 -41.98 -26.62 1.71
CA GLU Y 53 -43.43 -26.60 1.91
C GLU Y 53 -44.15 -26.29 0.61
N LYS Y 54 -43.55 -25.44 -0.23
CA LYS Y 54 -44.11 -25.17 -1.54
C LYS Y 54 -44.18 -26.44 -2.39
N GLU Y 55 -43.14 -27.26 -2.32
CA GLU Y 55 -43.15 -28.55 -3.00
C GLU Y 55 -44.28 -29.43 -2.48
N LYS Y 56 -44.54 -29.37 -1.17
CA LYS Y 56 -45.64 -30.13 -0.59
C LYS Y 56 -46.97 -29.69 -1.19
N SER Y 57 -47.16 -28.38 -1.36
CA SER Y 57 -48.37 -27.88 -2.01
C SER Y 57 -48.47 -28.37 -3.45
N ASP Y 58 -47.34 -28.38 -4.16
CA ASP Y 58 -47.31 -28.87 -5.53
C ASP Y 58 -47.80 -30.32 -5.62
N LEU Y 59 -47.38 -31.15 -4.66
CA LEU Y 59 -47.88 -32.52 -4.60
C LEU Y 59 -49.38 -32.55 -4.36
N ASN Y 60 -49.91 -31.56 -3.62
CA ASN Y 60 -51.33 -31.53 -3.33
C ASN Y 60 -52.15 -31.36 -4.61
N GLU Y 61 -51.75 -30.44 -5.48
CA GLU Y 61 -52.43 -30.31 -6.78
C GLU Y 61 -52.23 -31.57 -7.61
N LYS Y 62 -51.02 -32.11 -7.62
CA LYS Y 62 -50.76 -33.34 -8.36
C LYS Y 62 -51.63 -34.49 -7.84
N ILE Y 63 -51.78 -34.58 -6.52
CA ILE Y 63 -52.70 -35.57 -5.95
C ILE Y 63 -54.13 -35.26 -6.37
N ASP Y 64 -54.55 -34.00 -6.19
CA ASP Y 64 -55.93 -33.62 -6.51
C ASP Y 64 -56.23 -33.70 -8.00
N GLU Y 65 -55.27 -33.30 -8.85
CA GLU Y 65 -55.48 -33.39 -10.29
C GLU Y 65 -55.58 -34.84 -10.74
N LEU Y 66 -54.78 -35.72 -10.14
CA LEU Y 66 -54.80 -37.12 -10.55
C LEU Y 66 -56.01 -37.87 -10.01
N THR Y 67 -56.51 -37.47 -8.83
CA THR Y 67 -57.70 -38.12 -8.28
C THR Y 67 -58.93 -37.88 -9.15
N THR Y 68 -59.15 -36.63 -9.56
CA THR Y 68 -60.33 -36.33 -10.37
C THR Y 68 -60.23 -36.99 -11.74
N ARG Y 69 -59.01 -37.24 -12.22
CA ARG Y 69 -58.84 -38.06 -13.42
C ARG Y 69 -59.34 -39.47 -13.18
N LYS Y 70 -59.03 -40.05 -12.01
CA LYS Y 70 -59.51 -41.39 -11.69
C LYS Y 70 -61.02 -41.42 -11.56
N CYS Y 71 -61.59 -40.42 -10.89
CA CYS Y 71 -63.04 -40.37 -10.72
C CYS Y 71 -63.75 -40.19 -12.06
N SER Y 72 -63.22 -39.33 -12.93
CA SER Y 72 -63.86 -39.08 -14.21
C SER Y 72 -63.86 -40.32 -15.10
N VAL Y 73 -62.73 -41.02 -15.18
CA VAL Y 73 -62.68 -42.23 -16.01
C VAL Y 73 -63.55 -43.33 -15.42
N ASP Y 74 -63.62 -43.43 -14.10
CA ASP Y 74 -64.49 -44.43 -13.48
C ASP Y 74 -65.96 -44.16 -13.81
N ALA Y 75 -66.36 -42.89 -13.76
CA ALA Y 75 -67.73 -42.55 -14.16
C ALA Y 75 -67.94 -42.81 -15.64
N ARG Y 76 -66.97 -42.46 -16.47
CA ARG Y 76 -67.09 -42.71 -17.91
C ARG Y 76 -67.04 -44.20 -18.22
N LEU Y 77 -66.25 -44.97 -17.48
CA LEU Y 77 -66.21 -46.41 -17.68
C LEU Y 77 -67.57 -47.04 -17.41
N GLN Y 78 -68.30 -46.52 -16.41
CA GLN Y 78 -69.65 -46.99 -16.16
C GLN Y 78 -70.55 -46.75 -17.36
N ALA Y 79 -70.40 -45.59 -18.01
CA ALA Y 79 -71.13 -45.34 -19.25
C ALA Y 79 -70.73 -46.32 -20.34
N GLU Y 80 -69.43 -46.60 -20.46
CA GLU Y 80 -68.97 -47.61 -21.41
C GLU Y 80 -69.43 -49.00 -21.00
N ASN Y 81 -69.53 -49.26 -19.68
CA ASN Y 81 -69.93 -50.58 -19.21
C ASN Y 81 -71.34 -50.93 -19.70
N GLU Y 82 -72.28 -50.00 -19.58
CA GLU Y 82 -73.64 -50.26 -20.03
C GLU Y 82 -73.73 -50.37 -21.54
N ARG Y 83 -72.87 -49.66 -22.27
CA ARG Y 83 -72.90 -49.71 -23.73
C ARG Y 83 -72.65 -51.13 -24.23
N ALA Y 84 -71.66 -51.81 -23.66
CA ALA Y 84 -71.45 -53.21 -24.01
C ALA Y 84 -72.56 -54.09 -23.46
N GLU Y 85 -73.11 -53.75 -22.30
CA GLU Y 85 -74.24 -54.50 -21.76
C GLU Y 85 -75.45 -54.40 -22.67
N ARG Y 86 -75.72 -53.22 -23.21
CA ARG Y 86 -76.78 -53.08 -24.21
C ARG Y 86 -76.45 -53.92 -25.44
N GLN Y 87 -75.20 -53.91 -25.87
CA GLN Y 87 -74.78 -54.76 -26.98
C GLN Y 87 -74.94 -56.23 -26.64
N ASP Y 88 -74.55 -56.63 -25.43
CA ASP Y 88 -74.66 -58.03 -25.03
C ASP Y 88 -76.11 -58.48 -24.95
N ARG Y 89 -76.95 -57.71 -24.24
CA ARG Y 89 -78.35 -58.09 -24.10
C ARG Y 89 -79.06 -58.07 -25.45
N GLY Y 90 -78.76 -57.08 -26.29
CA GLY Y 90 -79.32 -57.06 -27.63
C GLY Y 90 -78.83 -58.23 -28.48
N LEU Y 91 -77.56 -58.61 -28.30
CA LEU Y 91 -77.01 -59.74 -29.05
C LEU Y 91 -77.72 -61.04 -28.68
N LYS Y 92 -77.94 -61.26 -27.39
CA LYS Y 92 -78.58 -62.49 -26.95
C LYS Y 92 -79.99 -62.61 -27.52
N GLU Y 93 -80.75 -61.51 -27.50
CA GLU Y 93 -82.07 -61.50 -28.12
C GLU Y 93 -81.97 -61.71 -29.63
N ALA Y 94 -81.01 -61.02 -30.27
CA ALA Y 94 -80.87 -61.11 -31.72
C ALA Y 94 -80.36 -62.48 -32.16
N GLU Y 95 -79.35 -63.00 -31.48
CA GLU Y 95 -78.79 -64.31 -31.84
C GLU Y 95 -79.83 -65.41 -31.68
N THR Y 96 -80.57 -65.38 -30.57
CA THR Y 96 -81.61 -66.39 -30.34
C THR Y 96 -82.75 -66.23 -31.34
N THR Y 97 -83.12 -64.99 -31.67
CA THR Y 97 -84.22 -64.76 -32.59
C THR Y 97 -83.91 -65.31 -33.98
N TYR Y 98 -82.68 -65.10 -34.47
CA TYR Y 98 -82.32 -65.58 -35.79
C TYR Y 98 -82.33 -67.10 -35.86
N ALA Y 99 -82.07 -67.77 -34.73
CA ALA Y 99 -82.11 -69.22 -34.71
C ALA Y 99 -83.51 -69.74 -35.04
N LYS Y 100 -84.54 -69.07 -34.53
CA LYS Y 100 -85.91 -69.43 -34.88
C LYS Y 100 -86.19 -69.14 -36.35
N LEU Y 101 -85.68 -68.02 -36.86
CA LEU Y 101 -85.93 -67.65 -38.25
C LEU Y 101 -85.31 -68.64 -39.22
N VAL Y 102 -84.05 -69.01 -38.99
CA VAL Y 102 -83.38 -69.95 -39.89
C VAL Y 102 -84.03 -71.33 -39.81
N GLU Y 103 -84.44 -71.75 -38.61
CA GLU Y 103 -85.18 -73.01 -38.48
C GLU Y 103 -86.50 -72.93 -39.22
N SER Y 104 -87.21 -71.80 -39.08
CA SER Y 104 -88.42 -71.59 -39.87
C SER Y 104 -88.11 -71.44 -41.35
N GLN Y 105 -86.96 -70.84 -41.68
CA GLN Y 105 -86.56 -70.70 -43.08
C GLN Y 105 -86.40 -72.06 -43.74
N LYS Y 106 -85.71 -72.98 -43.06
CA LYS Y 106 -85.59 -74.34 -43.59
C LYS Y 106 -86.93 -75.06 -43.59
N THR Y 107 -87.77 -74.79 -42.59
CA THR Y 107 -89.10 -75.41 -42.55
C THR Y 107 -89.95 -74.95 -43.73
N LEU Y 108 -89.92 -73.65 -44.04
CA LEU Y 108 -90.75 -73.13 -45.11
C LEU Y 108 -90.28 -73.63 -46.48
N VAL Y 109 -88.97 -73.62 -46.72
CA VAL Y 109 -88.47 -74.14 -48.00
C VAL Y 109 -88.71 -75.64 -48.11
N ASP Y 110 -88.73 -76.34 -46.97
CA ASP Y 110 -89.14 -77.74 -46.98
C ASP Y 110 -90.61 -77.86 -47.39
N PHE Y 111 -91.46 -76.96 -46.90
CA PHE Y 111 -92.84 -76.91 -47.35
C PHE Y 111 -92.92 -76.57 -48.83
N VAL Y 112 -92.08 -75.65 -49.29
CA VAL Y 112 -92.01 -75.34 -50.72
C VAL Y 112 -91.54 -76.56 -51.49
N ARG Y 113 -90.56 -77.28 -50.96
CA ARG Y 113 -90.15 -78.54 -51.56
C ARG Y 113 -91.31 -79.52 -51.61
N LYS Y 114 -92.09 -79.61 -50.52
CA LYS Y 114 -93.31 -80.39 -50.54
C LYS Y 114 -94.36 -79.78 -51.46
N GLU Y 115 -94.40 -78.45 -51.53
CA GLU Y 115 -95.36 -77.78 -52.42
C GLU Y 115 -95.08 -78.13 -53.88
N TYR Y 116 -93.81 -78.18 -54.27
CA TYR Y 116 -93.46 -78.59 -55.62
C TYR Y 116 -93.91 -80.02 -55.88
N GLU Y 117 -93.71 -80.91 -54.90
CA GLU Y 117 -94.23 -82.27 -55.03
C GLU Y 117 -95.75 -82.28 -55.05
N ASP Y 118 -96.37 -81.45 -54.22
CA ASP Y 118 -97.83 -81.42 -54.16
C ASP Y 118 -98.44 -80.94 -55.45
N THR Y 119 -97.81 -79.95 -56.11
CA THR Y 119 -98.37 -79.40 -57.34
C THR Y 119 -98.48 -80.45 -58.43
N LYS Y 120 -97.40 -81.20 -58.66
CA LYS Y 120 -97.44 -82.24 -59.69
C LYS Y 120 -98.11 -83.52 -59.22
N HIS Y 121 -98.24 -83.73 -57.90
CA HIS Y 121 -98.96 -84.89 -57.40
C HIS Y 121 -100.43 -84.83 -57.78
N GLN Y 122 -101.03 -83.63 -57.69
CA GLN Y 122 -102.40 -83.45 -58.15
C GLN Y 122 -102.49 -83.65 -59.66
N LYS Y 123 -101.44 -83.27 -60.39
CA LYS Y 123 -101.41 -83.49 -61.83
C LYS Y 123 -101.41 -84.98 -62.15
N TYR Y 124 -100.68 -85.77 -61.38
CA TYR Y 124 -100.64 -87.22 -61.58
C TYR Y 124 -102.01 -87.84 -61.31
N GLY Z 26 -84.06 -63.73 -49.18
CA GLY Z 26 -82.78 -63.12 -48.94
C GLY Z 26 -82.77 -62.24 -47.71
N SER Z 27 -83.96 -61.93 -47.19
CA SER Z 27 -84.06 -61.09 -46.00
C SER Z 27 -83.47 -61.79 -44.77
N PHE Z 28 -83.48 -63.12 -44.75
CA PHE Z 28 -82.94 -63.85 -43.61
C PHE Z 28 -81.45 -63.60 -43.45
N ASP Z 29 -80.70 -63.55 -44.56
CA ASP Z 29 -79.27 -63.32 -44.48
C ASP Z 29 -78.95 -61.85 -44.21
N GLU Z 30 -79.82 -60.94 -44.64
CA GLU Z 30 -79.58 -59.52 -44.41
C GLU Z 30 -79.60 -59.19 -42.92
N ILE Z 31 -80.60 -59.71 -42.20
CA ILE Z 31 -80.65 -59.52 -40.76
C ILE Z 31 -79.53 -60.30 -40.08
N SER Z 32 -79.15 -61.46 -40.64
CA SER Z 32 -78.09 -62.26 -40.04
C SER Z 32 -76.78 -61.48 -39.98
N GLN Z 33 -76.40 -60.85 -41.09
CA GLN Z 33 -75.21 -60.01 -41.08
C GLN Z 33 -75.40 -58.79 -40.18
N TYR Z 34 -76.62 -58.23 -40.17
CA TYR Z 34 -76.91 -57.13 -39.25
C TYR Z 34 -76.75 -57.56 -37.79
N ILE Z 35 -77.22 -58.76 -37.46
CA ILE Z 35 -76.97 -59.32 -36.14
C ILE Z 35 -75.48 -59.56 -35.95
N GLN Z 36 -74.82 -60.12 -36.97
CA GLN Z 36 -73.37 -60.27 -36.91
C GLN Z 36 -72.65 -58.93 -36.91
N GLU Z 37 -73.29 -57.89 -37.45
CA GLU Z 37 -72.73 -56.54 -37.30
C GLU Z 37 -72.77 -56.11 -35.84
N LEU Z 38 -73.85 -56.43 -35.14
CA LEU Z 38 -73.93 -56.15 -33.71
C LEU Z 38 -72.98 -57.06 -32.93
N GLU Z 39 -72.65 -58.22 -33.49
CA GLU Z 39 -71.58 -59.04 -32.92
C GLU Z 39 -70.26 -58.28 -32.90
N GLU Z 40 -69.95 -57.58 -33.99
CA GLU Z 40 -68.67 -56.87 -34.07
C GLU Z 40 -68.65 -55.66 -33.14
N GLU Z 41 -69.78 -54.96 -33.01
CA GLU Z 41 -69.82 -53.76 -32.18
C GLU Z 41 -69.54 -54.08 -30.71
N ARG Z 42 -70.05 -55.21 -30.23
CA ARG Z 42 -69.81 -55.57 -28.83
C ARG Z 42 -68.32 -55.82 -28.57
N ARG Z 43 -67.63 -56.49 -29.49
CA ARG Z 43 -66.23 -56.83 -29.27
C ARG Z 43 -65.36 -55.58 -29.20
N LEU Z 44 -65.60 -54.62 -30.11
CA LEU Z 44 -64.84 -53.37 -30.06
C LEU Z 44 -65.19 -52.57 -28.81
N THR Z 45 -66.46 -52.59 -28.39
CA THR Z 45 -66.84 -51.95 -27.15
C THR Z 45 -66.20 -52.63 -25.94
N GLU Z 46 -66.20 -53.97 -25.94
CA GLU Z 46 -65.58 -54.70 -24.83
C GLU Z 46 -64.07 -54.45 -24.81
N SER Z 47 -63.44 -54.39 -25.97
CA SER Z 47 -62.02 -54.06 -26.03
C SER Z 47 -61.76 -52.66 -25.49
N SER Z 48 -62.67 -51.71 -25.80
CA SER Z 48 -62.54 -50.37 -25.26
C SER Z 48 -62.65 -50.38 -23.73
N ILE Z 49 -63.57 -51.19 -23.20
CA ILE Z 49 -63.69 -51.30 -21.75
C ILE Z 49 -62.42 -51.93 -21.15
N ARG Z 50 -61.91 -52.99 -21.78
CA ARG Z 50 -60.74 -53.66 -21.25
C ARG Z 50 -59.53 -52.74 -21.24
N LYS Z 51 -59.34 -51.96 -22.31
CA LYS Z 51 -58.22 -51.02 -22.33
C LYS Z 51 -58.44 -49.90 -21.33
N MET Z 52 -59.69 -49.47 -21.13
CA MET Z 52 -59.95 -48.39 -20.19
C MET Z 52 -59.95 -48.88 -18.75
N GLU Z 53 -60.39 -50.13 -18.53
CA GLU Z 53 -60.30 -50.72 -17.21
C GLU Z 53 -58.85 -50.86 -16.78
N LYS Z 54 -57.97 -51.23 -17.71
CA LYS Z 54 -56.55 -51.31 -17.41
C LYS Z 54 -56.00 -49.95 -17.00
N GLU Z 55 -56.40 -48.89 -17.71
CA GLU Z 55 -56.01 -47.54 -17.30
C GLU Z 55 -56.67 -47.14 -15.99
N LYS Z 56 -57.86 -47.66 -15.70
CA LYS Z 56 -58.50 -47.37 -14.42
C LYS Z 56 -57.63 -47.87 -13.26
N SER Z 57 -57.07 -49.08 -13.39
CA SER Z 57 -56.08 -49.53 -12.42
C SER Z 57 -54.79 -48.72 -12.54
N ASP Z 58 -54.42 -48.34 -13.76
CA ASP Z 58 -53.24 -47.49 -13.95
C ASP Z 58 -53.43 -46.12 -13.33
N LEU Z 59 -54.64 -45.56 -13.45
CA LEU Z 59 -54.92 -44.28 -12.80
C LEU Z 59 -54.84 -44.42 -11.28
N ASN Z 60 -55.36 -45.52 -10.75
CA ASN Z 60 -55.35 -45.74 -9.30
C ASN Z 60 -53.98 -46.10 -8.77
N GLU Z 61 -53.17 -46.84 -9.55
CA GLU Z 61 -51.81 -47.14 -9.09
C GLU Z 61 -50.91 -45.91 -9.16
N LYS Z 62 -51.18 -44.99 -10.09
CA LYS Z 62 -50.49 -43.71 -10.07
C LYS Z 62 -50.88 -42.90 -8.84
N ILE Z 63 -52.13 -43.02 -8.40
CA ILE Z 63 -52.52 -42.44 -7.11
C ILE Z 63 -51.67 -43.04 -5.99
N ASP Z 64 -51.53 -44.37 -5.99
CA ASP Z 64 -50.65 -45.02 -5.02
C ASP Z 64 -49.20 -44.60 -5.20
N GLU Z 65 -48.75 -44.48 -6.46
CA GLU Z 65 -47.39 -44.03 -6.71
C GLU Z 65 -47.19 -42.60 -6.23
N LEU Z 66 -48.18 -41.73 -6.48
CA LEU Z 66 -48.13 -40.38 -5.92
C LEU Z 66 -48.40 -40.38 -4.43
N THR Z 67 -49.12 -41.38 -3.92
CA THR Z 67 -49.32 -41.49 -2.48
C THR Z 67 -47.98 -41.73 -1.77
N THR Z 68 -47.12 -42.55 -2.37
CA THR Z 68 -45.77 -42.73 -1.82
C THR Z 68 -45.02 -41.41 -1.81
N ARG Z 69 -45.14 -40.63 -2.88
CA ARG Z 69 -44.62 -39.27 -2.85
C ARG Z 69 -45.38 -38.42 -1.85
N LYS Z 70 -46.70 -38.57 -1.80
CA LYS Z 70 -47.50 -37.82 -0.83
C LYS Z 70 -47.13 -38.21 0.60
N CYS Z 71 -47.00 -39.52 0.86
CA CYS Z 71 -46.60 -39.97 2.20
C CYS Z 71 -45.20 -39.48 2.53
N SER Z 72 -44.29 -39.53 1.57
CA SER Z 72 -42.92 -39.06 1.81
C SER Z 72 -42.91 -37.56 2.06
N VAL Z 73 -43.61 -36.79 1.23
CA VAL Z 73 -43.58 -35.34 1.38
C VAL Z 73 -44.33 -34.92 2.66
N ASP Z 74 -45.41 -35.63 3.00
CA ASP Z 74 -46.12 -35.32 4.24
C ASP Z 74 -45.24 -35.63 5.46
N ALA Z 75 -44.60 -36.79 5.45
CA ALA Z 75 -43.77 -37.19 6.59
C ALA Z 75 -42.57 -36.27 6.75
N ARG Z 76 -41.93 -35.90 5.64
CA ARG Z 76 -40.74 -35.06 5.74
C ARG Z 76 -41.10 -33.62 6.12
N LEU Z 77 -42.23 -33.10 5.63
CA LEU Z 77 -42.64 -31.75 5.99
C LEU Z 77 -43.18 -31.68 7.42
N GLN Z 78 -43.96 -32.69 7.85
CA GLN Z 78 -44.40 -32.68 9.24
C GLN Z 78 -43.23 -32.82 10.19
N ALA Z 79 -42.17 -33.52 9.76
CA ALA Z 79 -40.91 -33.50 10.49
C ALA Z 79 -40.12 -32.23 10.23
N GLU Z 80 -40.30 -31.60 9.06
CA GLU Z 80 -39.64 -30.34 8.78
C GLU Z 80 -40.21 -29.22 9.64
N ASN Z 81 -41.51 -29.29 9.93
CA ASN Z 81 -42.09 -28.39 10.92
C ASN Z 81 -41.46 -28.61 12.28
N GLU Z 82 -41.19 -29.89 12.62
CA GLU Z 82 -40.40 -30.18 13.81
C GLU Z 82 -38.99 -29.62 13.66
N ARG Z 83 -38.40 -29.74 12.48
CA ARG Z 83 -37.11 -29.11 12.23
C ARG Z 83 -37.20 -27.59 12.37
N ALA Z 84 -38.28 -26.99 11.85
CA ALA Z 84 -38.45 -25.55 11.93
C ALA Z 84 -38.53 -25.09 13.37
N GLU Z 85 -39.33 -25.77 14.19
CA GLU Z 85 -39.44 -25.40 15.60
C GLU Z 85 -38.16 -25.74 16.36
N ARG Z 86 -37.50 -26.84 16.00
CA ARG Z 86 -36.19 -27.14 16.58
C ARG Z 86 -35.20 -26.04 16.26
N GLN Z 87 -35.26 -25.50 15.04
CA GLN Z 87 -34.45 -24.33 14.73
C GLN Z 87 -34.88 -23.13 15.56
N ASP Z 88 -36.19 -22.97 15.76
CA ASP Z 88 -36.69 -21.84 16.55
C ASP Z 88 -36.18 -21.89 17.97
N ARG Z 89 -36.21 -23.08 18.59
CA ARG Z 89 -35.58 -23.23 19.90
C ARG Z 89 -34.06 -23.11 19.78
N GLY Z 90 -33.50 -23.42 18.62
CA GLY Z 90 -32.08 -23.25 18.42
C GLY Z 90 -31.64 -21.80 18.49
N LEU Z 91 -32.36 -20.91 17.80
CA LEU Z 91 -32.04 -19.48 17.88
C LEU Z 91 -32.47 -18.90 19.21
N LYS Z 92 -33.54 -19.43 19.80
CA LYS Z 92 -34.04 -18.90 21.07
C LYS Z 92 -32.94 -18.89 22.11
N GLU Z 93 -32.22 -20.01 22.25
CA GLU Z 93 -31.03 -20.02 23.09
C GLU Z 93 -29.94 -19.13 22.51
N ALA Z 94 -29.73 -19.21 21.19
CA ALA Z 94 -28.67 -18.42 20.55
C ALA Z 94 -28.94 -16.93 20.68
N GLU Z 95 -30.18 -16.51 20.42
CA GLU Z 95 -30.52 -15.09 20.60
C GLU Z 95 -30.41 -14.69 22.05
N THR Z 96 -30.90 -15.53 22.96
CA THR Z 96 -30.82 -15.22 24.39
C THR Z 96 -29.38 -15.15 24.86
N THR Z 97 -28.58 -16.16 24.51
CA THR Z 97 -27.18 -16.20 24.95
C THR Z 97 -26.39 -15.03 24.37
N TYR Z 98 -26.60 -14.70 23.09
CA TYR Z 98 -25.98 -13.52 22.53
C TYR Z 98 -26.49 -12.26 23.21
N ALA Z 99 -27.80 -12.18 23.45
CA ALA Z 99 -28.33 -11.06 24.22
C ALA Z 99 -27.81 -11.08 25.65
N LYS Z 100 -27.71 -12.26 26.26
CA LYS Z 100 -27.14 -12.37 27.59
C LYS Z 100 -25.67 -11.94 27.61
N LEU Z 101 -24.93 -12.25 26.54
CA LEU Z 101 -23.52 -11.86 26.49
C LEU Z 101 -23.38 -10.36 26.29
N VAL Z 102 -24.08 -9.79 25.31
CA VAL Z 102 -23.87 -8.39 24.95
C VAL Z 102 -24.20 -7.47 26.12
N GLU Z 103 -25.23 -7.81 26.88
CA GLU Z 103 -25.51 -7.04 28.10
C GLU Z 103 -24.41 -7.28 29.13
N SER Z 104 -23.96 -8.53 29.27
CA SER Z 104 -22.87 -8.84 30.18
C SER Z 104 -21.54 -8.31 29.66
N GLN Z 105 -21.29 -8.43 28.36
CA GLN Z 105 -20.05 -7.95 27.78
C GLN Z 105 -19.89 -6.45 28.00
N LYS Z 106 -20.89 -5.66 27.59
CA LYS Z 106 -20.78 -4.22 27.72
C LYS Z 106 -20.68 -3.78 29.17
N THR Z 107 -21.48 -4.35 30.06
CA THR Z 107 -21.46 -3.92 31.45
C THR Z 107 -20.14 -4.29 32.13
N LEU Z 108 -19.58 -5.45 31.78
CA LEU Z 108 -18.34 -5.88 32.44
C LEU Z 108 -17.15 -5.11 31.90
N VAL Z 109 -17.17 -4.73 30.62
CA VAL Z 109 -16.09 -3.91 30.06
C VAL Z 109 -16.04 -2.56 30.77
N ASP Z 110 -17.20 -1.90 30.90
CA ASP Z 110 -17.22 -0.62 31.60
C ASP Z 110 -17.00 -0.81 33.09
N PHE Z 111 -17.34 -1.98 33.63
CA PHE Z 111 -16.95 -2.30 35.00
C PHE Z 111 -15.43 -2.31 35.13
N VAL Z 112 -14.75 -2.90 34.15
CA VAL Z 112 -13.29 -2.86 34.13
C VAL Z 112 -12.79 -1.44 33.94
N ARG Z 113 -13.41 -0.68 33.02
CA ARG Z 113 -13.03 0.73 32.87
C ARG Z 113 -13.24 1.48 34.18
N LYS Z 114 -14.34 1.21 34.87
CA LYS Z 114 -14.56 1.82 36.18
C LYS Z 114 -13.42 1.49 37.12
N GLU Z 115 -13.03 0.21 37.19
CA GLU Z 115 -11.81 -0.15 37.90
C GLU Z 115 -10.59 0.48 37.26
N TYR Z 116 -10.53 0.48 35.93
CA TYR Z 116 -9.38 1.07 35.24
C TYR Z 116 -9.28 2.57 35.51
N GLU Z 117 -10.43 3.27 35.50
CA GLU Z 117 -10.40 4.71 35.77
C GLU Z 117 -9.89 5.01 37.16
N ASP Z 118 -10.44 4.34 38.19
CA ASP Z 118 -9.98 4.57 39.55
C ASP Z 118 -8.53 4.14 39.73
N THR Z 119 -8.11 3.07 39.07
CA THR Z 119 -6.71 2.69 39.11
C THR Z 119 -5.83 3.76 38.46
N LYS Z 120 -6.28 4.31 37.32
CA LYS Z 120 -5.59 5.44 36.72
C LYS Z 120 -5.68 6.68 37.60
N HIS Z 121 -6.83 6.90 38.23
CA HIS Z 121 -7.00 8.07 39.09
C HIS Z 121 -6.05 8.03 40.27
N GLN Z 122 -5.90 6.84 40.89
CA GLN Z 122 -5.02 6.73 42.05
C GLN Z 122 -3.55 6.92 41.68
N LYS Z 123 -3.17 6.58 40.45
CA LYS Z 123 -1.79 6.71 40.01
C LYS Z 123 -1.54 7.99 39.22
N TYR Z 124 -2.59 8.71 38.83
CA TYR Z 124 -2.43 9.95 38.09
C TYR Z 124 -3.23 11.08 38.71
N GLY AA 26 56.67 41.92 92.45
CA GLY AA 26 56.82 41.40 91.11
C GLY AA 26 55.77 40.36 90.75
N SER AA 27 55.42 39.51 91.73
CA SER AA 27 54.41 38.48 91.49
C SER AA 27 53.03 39.09 91.34
N PHE AA 28 52.83 40.33 91.79
CA PHE AA 28 51.51 40.95 91.69
C PHE AA 28 51.12 41.18 90.23
N ASP AA 29 52.08 41.54 89.39
CA ASP AA 29 51.78 41.85 88.00
C ASP AA 29 51.76 40.59 87.14
N GLU AA 30 52.69 39.67 87.38
CA GLU AA 30 52.76 38.45 86.56
C GLU AA 30 51.51 37.61 86.70
N ILE AA 31 51.01 37.44 87.93
CA ILE AA 31 49.79 36.68 88.14
C ILE AA 31 48.59 37.39 87.54
N SER AA 32 48.51 38.72 87.74
CA SER AA 32 47.37 39.47 87.21
C SER AA 32 47.35 39.45 85.69
N GLN AA 33 48.53 39.52 85.06
CA GLN AA 33 48.59 39.49 83.60
C GLN AA 33 48.06 38.17 83.05
N TYR AA 34 48.41 37.07 83.71
CA TYR AA 34 47.91 35.77 83.27
C TYR AA 34 46.41 35.63 83.52
N ILE AA 35 45.89 36.34 84.53
CA ILE AA 35 44.46 36.34 84.78
C ILE AA 35 43.71 36.96 83.60
N GLN AA 36 44.23 38.08 83.09
CA GLN AA 36 43.61 38.71 81.93
C GLN AA 36 43.64 37.80 80.71
N GLU AA 37 44.77 37.11 80.50
CA GLU AA 37 44.86 36.16 79.39
C GLU AA 37 43.87 35.02 79.57
N LEU AA 38 43.73 34.51 80.79
CA LEU AA 38 42.72 33.49 81.07
C LEU AA 38 41.32 34.06 80.91
N GLU AA 39 41.11 35.31 81.35
CA GLU AA 39 39.81 35.96 81.14
C GLU AA 39 39.55 36.18 79.65
N GLU AA 40 40.59 36.44 78.87
CA GLU AA 40 40.43 36.51 77.42
C GLU AA 40 39.99 35.17 76.85
N GLU AA 41 40.56 34.07 77.38
CA GLU AA 41 40.13 32.75 76.96
C GLU AA 41 38.69 32.47 77.38
N ARG AA 42 38.25 33.04 78.51
CA ARG AA 42 36.88 32.84 78.95
C ARG AA 42 35.89 33.40 77.92
N ARG AA 43 36.18 34.58 77.39
CA ARG AA 43 35.33 35.13 76.33
C ARG AA 43 35.40 34.29 75.07
N LEU AA 44 36.59 33.76 74.75
CA LEU AA 44 36.73 32.90 73.59
C LEU AA 44 35.91 31.62 73.74
N THR AA 45 35.92 31.04 74.94
CA THR AA 45 35.10 29.85 75.18
C THR AA 45 33.62 30.17 75.03
N GLU AA 46 33.19 31.33 75.51
CA GLU AA 46 31.79 31.72 75.35
C GLU AA 46 31.42 31.87 73.89
N SER AA 47 32.32 32.43 73.08
CA SER AA 47 32.05 32.57 71.66
C SER AA 47 31.84 31.22 71.00
N SER AA 48 32.67 30.23 71.35
CA SER AA 48 32.48 28.89 70.83
C SER AA 48 31.17 28.28 71.35
N ILE AA 49 30.84 28.56 72.61
CA ILE AA 49 29.60 28.04 73.18
C ILE AA 49 28.39 28.61 72.44
N ARG AA 50 28.39 29.92 72.20
CA ARG AA 50 27.28 30.54 71.47
C ARG AA 50 27.21 30.03 70.03
N LYS AA 51 28.37 29.85 69.39
CA LYS AA 51 28.38 29.29 68.05
C LYS AA 51 27.87 27.84 68.05
N MET AA 52 28.18 27.08 69.09
CA MET AA 52 27.69 25.71 69.18
C MET AA 52 26.17 25.68 69.27
N GLU AA 53 25.57 26.64 69.98
CA GLU AA 53 24.12 26.74 70.01
C GLU AA 53 23.57 27.05 68.62
N LYS AA 54 24.23 27.94 67.89
CA LYS AA 54 23.82 28.22 66.52
C LYS AA 54 23.99 27.01 65.63
N GLU AA 55 25.10 26.26 65.81
CA GLU AA 55 25.27 25.01 65.10
C GLU AA 55 24.20 24.01 65.48
N LYS AA 56 23.83 23.97 66.78
CA LYS AA 56 22.74 23.12 67.21
C LYS AA 56 21.42 23.54 66.56
N SER AA 57 21.18 24.84 66.46
CA SER AA 57 19.97 25.33 65.82
C SER AA 57 19.95 24.97 64.34
N ASP AA 58 21.12 25.00 63.68
CA ASP AA 58 21.20 24.57 62.30
C ASP AA 58 20.82 23.09 62.17
N LEU AA 59 21.30 22.26 63.09
CA LEU AA 59 20.93 20.85 63.08
C LEU AA 59 19.44 20.66 63.35
N ASN AA 60 18.88 21.46 64.26
CA ASN AA 60 17.46 21.36 64.57
C ASN AA 60 16.60 21.67 63.35
N GLU AA 61 16.94 22.73 62.63
CA GLU AA 61 16.16 23.12 61.46
C GLU AA 61 16.19 22.04 60.39
N LYS AA 62 17.38 21.46 60.16
CA LYS AA 62 17.49 20.42 59.14
C LYS AA 62 16.77 19.14 59.57
N ILE AA 63 16.91 18.76 60.85
CA ILE AA 63 16.27 17.54 61.32
C ILE AA 63 14.75 17.72 61.41
N ASP AA 64 14.28 18.93 61.68
CA ASP AA 64 12.84 19.18 61.67
C ASP AA 64 12.29 19.28 60.26
N GLU AA 65 13.10 19.78 59.32
CA GLU AA 65 12.70 19.74 57.91
C GLU AA 65 12.58 18.30 57.44
N LEU AA 66 13.42 17.41 57.96
CA LEU AA 66 13.29 15.99 57.68
C LEU AA 66 11.97 15.45 58.20
N THR AA 67 11.57 15.86 59.41
CA THR AA 67 10.31 15.40 59.98
C THR AA 67 9.14 15.82 59.10
N THR AA 68 9.16 17.05 58.59
CA THR AA 68 8.14 17.48 57.64
C THR AA 68 8.20 16.65 56.37
N ARG AA 69 9.42 16.37 55.88
CA ARG AA 69 9.56 15.55 54.69
C ARG AA 69 9.20 14.09 54.98
N LYS AA 70 9.63 13.57 56.13
CA LYS AA 70 9.34 12.18 56.46
C LYS AA 70 7.84 11.97 56.66
N CYS AA 71 7.18 12.91 57.33
CA CYS AA 71 5.73 12.81 57.50
C CYS AA 71 5.00 12.95 56.17
N SER AA 72 5.53 13.77 55.27
CA SER AA 72 4.89 13.94 53.96
C SER AA 72 4.92 12.65 53.16
N VAL AA 73 6.11 12.02 53.06
CA VAL AA 73 6.21 10.77 52.31
C VAL AA 73 5.48 9.64 53.06
N ASP AA 74 5.54 9.63 54.40
CA ASP AA 74 4.83 8.61 55.16
C ASP AA 74 3.33 8.71 54.94
N ALA AA 75 2.79 9.93 54.95
CA ALA AA 75 1.38 10.10 54.63
C ALA AA 75 1.08 9.73 53.20
N ARG AA 76 2.04 9.92 52.30
CA ARG AA 76 1.87 9.48 50.91
C ARG AA 76 2.09 7.98 50.78
N LEU AA 77 3.01 7.41 51.57
CA LEU AA 77 3.27 5.97 51.49
C LEU AA 77 2.08 5.16 52.00
N GLN AA 78 1.46 5.60 53.11
CA GLN AA 78 0.26 4.91 53.59
C GLN AA 78 -0.87 5.06 52.58
N ALA AA 79 -0.97 6.22 51.93
CA ALA AA 79 -1.90 6.37 50.82
C ALA AA 79 -1.52 5.46 49.66
N GLU AA 80 -0.21 5.31 49.41
CA GLU AA 80 0.24 4.37 48.38
C GLU AA 80 -0.16 2.95 48.72
N ASN AA 81 -0.02 2.57 50.00
CA ASN AA 81 -0.43 1.23 50.42
C ASN AA 81 -1.92 1.02 50.24
N GLU AA 82 -2.72 2.04 50.57
CA GLU AA 82 -4.18 1.91 50.42
C GLU AA 82 -4.57 1.79 48.96
N ARG AA 83 -4.00 2.63 48.09
CA ARG AA 83 -4.39 2.62 46.69
C ARG AA 83 -3.89 1.35 45.99
N ALA AA 84 -2.69 0.90 46.31
CA ALA AA 84 -2.14 -0.30 45.67
C ALA AA 84 -2.98 -1.52 45.99
N GLU AA 85 -3.38 -1.67 47.26
CA GLU AA 85 -4.24 -2.79 47.63
C GLU AA 85 -5.59 -2.70 46.94
N ARG AA 86 -6.14 -1.48 46.81
CA ARG AA 86 -7.42 -1.32 46.14
C ARG AA 86 -7.29 -1.75 44.68
N GLN AA 87 -6.20 -1.34 44.02
CA GLN AA 87 -5.90 -1.85 42.68
C GLN AA 87 -5.74 -3.36 42.70
N ASP AA 88 -5.03 -3.89 43.71
CA ASP AA 88 -4.92 -5.34 43.86
C ASP AA 88 -6.28 -5.97 44.06
N ARG AA 89 -7.15 -5.33 44.84
CA ARG AA 89 -8.49 -5.84 45.08
C ARG AA 89 -9.29 -5.91 43.79
N GLY AA 90 -9.27 -4.83 43.02
CA GLY AA 90 -10.02 -4.80 41.77
C GLY AA 90 -9.40 -5.63 40.66
N LEU AA 91 -8.07 -5.70 40.61
CA LEU AA 91 -7.41 -6.49 39.58
C LEU AA 91 -7.78 -7.96 39.69
N LYS AA 92 -7.84 -8.48 40.93
CA LYS AA 92 -8.28 -9.85 41.13
C LYS AA 92 -9.74 -10.02 40.72
N GLU AA 93 -10.62 -9.13 41.20
CA GLU AA 93 -12.03 -9.22 40.85
C GLU AA 93 -12.24 -9.06 39.35
N ALA AA 94 -11.47 -8.18 38.71
CA ALA AA 94 -11.53 -8.06 37.25
C ALA AA 94 -11.09 -9.35 36.58
N GLU AA 95 -10.06 -10.00 37.12
CA GLU AA 95 -9.57 -11.25 36.54
C GLU AA 95 -10.55 -12.39 36.76
N THR AA 96 -11.17 -12.45 37.95
CA THR AA 96 -12.20 -13.46 38.17
C THR AA 96 -13.41 -13.23 37.27
N THR AA 97 -13.83 -11.97 37.11
CA THR AA 97 -14.88 -11.67 36.14
C THR AA 97 -14.40 -11.86 34.71
N TYR AA 98 -13.09 -11.65 34.47
CA TYR AA 98 -12.51 -12.03 33.19
C TYR AA 98 -12.65 -13.52 32.95
N ALA AA 99 -12.32 -14.33 33.95
CA ALA AA 99 -12.49 -15.77 33.83
C ALA AA 99 -13.95 -16.14 33.63
N LYS AA 100 -14.87 -15.36 34.20
CA LYS AA 100 -16.29 -15.55 33.93
C LYS AA 100 -16.59 -15.32 32.46
N LEU AA 101 -15.96 -14.30 31.85
CA LEU AA 101 -16.11 -14.08 30.43
C LEU AA 101 -15.40 -15.17 29.63
N VAL AA 102 -14.25 -15.64 30.11
CA VAL AA 102 -13.50 -16.69 29.41
C VAL AA 102 -14.35 -17.95 29.30
N GLU AA 103 -14.99 -18.35 30.40
CA GLU AA 103 -15.90 -19.49 30.34
C GLU AA 103 -17.19 -19.14 29.64
N SER AA 104 -17.52 -17.84 29.54
CA SER AA 104 -18.79 -17.44 28.93
C SER AA 104 -18.86 -17.83 27.46
N GLN AA 105 -17.82 -17.54 26.68
CA GLN AA 105 -17.85 -17.93 25.28
C GLN AA 105 -17.72 -19.44 25.15
N LYS AA 106 -16.94 -20.07 26.02
CA LYS AA 106 -16.72 -21.51 25.93
C LYS AA 106 -18.03 -22.28 25.97
N THR AA 107 -19.00 -21.81 26.76
CA THR AA 107 -20.32 -22.42 26.75
C THR AA 107 -20.98 -22.28 25.38
N LEU AA 108 -21.13 -21.04 24.90
CA LEU AA 108 -21.89 -20.83 23.67
C LEU AA 108 -21.10 -21.25 22.44
N VAL AA 109 -19.77 -21.15 22.50
CA VAL AA 109 -18.94 -21.67 21.41
C VAL AA 109 -19.25 -23.14 21.19
N ASP AA 110 -19.36 -23.89 22.29
CA ASP AA 110 -19.86 -25.26 22.21
C ASP AA 110 -21.30 -25.28 21.71
N PHE AA 111 -22.09 -24.26 22.09
CA PHE AA 111 -23.50 -24.21 21.74
C PHE AA 111 -23.76 -23.61 20.36
N VAL AA 112 -22.91 -22.71 19.88
CA VAL AA 112 -23.08 -22.15 18.55
C VAL AA 112 -22.75 -23.19 17.49
N ARG AA 113 -21.76 -24.04 17.76
CA ARG AA 113 -21.37 -25.08 16.80
C ARG AA 113 -22.18 -26.36 16.96
N LYS AA 114 -22.86 -26.56 18.08
CA LYS AA 114 -23.82 -27.66 18.16
C LYS AA 114 -25.10 -27.30 17.42
N GLU AA 115 -25.51 -26.04 17.49
CA GLU AA 115 -26.61 -25.57 16.65
C GLU AA 115 -26.18 -25.41 15.22
N TYR AA 116 -24.89 -25.10 14.99
CA TYR AA 116 -24.34 -25.09 13.64
C TYR AA 116 -24.45 -26.47 13.01
N GLU AA 117 -24.28 -27.52 13.82
CA GLU AA 117 -24.37 -28.89 13.30
C GLU AA 117 -25.79 -29.42 13.29
N ASP AA 118 -26.63 -28.96 14.22
CA ASP AA 118 -28.01 -29.44 14.27
C ASP AA 118 -28.81 -29.01 13.05
N THR AA 119 -28.48 -27.86 12.45
CA THR AA 119 -29.17 -27.43 11.25
C THR AA 119 -28.70 -28.19 10.02
N LYS AA 120 -27.57 -28.88 10.11
CA LYS AA 120 -27.07 -29.66 8.97
C LYS AA 120 -28.01 -30.81 8.65
N HIS AA 121 -28.50 -31.51 9.68
CA HIS AA 121 -29.51 -32.55 9.47
C HIS AA 121 -30.81 -31.94 8.97
N GLN AA 122 -31.20 -30.80 9.53
CA GLN AA 122 -32.40 -30.11 9.06
C GLN AA 122 -32.21 -29.51 7.67
N LYS AA 123 -30.97 -29.35 7.23
CA LYS AA 123 -30.71 -28.96 5.84
C LYS AA 123 -30.87 -30.13 4.90
N TYR AA 124 -30.05 -31.17 5.07
CA TYR AA 124 -30.10 -32.34 4.21
C TYR AA 124 -30.53 -33.58 4.98
N GLY BA 26 -9.18 -5.33 20.68
CA GLY BA 26 -10.61 -5.52 20.46
C GLY BA 26 -11.13 -6.83 21.02
N SER BA 27 -12.35 -6.79 21.54
CA SER BA 27 -13.03 -7.96 22.11
C SER BA 27 -12.19 -8.47 23.28
N PHE BA 28 -11.84 -9.75 23.33
CA PHE BA 28 -11.03 -10.26 24.43
C PHE BA 28 -9.62 -9.70 24.39
N ASP BA 29 -9.14 -9.25 23.22
CA ASP BA 29 -7.83 -8.62 23.16
C ASP BA 29 -7.79 -7.30 23.91
N GLU BA 30 -8.81 -6.45 23.73
CA GLU BA 30 -8.78 -5.14 24.40
C GLU BA 30 -8.98 -5.27 25.90
N ILE BA 31 -9.84 -6.20 26.33
CA ILE BA 31 -10.00 -6.41 27.77
C ILE BA 31 -8.74 -7.03 28.35
N SER BA 32 -8.03 -7.83 27.55
CA SER BA 32 -6.70 -8.28 27.94
C SER BA 32 -5.76 -7.10 28.09
N GLN BA 33 -5.79 -6.17 27.12
CA GLN BA 33 -5.05 -4.92 27.26
C GLN BA 33 -5.57 -4.11 28.44
N TYR BA 34 -6.87 -4.16 28.69
CA TYR BA 34 -7.44 -3.50 29.86
C TYR BA 34 -6.82 -4.05 31.14
N ILE BA 35 -6.74 -5.39 31.25
CA ILE BA 35 -6.05 -6.01 32.36
C ILE BA 35 -4.54 -5.76 32.27
N GLN BA 36 -4.00 -5.77 31.05
CA GLN BA 36 -2.56 -5.54 30.86
C GLN BA 36 -2.16 -4.17 31.41
N GLU BA 37 -2.85 -3.11 30.97
CA GLU BA 37 -2.55 -1.78 31.49
C GLU BA 37 -2.93 -1.67 32.96
N LEU BA 38 -3.96 -2.40 33.40
CA LEU BA 38 -4.25 -2.49 34.82
C LEU BA 38 -3.07 -3.09 35.58
N GLU BA 39 -2.38 -4.05 34.95
CA GLU BA 39 -1.20 -4.64 35.57
C GLU BA 39 0.00 -3.70 35.53
N GLU BA 40 0.19 -2.95 34.44
CA GLU BA 40 1.27 -1.99 34.38
C GLU BA 40 1.10 -0.90 35.43
N GLU BA 41 -0.14 -0.44 35.63
CA GLU BA 41 -0.41 0.50 36.71
C GLU BA 41 -0.05 -0.12 38.05
N ARG BA 42 -0.37 -1.41 38.22
CA ARG BA 42 0.07 -2.13 39.42
C ARG BA 42 1.59 -2.23 39.47
N ARG BA 43 2.22 -2.50 38.32
CA ARG BA 43 3.68 -2.62 38.28
C ARG BA 43 4.34 -1.30 38.63
N LEU BA 44 3.87 -0.20 38.06
CA LEU BA 44 4.46 1.11 38.36
C LEU BA 44 4.18 1.50 39.81
N THR BA 45 3.01 1.09 40.33
CA THR BA 45 2.72 1.32 41.74
C THR BA 45 3.70 0.57 42.63
N GLU BA 46 4.04 -0.67 42.26
CA GLU BA 46 5.03 -1.43 43.02
C GLU BA 46 6.38 -0.73 43.00
N SER BA 47 6.75 -0.17 41.85
CA SER BA 47 8.00 0.59 41.76
C SER BA 47 7.95 1.80 42.68
N SER BA 48 6.83 2.51 42.72
CA SER BA 48 6.71 3.68 43.58
C SER BA 48 6.69 3.29 45.06
N ILE BA 49 6.10 2.14 45.39
CA ILE BA 49 6.09 1.69 46.78
C ILE BA 49 7.50 1.40 47.27
N ARG BA 50 8.26 0.62 46.51
CA ARG BA 50 9.64 0.34 46.89
C ARG BA 50 10.49 1.60 46.84
N LYS BA 51 10.18 2.50 45.90
CA LYS BA 51 10.92 3.76 45.81
C LYS BA 51 10.82 4.54 47.12
N MET BA 52 9.61 4.62 47.69
CA MET BA 52 9.42 5.36 48.93
C MET BA 52 10.06 4.65 50.12
N GLU BA 53 10.24 3.34 50.04
CA GLU BA 53 10.88 2.61 51.14
C GLU BA 53 12.33 3.05 51.33
N LYS BA 54 13.08 3.17 50.23
CA LYS BA 54 14.44 3.69 50.34
C LYS BA 54 14.45 5.17 50.65
N GLU BA 55 13.43 5.91 50.21
CA GLU BA 55 13.34 7.33 50.55
C GLU BA 55 13.20 7.51 52.06
N LYS BA 56 12.25 6.80 52.67
CA LYS BA 56 12.11 6.87 54.12
C LYS BA 56 13.33 6.26 54.81
N SER BA 57 13.91 5.21 54.24
CA SER BA 57 15.14 4.66 54.79
C SER BA 57 16.27 5.68 54.72
N ASP BA 58 16.37 6.39 53.59
CA ASP BA 58 17.36 7.47 53.50
C ASP BA 58 17.05 8.58 54.49
N LEU BA 59 15.78 8.94 54.63
CA LEU BA 59 15.39 9.90 55.65
C LEU BA 59 15.69 9.38 57.05
N ASN BA 60 15.40 8.10 57.30
CA ASN BA 60 15.74 7.51 58.58
C ASN BA 60 17.24 7.33 58.73
N GLU BA 61 17.98 7.28 57.63
CA GLU BA 61 19.44 7.15 57.70
C GLU BA 61 20.07 8.44 58.22
N LYS BA 62 19.68 9.58 57.66
CA LYS BA 62 20.37 10.83 57.99
C LYS BA 62 19.82 11.46 59.26
N ILE BA 63 18.64 11.05 59.73
CA ILE BA 63 18.15 11.54 61.01
C ILE BA 63 19.02 11.03 62.14
N ASP BA 64 19.53 9.79 62.02
CA ASP BA 64 20.50 9.29 62.98
C ASP BA 64 21.81 10.07 62.90
N GLU BA 65 22.22 10.42 61.68
CA GLU BA 65 23.42 11.24 61.50
C GLU BA 65 23.24 12.61 62.15
N LEU BA 66 22.07 13.22 61.95
CA LEU BA 66 21.79 14.51 62.57
C LEU BA 66 21.63 14.38 64.08
N THR BA 67 20.97 13.32 64.54
CA THR BA 67 20.84 13.10 65.98
C THR BA 67 22.21 12.89 66.62
N THR BA 68 23.08 12.11 65.97
CA THR BA 68 24.45 11.99 66.45
C THR BA 68 25.17 13.32 66.42
N ARG BA 69 24.95 14.11 65.37
CA ARG BA 69 25.51 15.46 65.32
C ARG BA 69 24.94 16.33 66.44
N LYS BA 70 23.63 16.23 66.69
CA LYS BA 70 23.03 16.97 67.79
C LYS BA 70 23.60 16.53 69.13
N CYS BA 71 23.75 15.22 69.34
CA CYS BA 71 24.35 14.74 70.58
C CYS BA 71 25.81 15.17 70.70
N SER BA 72 26.55 15.11 69.60
CA SER BA 72 27.95 15.54 69.62
C SER BA 72 28.06 17.03 69.94
N VAL BA 73 27.20 17.85 69.33
CA VAL BA 73 27.22 19.29 69.60
C VAL BA 73 26.78 19.57 71.03
N ASP BA 74 25.67 18.95 71.45
CA ASP BA 74 25.14 19.21 72.79
C ASP BA 74 26.09 18.74 73.88
N ALA BA 75 26.76 17.60 73.68
CA ALA BA 75 27.71 17.11 74.67
C ALA BA 75 28.86 18.10 74.86
N ARG BA 76 29.40 18.62 73.76
CA ARG BA 76 30.44 19.63 73.85
C ARG BA 76 29.88 20.96 74.36
N LEU BA 77 28.64 21.28 73.98
CA LEU BA 77 28.03 22.55 74.37
C LEU BA 77 27.93 22.66 75.90
N GLN BA 78 27.39 21.64 76.54
CA GLN BA 78 27.23 21.68 78.00
C GLN BA 78 28.57 21.49 78.70
N ALA BA 79 29.45 20.65 78.15
CA ALA BA 79 30.75 20.44 78.77
C ALA BA 79 31.59 21.71 78.73
N GLU BA 80 31.57 22.44 77.62
CA GLU BA 80 32.31 23.68 77.52
C GLU BA 80 31.77 24.72 78.50
N ASN BA 81 30.45 24.75 78.69
CA ASN BA 81 29.85 25.69 79.63
C ASN BA 81 30.36 25.44 81.05
N GLU BA 82 30.41 24.17 81.47
CA GLU BA 82 30.95 23.86 82.78
C GLU BA 82 32.45 24.13 82.84
N ARG BA 83 33.17 23.81 81.77
CA ARG BA 83 34.61 24.06 81.74
C ARG BA 83 34.90 25.56 81.76
N ALA BA 84 34.08 26.36 81.09
CA ALA BA 84 34.30 27.80 81.07
C ALA BA 84 33.92 28.44 82.40
N GLU BA 85 32.80 28.01 82.98
CA GLU BA 85 32.33 28.64 84.22
C GLU BA 85 33.23 28.30 85.41
N ARG BA 86 33.85 27.12 85.41
CA ARG BA 86 34.76 26.78 86.51
C ARG BA 86 36.01 27.66 86.47
N GLN BA 87 36.48 27.98 85.25
CA GLN BA 87 37.59 28.92 85.14
C GLN BA 87 37.13 30.36 85.35
N ASP BA 88 35.93 30.69 84.88
CA ASP BA 88 35.41 32.04 85.03
C ASP BA 88 35.21 32.41 86.50
N ARG BA 89 34.54 31.54 87.25
CA ARG BA 89 34.35 31.79 88.68
C ARG BA 89 35.67 31.73 89.43
N GLY BA 90 36.60 30.89 88.98
CA GLY BA 90 37.94 30.90 89.57
C GLY BA 90 38.67 32.21 89.30
N LEU BA 91 38.47 32.79 88.11
CA LEU BA 91 39.10 34.07 87.81
C LEU BA 91 38.43 35.21 88.56
N LYS BA 92 37.16 35.06 88.94
CA LYS BA 92 36.51 36.08 89.76
C LYS BA 92 37.20 36.18 91.13
N GLU BA 93 37.61 35.05 91.68
CA GLU BA 93 38.45 35.09 92.88
C GLU BA 93 39.87 35.54 92.55
N ALA BA 94 40.33 35.25 91.32
CA ALA BA 94 41.68 35.65 90.92
C ALA BA 94 41.76 37.16 90.70
N GLU BA 95 40.73 37.76 90.10
CA GLU BA 95 40.71 39.21 89.96
C GLU BA 95 40.54 39.88 91.31
N THR BA 96 39.84 39.22 92.24
CA THR BA 96 39.82 39.71 93.62
C THR BA 96 41.19 39.53 94.28
N THR BA 97 41.89 38.45 93.92
CA THR BA 97 43.25 38.25 94.42
C THR BA 97 44.20 39.33 93.91
N TYR BA 98 43.88 39.93 92.76
CA TYR BA 98 44.67 41.06 92.28
C TYR BA 98 44.63 42.21 93.27
N ALA BA 99 43.45 42.48 93.85
CA ALA BA 99 43.37 43.46 94.93
C ALA BA 99 44.22 43.04 96.11
N LYS BA 100 44.21 41.75 96.44
CA LYS BA 100 45.13 41.25 97.47
C LYS BA 100 46.58 41.41 97.04
N LEU BA 101 46.87 41.15 95.77
CA LEU BA 101 48.22 41.37 95.26
C LEU BA 101 48.60 42.85 95.27
N VAL BA 102 47.61 43.74 95.07
CA VAL BA 102 47.87 45.16 95.20
C VAL BA 102 48.28 45.49 96.65
N GLU BA 103 47.55 44.93 97.62
CA GLU BA 103 47.97 45.07 99.01
C GLU BA 103 49.27 44.31 99.28
N SER BA 104 49.47 43.17 98.60
CA SER BA 104 50.72 42.44 98.76
C SER BA 104 51.90 43.27 98.28
N GLN BA 105 51.75 43.91 97.11
CA GLN BA 105 52.78 44.83 96.64
C GLN BA 105 52.98 45.98 97.62
N LYS BA 106 51.88 46.50 98.16
CA LYS BA 106 51.98 47.54 99.18
C LYS BA 106 52.71 47.01 100.42
N THR BA 107 52.39 45.79 100.84
CA THR BA 107 52.97 45.24 102.06
C THR BA 107 54.45 44.91 101.87
N LEU BA 108 54.80 44.27 100.74
CA LEU BA 108 56.18 43.86 100.53
C LEU BA 108 57.12 45.06 100.45
N VAL BA 109 56.71 46.11 99.74
CA VAL BA 109 57.55 47.30 99.64
C VAL BA 109 57.57 48.05 100.97
N ASP BA 110 56.54 47.88 101.81
CA ASP BA 110 56.49 48.60 103.08
C ASP BA 110 57.64 48.23 103.99
N PHE BA 111 57.86 46.93 104.22
CA PHE BA 111 58.97 46.56 105.08
C PHE BA 111 60.31 46.60 104.37
N VAL BA 112 60.33 46.68 103.04
CA VAL BA 112 61.57 46.96 102.33
C VAL BA 112 62.05 48.37 102.67
N ARG BA 113 61.13 49.34 102.67
CA ARG BA 113 61.48 50.69 103.12
C ARG BA 113 61.71 50.72 104.62
N LYS BA 114 61.02 49.86 105.38
CA LYS BA 114 61.30 49.75 106.80
C LYS BA 114 62.72 49.23 107.02
N GLU BA 115 63.15 48.26 106.21
CA GLU BA 115 64.55 47.84 106.25
C GLU BA 115 65.47 48.99 105.88
N TYR BA 116 65.08 49.77 104.88
CA TYR BA 116 65.79 51.02 104.61
C TYR BA 116 65.71 51.95 105.80
N GLU BA 117 64.51 52.12 106.36
CA GLU BA 117 64.35 52.96 107.55
C GLU BA 117 65.07 52.35 108.75
N ASP BA 118 65.17 51.02 108.81
CA ASP BA 118 65.99 50.39 109.85
C ASP BA 118 67.44 50.84 109.74
N THR BA 119 67.89 51.15 108.53
CA THR BA 119 69.23 51.71 108.33
C THR BA 119 69.21 53.24 108.31
N LYS BA 120 68.11 53.85 107.87
CA LYS BA 120 68.08 55.29 107.71
C LYS BA 120 68.11 56.03 109.05
N HIS BA 121 67.32 55.60 110.04
CA HIS BA 121 67.32 56.33 111.31
C HIS BA 121 68.63 56.11 112.05
N GLN BA 122 69.35 55.03 111.73
CA GLN BA 122 70.69 54.83 112.28
C GLN BA 122 71.64 55.92 111.78
N LYS BA 123 71.42 56.40 110.56
CA LYS BA 123 72.19 57.54 110.07
C LYS BA 123 71.82 58.82 110.82
N TYR BA 124 70.53 59.01 111.08
CA TYR BA 124 69.95 60.22 111.69
C TYR BA 124 70.66 61.52 111.29
N GLY CA 26 3.94 -21.04 12.20
CA GLY CA 26 4.30 -22.17 13.04
C GLY CA 26 3.66 -23.47 12.59
N SER CA 27 3.40 -24.37 13.55
CA SER CA 27 2.77 -25.64 13.22
C SER CA 27 1.25 -25.55 13.39
N PHE CA 28 0.80 -24.99 14.51
CA PHE CA 28 -0.64 -24.99 14.82
C PHE CA 28 -1.46 -24.35 13.72
N ASP CA 29 -0.92 -23.28 13.10
CA ASP CA 29 -1.60 -22.70 11.94
C ASP CA 29 -1.67 -23.70 10.79
N GLU CA 30 -0.57 -24.42 10.53
CA GLU CA 30 -0.61 -25.51 9.57
C GLU CA 30 -1.53 -26.62 10.05
N ILE CA 31 -1.49 -26.93 11.35
CA ILE CA 31 -2.37 -27.95 11.90
C ILE CA 31 -3.83 -27.57 11.70
N SER CA 32 -4.17 -26.31 12.01
CA SER CA 32 -5.54 -25.85 11.88
C SER CA 32 -5.99 -25.83 10.42
N GLN CA 33 -5.13 -25.35 9.52
CA GLN CA 33 -5.49 -25.28 8.11
C GLN CA 33 -5.58 -26.66 7.48
N TYR CA 34 -4.61 -27.54 7.77
CA TYR CA 34 -4.59 -28.85 7.15
C TYR CA 34 -5.79 -29.69 7.58
N ILE CA 35 -6.19 -29.60 8.84
CA ILE CA 35 -7.34 -30.38 9.30
C ILE CA 35 -8.61 -29.88 8.62
N GLN CA 36 -8.70 -28.57 8.36
CA GLN CA 36 -9.81 -28.06 7.57
C GLN CA 36 -9.77 -28.61 6.14
N GLU CA 37 -8.58 -28.66 5.55
CA GLU CA 37 -8.44 -29.28 4.23
C GLU CA 37 -8.80 -30.76 4.28
N LEU CA 38 -8.39 -31.45 5.35
CA LEU CA 38 -8.82 -32.83 5.56
C LEU CA 38 -10.33 -32.90 5.67
N GLU CA 39 -10.92 -31.99 6.46
CA GLU CA 39 -12.38 -31.95 6.59
C GLU CA 39 -13.04 -31.57 5.27
N GLU CA 40 -12.47 -30.59 4.57
CA GLU CA 40 -13.09 -30.13 3.32
C GLU CA 40 -13.00 -31.19 2.24
N GLU CA 41 -11.87 -31.89 2.13
CA GLU CA 41 -11.80 -33.01 1.19
C GLU CA 41 -12.68 -34.16 1.65
N ARG CA 42 -12.76 -34.38 2.98
CA ARG CA 42 -13.74 -35.31 3.51
C ARG CA 42 -15.15 -34.98 3.03
N ARG CA 43 -15.55 -33.72 3.11
CA ARG CA 43 -16.93 -33.37 2.79
C ARG CA 43 -17.22 -33.58 1.30
N LEU CA 44 -16.20 -33.41 0.46
CA LEU CA 44 -16.34 -33.77 -0.94
C LEU CA 44 -16.46 -35.28 -1.13
N THR CA 45 -15.63 -36.05 -0.44
CA THR CA 45 -15.70 -37.51 -0.57
C THR CA 45 -17.03 -38.05 -0.03
N GLU CA 46 -17.46 -37.55 1.13
CA GLU CA 46 -18.72 -38.02 1.71
C GLU CA 46 -19.90 -37.65 0.82
N SER CA 47 -19.90 -36.42 0.27
CA SER CA 47 -20.94 -36.02 -0.65
C SER CA 47 -20.91 -36.85 -1.93
N SER CA 48 -19.70 -37.12 -2.44
CA SER CA 48 -19.57 -37.89 -3.67
C SER CA 48 -20.15 -39.29 -3.52
N ILE CA 49 -20.04 -39.87 -2.32
CA ILE CA 49 -20.63 -41.18 -2.07
C ILE CA 49 -22.15 -41.11 -2.17
N ARG CA 50 -22.75 -40.04 -1.63
CA ARG CA 50 -24.21 -39.91 -1.66
C ARG CA 50 -24.73 -39.86 -3.08
N LYS CA 51 -24.10 -39.05 -3.95
CA LYS CA 51 -24.53 -39.00 -5.34
C LYS CA 51 -24.18 -40.29 -6.06
N MET CA 52 -23.11 -40.97 -5.65
CA MET CA 52 -22.83 -42.30 -6.16
C MET CA 52 -23.91 -43.29 -5.73
N GLU CA 53 -24.37 -43.17 -4.48
CA GLU CA 53 -25.50 -43.98 -4.02
C GLU CA 53 -26.76 -43.63 -4.78
N LYS CA 54 -26.92 -42.36 -5.14
CA LYS CA 54 -28.07 -41.96 -5.97
C LYS CA 54 -28.03 -42.65 -7.32
N GLU CA 55 -26.84 -42.77 -7.91
CA GLU CA 55 -26.68 -43.52 -9.16
C GLU CA 55 -27.07 -44.97 -8.98
N LYS CA 56 -26.75 -45.54 -7.81
CA LYS CA 56 -27.15 -46.91 -7.52
C LYS CA 56 -28.67 -47.05 -7.52
N SER CA 57 -29.36 -46.09 -6.92
CA SER CA 57 -30.82 -46.10 -6.94
C SER CA 57 -31.35 -45.99 -8.37
N ASP CA 58 -30.71 -45.14 -9.19
CA ASP CA 58 -31.11 -45.00 -10.59
C ASP CA 58 -31.03 -46.33 -11.33
N LEU CA 59 -29.97 -47.11 -11.06
CA LEU CA 59 -29.88 -48.45 -11.65
C LEU CA 59 -31.01 -49.35 -11.16
N ASN CA 60 -31.47 -49.14 -9.93
CA ASN CA 60 -32.54 -49.97 -9.39
C ASN CA 60 -33.83 -49.79 -10.18
N GLU CA 61 -34.20 -48.54 -10.50
CA GLU CA 61 -35.36 -48.32 -11.36
C GLU CA 61 -35.12 -48.88 -12.76
N LYS CA 62 -33.92 -48.66 -13.29
CA LYS CA 62 -33.59 -49.19 -14.61
C LYS CA 62 -33.67 -50.71 -14.62
N ILE CA 63 -33.20 -51.36 -13.55
CA ILE CA 63 -33.37 -52.80 -13.42
C ILE CA 63 -34.84 -53.16 -13.32
N ASP CA 64 -35.56 -52.48 -12.42
CA ASP CA 64 -36.97 -52.80 -12.21
C ASP CA 64 -37.83 -52.46 -13.42
N GLU CA 65 -37.55 -51.34 -14.08
CA GLU CA 65 -38.31 -50.98 -15.28
C GLU CA 65 -38.08 -51.98 -16.40
N LEU CA 66 -36.84 -52.46 -16.54
CA LEU CA 66 -36.53 -53.40 -17.62
C LEU CA 66 -37.04 -54.81 -17.32
N THR CA 67 -37.09 -55.20 -16.05
CA THR CA 67 -37.59 -56.52 -15.70
C THR CA 67 -39.07 -56.66 -16.05
N THR CA 68 -39.88 -55.66 -15.67
CA THR CA 68 -41.32 -55.75 -15.95
C THR CA 68 -41.59 -55.69 -17.45
N ARG CA 69 -40.69 -55.08 -18.22
CA ARG CA 69 -40.77 -55.17 -19.67
C ARG CA 69 -40.59 -56.60 -20.13
N LYS CA 70 -39.61 -57.31 -19.54
CA LYS CA 70 -39.39 -58.71 -19.89
C LYS CA 70 -40.59 -59.57 -19.50
N CYS CA 71 -41.13 -59.35 -18.30
CA CYS CA 71 -42.27 -60.15 -17.86
C CYS CA 71 -43.50 -59.87 -18.72
N SER CA 72 -43.74 -58.62 -19.08
CA SER CA 72 -44.92 -58.28 -19.87
C SER CA 72 -44.86 -58.91 -21.26
N VAL CA 73 -43.70 -58.83 -21.92
CA VAL CA 73 -43.59 -59.42 -23.26
C VAL CA 73 -43.66 -60.94 -23.20
N ASP CA 74 -43.11 -61.54 -22.14
CA ASP CA 74 -43.20 -62.99 -22.00
C ASP CA 74 -44.65 -63.43 -21.83
N ALA CA 75 -45.43 -62.70 -21.03
CA ALA CA 75 -46.85 -63.00 -20.90
C ALA CA 75 -47.59 -62.76 -22.23
N ARG CA 76 -47.26 -61.67 -22.91
CA ARG CA 76 -47.90 -61.39 -24.20
C ARG CA 76 -47.46 -62.39 -25.26
N LEU CA 77 -46.20 -62.85 -25.21
CA LEU CA 77 -45.75 -63.86 -26.16
C LEU CA 77 -46.53 -65.15 -26.01
N GLN CA 78 -46.88 -65.50 -24.77
CA GLN CA 78 -47.73 -66.67 -24.54
C GLN CA 78 -49.08 -66.51 -25.23
N ALA CA 79 -49.65 -65.30 -25.17
CA ALA CA 79 -50.88 -65.03 -25.91
C ALA CA 79 -50.66 -65.17 -27.40
N GLU CA 80 -49.53 -64.66 -27.91
CA GLU CA 80 -49.20 -64.85 -29.32
C GLU CA 80 -48.90 -66.30 -29.63
N ASN CA 81 -48.34 -67.04 -28.67
CA ASN CA 81 -48.00 -68.44 -28.90
C ASN CA 81 -49.24 -69.27 -29.22
N GLU CA 82 -50.31 -69.08 -28.44
CA GLU CA 82 -51.52 -69.84 -28.67
C GLU CA 82 -52.22 -69.41 -29.95
N ARG CA 83 -52.07 -68.14 -30.34
CA ARG CA 83 -52.71 -67.66 -31.57
C ARG CA 83 -52.22 -68.42 -32.78
N ALA CA 84 -50.91 -68.65 -32.88
CA ALA CA 84 -50.38 -69.48 -33.96
C ALA CA 84 -50.75 -70.95 -33.75
N GLU CA 85 -50.84 -71.39 -32.49
CA GLU CA 85 -51.26 -72.76 -32.22
C GLU CA 85 -52.69 -72.98 -32.69
N ARG CA 86 -53.58 -72.01 -32.45
CA ARG CA 86 -54.92 -72.10 -32.99
C ARG CA 86 -54.90 -72.11 -34.51
N GLN CA 87 -54.03 -71.28 -35.11
CA GLN CA 87 -53.87 -71.30 -36.56
C GLN CA 87 -53.34 -72.65 -37.03
N ASP CA 88 -52.35 -73.20 -36.32
CA ASP CA 88 -51.76 -74.47 -36.71
C ASP CA 88 -52.77 -75.61 -36.59
N ARG CA 89 -53.43 -75.73 -35.44
CA ARG CA 89 -54.40 -76.80 -35.25
C ARG CA 89 -55.57 -76.66 -36.21
N GLY CA 90 -56.05 -75.43 -36.43
CA GLY CA 90 -57.09 -75.22 -37.42
C GLY CA 90 -56.63 -75.55 -38.83
N LEU CA 91 -55.37 -75.23 -39.15
CA LEU CA 91 -54.83 -75.53 -40.47
C LEU CA 91 -54.79 -77.03 -40.72
N LYS CA 92 -54.34 -77.80 -39.73
CA LYS CA 92 -54.25 -79.25 -39.90
C LYS CA 92 -55.61 -79.87 -40.14
N GLU CA 93 -56.63 -79.42 -39.39
CA GLU CA 93 -57.98 -79.88 -39.64
C GLU CA 93 -58.48 -79.41 -41.00
N ALA CA 94 -58.21 -78.15 -41.36
CA ALA CA 94 -58.69 -77.62 -42.63
C ALA CA 94 -57.97 -78.24 -43.81
N GLU CA 95 -56.64 -78.36 -43.73
CA GLU CA 95 -55.88 -78.94 -44.84
C GLU CA 95 -56.27 -80.39 -45.09
N THR CA 96 -56.42 -81.17 -44.01
CA THR CA 96 -56.82 -82.56 -44.16
C THR CA 96 -58.25 -82.67 -44.67
N THR CA 97 -59.14 -81.79 -44.20
CA THR CA 97 -60.53 -81.85 -44.62
C THR CA 97 -60.68 -81.61 -46.12
N TYR CA 98 -59.95 -80.61 -46.65
CA TYR CA 98 -60.05 -80.30 -48.06
C TYR CA 98 -59.54 -81.45 -48.93
N ALA CA 99 -58.60 -82.25 -48.41
CA ALA CA 99 -58.10 -83.39 -49.16
C ALA CA 99 -59.22 -84.38 -49.43
N LYS CA 100 -60.09 -84.61 -48.44
CA LYS CA 100 -61.24 -85.47 -48.66
C LYS CA 100 -62.23 -84.85 -49.65
N LEU CA 101 -62.42 -83.53 -49.59
CA LEU CA 101 -63.36 -82.86 -50.48
C LEU CA 101 -62.91 -82.95 -51.93
N VAL CA 102 -61.62 -82.66 -52.19
CA VAL CA 102 -61.13 -82.69 -53.56
C VAL CA 102 -61.14 -84.12 -54.10
N GLU CA 103 -60.81 -85.11 -53.25
CA GLU CA 103 -60.92 -86.50 -53.66
C GLU CA 103 -62.37 -86.86 -53.97
N SER CA 104 -63.29 -86.42 -53.12
CA SER CA 104 -64.72 -86.60 -53.42
C SER CA 104 -65.15 -85.77 -54.61
N GLN CA 105 -64.55 -84.58 -54.79
CA GLN CA 105 -64.87 -83.75 -55.94
C GLN CA 105 -64.54 -84.47 -57.25
N LYS CA 106 -63.34 -85.08 -57.32
CA LYS CA 106 -62.98 -85.85 -58.50
C LYS CA 106 -63.84 -87.11 -58.62
N THR CA 107 -64.21 -87.72 -57.49
CA THR CA 107 -65.07 -88.89 -57.51
C THR CA 107 -66.44 -88.56 -58.07
N LEU CA 108 -67.01 -87.42 -57.65
CA LEU CA 108 -68.35 -87.06 -58.09
C LEU CA 108 -68.37 -86.69 -59.57
N VAL CA 109 -67.39 -85.91 -60.03
CA VAL CA 109 -67.35 -85.57 -61.45
C VAL CA 109 -67.05 -86.81 -62.28
N ASP CA 110 -66.32 -87.78 -61.73
CA ASP CA 110 -66.17 -89.07 -62.39
C ASP CA 110 -67.52 -89.78 -62.51
N PHE CA 111 -68.34 -89.71 -61.45
CA PHE CA 111 -69.70 -90.23 -61.52
C PHE CA 111 -70.52 -89.46 -62.55
N VAL CA 112 -70.35 -88.14 -62.59
CA VAL CA 112 -71.02 -87.34 -63.62
C VAL CA 112 -70.52 -87.74 -65.01
N ARG CA 113 -69.22 -87.98 -65.14
CA ARG CA 113 -68.69 -88.51 -66.39
C ARG CA 113 -69.33 -89.86 -66.72
N LYS CA 114 -69.48 -90.73 -65.72
CA LYS CA 114 -70.21 -91.96 -65.91
C LYS CA 114 -71.70 -91.70 -66.13
N GLU CA 115 -72.25 -90.68 -65.47
CA GLU CA 115 -73.65 -90.33 -65.66
C GLU CA 115 -73.93 -89.92 -67.10
N TYR CA 116 -73.03 -89.14 -67.70
CA TYR CA 116 -73.18 -88.79 -69.11
C TYR CA 116 -73.15 -90.02 -69.99
N GLU CA 117 -72.25 -90.95 -69.70
CA GLU CA 117 -72.24 -92.22 -70.43
C GLU CA 117 -73.51 -93.03 -70.14
N ASP CA 118 -73.97 -93.02 -68.89
CA ASP CA 118 -75.16 -93.78 -68.53
C ASP CA 118 -76.40 -93.25 -69.23
N THR CA 119 -76.51 -91.93 -69.37
CA THR CA 119 -77.70 -91.33 -69.97
C THR CA 119 -77.88 -91.80 -71.42
N LYS CA 120 -76.82 -91.73 -72.21
CA LYS CA 120 -76.91 -92.16 -73.60
C LYS CA 120 -76.82 -93.66 -73.76
N HIS CA 121 -76.28 -94.38 -72.76
CA HIS CA 121 -76.25 -95.84 -72.83
C HIS CA 121 -77.66 -96.41 -72.82
N GLN CA 122 -78.53 -95.84 -71.98
CA GLN CA 122 -79.94 -96.25 -71.99
C GLN CA 122 -80.59 -95.90 -73.33
N LYS CA 123 -80.18 -94.78 -73.93
CA LYS CA 123 -80.70 -94.40 -75.24
C LYS CA 123 -80.30 -95.44 -76.30
N TYR CA 124 -79.07 -95.93 -76.23
CA TYR CA 124 -78.61 -96.96 -77.16
C TYR CA 124 -79.41 -98.25 -77.01
N GLY DA 26 -67.92 -74.85 -57.76
CA GLY DA 26 -66.96 -73.78 -57.49
C GLY DA 26 -66.75 -73.56 -56.00
N SER DA 27 -67.62 -74.13 -55.18
CA SER DA 27 -67.48 -73.98 -53.74
C SER DA 27 -66.23 -74.67 -53.22
N PHE DA 28 -65.75 -75.70 -53.90
CA PHE DA 28 -64.55 -76.41 -53.46
C PHE DA 28 -63.33 -75.49 -53.49
N ASP DA 29 -63.21 -74.66 -54.53
CA ASP DA 29 -62.08 -73.75 -54.62
C ASP DA 29 -62.22 -72.56 -53.69
N GLU DA 30 -63.45 -72.15 -53.38
CA GLU DA 30 -63.65 -71.02 -52.48
C GLU DA 30 -63.15 -71.34 -51.08
N ILE DA 31 -63.48 -72.53 -50.57
CA ILE DA 31 -62.96 -72.94 -49.27
C ILE DA 31 -61.47 -73.20 -49.34
N SER DA 32 -60.97 -73.69 -50.49
CA SER DA 32 -59.55 -73.96 -50.64
C SER DA 32 -58.73 -72.70 -50.44
N GLN DA 33 -59.12 -71.61 -51.09
CA GLN DA 33 -58.42 -70.34 -50.87
C GLN DA 33 -58.63 -69.85 -49.44
N TYR DA 34 -59.83 -70.06 -48.89
CA TYR DA 34 -60.07 -69.70 -47.50
C TYR DA 34 -59.16 -70.49 -46.56
N ILE DA 35 -58.98 -71.78 -46.82
CA ILE DA 35 -58.01 -72.57 -46.08
C ILE DA 35 -56.59 -72.05 -46.35
N GLN DA 36 -56.29 -71.74 -47.62
CA GLN DA 36 -55.01 -71.12 -47.95
C GLN DA 36 -54.89 -69.73 -47.37
N GLU DA 37 -56.02 -69.04 -47.14
CA GLU DA 37 -55.98 -67.78 -46.41
C GLU DA 37 -55.53 -68.01 -44.97
N LEU DA 38 -56.01 -69.09 -44.34
CA LEU DA 38 -55.56 -69.44 -43.00
C LEU DA 38 -54.12 -69.92 -43.03
N GLU DA 39 -53.67 -70.44 -44.18
CA GLU DA 39 -52.24 -70.72 -44.36
C GLU DA 39 -51.41 -69.46 -44.20
N GLU DA 40 -51.86 -68.35 -44.79
CA GLU DA 40 -51.10 -67.11 -44.73
C GLU DA 40 -51.12 -66.51 -43.33
N GLU DA 41 -52.25 -66.62 -42.62
CA GLU DA 41 -52.35 -66.02 -41.30
C GLU DA 41 -51.37 -66.66 -40.31
N ARG DA 42 -51.18 -67.98 -40.41
CA ARG DA 42 -50.25 -68.65 -39.50
C ARG DA 42 -48.82 -68.16 -39.70
N ARG DA 43 -48.41 -67.97 -40.96
CA ARG DA 43 -47.03 -67.58 -41.24
C ARG DA 43 -46.73 -66.18 -40.70
N LEU DA 44 -47.66 -65.24 -40.88
CA LEU DA 44 -47.45 -63.90 -40.32
C LEU DA 44 -47.48 -63.93 -38.80
N THR DA 45 -48.35 -64.77 -38.22
CA THR DA 45 -48.37 -64.94 -36.78
C THR DA 45 -47.08 -65.58 -36.28
N GLU DA 46 -46.59 -66.60 -36.98
CA GLU DA 46 -45.33 -67.24 -36.59
C GLU DA 46 -44.16 -66.28 -36.73
N SER DA 47 -44.16 -65.46 -37.79
CA SER DA 47 -43.13 -64.45 -37.94
C SER DA 47 -43.19 -63.43 -36.80
N SER DA 48 -44.41 -63.07 -36.37
CA SER DA 48 -44.55 -62.17 -35.23
C SER DA 48 -43.99 -62.80 -33.96
N ILE DA 49 -44.22 -64.10 -33.77
CA ILE DA 49 -43.65 -64.79 -32.61
C ILE DA 49 -42.12 -64.82 -32.71
N ARG DA 50 -41.60 -65.14 -33.89
CA ARG DA 50 -40.15 -65.24 -34.04
C ARG DA 50 -39.47 -63.90 -33.79
N LYS DA 51 -40.05 -62.81 -34.29
CA LYS DA 51 -39.48 -61.50 -34.03
C LYS DA 51 -39.63 -61.12 -32.56
N MET DA 52 -40.73 -61.51 -31.93
CA MET DA 52 -40.93 -61.17 -30.53
C MET DA 52 -40.14 -62.08 -29.61
N GLU DA 53 -39.97 -63.35 -30.00
CA GLU DA 53 -39.10 -64.25 -29.24
C GLU DA 53 -37.66 -63.75 -29.25
N LYS DA 54 -37.21 -63.23 -30.40
CA LYS DA 54 -35.87 -62.66 -30.46
C LYS DA 54 -35.72 -61.48 -29.51
N GLU DA 55 -36.74 -60.62 -29.45
CA GLU DA 55 -36.72 -59.53 -28.48
C GLU DA 55 -36.84 -60.06 -27.05
N LYS DA 56 -37.52 -61.18 -26.86
CA LYS DA 56 -37.60 -61.77 -25.51
C LYS DA 56 -36.20 -62.13 -25.00
N SER DA 57 -35.36 -62.70 -25.86
CA SER DA 57 -33.96 -62.90 -25.51
C SER DA 57 -33.24 -61.56 -25.43
N ASP DA 58 -33.59 -60.61 -26.31
CA ASP DA 58 -33.00 -59.28 -26.24
C ASP DA 58 -33.38 -58.56 -24.96
N LEU DA 59 -34.63 -58.70 -24.53
CA LEU DA 59 -35.04 -58.13 -23.25
C LEU DA 59 -34.28 -58.75 -22.09
N ASN DA 60 -34.08 -60.07 -22.13
CA ASN DA 60 -33.37 -60.76 -21.06
C ASN DA 60 -31.87 -60.51 -21.11
N GLU DA 61 -31.27 -60.37 -22.28
CA GLU DA 61 -29.84 -60.06 -22.35
C GLU DA 61 -29.57 -58.63 -21.93
N LYS DA 62 -30.52 -57.72 -22.15
CA LYS DA 62 -30.40 -56.38 -21.58
C LYS DA 62 -30.48 -56.41 -20.07
N ILE DA 63 -31.28 -57.32 -19.51
CA ILE DA 63 -31.25 -57.56 -18.08
C ILE DA 63 -29.86 -57.99 -17.65
N ASP DA 64 -29.26 -58.93 -18.38
CA ASP DA 64 -27.89 -59.33 -18.08
C ASP DA 64 -26.92 -58.18 -18.30
N GLU DA 65 -27.13 -57.40 -19.37
CA GLU DA 65 -26.26 -56.24 -19.61
C GLU DA 65 -26.41 -55.22 -18.48
N LEU DA 66 -27.64 -54.97 -18.04
CA LEU DA 66 -27.84 -54.12 -16.88
C LEU DA 66 -27.42 -54.81 -15.59
N THR DA 67 -27.45 -56.15 -15.55
CA THR DA 67 -26.94 -56.87 -14.38
C THR DA 67 -25.45 -56.61 -14.20
N THR DA 68 -24.69 -56.57 -15.30
CA THR DA 68 -23.28 -56.21 -15.21
C THR DA 68 -23.12 -54.81 -14.64
N ARG DA 69 -23.96 -53.87 -15.09
CA ARG DA 69 -24.01 -52.56 -14.46
C ARG DA 69 -24.51 -52.68 -13.01
N LYS DA 70 -25.53 -53.51 -12.79
CA LYS DA 70 -26.04 -53.71 -11.43
C LYS DA 70 -24.98 -54.35 -10.55
N CYS DA 71 -24.29 -55.38 -11.05
CA CYS DA 71 -23.23 -56.00 -10.26
C CYS DA 71 -22.09 -55.03 -10.01
N SER DA 72 -21.73 -54.23 -11.02
CA SER DA 72 -20.67 -53.24 -10.84
C SER DA 72 -21.08 -52.17 -9.83
N VAL DA 73 -22.30 -51.64 -9.96
CA VAL DA 73 -22.72 -50.58 -9.07
C VAL DA 73 -22.94 -51.11 -7.66
N ASP DA 74 -23.44 -52.34 -7.53
CA ASP DA 74 -23.60 -52.94 -6.20
C ASP DA 74 -22.24 -53.17 -5.55
N ALA DA 75 -21.30 -53.73 -6.30
CA ALA DA 75 -19.98 -54.02 -5.73
C ALA DA 75 -19.25 -52.74 -5.35
N ARG DA 76 -19.33 -51.71 -6.20
CA ARG DA 76 -18.60 -50.48 -5.91
C ARG DA 76 -19.24 -49.71 -4.75
N LEU DA 77 -20.57 -49.73 -4.67
CA LEU DA 77 -21.24 -49.04 -3.56
C LEU DA 77 -21.11 -49.79 -2.24
N GLN DA 78 -21.20 -51.12 -2.27
CA GLN DA 78 -20.97 -51.87 -1.03
C GLN DA 78 -19.54 -51.72 -0.57
N ALA DA 79 -18.59 -51.54 -1.49
CA ALA DA 79 -17.25 -51.13 -1.14
C ALA DA 79 -17.16 -49.64 -0.83
N GLU DA 80 -18.04 -48.83 -1.42
CA GLU DA 80 -18.05 -47.40 -1.11
C GLU DA 80 -18.56 -47.17 0.30
N ASN DA 81 -19.50 -48.01 0.77
CA ASN DA 81 -19.87 -47.99 2.17
C ASN DA 81 -18.67 -48.34 3.05
N GLU DA 82 -17.86 -49.30 2.61
CA GLU DA 82 -16.58 -49.55 3.27
C GLU DA 82 -15.67 -48.33 3.16
N ARG DA 83 -15.65 -47.67 2.00
CA ARG DA 83 -14.91 -46.42 1.88
C ARG DA 83 -15.47 -45.35 2.82
N ALA DA 84 -16.80 -45.27 2.92
CA ALA DA 84 -17.43 -44.27 3.79
C ALA DA 84 -17.04 -44.49 5.25
N GLU DA 85 -17.12 -45.74 5.72
CA GLU DA 85 -16.72 -46.04 7.09
C GLU DA 85 -15.22 -45.91 7.29
N ARG DA 86 -14.42 -46.27 6.27
CA ARG DA 86 -12.99 -46.03 6.33
C ARG DA 86 -12.69 -44.55 6.45
N GLN DA 87 -13.46 -43.72 5.75
CA GLN DA 87 -13.35 -42.28 5.95
C GLN DA 87 -13.77 -41.89 7.37
N ASP DA 88 -14.82 -42.54 7.88
CA ASP DA 88 -15.31 -42.22 9.22
C ASP DA 88 -14.24 -42.52 10.26
N ARG DA 89 -13.58 -43.67 10.15
CA ARG DA 89 -12.44 -43.94 11.02
C ARG DA 89 -11.28 -43.01 10.69
N GLY DA 90 -11.20 -42.53 9.45
CA GLY DA 90 -10.16 -41.57 9.09
C GLY DA 90 -10.30 -40.25 9.84
N LEU DA 91 -11.52 -39.71 9.89
CA LEU DA 91 -11.72 -38.48 10.64
C LEU DA 91 -11.70 -38.74 12.14
N LYS DA 92 -12.16 -39.92 12.56
CA LYS DA 92 -12.21 -40.25 13.98
C LYS DA 92 -10.84 -40.05 14.62
N GLU DA 93 -9.80 -40.58 14.01
CA GLU DA 93 -8.44 -40.27 14.45
C GLU DA 93 -8.11 -38.81 14.22
N ALA DA 94 -8.47 -38.27 13.06
CA ALA DA 94 -8.15 -36.88 12.73
C ALA DA 94 -8.85 -35.92 13.69
N GLU DA 95 -10.15 -36.14 13.95
CA GLU DA 95 -10.86 -35.31 14.91
C GLU DA 95 -10.28 -35.48 16.31
N THR DA 96 -9.99 -36.72 16.71
CA THR DA 96 -9.42 -36.96 18.04
C THR DA 96 -8.05 -36.33 18.17
N THR DA 97 -7.18 -36.55 17.19
CA THR DA 97 -5.82 -36.01 17.25
C THR DA 97 -5.83 -34.49 17.25
N TYR DA 98 -6.68 -33.88 16.40
CA TYR DA 98 -6.82 -32.44 16.44
C TYR DA 98 -7.40 -31.99 17.78
N ALA DA 99 -8.41 -32.71 18.28
CA ALA DA 99 -8.92 -32.41 19.62
C ALA DA 99 -7.87 -32.67 20.68
N LYS DA 100 -7.09 -33.75 20.52
CA LYS DA 100 -6.01 -34.03 21.45
C LYS DA 100 -4.95 -32.95 21.40
N LEU DA 101 -4.67 -32.40 20.21
CA LEU DA 101 -3.68 -31.35 20.09
C LEU DA 101 -4.18 -30.04 20.71
N VAL DA 102 -5.39 -29.62 20.34
CA VAL DA 102 -5.86 -28.28 20.75
C VAL DA 102 -5.96 -28.19 22.26
N GLU DA 103 -6.37 -29.27 22.93
CA GLU DA 103 -6.34 -29.28 24.39
C GLU DA 103 -4.90 -29.27 24.89
N SER DA 104 -4.03 -30.05 24.25
CA SER DA 104 -2.62 -30.05 24.61
C SER DA 104 -1.93 -28.76 24.21
N GLN DA 105 -2.24 -28.24 23.02
CA GLN DA 105 -1.63 -27.00 22.55
C GLN DA 105 -1.94 -25.85 23.50
N LYS DA 106 -3.23 -25.61 23.78
CA LYS DA 106 -3.61 -24.50 24.63
C LYS DA 106 -3.04 -24.64 26.04
N THR DA 107 -3.12 -25.84 26.63
CA THR DA 107 -2.66 -26.01 28.00
C THR DA 107 -1.14 -25.85 28.10
N LEU DA 108 -0.41 -26.32 27.08
CA LEU DA 108 1.04 -26.24 27.15
C LEU DA 108 1.53 -24.83 26.88
N VAL DA 109 0.82 -24.07 26.03
CA VAL DA 109 1.19 -22.68 25.80
C VAL DA 109 1.05 -21.88 27.08
N ASP DA 110 -0.09 -22.02 27.77
CA ASP DA 110 -0.26 -21.30 29.03
C ASP DA 110 0.63 -21.88 30.13
N PHE DA 111 1.00 -23.17 30.01
CA PHE DA 111 2.03 -23.71 30.89
C PHE DA 111 3.34 -22.98 30.69
N VAL DA 112 3.70 -22.70 29.42
CA VAL DA 112 4.89 -21.91 29.14
C VAL DA 112 4.71 -20.47 29.64
N ARG DA 113 3.54 -19.88 29.41
CA ARG DA 113 3.27 -18.55 29.96
C ARG DA 113 3.40 -18.56 31.48
N LYS DA 114 2.89 -19.61 32.13
CA LYS DA 114 3.04 -19.74 33.57
C LYS DA 114 4.52 -19.75 33.95
N GLU DA 115 5.32 -20.54 33.24
CA GLU DA 115 6.77 -20.45 33.40
C GLU DA 115 7.29 -19.09 32.96
N TYR DA 116 6.76 -18.56 31.86
CA TYR DA 116 7.21 -17.26 31.38
C TYR DA 116 6.86 -16.16 32.37
N GLU DA 117 5.66 -16.21 32.97
CA GLU DA 117 5.28 -15.20 33.95
C GLU DA 117 6.21 -15.22 35.16
N ASP DA 118 6.42 -16.39 35.75
CA ASP DA 118 7.31 -16.49 36.90
C ASP DA 118 8.74 -16.12 36.54
N THR DA 119 9.19 -16.48 35.33
CA THR DA 119 10.50 -16.05 34.88
C THR DA 119 10.55 -14.53 34.75
N LYS DA 120 9.50 -13.92 34.19
CA LYS DA 120 9.42 -12.47 34.16
C LYS DA 120 9.28 -11.89 35.57
N HIS DA 121 8.52 -12.55 36.43
CA HIS DA 121 8.33 -12.06 37.80
C HIS DA 121 9.65 -12.04 38.56
N GLN DA 122 10.46 -13.09 38.41
CA GLN DA 122 11.73 -13.15 39.12
C GLN DA 122 12.71 -12.10 38.63
N LYS DA 123 12.62 -11.71 37.35
CA LYS DA 123 13.53 -10.72 36.79
C LYS DA 123 12.94 -9.31 36.77
N TYR DA 124 11.65 -9.17 37.04
CA TYR DA 124 11.01 -7.85 37.05
C TYR DA 124 10.21 -7.64 38.34
N GLY EA 26 71.82 27.73 87.09
CA GLY EA 26 71.55 27.91 85.68
C GLY EA 26 70.91 26.70 85.04
N SER EA 27 71.36 25.51 85.45
CA SER EA 27 70.79 24.27 84.90
C SER EA 27 69.36 24.06 85.38
N PHE EA 28 68.95 24.73 86.46
CA PHE EA 28 67.60 24.55 86.97
C PHE EA 28 66.55 25.06 85.98
N ASP EA 29 66.85 26.15 85.28
CA ASP EA 29 65.87 26.74 84.37
C ASP EA 29 65.94 26.09 82.99
N GLU EA 30 67.14 25.79 82.50
CA GLU EA 30 67.28 25.20 81.17
C GLU EA 30 66.62 23.84 81.08
N ILE EA 31 66.81 23.01 82.11
CA ILE EA 31 66.17 21.69 82.10
C ILE EA 31 64.66 21.82 82.24
N SER EA 32 64.20 22.71 83.13
CA SER EA 32 62.76 22.89 83.32
C SER EA 32 62.08 23.43 82.08
N GLN EA 33 62.75 24.34 81.36
CA GLN EA 33 62.18 24.89 80.14
C GLN EA 33 61.98 23.80 79.09
N TYR EA 34 62.96 22.90 78.95
CA TYR EA 34 62.81 21.81 78.00
C TYR EA 34 61.74 20.82 78.44
N ILE EA 35 61.50 20.70 79.74
CA ILE EA 35 60.42 19.85 80.24
C ILE EA 35 59.07 20.37 79.76
N GLN EA 36 58.87 21.69 79.82
CA GLN EA 36 57.62 22.28 79.34
C GLN EA 36 57.45 22.05 77.84
N GLU EA 37 58.53 22.20 77.07
CA GLU EA 37 58.46 21.93 75.64
C GLU EA 37 58.14 20.47 75.37
N LEU EA 38 58.75 19.55 76.12
CA LEU EA 38 58.39 18.14 76.01
C LEU EA 38 56.96 17.89 76.46
N GLU EA 39 56.54 18.57 77.53
CA GLU EA 39 55.15 18.46 77.96
C GLU EA 39 54.20 19.03 76.92
N GLU EA 40 54.62 20.08 76.21
CA GLU EA 40 53.83 20.59 75.09
C GLU EA 40 53.70 19.54 73.99
N GLU EA 41 54.79 18.81 73.72
CA GLU EA 41 54.73 17.72 72.75
C GLU EA 41 53.84 16.59 73.24
N ARG EA 42 53.76 16.37 74.55
CA ARG EA 42 52.89 15.33 75.08
C ARG EA 42 51.43 15.62 74.74
N ARG EA 43 51.00 16.87 74.87
CA ARG EA 43 49.65 17.23 74.48
C ARG EA 43 49.46 17.09 72.98
N LEU EA 44 50.49 17.44 72.19
CA LEU EA 44 50.41 17.30 70.75
C LEU EA 44 50.26 15.83 70.35
N THR EA 45 51.00 14.94 71.02
CA THR EA 45 50.85 13.51 70.74
C THR EA 45 49.45 13.03 71.08
N GLU EA 46 48.89 13.51 72.19
CA GLU EA 46 47.53 13.12 72.55
C GLU EA 46 46.53 13.58 71.50
N SER EA 47 46.72 14.78 70.96
CA SER EA 47 45.82 15.27 69.93
C SER EA 47 45.85 14.39 68.70
N SER EA 48 47.04 13.95 68.29
CA SER EA 48 47.14 13.00 67.18
C SER EA 48 46.52 11.66 67.53
N ILE EA 49 46.69 11.22 68.79
CA ILE EA 49 46.10 9.95 69.23
C ILE EA 49 44.58 10.03 69.16
N ARG EA 50 44.00 11.12 69.68
CA ARG EA 50 42.54 11.27 69.63
C ARG EA 50 42.04 11.38 68.19
N LYS EA 51 42.78 12.10 67.34
CA LYS EA 51 42.41 12.16 65.94
C LYS EA 51 42.50 10.80 65.27
N MET EA 52 43.50 9.99 65.64
CA MET EA 52 43.62 8.65 65.08
C MET EA 52 42.42 7.79 65.44
N GLU EA 53 41.89 7.94 66.65
CA GLU EA 53 40.67 7.24 67.02
C GLU EA 53 39.49 7.70 66.16
N LYS EA 54 39.40 9.01 65.91
CA LYS EA 54 38.36 9.51 65.01
C LYS EA 54 38.55 9.00 63.60
N GLU EA 55 39.81 8.95 63.14
CA GLU EA 55 40.09 8.36 61.83
C GLU EA 55 39.74 6.87 61.83
N LYS EA 56 40.01 6.18 62.94
CA LYS EA 56 39.61 4.78 63.06
C LYS EA 56 38.09 4.65 63.01
N SER EA 57 37.38 5.55 63.68
CA SER EA 57 35.92 5.53 63.66
C SER EA 57 35.40 5.79 62.25
N ASP EA 58 36.06 6.67 61.50
CA ASP EA 58 35.67 6.89 60.11
C ASP EA 58 35.84 5.62 59.29
N LEU EA 59 36.94 4.90 59.51
CA LEU EA 59 37.13 3.62 58.81
C LEU EA 59 36.09 2.60 59.23
N ASN EA 60 35.74 2.58 60.52
CA ASN EA 60 34.75 1.62 61.00
C ASN EA 60 33.39 1.86 60.34
N GLU EA 61 32.97 3.12 60.25
CA GLU EA 61 31.68 3.44 59.66
C GLU EA 61 31.63 3.02 58.19
N LYS EA 62 32.71 3.30 57.45
CA LYS EA 62 32.74 2.94 56.04
C LYS EA 62 32.79 1.43 55.84
N ILE EA 63 33.60 0.74 56.67
CA ILE EA 63 33.71 -0.71 56.51
C ILE EA 63 32.44 -1.41 56.99
N ASP EA 64 31.73 -0.84 57.96
CA ASP EA 64 30.46 -1.41 58.37
C ASP EA 64 29.35 -1.09 57.37
N GLU EA 65 29.41 0.07 56.72
CA GLU EA 65 28.50 0.34 55.62
C GLU EA 65 28.71 -0.65 54.48
N LEU EA 66 29.95 -1.07 54.27
CA LEU EA 66 30.23 -2.12 53.29
C LEU EA 66 29.56 -3.42 53.70
N THR EA 67 29.62 -3.77 54.98
CA THR EA 67 28.98 -5.00 55.46
C THR EA 67 27.49 -4.98 55.20
N THR EA 68 26.84 -3.84 55.44
CA THR EA 68 25.43 -3.70 55.09
C THR EA 68 25.22 -3.83 53.59
N ARG EA 69 26.11 -3.21 52.80
CA ARG EA 69 26.01 -3.32 51.35
C ARG EA 69 26.36 -4.73 50.88
N LYS EA 70 27.41 -5.33 51.45
CA LYS EA 70 27.82 -6.67 51.04
C LYS EA 70 26.74 -7.70 51.39
N CYS EA 71 26.15 -7.57 52.57
CA CYS EA 71 25.06 -8.49 52.94
C CYS EA 71 23.83 -8.27 52.08
N SER EA 72 23.58 -7.02 51.67
CA SER EA 72 22.42 -6.75 50.82
C SER EA 72 22.56 -7.42 49.46
N VAL EA 73 23.72 -7.25 48.81
CA VAL EA 73 23.93 -7.88 47.51
C VAL EA 73 24.06 -9.38 47.65
N ASP EA 74 24.70 -9.86 48.74
CA ASP EA 74 24.81 -11.29 48.95
C ASP EA 74 23.44 -11.93 49.12
N ALA EA 75 22.57 -11.30 49.90
CA ALA EA 75 21.19 -11.79 50.02
C ALA EA 75 20.46 -11.70 48.69
N ARG EA 76 20.79 -10.71 47.87
CA ARG EA 76 20.21 -10.63 46.53
C ARG EA 76 20.87 -11.61 45.57
N LEU EA 77 22.17 -11.84 45.73
CA LEU EA 77 22.87 -12.77 44.84
C LEU EA 77 22.40 -14.21 45.06
N GLN EA 78 22.23 -14.61 46.32
CA GLN EA 78 21.70 -15.95 46.58
C GLN EA 78 20.27 -16.07 46.07
N ALA EA 79 19.48 -14.99 46.18
CA ALA EA 79 18.18 -14.96 45.54
C ALA EA 79 18.31 -15.02 44.02
N GLU EA 80 19.34 -14.36 43.48
CA GLU EA 80 19.60 -14.44 42.04
C GLU EA 80 19.94 -15.87 41.62
N ASN EA 81 20.74 -16.56 42.45
CA ASN EA 81 21.07 -17.95 42.15
C ASN EA 81 19.83 -18.84 42.19
N GLU EA 82 18.95 -18.61 43.17
CA GLU EA 82 17.73 -19.41 43.26
C GLU EA 82 16.82 -19.17 42.07
N ARG EA 83 16.60 -17.91 41.71
CA ARG EA 83 15.68 -17.61 40.62
C ARG EA 83 16.23 -18.05 39.28
N ALA EA 84 17.54 -17.87 39.06
CA ALA EA 84 18.13 -18.26 37.78
C ALA EA 84 18.02 -19.76 37.56
N GLU EA 85 18.31 -20.56 38.59
CA GLU EA 85 18.16 -22.00 38.47
C GLU EA 85 16.71 -22.39 38.21
N ARG EA 86 15.77 -21.70 38.87
CA ARG EA 86 14.35 -22.01 38.67
C ARG EA 86 13.99 -21.73 37.21
N GLN EA 87 14.44 -20.59 36.68
CA GLN EA 87 14.29 -20.32 35.25
C GLN EA 87 14.98 -21.40 34.41
N ASP EA 88 16.19 -21.80 34.82
CA ASP EA 88 16.86 -22.90 34.15
C ASP EA 88 16.06 -24.18 34.24
N ARG EA 89 15.46 -24.44 35.39
CA ARG EA 89 14.64 -25.64 35.59
C ARG EA 89 13.43 -25.63 34.65
N GLY EA 90 12.73 -24.50 34.59
CA GLY EA 90 11.55 -24.42 33.74
C GLY EA 90 11.88 -24.32 32.26
N LEU EA 91 12.98 -23.65 31.92
CA LEU EA 91 13.36 -23.51 30.51
C LEU EA 91 13.64 -24.88 29.89
N LYS EA 92 14.31 -25.76 30.63
CA LYS EA 92 14.54 -27.11 30.15
C LYS EA 92 13.21 -27.87 30.02
N GLU EA 93 12.37 -27.83 31.05
CA GLU EA 93 11.09 -28.52 31.00
C GLU EA 93 10.20 -27.95 29.90
N ALA EA 94 10.25 -26.63 29.70
CA ALA EA 94 9.51 -26.03 28.58
C ALA EA 94 10.05 -26.54 27.25
N GLU EA 95 11.37 -26.68 27.14
CA GLU EA 95 11.97 -27.15 25.89
C GLU EA 95 11.67 -28.63 25.66
N THR EA 96 11.70 -29.45 26.72
CA THR EA 96 11.30 -30.85 26.57
C THR EA 96 9.84 -30.98 26.19
N THR EA 97 8.96 -30.18 26.82
CA THR EA 97 7.57 -30.15 26.40
C THR EA 97 7.42 -29.50 25.03
N TYR EA 98 8.31 -28.57 24.69
CA TYR EA 98 8.36 -28.07 23.32
C TYR EA 98 8.69 -29.19 22.34
N ALA EA 99 9.69 -30.01 22.66
CA ALA EA 99 10.01 -31.16 21.82
C ALA EA 99 8.85 -32.14 21.75
N LYS EA 100 8.06 -32.23 22.83
CA LYS EA 100 6.84 -33.03 22.78
C LYS EA 100 5.87 -32.47 21.76
N LEU EA 101 5.75 -31.14 21.69
CA LEU EA 101 4.94 -30.51 20.66
C LEU EA 101 5.56 -30.67 19.28
N VAL EA 102 6.89 -30.60 19.20
CA VAL EA 102 7.58 -30.75 17.90
C VAL EA 102 7.28 -32.12 17.31
N GLU EA 103 7.38 -33.18 18.13
CA GLU EA 103 7.02 -34.49 17.65
C GLU EA 103 5.51 -34.66 17.52
N SER EA 104 4.73 -33.80 18.19
CA SER EA 104 3.28 -33.93 18.17
C SER EA 104 2.72 -33.73 16.76
N GLN EA 105 3.14 -32.66 16.09
CA GLN EA 105 2.64 -32.46 14.72
C GLN EA 105 3.23 -33.50 13.78
N LYS EA 106 4.49 -33.89 14.00
CA LYS EA 106 5.15 -34.84 13.10
C LYS EA 106 4.35 -36.14 12.98
N THR EA 107 3.73 -36.58 14.08
CA THR EA 107 2.86 -37.74 14.01
C THR EA 107 1.66 -37.47 13.09
N LEU EA 108 0.89 -36.43 13.39
CA LEU EA 108 -0.35 -36.22 12.65
C LEU EA 108 -0.09 -35.66 11.27
N VAL EA 109 1.00 -34.90 11.11
CA VAL EA 109 1.38 -34.46 9.76
C VAL EA 109 1.59 -35.66 8.85
N ASP EA 110 2.23 -36.70 9.37
CA ASP EA 110 2.27 -37.97 8.67
C ASP EA 110 0.87 -38.57 8.54
N PHE EA 111 0.03 -38.35 9.55
CA PHE EA 111 -1.31 -38.93 9.57
C PHE EA 111 -2.33 -38.10 8.82
N VAL EA 112 -2.16 -36.78 8.75
CA VAL EA 112 -3.09 -35.95 7.98
C VAL EA 112 -2.91 -36.18 6.49
N ARG EA 113 -1.68 -36.41 6.05
CA ARG EA 113 -1.40 -36.63 4.65
C ARG EA 113 -1.53 -38.10 4.23
N LYS EA 114 -1.52 -39.02 5.19
CA LYS EA 114 -1.88 -40.40 4.85
C LYS EA 114 -3.39 -40.53 4.69
N GLU EA 115 -4.16 -39.81 5.52
CA GLU EA 115 -5.60 -39.73 5.31
C GLU EA 115 -5.93 -38.84 4.11
N TYR EA 116 -5.08 -37.85 3.85
CA TYR EA 116 -5.22 -37.05 2.63
C TYR EA 116 -5.09 -37.92 1.39
N GLU EA 117 -4.22 -38.94 1.46
CA GLU EA 117 -4.01 -39.83 0.32
C GLU EA 117 -5.01 -40.99 0.31
N ASP EA 118 -5.46 -41.43 1.49
CA ASP EA 118 -6.40 -42.54 1.55
C ASP EA 118 -7.75 -42.18 0.93
N THR EA 119 -8.15 -40.91 0.99
CA THR EA 119 -9.40 -40.50 0.38
C THR EA 119 -9.28 -40.38 -1.13
N LYS EA 120 -8.05 -40.33 -1.66
CA LYS EA 120 -7.87 -40.24 -3.10
C LYS EA 120 -8.36 -41.50 -3.80
N HIS EA 121 -8.05 -42.68 -3.23
CA HIS EA 121 -8.61 -43.92 -3.76
C HIS EA 121 -10.12 -43.97 -3.59
N GLN EA 122 -10.62 -43.51 -2.44
CA GLN EA 122 -12.06 -43.44 -2.21
C GLN EA 122 -12.72 -42.36 -3.07
N LYS EA 123 -11.95 -41.42 -3.59
CA LYS EA 123 -12.47 -40.47 -4.56
C LYS EA 123 -12.60 -41.10 -5.94
N TYR EA 124 -11.48 -41.53 -6.52
CA TYR EA 124 -11.47 -42.13 -7.85
C TYR EA 124 -11.03 -43.58 -7.79
N GLY FA 26 3.24 -16.56 15.99
CA GLY FA 26 2.03 -17.37 16.00
C GLY FA 26 2.32 -18.85 15.86
N SER FA 27 1.52 -19.67 16.55
CA SER FA 27 1.63 -21.13 16.53
C SER FA 27 3.02 -21.51 17.04
N PHE FA 28 3.79 -22.32 16.32
CA PHE FA 28 5.12 -22.68 16.79
C PHE FA 28 6.07 -21.49 16.78
N ASP FA 29 5.78 -20.47 15.97
CA ASP FA 29 6.62 -19.27 15.99
C ASP FA 29 6.50 -18.52 17.31
N GLU FA 30 5.28 -18.34 17.83
CA GLU FA 30 5.12 -17.58 19.06
C GLU FA 30 5.65 -18.34 20.27
N ILE FA 31 5.47 -19.66 20.30
CA ILE FA 31 6.04 -20.45 21.39
C ILE FA 31 7.56 -20.46 21.27
N SER FA 32 8.09 -20.40 20.05
CA SER FA 32 9.51 -20.19 19.87
C SER FA 32 9.92 -18.84 20.44
N GLN FA 33 9.15 -17.79 20.14
CA GLN FA 33 9.36 -16.50 20.79
C GLN FA 33 9.16 -16.59 22.29
N TYR FA 34 8.21 -17.41 22.74
CA TYR FA 34 8.03 -17.64 24.16
C TYR FA 34 9.29 -18.21 24.79
N ILE FA 35 9.88 -19.22 24.14
CA ILE FA 35 11.16 -19.75 24.58
C ILE FA 35 12.28 -18.73 24.34
N GLN FA 36 12.20 -17.99 23.23
CA GLN FA 36 13.20 -16.98 22.92
C GLN FA 36 13.29 -15.93 24.01
N GLU FA 37 12.15 -15.33 24.36
CA GLU FA 37 12.14 -14.35 25.44
C GLU FA 37 12.43 -15.01 26.78
N LEU FA 38 12.04 -16.27 26.95
CA LEU FA 38 12.45 -17.03 28.13
C LEU FA 38 13.97 -17.14 28.19
N GLU FA 39 14.62 -17.26 27.02
CA GLU FA 39 16.06 -17.33 26.99
C GLU FA 39 16.70 -15.96 27.22
N GLU FA 40 16.11 -14.89 26.68
CA GLU FA 40 16.63 -13.55 26.93
C GLU FA 40 16.55 -13.20 28.41
N GLU FA 41 15.45 -13.58 29.07
CA GLU FA 41 15.37 -13.41 30.52
C GLU FA 41 16.47 -14.19 31.22
N ARG FA 42 16.75 -15.41 30.73
CA ARG FA 42 17.88 -16.17 31.23
C ARG FA 42 19.19 -15.45 30.92
N ARG FA 43 19.32 -14.91 29.70
CA ARG FA 43 20.54 -14.22 29.31
C ARG FA 43 20.78 -12.98 30.18
N LEU FA 44 19.73 -12.17 30.39
CA LEU FA 44 19.88 -10.98 31.23
C LEU FA 44 20.14 -11.38 32.68
N THR FA 45 19.56 -12.49 33.12
CA THR FA 45 19.84 -13.00 34.46
C THR FA 45 21.31 -13.38 34.59
N GLU FA 46 21.88 -14.01 33.55
CA GLU FA 46 23.29 -14.34 33.58
C GLU FA 46 24.15 -13.09 33.66
N SER FA 47 23.76 -12.03 32.94
CA SER FA 47 24.46 -10.76 33.04
C SER FA 47 24.40 -10.20 34.45
N SER FA 48 23.23 -10.28 35.09
CA SER FA 48 23.09 -9.77 36.45
C SER FA 48 23.86 -10.62 37.45
N ILE FA 49 23.93 -11.93 37.21
CA ILE FA 49 24.69 -12.80 38.11
C ILE FA 49 26.17 -12.45 38.08
N ARG FA 50 26.75 -12.36 36.88
CA ARG FA 50 28.15 -11.99 36.78
C ARG FA 50 28.37 -10.55 37.23
N LYS FA 51 27.39 -9.68 37.02
CA LYS FA 51 27.50 -8.30 37.47
C LYS FA 51 27.70 -8.24 38.99
N MET FA 52 26.94 -9.03 39.73
CA MET FA 52 27.05 -9.02 41.18
C MET FA 52 28.34 -9.67 41.66
N GLU FA 53 28.94 -10.54 40.85
CA GLU FA 53 30.20 -11.17 41.23
C GLU FA 53 31.32 -10.15 41.33
N LYS FA 54 31.42 -9.25 40.35
CA LYS FA 54 32.41 -8.18 40.45
C LYS FA 54 32.02 -7.14 41.50
N GLU FA 55 30.71 -6.96 41.73
CA GLU FA 55 30.28 -6.05 42.79
C GLU FA 55 30.75 -6.55 44.15
N LYS FA 56 30.50 -7.82 44.46
CA LYS FA 56 31.00 -8.39 45.71
C LYS FA 56 32.52 -8.45 45.72
N SER FA 57 33.13 -8.75 44.56
CA SER FA 57 34.58 -8.71 44.47
C SER FA 57 35.11 -7.31 44.74
N ASP FA 58 34.45 -6.29 44.17
CA ASP FA 58 34.83 -4.91 44.48
C ASP FA 58 34.60 -4.59 45.95
N LEU FA 59 33.49 -5.05 46.52
CA LEU FA 59 33.26 -4.90 47.95
C LEU FA 59 34.31 -5.65 48.76
N ASN FA 60 34.64 -6.88 48.32
CA ASN FA 60 35.70 -7.63 48.99
C ASN FA 60 37.08 -7.02 48.72
N GLU FA 61 37.21 -6.26 47.64
CA GLU FA 61 38.48 -5.61 47.35
C GLU FA 61 38.78 -4.48 48.33
N LYS FA 62 37.80 -3.61 48.57
CA LYS FA 62 38.06 -2.42 49.37
C LYS FA 62 37.94 -2.70 50.86
N ILE FA 63 37.32 -3.82 51.25
CA ILE FA 63 37.29 -4.17 52.67
C ILE FA 63 38.69 -4.53 53.15
N ASP FA 64 39.50 -5.14 52.29
CA ASP FA 64 40.90 -5.38 52.61
C ASP FA 64 41.66 -4.06 52.69
N GLU FA 65 41.34 -3.12 51.80
CA GLU FA 65 41.96 -1.79 51.87
C GLU FA 65 41.60 -1.08 53.16
N LEU FA 66 40.33 -1.17 53.56
CA LEU FA 66 39.91 -0.56 54.81
C LEU FA 66 40.49 -1.30 56.01
N THR FA 67 40.52 -2.64 55.96
CA THR FA 67 41.12 -3.41 57.05
C THR FA 67 42.60 -3.08 57.19
N THR FA 68 43.31 -2.96 56.06
CA THR FA 68 44.70 -2.52 56.11
C THR FA 68 44.80 -1.10 56.66
N ARG FA 69 43.87 -0.22 56.27
CA ARG FA 69 43.82 1.11 56.85
C ARG FA 69 43.53 1.06 58.34
N LYS FA 70 42.61 0.19 58.76
CA LYS FA 70 42.32 0.04 60.17
C LYS FA 70 43.54 -0.48 60.93
N CYS FA 71 44.22 -1.49 60.36
CA CYS FA 71 45.43 -2.01 61.00
C CYS FA 71 46.53 -0.95 61.03
N SER FA 72 46.68 -0.19 59.95
CA SER FA 72 47.69 0.87 59.92
C SER FA 72 47.38 1.95 60.95
N VAL FA 73 46.11 2.34 61.07
CA VAL FA 73 45.73 3.36 62.06
C VAL FA 73 45.89 2.79 63.47
N ASP FA 74 45.39 1.59 63.71
CA ASP FA 74 45.44 1.01 65.04
C ASP FA 74 46.87 0.74 65.50
N ALA FA 75 47.74 0.30 64.59
CA ALA FA 75 49.13 0.07 64.95
C ALA FA 75 49.80 1.36 65.41
N ARG FA 76 49.58 2.45 64.68
CA ARG FA 76 50.11 3.74 65.09
C ARG FA 76 49.40 4.27 66.33
N LEU FA 77 48.09 4.00 66.45
CA LEU FA 77 47.31 4.49 67.57
C LEU FA 77 47.85 3.96 68.90
N GLN FA 78 48.06 2.66 68.98
CA GLN FA 78 48.55 2.07 70.22
C GLN FA 78 50.02 2.38 70.44
N ALA FA 79 50.81 2.40 69.37
CA ALA FA 79 52.23 2.69 69.50
C ALA FA 79 52.45 4.12 69.99
N GLU FA 80 51.67 5.08 69.46
CA GLU FA 80 51.80 6.46 69.90
C GLU FA 80 51.40 6.61 71.37
N ASN FA 81 50.39 5.85 71.80
CA ASN FA 81 49.97 5.90 73.20
C ASN FA 81 51.09 5.46 74.13
N GLU FA 82 51.78 4.37 73.78
CA GLU FA 82 52.91 3.91 74.58
C GLU FA 82 54.08 4.90 74.47
N ARG FA 83 54.33 5.44 73.28
CA ARG FA 83 55.41 6.40 73.11
C ARG FA 83 55.11 7.70 73.86
N ALA FA 84 53.85 8.12 73.91
CA ALA FA 84 53.50 9.34 74.62
C ALA FA 84 53.54 9.13 76.14
N GLU FA 85 53.04 7.99 76.61
CA GLU FA 85 52.96 7.77 78.05
C GLU FA 85 54.33 7.54 78.66
N ARG FA 86 55.27 6.96 77.92
CA ARG FA 86 56.63 6.79 78.44
C ARG FA 86 57.32 8.13 78.63
N GLN FA 87 57.07 9.09 77.73
CA GLN FA 87 57.59 10.43 77.91
C GLN FA 87 56.79 11.19 78.95
N ASP FA 88 55.47 10.99 78.98
CA ASP FA 88 54.62 11.70 79.94
C ASP FA 88 54.98 11.32 81.37
N ARG FA 89 55.06 10.02 81.65
CA ARG FA 89 55.43 9.58 82.99
C ARG FA 89 56.86 9.96 83.32
N GLY FA 90 57.74 9.99 82.31
CA GLY FA 90 59.09 10.48 82.54
C GLY FA 90 59.11 11.96 82.87
N LEU FA 91 58.23 12.73 82.25
CA LEU FA 91 58.14 14.16 82.56
C LEU FA 91 57.52 14.40 83.92
N LYS FA 92 56.68 13.47 84.40
CA LYS FA 92 56.14 13.60 85.75
C LYS FA 92 57.26 13.54 86.79
N GLU FA 93 58.26 12.68 86.57
CA GLU FA 93 59.45 12.72 87.40
C GLU FA 93 60.32 13.93 87.08
N ALA FA 94 60.27 14.41 85.83
CA ALA FA 94 61.06 15.58 85.45
C ALA FA 94 60.49 16.85 86.07
N GLU FA 95 59.16 16.98 86.10
CA GLU FA 95 58.56 18.14 86.76
C GLU FA 95 58.76 18.06 88.28
N THR FA 96 58.84 16.84 88.83
CA THR FA 96 59.25 16.69 90.21
C THR FA 96 60.74 17.02 90.38
N THR FA 97 61.54 16.71 89.36
CA THR FA 97 62.95 17.09 89.39
C THR FA 97 63.12 18.60 89.37
N TYR FA 98 62.13 19.33 88.82
CA TYR FA 98 62.17 20.78 88.88
C TYR FA 98 62.15 21.28 90.31
N ALA FA 99 61.34 20.64 91.16
CA ALA FA 99 61.39 20.95 92.59
C ALA FA 99 62.75 20.64 93.18
N LYS FA 100 63.36 19.52 92.75
CA LYS FA 100 64.75 19.24 93.13
C LYS FA 100 65.69 20.29 92.58
N LEU FA 101 65.47 20.73 91.34
CA LEU FA 101 66.29 21.79 90.77
C LEU FA 101 66.07 23.12 91.50
N VAL FA 102 64.85 23.35 92.01
CA VAL FA 102 64.61 24.53 92.84
C VAL FA 102 65.46 24.46 94.11
N GLU FA 103 65.48 23.29 94.75
CA GLU FA 103 66.38 23.09 95.88
C GLU FA 103 67.84 23.11 95.44
N SER FA 104 68.13 22.59 94.24
CA SER FA 104 69.49 22.64 93.72
C SER FA 104 69.94 24.08 93.53
N GLN FA 105 69.08 24.92 92.95
CA GLN FA 105 69.41 26.34 92.85
C GLN FA 105 69.58 26.96 94.24
N LYS FA 106 68.72 26.58 95.18
CA LYS FA 106 68.88 27.04 96.55
C LYS FA 106 70.21 26.56 97.14
N THR FA 107 70.56 25.30 96.89
CA THR FA 107 71.77 24.74 97.48
C THR FA 107 73.03 25.34 96.85
N LEU FA 108 73.05 25.45 95.52
CA LEU FA 108 74.25 25.96 94.85
C LEU FA 108 74.56 27.40 95.25
N VAL FA 109 73.53 28.25 95.30
CA VAL FA 109 73.76 29.64 95.69
C VAL FA 109 74.08 29.73 97.18
N ASP FA 110 73.66 28.74 97.98
CA ASP FA 110 73.90 28.79 99.42
C ASP FA 110 75.39 28.78 99.73
N PHE FA 111 76.14 27.82 99.19
CA PHE FA 111 77.58 27.80 99.47
C PHE FA 111 78.34 28.81 98.65
N VAL FA 112 77.75 29.37 97.59
CA VAL FA 112 78.36 30.52 96.92
C VAL FA 112 78.40 31.71 97.86
N ARG FA 113 77.29 31.97 98.56
CA ARG FA 113 77.29 33.01 99.58
C ARG FA 113 78.12 32.60 100.78
N LYS FA 114 78.19 31.30 101.08
CA LYS FA 114 79.10 30.83 102.12
C LYS FA 114 80.54 31.10 101.75
N GLU FA 115 80.90 30.89 100.48
CA GLU FA 115 82.22 31.30 100.01
C GLU FA 115 82.40 32.80 100.13
N TYR FA 116 81.36 33.57 99.81
CA TYR FA 116 81.37 35.00 100.11
C TYR FA 116 81.50 35.22 101.61
N GLU FA 117 80.69 34.50 102.40
CA GLU FA 117 80.78 34.61 103.85
C GLU FA 117 82.11 34.09 104.37
N ASP FA 118 82.71 33.11 103.68
CA ASP FA 118 84.06 32.68 104.03
C ASP FA 118 85.04 33.83 103.90
N THR FA 119 84.78 34.76 102.99
CA THR FA 119 85.59 35.96 102.86
C THR FA 119 85.02 37.12 103.66
N LYS FA 120 83.69 37.17 103.85
CA LYS FA 120 83.07 38.32 104.50
C LYS FA 120 83.41 38.40 105.98
N HIS FA 121 83.35 37.29 106.72
CA HIS FA 121 83.65 37.37 108.15
C HIS FA 121 85.13 37.62 108.38
N GLN FA 122 85.98 37.29 107.40
CA GLN FA 122 87.38 37.65 107.47
C GLN FA 122 87.56 39.17 107.46
N LYS FA 123 86.67 39.87 106.76
CA LYS FA 123 86.69 41.33 106.83
C LYS FA 123 86.26 41.83 108.20
N TYR FA 124 85.24 41.19 108.77
CA TYR FA 124 84.58 41.59 110.04
C TYR FA 124 84.53 43.10 110.27
#